data_8R2N
#
_entry.id   8R2N
#
loop_
_entity.id
_entity.type
_entity.pdbx_description
1 polymer 'Actin/actin family protein'
2 non-polymer "ADENOSINE-5'-TRIPHOSPHATE"
3 non-polymer 'CALCIUM ION'
4 water water
#
_entity_poly.entity_id   1
_entity_poly.type   'polypeptide(L)'
_entity_poly.pdbx_seq_one_letter_code
;MIPASTEKPVPSAAIPANAPNVAVSKPAAPGTRTKTVLVGFDFGTNKSCVLAGTAGATDIAISKIVPTVVGYVKEGIVDG
IVAGNRSVLFGDDALQNRLHARLVAPMEHGVIAHPDAARDFVQHLRSLADPSGQAEIRAVVGVPANATEQAREDVRRCAF
GIFDRILLIPEPFLAALGYRDDARLGQSNYIDPVVNSLFIDIGGGTSDICLVQGYFPGPDDQISIPFAGDAIDQLLQEEL
NRTYPNNGLSLHKVREIKEAHGYVGPSRKPLDVKVVIGGKAHTLELGDTLARACNALIDKIYPALTTLIQRASSDSVVTL
LQNIIITGGGSQIKGIDTLLQKKLTEDGFESPKVRLAGHDYKRYVALGALKAARAARENQWQVLLG
;
_entity_poly.pdbx_strand_id   A,B,C,D,E,F,G,H,I,J,K,L
#
loop_
_chem_comp.id
_chem_comp.type
_chem_comp.name
_chem_comp.formula
ATP non-polymer ADENOSINE-5'-TRIPHOSPHATE 'C10 H16 N5 O13 P3'
CA non-polymer 'CALCIUM ION' 'Ca 2'
#
# COMPACT_ATOMS: atom_id res chain seq x y z
N THR A 34 9.95 94.01 -31.57
CA THR A 34 10.39 93.73 -32.92
C THR A 34 9.65 92.53 -33.49
N LYS A 35 9.60 92.44 -34.82
CA LYS A 35 8.94 91.34 -35.50
C LYS A 35 9.98 90.39 -36.09
N THR A 36 9.60 89.13 -36.24
CA THR A 36 10.49 88.10 -36.77
C THR A 36 10.18 87.85 -38.24
N VAL A 37 11.24 87.74 -39.03
CA VAL A 37 11.13 87.51 -40.47
C VAL A 37 11.88 86.22 -40.79
N LEU A 38 11.13 85.19 -41.15
CA LEU A 38 11.75 83.93 -41.57
C LEU A 38 12.20 84.07 -43.02
N VAL A 39 13.48 83.82 -43.25
CA VAL A 39 14.11 84.00 -44.56
C VAL A 39 14.52 82.64 -45.07
N GLY A 40 14.16 82.32 -46.30
CA GLY A 40 14.74 81.21 -47.02
C GLY A 40 15.82 81.72 -47.93
N PHE A 41 17.06 81.34 -47.66
CA PHE A 41 18.23 81.89 -48.32
C PHE A 41 18.90 80.78 -49.13
N ASP A 42 19.01 80.99 -50.44
CA ASP A 42 19.71 80.08 -51.33
C ASP A 42 20.96 80.83 -51.76
N PHE A 43 22.02 80.66 -51.00
CA PHE A 43 23.32 81.27 -51.29
C PHE A 43 23.97 80.44 -52.39
N GLY A 44 23.92 80.94 -53.61
CA GLY A 44 24.43 80.20 -54.74
C GLY A 44 25.81 80.65 -55.17
N THR A 45 26.44 79.81 -56.00
CA THR A 45 27.71 80.19 -56.61
C THR A 45 27.51 81.18 -57.74
N ASN A 46 26.42 81.05 -58.49
CA ASN A 46 26.10 81.93 -59.60
CA ASN A 46 26.12 81.95 -59.59
C ASN A 46 25.03 82.96 -59.24
N LYS A 47 23.93 82.52 -58.63
CA LYS A 47 22.87 83.41 -58.21
C LYS A 47 22.35 82.94 -56.86
N SER A 48 22.12 83.90 -55.95
CA SER A 48 21.51 83.64 -54.67
C SER A 48 20.09 84.19 -54.68
N CYS A 49 19.16 83.43 -54.13
CA CYS A 49 17.76 83.82 -54.11
C CYS A 49 17.31 83.91 -52.66
N VAL A 50 16.78 85.07 -52.28
CA VAL A 50 16.36 85.34 -50.91
C VAL A 50 14.84 85.50 -50.89
N LEU A 51 14.20 84.79 -49.96
CA LEU A 51 12.78 84.91 -49.73
C LEU A 51 12.55 85.26 -48.27
N ALA A 52 11.55 86.11 -48.01
CA ALA A 52 11.29 86.58 -46.67
C ALA A 52 9.79 86.57 -46.42
N GLY A 53 9.37 86.02 -45.29
CA GLY A 53 7.98 86.00 -44.91
C GLY A 53 7.80 85.94 -43.40
N THR A 54 6.64 86.37 -42.91
CA THR A 54 6.39 86.29 -41.48
C THR A 54 6.07 84.85 -41.07
N ALA A 55 6.02 84.63 -39.76
CA ALA A 55 5.71 83.32 -39.25
C ALA A 55 4.20 83.06 -39.29
N GLY A 56 3.84 81.79 -39.34
CA GLY A 56 2.44 81.40 -39.35
C GLY A 56 1.74 81.50 -40.68
N ALA A 57 2.03 82.54 -41.46
CA ALA A 57 1.42 82.71 -42.77
C ALA A 57 2.06 81.76 -43.78
N THR A 58 1.61 81.86 -45.02
CA THR A 58 2.19 81.09 -46.11
C THR A 58 2.57 81.93 -47.32
N ASP A 59 2.18 83.22 -47.36
CA ASP A 59 2.56 84.08 -48.45
C ASP A 59 4.03 84.47 -48.35
N ILE A 60 4.53 85.07 -49.42
CA ILE A 60 5.95 85.39 -49.55
C ILE A 60 6.08 86.90 -49.68
N ALA A 61 6.58 87.54 -48.63
CA ALA A 61 6.68 89.00 -48.65
C ALA A 61 7.73 89.47 -49.64
N ILE A 62 8.97 89.00 -49.48
CA ILE A 62 10.08 89.41 -50.33
C ILE A 62 10.55 88.19 -51.11
N SER A 63 10.85 88.38 -52.39
CA SER A 63 11.37 87.31 -53.25
C SER A 63 12.32 87.94 -54.27
N LYS A 64 13.62 87.88 -54.00
CA LYS A 64 14.62 88.49 -54.87
C LYS A 64 15.59 87.43 -55.36
N ILE A 65 16.05 87.59 -56.59
CA ILE A 65 17.03 86.69 -57.20
C ILE A 65 18.19 87.56 -57.64
N VAL A 66 19.26 87.57 -56.84
CA VAL A 66 20.40 88.45 -57.04
C VAL A 66 21.59 87.59 -57.45
N PRO A 67 22.23 87.85 -58.59
CA PRO A 67 23.42 87.08 -58.96
C PRO A 67 24.51 87.24 -57.91
N THR A 68 25.03 86.10 -57.45
CA THR A 68 26.04 86.12 -56.40
C THR A 68 27.33 86.74 -56.92
N VAL A 69 27.42 88.06 -56.86
CA VAL A 69 28.61 88.79 -57.27
C VAL A 69 28.64 90.11 -56.51
N VAL A 70 29.84 90.58 -56.19
CA VAL A 70 30.04 91.86 -55.53
C VAL A 70 31.03 92.67 -56.37
N GLY A 71 30.59 93.82 -56.83
CA GLY A 71 31.47 94.69 -57.59
C GLY A 71 31.99 95.85 -56.75
N TYR A 72 33.27 95.85 -56.46
CA TYR A 72 33.89 96.96 -55.73
C TYR A 72 34.29 98.02 -56.76
N VAL A 73 33.63 99.17 -56.70
CA VAL A 73 33.84 100.23 -57.66
C VAL A 73 35.33 100.59 -57.70
N LYS A 74 35.88 100.64 -58.91
CA LYS A 74 37.31 100.82 -59.09
C LYS A 74 37.76 102.18 -58.57
N GLU A 75 39.05 102.26 -58.24
CA GLU A 75 39.63 103.49 -57.72
C GLU A 75 39.78 104.52 -58.84
N GLY A 76 39.30 105.72 -58.57
CA GLY A 76 39.33 106.79 -59.55
C GLY A 76 38.07 106.94 -60.37
N ILE A 77 36.95 106.37 -59.93
CA ILE A 77 35.71 106.44 -60.70
C ILE A 77 35.21 107.88 -60.74
N VAL A 78 34.89 108.35 -61.92
CA VAL A 78 34.34 109.69 -62.11
C VAL A 78 32.94 109.73 -61.51
N ASP A 79 32.60 110.87 -60.91
CA ASP A 79 31.29 111.03 -60.30
C ASP A 79 30.20 110.95 -61.37
N GLY A 80 29.14 110.20 -61.07
CA GLY A 80 28.04 110.02 -61.98
C GLY A 80 28.11 108.79 -62.85
N ILE A 81 29.24 108.09 -62.87
CA ILE A 81 29.33 106.86 -63.65
C ILE A 81 28.43 105.78 -63.04
N VAL A 82 28.52 105.60 -61.73
CA VAL A 82 27.68 104.67 -61.00
C VAL A 82 26.53 105.45 -60.36
N ALA A 83 25.31 104.98 -60.58
CA ALA A 83 24.13 105.67 -60.04
C ALA A 83 24.20 105.71 -58.52
N GLY A 84 24.10 106.91 -57.95
CA GLY A 84 24.20 107.10 -56.53
C GLY A 84 25.61 107.14 -55.98
N ASN A 85 26.62 107.00 -56.84
CA ASN A 85 28.03 107.01 -56.43
C ASN A 85 28.32 105.93 -55.39
N ARG A 86 27.61 104.81 -55.46
CA ARG A 86 27.87 103.70 -54.56
C ARG A 86 29.24 103.10 -54.86
N SER A 87 29.94 102.69 -53.80
CA SER A 87 31.24 102.07 -53.94
C SER A 87 31.20 100.55 -53.97
N VAL A 88 30.10 99.94 -53.51
CA VAL A 88 29.93 98.49 -53.54
C VAL A 88 28.60 98.20 -54.21
N LEU A 89 28.63 97.41 -55.28
CA LEU A 89 27.44 97.04 -56.03
C LEU A 89 27.19 95.55 -55.87
N PHE A 90 25.92 95.15 -55.87
CA PHE A 90 25.58 93.76 -55.67
C PHE A 90 24.64 93.28 -56.77
N GLY A 91 24.91 92.08 -57.25
CA GLY A 91 24.04 91.45 -58.24
C GLY A 91 24.09 92.09 -59.60
N ASP A 92 22.91 92.31 -60.20
CA ASP A 92 22.86 92.93 -61.51
C ASP A 92 23.48 94.32 -61.51
N ASP A 93 23.31 95.07 -60.42
CA ASP A 93 23.95 96.38 -60.33
C ASP A 93 25.46 96.30 -60.46
N ALA A 94 26.05 95.15 -60.14
CA ALA A 94 27.47 94.92 -60.34
C ALA A 94 27.79 94.28 -61.68
N LEU A 95 26.82 93.61 -62.29
CA LEU A 95 27.04 93.01 -63.61
C LEU A 95 26.91 94.05 -64.72
N GLN A 96 25.95 94.97 -64.61
CA GLN A 96 25.86 96.05 -65.58
C GLN A 96 27.06 97.00 -65.48
N ASN A 97 27.57 97.24 -64.28
CA ASN A 97 28.73 98.09 -64.08
C ASN A 97 29.99 97.27 -63.85
N ARG A 98 30.13 96.15 -64.54
CA ARG A 98 31.33 95.34 -64.41
C ARG A 98 32.53 95.95 -65.11
N LEU A 99 32.30 96.97 -65.96
CA LEU A 99 33.42 97.68 -66.56
C LEU A 99 34.01 98.69 -65.61
N HIS A 100 33.19 99.24 -64.71
CA HIS A 100 33.63 100.23 -63.74
C HIS A 100 33.97 99.63 -62.39
N ALA A 101 33.65 98.36 -62.16
CA ALA A 101 33.85 97.72 -60.87
C ALA A 101 34.68 96.45 -61.01
N ARG A 102 35.44 96.14 -59.97
CA ARG A 102 36.15 94.87 -59.86
C ARG A 102 35.18 93.86 -59.29
N LEU A 103 34.82 92.87 -60.11
CA LEU A 103 33.88 91.85 -59.68
C LEU A 103 34.58 90.75 -58.91
N VAL A 104 33.98 90.35 -57.79
CA VAL A 104 34.44 89.22 -56.99
C VAL A 104 33.24 88.35 -56.67
N ALA A 105 33.34 87.06 -56.98
CA ALA A 105 32.27 86.11 -56.67
C ALA A 105 32.44 85.64 -55.24
N PRO A 106 31.51 85.93 -54.33
CA PRO A 106 31.66 85.47 -52.95
C PRO A 106 31.76 83.97 -52.81
N MET A 107 31.16 83.22 -53.74
CA MET A 107 31.00 81.78 -53.59
C MET A 107 31.70 81.04 -54.73
N GLU A 108 32.38 79.95 -54.39
CA GLU A 108 33.02 79.09 -55.37
C GLU A 108 32.88 77.65 -54.90
N HIS A 109 32.39 76.79 -55.80
CA HIS A 109 32.12 75.39 -55.49
C HIS A 109 31.08 75.26 -54.37
N GLY A 110 30.13 76.19 -54.36
CA GLY A 110 29.04 76.14 -53.40
C GLY A 110 29.44 76.49 -51.98
N VAL A 111 30.69 76.84 -51.76
CA VAL A 111 31.18 77.23 -50.46
C VAL A 111 31.74 78.64 -50.55
N ILE A 112 31.72 79.35 -49.42
CA ILE A 112 32.19 80.73 -49.39
C ILE A 112 33.70 80.75 -49.59
N ALA A 113 34.14 81.36 -50.69
CA ALA A 113 35.56 81.46 -51.00
C ALA A 113 36.18 82.79 -50.62
N HIS A 114 35.40 83.87 -50.62
CA HIS A 114 35.87 85.21 -50.28
C HIS A 114 35.04 85.71 -49.11
N PRO A 115 35.57 85.65 -47.88
CA PRO A 115 34.74 85.96 -46.71
C PRO A 115 34.27 87.40 -46.66
N ASP A 116 35.10 88.36 -47.07
CA ASP A 116 34.69 89.76 -46.99
C ASP A 116 33.60 90.09 -48.01
N ALA A 117 33.79 89.69 -49.27
CA ALA A 117 32.76 89.87 -50.27
C ALA A 117 31.49 89.13 -49.90
N ALA A 118 31.61 87.93 -49.33
CA ALA A 118 30.43 87.18 -48.91
C ALA A 118 29.71 87.90 -47.78
N ARG A 119 30.44 88.51 -46.86
CA ARG A 119 29.81 89.27 -45.78
C ARG A 119 29.07 90.49 -46.32
N ASP A 120 29.72 91.27 -47.18
CA ASP A 120 29.03 92.40 -47.81
C ASP A 120 27.79 91.94 -48.56
N PHE A 121 27.88 90.81 -49.24
CA PHE A 121 26.78 90.35 -50.08
C PHE A 121 25.60 89.86 -49.25
N VAL A 122 25.88 89.11 -48.18
CA VAL A 122 24.81 88.69 -47.26
C VAL A 122 24.21 89.91 -46.57
N GLN A 123 25.05 90.92 -46.28
CA GLN A 123 24.51 92.14 -45.69
CA GLN A 123 24.52 92.16 -45.70
C GLN A 123 23.56 92.85 -46.64
N HIS A 124 23.88 92.85 -47.94
CA HIS A 124 22.98 93.42 -48.94
C HIS A 124 21.68 92.63 -49.02
N LEU A 125 21.78 91.30 -49.09
CA LEU A 125 20.59 90.47 -49.19
C LEU A 125 19.74 90.53 -47.93
N ARG A 126 20.33 90.87 -46.79
CA ARG A 126 19.54 91.07 -45.58
C ARG A 126 18.67 92.32 -45.72
N SER A 127 19.27 93.42 -46.17
CA SER A 127 18.49 94.63 -46.44
C SER A 127 17.45 94.39 -47.52
N LEU A 128 17.71 93.49 -48.46
CA LEU A 128 16.69 93.13 -49.44
C LEU A 128 15.55 92.36 -48.81
N ALA A 129 15.86 91.37 -47.97
CA ALA A 129 14.82 90.61 -47.28
C ALA A 129 14.21 91.40 -46.13
N ASP A 130 14.84 92.50 -45.72
CA ASP A 130 14.35 93.31 -44.60
C ASP A 130 14.61 94.77 -44.91
N PRO A 131 13.72 95.41 -45.66
CA PRO A 131 13.93 96.82 -46.01
C PRO A 131 13.97 97.74 -44.81
N SER A 132 13.21 97.44 -43.75
CA SER A 132 13.24 98.27 -42.56
C SER A 132 14.56 98.12 -41.80
N GLY A 133 15.13 96.92 -41.80
CA GLY A 133 16.40 96.71 -41.12
C GLY A 133 16.30 96.60 -39.62
N GLN A 134 15.08 96.53 -39.07
CA GLN A 134 14.89 96.42 -37.63
C GLN A 134 14.33 95.07 -37.20
N ALA A 135 13.85 94.25 -38.13
CA ALA A 135 13.25 92.98 -37.76
C ALA A 135 14.32 91.91 -37.51
N GLU A 136 13.95 90.93 -36.69
CA GLU A 136 14.83 89.83 -36.35
C GLU A 136 14.77 88.78 -37.46
N ILE A 137 15.84 88.66 -38.24
CA ILE A 137 15.86 87.72 -39.35
C ILE A 137 16.24 86.34 -38.83
N ARG A 138 15.50 85.33 -39.27
CA ARG A 138 15.81 83.93 -38.96
C ARG A 138 15.93 83.22 -40.31
N ALA A 139 17.16 82.97 -40.75
CA ALA A 139 17.41 82.52 -42.10
C ALA A 139 17.82 81.05 -42.13
N VAL A 140 17.27 80.34 -43.11
CA VAL A 140 17.67 78.98 -43.44
C VAL A 140 18.50 79.09 -44.72
N VAL A 141 19.81 79.00 -44.59
CA VAL A 141 20.71 79.08 -45.73
C VAL A 141 20.96 77.69 -46.28
N GLY A 142 21.01 77.58 -47.61
CA GLY A 142 21.26 76.32 -48.26
C GLY A 142 22.75 76.10 -48.46
N VAL A 143 23.25 75.00 -47.93
CA VAL A 143 24.64 74.60 -48.09
C VAL A 143 24.67 73.45 -49.08
N PRO A 144 25.86 73.13 -49.63
CA PRO A 144 25.95 71.95 -50.51
C PRO A 144 25.52 70.65 -49.84
N ALA A 145 25.53 69.56 -50.61
CA ALA A 145 25.01 68.29 -50.10
C ALA A 145 25.76 67.85 -48.86
N ASN A 146 27.08 67.77 -48.93
CA ASN A 146 27.91 67.33 -47.81
C ASN A 146 28.91 68.44 -47.49
N ALA A 147 28.39 69.61 -47.13
CA ALA A 147 29.23 70.74 -46.78
C ALA A 147 30.02 70.43 -45.51
N THR A 148 31.34 70.54 -45.59
CA THR A 148 32.19 70.30 -44.43
C THR A 148 31.87 71.31 -43.34
N GLU A 149 32.20 70.95 -42.09
CA GLU A 149 31.95 71.85 -40.97
C GLU A 149 32.67 73.18 -41.13
N GLN A 150 33.81 73.22 -41.82
CA GLN A 150 34.45 74.48 -42.12
C GLN A 150 33.63 75.28 -43.13
N ALA A 151 33.10 74.63 -44.15
CA ALA A 151 32.25 75.30 -45.13
C ALA A 151 30.94 75.77 -44.54
N ARG A 152 30.47 75.14 -43.46
CA ARG A 152 29.28 75.61 -42.76
C ARG A 152 29.59 76.72 -41.77
N GLU A 153 30.75 76.67 -41.12
CA GLU A 153 31.14 77.79 -40.25
C GLU A 153 31.49 79.02 -41.07
N ASP A 154 31.89 78.83 -42.33
CA ASP A 154 32.08 79.98 -43.21
C ASP A 154 30.76 80.69 -43.49
N VAL A 155 29.66 79.93 -43.55
CA VAL A 155 28.35 80.53 -43.78
C VAL A 155 27.78 81.10 -42.49
N ARG A 156 28.02 80.43 -41.36
CA ARG A 156 27.57 80.94 -40.08
C ARG A 156 28.43 82.08 -39.57
N ARG A 157 29.58 82.33 -40.19
CA ARG A 157 30.45 83.43 -39.80
C ARG A 157 30.19 84.67 -40.65
N CYS A 158 29.87 84.48 -41.93
CA CYS A 158 29.45 85.57 -42.79
C CYS A 158 27.99 85.92 -42.62
N ALA A 159 27.33 85.34 -41.63
CA ALA A 159 25.96 85.68 -41.29
C ALA A 159 25.80 86.14 -39.85
N PHE A 160 26.88 86.22 -39.09
CA PHE A 160 26.80 86.72 -37.73
C PHE A 160 26.58 88.23 -37.74
N GLY A 161 25.67 88.70 -36.89
CA GLY A 161 25.25 90.07 -36.90
C GLY A 161 24.32 90.43 -38.03
N ILE A 162 24.10 89.52 -38.98
CA ILE A 162 23.17 89.71 -40.09
C ILE A 162 21.91 88.93 -39.78
N PHE A 163 22.01 87.61 -39.75
CA PHE A 163 20.90 86.73 -39.39
C PHE A 163 21.01 86.43 -37.89
N ASP A 164 19.90 86.62 -37.17
CA ASP A 164 19.91 86.36 -35.74
C ASP A 164 19.95 84.87 -35.44
N ARG A 165 19.21 84.07 -36.20
CA ARG A 165 19.24 82.62 -36.07
C ARG A 165 19.44 82.04 -37.46
N ILE A 166 20.31 81.03 -37.56
CA ILE A 166 20.61 80.40 -38.84
C ILE A 166 20.23 78.93 -38.75
N LEU A 167 20.11 78.31 -39.93
CA LEU A 167 19.81 76.89 -40.01
C LEU A 167 20.31 76.42 -41.38
N LEU A 168 21.35 75.58 -41.39
CA LEU A 168 21.99 75.17 -42.62
C LEU A 168 21.44 73.80 -43.05
N ILE A 169 20.82 73.77 -44.22
CA ILE A 169 20.21 72.54 -44.75
C ILE A 169 20.81 72.30 -46.13
N PRO A 170 21.04 71.04 -46.53
CA PRO A 170 21.56 70.77 -47.87
C PRO A 170 20.69 71.39 -48.96
N GLU A 171 21.35 71.84 -50.02
CA GLU A 171 20.70 72.54 -51.12
C GLU A 171 19.77 71.65 -51.93
N PRO A 172 20.14 70.41 -52.27
CA PRO A 172 19.19 69.58 -53.03
C PRO A 172 17.96 69.19 -52.23
N PHE A 173 18.09 69.01 -50.91
CA PHE A 173 16.90 68.74 -50.11
C PHE A 173 15.98 69.96 -50.08
N LEU A 174 16.54 71.16 -49.99
CA LEU A 174 15.72 72.36 -50.05
C LEU A 174 15.11 72.54 -51.43
N ALA A 175 15.80 72.12 -52.49
CA ALA A 175 15.21 72.17 -53.82
C ALA A 175 14.04 71.21 -53.92
N ALA A 176 14.17 70.02 -53.32
CA ALA A 176 13.05 69.09 -53.27
C ALA A 176 11.90 69.66 -52.47
N LEU A 177 12.22 70.39 -51.40
CA LEU A 177 11.18 70.96 -50.53
C LEU A 177 10.48 72.15 -51.15
N GLY A 178 11.15 72.89 -52.02
CA GLY A 178 10.55 74.04 -52.67
C GLY A 178 9.86 73.67 -53.96
N TYR A 179 10.31 72.58 -54.59
CA TYR A 179 9.63 72.07 -55.76
C TYR A 179 8.27 71.48 -55.39
N ARG A 180 8.12 71.02 -54.15
CA ARG A 180 6.84 70.49 -53.68
C ARG A 180 5.76 71.55 -53.76
N ASP A 181 4.59 71.15 -54.25
CA ASP A 181 3.43 72.02 -54.31
C ASP A 181 2.54 71.72 -53.11
N ASP A 182 2.67 72.52 -52.05
CA ASP A 182 1.88 72.30 -50.85
C ASP A 182 0.39 72.51 -51.08
N ALA A 183 0.04 73.37 -52.04
CA ALA A 183 -1.37 73.55 -52.38
C ALA A 183 -1.93 72.34 -53.12
N ARG A 184 -1.08 71.47 -53.64
CA ARG A 184 -1.51 70.32 -54.42
C ARG A 184 -1.22 69.00 -53.70
N LEU A 185 -0.70 69.07 -52.48
CA LEU A 185 -0.44 67.87 -51.71
C LEU A 185 -1.75 67.15 -51.38
N GLY A 186 -1.63 65.85 -51.09
CA GLY A 186 -2.79 65.05 -50.73
C GLY A 186 -3.53 64.48 -51.92
N GLN A 187 -3.52 65.21 -53.04
CA GLN A 187 -4.21 64.76 -54.24
C GLN A 187 -3.60 63.48 -54.77
N SER A 188 -4.40 62.74 -55.54
CA SER A 188 -3.93 61.46 -56.08
C SER A 188 -3.17 61.65 -57.38
N ASN A 189 -3.53 62.65 -58.17
CA ASN A 189 -2.88 62.91 -59.45
C ASN A 189 -1.60 63.73 -59.30
N TYR A 190 -1.11 63.92 -58.08
CA TYR A 190 0.11 64.69 -57.83
C TYR A 190 1.11 63.78 -57.13
N ILE A 191 2.24 63.52 -57.79
CA ILE A 191 3.30 62.73 -57.18
C ILE A 191 4.18 63.65 -56.35
N ASP A 192 4.43 63.26 -55.11
CA ASP A 192 5.16 64.11 -54.18
C ASP A 192 6.66 64.02 -54.46
N PRO A 193 7.33 65.14 -54.76
CA PRO A 193 8.78 65.06 -55.02
C PRO A 193 9.62 64.81 -53.79
N VAL A 194 9.03 64.81 -52.59
CA VAL A 194 9.79 64.56 -51.37
C VAL A 194 9.54 63.15 -50.81
N VAL A 195 8.42 62.51 -51.14
CA VAL A 195 8.11 61.22 -50.54
C VAL A 195 9.13 60.17 -50.96
N ASN A 196 9.61 60.25 -52.20
CA ASN A 196 10.58 59.29 -52.74
C ASN A 196 11.08 59.78 -54.09
N SER A 197 12.24 60.42 -54.11
CA SER A 197 12.76 60.95 -55.35
C SER A 197 14.26 61.15 -55.23
N LEU A 198 14.90 61.37 -56.36
CA LEU A 198 16.33 61.61 -56.43
C LEU A 198 16.54 62.94 -57.15
N PHE A 199 17.14 63.90 -56.46
CA PHE A 199 17.29 65.26 -56.97
C PHE A 199 18.73 65.51 -57.35
N ILE A 200 18.95 65.88 -58.61
CA ILE A 200 20.27 66.21 -59.12
C ILE A 200 20.29 67.72 -59.31
N ASP A 201 20.56 68.45 -58.23
CA ASP A 201 20.66 69.90 -58.26
C ASP A 201 22.03 70.26 -58.84
N ILE A 202 22.05 70.45 -60.15
CA ILE A 202 23.27 70.86 -60.84
C ILE A 202 23.33 72.38 -60.86
N GLY A 203 23.95 72.96 -59.85
CA GLY A 203 24.07 74.40 -59.74
C GLY A 203 25.14 74.95 -60.66
N GLY A 204 25.78 76.03 -60.22
CA GLY A 204 26.86 76.63 -60.97
C GLY A 204 28.20 76.44 -60.27
N GLY A 205 28.17 75.88 -59.07
CA GLY A 205 29.40 75.59 -58.35
C GLY A 205 29.54 74.13 -58.04
N THR A 206 28.53 73.55 -57.41
CA THR A 206 28.48 72.12 -57.14
C THR A 206 27.29 71.50 -57.87
N SER A 207 27.34 70.19 -58.03
CA SER A 207 26.25 69.40 -58.59
C SER A 207 25.89 68.34 -57.54
N ASP A 208 24.93 68.69 -56.69
CA ASP A 208 24.58 67.85 -55.54
C ASP A 208 23.46 66.89 -55.91
N ILE A 209 23.71 65.60 -55.77
CA ILE A 209 22.69 64.57 -55.92
C ILE A 209 22.24 64.16 -54.53
N CYS A 210 20.94 63.96 -54.36
CA CYS A 210 20.38 63.69 -53.04
C CYS A 210 19.24 62.69 -53.16
N LEU A 211 19.20 61.73 -52.25
CA LEU A 211 18.09 60.79 -52.11
C LEU A 211 17.06 61.39 -51.18
N VAL A 212 16.09 62.12 -51.73
CA VAL A 212 15.07 62.77 -50.91
C VAL A 212 13.95 61.76 -50.69
N GLN A 213 13.91 61.16 -49.51
CA GLN A 213 13.01 60.05 -49.22
C GLN A 213 12.04 60.37 -48.09
N GLY A 214 11.66 61.64 -47.95
CA GLY A 214 10.65 62.07 -47.01
C GLY A 214 11.20 62.80 -45.80
N TYR A 215 12.43 62.50 -45.41
CA TYR A 215 13.00 63.04 -44.19
C TYR A 215 14.30 63.78 -44.53
N PHE A 216 14.89 64.39 -43.51
CA PHE A 216 16.16 65.08 -43.65
C PHE A 216 17.23 64.09 -44.12
N PRO A 217 17.87 64.32 -45.26
CA PRO A 217 18.78 63.31 -45.80
C PRO A 217 20.04 63.16 -44.95
N GLY A 218 20.47 61.92 -44.76
CA GLY A 218 21.68 61.65 -44.05
C GLY A 218 22.91 61.96 -44.88
N PRO A 219 24.08 61.81 -44.26
CA PRO A 219 25.34 62.05 -44.99
C PRO A 219 25.58 61.08 -46.13
N ASP A 220 24.96 59.90 -46.10
CA ASP A 220 25.13 58.92 -47.17
C ASP A 220 24.05 59.02 -48.24
N ASP A 221 23.00 59.80 -48.01
CA ASP A 221 21.93 59.99 -48.98
C ASP A 221 22.24 61.10 -49.98
N GLN A 222 23.42 61.72 -49.90
CA GLN A 222 23.76 62.83 -50.76
C GLN A 222 25.23 62.76 -51.16
N ILE A 223 25.52 63.23 -52.37
CA ILE A 223 26.88 63.31 -52.90
C ILE A 223 27.03 64.67 -53.58
N SER A 224 28.08 65.40 -53.21
CA SER A 224 28.37 66.70 -53.79
C SER A 224 29.64 66.63 -54.61
N ILE A 225 29.55 66.99 -55.88
CA ILE A 225 30.68 67.04 -56.80
C ILE A 225 30.93 68.50 -57.15
N PRO A 226 32.14 69.03 -56.94
CA PRO A 226 32.45 70.43 -57.28
C PRO A 226 32.62 70.66 -58.78
N PHE A 227 31.73 70.05 -59.57
CA PHE A 227 31.76 70.19 -61.02
C PHE A 227 30.36 70.54 -61.48
N ALA A 228 30.16 71.77 -61.94
CA ALA A 228 28.83 72.20 -62.38
C ALA A 228 28.99 73.26 -63.47
N GLY A 229 28.24 74.35 -63.36
CA GLY A 229 28.28 75.38 -64.38
C GLY A 229 29.62 76.07 -64.49
N ASP A 230 30.24 76.41 -63.36
CA ASP A 230 31.54 77.08 -63.40
C ASP A 230 32.62 76.17 -63.94
N ALA A 231 32.53 74.87 -63.69
CA ALA A 231 33.48 73.92 -64.25
C ALA A 231 33.35 73.77 -65.75
N ILE A 232 32.12 73.78 -66.29
CA ILE A 232 31.97 73.78 -67.73
C ILE A 232 32.42 75.10 -68.33
N ASP A 233 32.18 76.21 -67.64
CA ASP A 233 32.72 77.49 -68.09
C ASP A 233 34.24 77.45 -68.16
N GLN A 234 34.88 76.85 -67.15
CA GLN A 234 36.34 76.75 -67.15
C GLN A 234 36.82 75.85 -68.27
N LEU A 235 36.14 74.72 -68.49
CA LEU A 235 36.50 73.83 -69.58
C LEU A 235 36.37 74.51 -70.94
N LEU A 236 35.33 75.31 -71.14
CA LEU A 236 35.18 76.08 -72.37
C LEU A 236 36.25 77.17 -72.49
N GLN A 237 36.57 77.86 -71.39
CA GLN A 237 37.67 78.82 -71.43
C GLN A 237 38.98 78.16 -71.83
N GLU A 238 39.23 76.95 -71.33
CA GLU A 238 40.45 76.24 -71.70
C GLU A 238 40.42 75.81 -73.16
N GLU A 239 39.30 75.25 -73.62
CA GLU A 239 39.20 74.82 -75.01
C GLU A 239 39.17 75.98 -75.99
N LEU A 240 38.89 77.19 -75.53
CA LEU A 240 38.89 78.39 -76.37
C LEU A 240 40.23 79.10 -76.36
N ASN A 241 40.90 79.17 -75.21
CA ASN A 241 42.25 79.68 -75.14
C ASN A 241 43.28 78.72 -75.71
N ARG A 242 42.86 77.51 -76.09
CA ARG A 242 43.74 76.53 -76.68
C ARG A 242 43.65 76.48 -78.20
N THR A 243 42.45 76.71 -78.75
CA THR A 243 42.25 76.76 -80.19
C THR A 243 42.23 78.17 -80.74
N TYR A 244 41.65 79.12 -80.02
CA TYR A 244 41.63 80.53 -80.39
C TYR A 244 42.37 81.31 -79.34
N PRO A 245 43.70 81.27 -79.36
CA PRO A 245 44.48 81.87 -78.27
C PRO A 245 44.33 83.38 -78.22
N ASN A 246 44.41 83.90 -76.99
CA ASN A 246 44.25 85.34 -76.73
C ASN A 246 42.94 85.84 -77.35
N ASN A 247 41.86 85.11 -77.10
CA ASN A 247 40.56 85.53 -77.61
C ASN A 247 39.98 86.66 -76.78
N GLY A 248 40.37 86.77 -75.52
CA GLY A 248 39.86 87.80 -74.65
C GLY A 248 38.43 87.63 -74.21
N LEU A 249 37.79 86.51 -74.54
CA LEU A 249 36.42 86.27 -74.11
C LEU A 249 36.38 86.12 -72.60
N SER A 250 35.63 87.00 -71.95
CA SER A 250 35.51 86.95 -70.50
C SER A 250 34.72 85.72 -70.08
N LEU A 251 34.85 85.36 -68.80
CA LEU A 251 34.09 84.22 -68.27
C LEU A 251 32.60 84.48 -68.35
N HIS A 252 32.18 85.74 -68.22
CA HIS A 252 30.77 86.09 -68.35
C HIS A 252 30.25 85.92 -69.77
N LYS A 253 31.13 85.84 -70.76
CA LYS A 253 30.73 85.58 -72.14
CA LYS A 253 30.73 85.57 -72.13
C LYS A 253 30.89 84.11 -72.52
N VAL A 254 31.96 83.47 -72.05
CA VAL A 254 32.10 82.02 -72.20
C VAL A 254 30.98 81.29 -71.48
N ARG A 255 30.38 81.92 -70.47
CA ARG A 255 29.19 81.39 -69.80
C ARG A 255 27.94 81.57 -70.63
N GLU A 256 27.76 82.74 -71.24
CA GLU A 256 26.61 82.95 -72.12
C GLU A 256 26.65 82.04 -73.34
N ILE A 257 27.84 81.79 -73.88
CA ILE A 257 27.98 80.81 -74.97
C ILE A 257 27.41 79.47 -74.54
N LYS A 258 27.72 79.04 -73.31
CA LYS A 258 27.25 77.74 -72.83
C LYS A 258 25.75 77.75 -72.57
N GLU A 259 25.24 78.83 -71.96
CA GLU A 259 23.79 78.89 -71.72
C GLU A 259 23.00 78.94 -73.01
N ALA A 260 23.55 79.55 -74.06
CA ALA A 260 22.83 79.70 -75.32
C ALA A 260 22.97 78.51 -76.24
N HIS A 261 24.13 77.85 -76.25
CA HIS A 261 24.37 76.76 -77.19
C HIS A 261 24.87 75.48 -76.54
N GLY A 262 25.21 75.50 -75.25
CA GLY A 262 25.75 74.31 -74.62
C GLY A 262 24.73 73.18 -74.59
N TYR A 263 25.23 71.96 -74.75
CA TYR A 263 24.39 70.78 -74.87
C TYR A 263 25.19 69.56 -74.46
N VAL A 264 24.49 68.56 -73.95
CA VAL A 264 25.10 67.27 -73.62
C VAL A 264 24.58 66.23 -74.60
N GLY A 265 25.42 65.23 -74.86
CA GLY A 265 25.09 64.18 -75.79
C GLY A 265 26.05 64.15 -76.96
N PRO A 266 25.61 63.56 -78.07
CA PRO A 266 26.47 63.52 -79.26
C PRO A 266 26.75 64.91 -79.80
N SER A 267 27.89 65.05 -80.47
CA SER A 267 28.29 66.34 -81.00
C SER A 267 27.31 66.83 -82.06
N ARG A 268 27.09 68.14 -82.09
CA ARG A 268 26.23 68.77 -83.09
C ARG A 268 27.06 69.71 -83.94
N LYS A 269 27.32 69.33 -85.18
CA LYS A 269 28.11 70.11 -86.10
C LYS A 269 27.36 70.28 -87.41
N PRO A 270 27.42 71.48 -88.03
CA PRO A 270 28.12 72.64 -87.48
C PRO A 270 27.23 73.48 -86.58
N LEU A 271 27.80 74.04 -85.53
CA LEU A 271 27.08 74.89 -84.58
C LEU A 271 27.87 76.19 -84.46
N ASP A 272 27.44 77.21 -85.19
CA ASP A 272 28.17 78.46 -85.26
C ASP A 272 27.80 79.37 -84.09
N VAL A 273 28.83 79.86 -83.38
CA VAL A 273 28.66 80.77 -82.25
C VAL A 273 29.25 82.11 -82.66
N LYS A 274 28.41 83.15 -82.67
CA LYS A 274 28.84 84.49 -83.06
C LYS A 274 29.42 85.18 -81.83
N VAL A 275 30.73 85.45 -81.85
CA VAL A 275 31.43 86.09 -80.74
C VAL A 275 32.11 87.35 -81.25
N VAL A 276 32.70 88.09 -80.32
CA VAL A 276 33.44 89.31 -80.62
C VAL A 276 34.82 89.14 -80.01
N ILE A 277 35.82 88.90 -80.86
CA ILE A 277 37.19 88.64 -80.42
C ILE A 277 38.04 89.82 -80.86
N GLY A 278 38.47 90.63 -79.89
CA GLY A 278 39.31 91.77 -80.20
C GLY A 278 38.60 92.87 -80.95
N GLY A 279 37.32 93.10 -80.64
CA GLY A 279 36.56 94.13 -81.31
C GLY A 279 35.89 93.66 -82.57
N LYS A 280 36.49 92.68 -83.23
CA LYS A 280 35.97 92.17 -84.50
C LYS A 280 35.02 91.01 -84.27
N ALA A 281 33.97 90.95 -85.07
CA ALA A 281 32.93 89.93 -84.93
C ALA A 281 33.34 88.68 -85.70
N HIS A 282 33.56 87.59 -84.97
CA HIS A 282 33.93 86.31 -85.55
C HIS A 282 32.81 85.30 -85.33
N THR A 283 32.84 84.23 -86.11
CA THR A 283 31.85 83.15 -86.04
C THR A 283 32.60 81.84 -85.83
N LEU A 284 32.73 81.43 -84.57
CA LEU A 284 33.45 80.22 -84.25
C LEU A 284 32.58 78.99 -84.47
N GLU A 285 33.24 77.84 -84.59
CA GLU A 285 32.57 76.55 -84.69
C GLU A 285 32.84 75.81 -83.38
N LEU A 286 31.85 75.80 -82.50
CA LEU A 286 32.00 75.26 -81.14
C LEU A 286 31.07 74.08 -80.90
N GLY A 287 30.82 73.27 -81.91
CA GLY A 287 30.01 72.08 -81.72
C GLY A 287 30.70 71.09 -80.81
N ASP A 288 31.86 70.61 -81.24
CA ASP A 288 32.64 69.68 -80.43
C ASP A 288 33.09 70.33 -79.12
N THR A 289 33.38 71.63 -79.13
CA THR A 289 33.85 72.29 -77.92
C THR A 289 32.79 72.26 -76.83
N LEU A 290 31.57 72.72 -77.14
CA LEU A 290 30.49 72.69 -76.14
C LEU A 290 30.10 71.26 -75.82
N ALA A 291 30.15 70.36 -76.80
CA ALA A 291 29.84 68.97 -76.51
C ALA A 291 30.80 68.40 -75.47
N ARG A 292 32.10 68.58 -75.68
CA ARG A 292 33.09 68.06 -74.74
C ARG A 292 33.04 68.77 -73.40
N ALA A 293 32.70 70.07 -73.40
CA ALA A 293 32.64 70.80 -72.14
C ALA A 293 31.44 70.37 -71.30
N CYS A 294 30.30 70.12 -71.94
CA CYS A 294 29.09 69.82 -71.19
C CYS A 294 28.95 68.33 -70.89
N ASN A 295 29.53 67.46 -71.71
CA ASN A 295 29.46 66.03 -71.44
C ASN A 295 30.37 65.64 -70.29
N ALA A 296 31.37 66.46 -69.95
CA ALA A 296 32.15 66.22 -68.75
C ALA A 296 31.30 66.32 -67.50
N LEU A 297 30.31 67.21 -67.49
CA LEU A 297 29.39 67.27 -66.35
C LEU A 297 28.65 65.95 -66.19
N ILE A 298 28.20 65.35 -67.30
CA ILE A 298 27.52 64.06 -67.22
C ILE A 298 28.49 62.99 -66.74
N ASP A 299 29.69 62.97 -67.30
CA ASP A 299 30.71 62.00 -66.87
C ASP A 299 31.09 62.16 -65.41
N LYS A 300 30.90 63.33 -64.83
CA LYS A 300 31.18 63.54 -63.40
C LYS A 300 30.00 63.15 -62.52
N ILE A 301 28.78 63.55 -62.91
CA ILE A 301 27.63 63.35 -62.04
C ILE A 301 26.96 62.00 -62.24
N TYR A 302 27.38 61.22 -63.23
CA TYR A 302 26.75 59.93 -63.44
C TYR A 302 27.30 58.86 -62.49
N PRO A 303 28.61 58.80 -62.23
CA PRO A 303 29.10 57.88 -61.19
C PRO A 303 28.51 58.15 -59.83
N ALA A 304 28.07 59.37 -59.54
CA ALA A 304 27.38 59.68 -58.29
C ALA A 304 25.88 59.52 -58.40
N LEU A 305 25.32 59.62 -59.61
CA LEU A 305 23.92 59.29 -59.82
C LEU A 305 23.68 57.81 -59.56
N THR A 306 24.45 56.95 -60.24
CA THR A 306 24.29 55.52 -60.05
C THR A 306 24.67 55.06 -58.64
N THR A 307 25.65 55.71 -58.02
CA THR A 307 26.01 55.36 -56.65
C THR A 307 24.82 55.53 -55.71
N LEU A 308 24.13 56.66 -55.80
CA LEU A 308 22.98 56.90 -54.94
C LEU A 308 21.77 56.07 -55.36
N ILE A 309 21.66 55.74 -56.65
CA ILE A 309 20.58 54.86 -57.07
C ILE A 309 20.76 53.47 -56.48
N GLN A 310 22.01 52.99 -56.42
CA GLN A 310 22.29 51.70 -55.80
C GLN A 310 22.43 51.78 -54.29
N ARG A 311 22.44 52.99 -53.72
CA ARG A 311 22.39 53.13 -52.27
C ARG A 311 20.96 53.12 -51.73
N ALA A 312 19.97 53.36 -52.57
CA ALA A 312 18.59 53.39 -52.12
C ALA A 312 18.11 52.00 -51.74
N SER A 313 17.07 51.96 -50.91
CA SER A 313 16.48 50.68 -50.52
C SER A 313 15.87 49.99 -51.72
N SER A 314 16.07 48.67 -51.80
CA SER A 314 15.51 47.90 -52.91
C SER A 314 14.00 47.99 -52.97
N ASP A 315 13.34 48.20 -51.83
CA ASP A 315 11.88 48.34 -51.83
C ASP A 315 11.43 49.62 -52.52
N SER A 316 12.28 50.64 -52.54
CA SER A 316 11.89 51.96 -53.00
C SER A 316 12.64 52.45 -54.22
N VAL A 317 13.61 51.70 -54.73
CA VAL A 317 14.40 52.18 -55.86
C VAL A 317 13.61 52.12 -57.16
N VAL A 318 12.61 51.26 -57.24
CA VAL A 318 11.83 51.15 -58.48
C VAL A 318 11.03 52.41 -58.74
N THR A 319 10.52 53.04 -57.68
CA THR A 319 9.84 54.32 -57.83
C THR A 319 10.82 55.49 -57.80
N LEU A 320 11.96 55.32 -57.13
CA LEU A 320 13.00 56.34 -57.16
C LEU A 320 13.48 56.58 -58.58
N LEU A 321 13.64 55.51 -59.35
CA LEU A 321 14.04 55.66 -60.75
C LEU A 321 12.96 56.36 -61.56
N GLN A 322 11.70 56.20 -61.19
CA GLN A 322 10.63 56.91 -61.87
C GLN A 322 10.55 58.37 -61.44
N ASN A 323 11.09 58.70 -60.27
CA ASN A 323 11.08 60.07 -59.77
C ASN A 323 12.48 60.63 -59.66
N ILE A 324 13.21 60.67 -60.77
CA ILE A 324 14.50 61.35 -60.81
C ILE A 324 14.27 62.75 -61.37
N ILE A 325 14.68 63.76 -60.61
CA ILE A 325 14.38 65.15 -60.93
C ILE A 325 15.68 65.94 -60.96
N ILE A 326 15.87 66.73 -62.02
CA ILE A 326 17.05 67.57 -62.17
C ILE A 326 16.65 69.01 -61.92
N THR A 327 17.33 69.66 -60.97
CA THR A 327 17.07 71.07 -60.70
C THR A 327 18.37 71.87 -60.78
N GLY A 328 18.30 73.15 -60.41
CA GLY A 328 19.46 74.01 -60.53
C GLY A 328 19.62 74.54 -61.94
N GLY A 329 20.58 75.45 -62.14
CA GLY A 329 20.82 75.97 -63.47
C GLY A 329 21.16 74.91 -64.49
N GLY A 330 21.96 73.92 -64.10
CA GLY A 330 22.37 72.86 -65.00
C GLY A 330 21.23 72.02 -65.54
N SER A 331 20.04 72.12 -64.96
CA SER A 331 18.88 71.44 -65.53
C SER A 331 18.48 72.03 -66.87
N GLN A 332 18.82 73.28 -67.12
CA GLN A 332 18.50 73.95 -68.37
C GLN A 332 19.43 73.58 -69.51
N ILE A 333 20.40 72.70 -69.27
CA ILE A 333 21.28 72.25 -70.35
C ILE A 333 20.45 71.50 -71.38
N LYS A 334 20.66 71.83 -72.65
CA LYS A 334 19.86 71.26 -73.74
C LYS A 334 20.03 69.74 -73.82
N GLY A 335 18.97 69.01 -73.49
CA GLY A 335 19.00 67.57 -73.62
C GLY A 335 19.72 66.83 -72.52
N ILE A 336 19.62 67.31 -71.28
CA ILE A 336 20.28 66.63 -70.16
C ILE A 336 19.38 65.57 -69.52
N ASP A 337 18.08 65.80 -69.44
CA ASP A 337 17.18 64.78 -68.91
C ASP A 337 17.08 63.58 -69.85
N THR A 338 16.96 63.82 -71.16
CA THR A 338 16.93 62.72 -72.11
C THR A 338 18.23 61.93 -72.09
N LEU A 339 19.38 62.62 -72.03
CA LEU A 339 20.65 61.92 -72.00
C LEU A 339 20.82 61.11 -70.73
N LEU A 340 20.43 61.67 -69.58
CA LEU A 340 20.58 60.94 -68.34
C LEU A 340 19.63 59.75 -68.27
N GLN A 341 18.41 59.91 -68.78
CA GLN A 341 17.48 58.78 -68.81
C GLN A 341 17.98 57.70 -69.76
N LYS A 342 18.57 58.09 -70.89
CA LYS A 342 19.14 57.12 -71.82
C LYS A 342 20.31 56.38 -71.17
N LYS A 343 21.17 57.10 -70.47
CA LYS A 343 22.32 56.47 -69.82
C LYS A 343 21.88 55.55 -68.69
N LEU A 344 20.79 55.87 -68.00
CA LEU A 344 20.33 55.00 -66.93
C LEU A 344 19.57 53.81 -67.48
N THR A 345 18.91 53.96 -68.64
CA THR A 345 18.21 52.83 -69.25
C THR A 345 19.21 51.85 -69.87
N GLU A 346 20.25 52.37 -70.53
CA GLU A 346 21.25 51.50 -71.13
C GLU A 346 22.02 50.70 -70.10
N ASP A 347 22.12 51.21 -68.87
CA ASP A 347 22.82 50.50 -67.81
C ASP A 347 21.96 49.45 -67.13
N GLY A 348 20.70 49.32 -67.50
CA GLY A 348 19.85 48.28 -66.97
C GLY A 348 18.97 48.68 -65.80
N PHE A 349 19.00 49.95 -65.38
CA PHE A 349 18.11 50.39 -64.32
C PHE A 349 16.65 50.27 -64.76
N GLU A 350 15.81 49.76 -63.85
CA GLU A 350 14.44 49.43 -64.23
C GLU A 350 13.62 50.67 -64.55
N SER A 351 13.52 50.99 -65.84
CA SER A 351 12.66 52.04 -66.37
C SER A 351 12.86 53.36 -65.62
N PRO A 352 14.00 54.01 -65.77
CA PRO A 352 14.17 55.33 -65.16
C PRO A 352 13.39 56.39 -65.90
N LYS A 353 13.07 57.46 -65.18
CA LYS A 353 12.33 58.60 -65.75
C LYS A 353 12.93 59.88 -65.18
N VAL A 354 13.90 60.43 -65.91
CA VAL A 354 14.57 61.65 -65.49
C VAL A 354 13.72 62.84 -65.90
N ARG A 355 13.46 63.74 -64.95
CA ARG A 355 12.60 64.88 -65.14
C ARG A 355 13.33 66.16 -64.77
N LEU A 356 13.00 67.24 -65.46
CA LEU A 356 13.50 68.56 -65.12
C LEU A 356 12.60 69.19 -64.06
N ALA A 357 13.21 70.00 -63.19
CA ALA A 357 12.46 70.64 -62.12
C ALA A 357 11.34 71.51 -62.67
N GLY A 358 11.70 72.50 -63.47
CA GLY A 358 10.72 73.37 -64.09
C GLY A 358 11.33 74.71 -64.40
N HIS A 359 10.45 75.66 -64.72
CA HIS A 359 10.91 77.00 -65.05
C HIS A 359 11.46 77.73 -63.83
N ASP A 360 10.88 77.49 -62.66
CA ASP A 360 11.27 78.20 -61.44
C ASP A 360 12.38 77.45 -60.71
N TYR A 361 13.46 77.12 -61.42
CA TYR A 361 14.58 76.40 -60.85
C TYR A 361 15.46 77.27 -59.96
N LYS A 362 15.29 78.60 -60.01
CA LYS A 362 16.11 79.50 -59.21
CA LYS A 362 16.12 79.48 -59.21
C LYS A 362 15.59 79.68 -57.80
N ARG A 363 14.28 79.66 -57.62
CA ARG A 363 13.67 79.87 -56.31
C ARG A 363 13.37 78.58 -55.57
N TYR A 364 13.70 77.42 -56.16
CA TYR A 364 13.33 76.15 -55.52
C TYR A 364 14.08 75.94 -54.22
N VAL A 365 15.39 76.20 -54.20
CA VAL A 365 16.13 76.08 -52.95
C VAL A 365 15.69 77.14 -51.94
N ALA A 366 15.39 78.36 -52.41
CA ALA A 366 14.94 79.40 -51.50
C ALA A 366 13.51 79.14 -51.03
N LEU A 367 12.64 78.64 -51.90
CA LEU A 367 11.31 78.25 -51.46
C LEU A 367 11.36 77.12 -50.44
N GLY A 368 12.22 76.14 -50.66
CA GLY A 368 12.37 75.07 -49.70
C GLY A 368 12.97 75.53 -48.38
N ALA A 369 13.89 76.50 -48.44
CA ALA A 369 14.47 77.03 -47.21
C ALA A 369 13.46 77.88 -46.45
N LEU A 370 12.56 78.55 -47.16
CA LEU A 370 11.49 79.27 -46.49
C LEU A 370 10.48 78.31 -45.87
N LYS A 371 10.17 77.22 -46.58
CA LYS A 371 9.27 76.21 -46.02
C LYS A 371 9.89 75.53 -44.82
N ALA A 372 11.22 75.38 -44.80
CA ALA A 372 11.90 74.79 -43.66
C ALA A 372 12.12 75.80 -42.54
N ALA A 373 12.06 77.09 -42.84
CA ALA A 373 12.13 78.10 -41.79
C ALA A 373 10.81 78.19 -41.03
N ARG A 374 9.69 78.15 -41.75
CA ARG A 374 8.39 78.18 -41.13
C ARG A 374 8.05 76.88 -40.41
N ALA A 375 8.68 75.78 -40.78
CA ALA A 375 8.48 74.50 -40.11
C ALA A 375 9.59 74.14 -39.13
N ALA A 376 10.57 75.02 -38.93
CA ALA A 376 11.65 74.73 -38.00
C ALA A 376 11.18 74.96 -36.57
N ARG A 377 11.49 74.01 -35.69
CA ARG A 377 11.17 74.15 -34.29
C ARG A 377 12.05 75.23 -33.66
N GLU A 378 11.64 75.67 -32.46
CA GLU A 378 12.42 76.69 -31.77
C GLU A 378 13.80 76.18 -31.38
N ASN A 379 13.91 74.88 -31.11
CA ASN A 379 15.19 74.28 -30.75
C ASN A 379 16.03 73.93 -31.98
N GLN A 380 15.54 74.18 -33.18
CA GLN A 380 16.27 73.87 -34.40
C GLN A 380 17.11 75.02 -34.90
N TRP A 381 16.78 76.25 -34.52
CA TRP A 381 17.55 77.42 -34.95
C TRP A 381 18.88 77.48 -34.23
N GLN A 382 19.93 77.83 -34.97
CA GLN A 382 21.26 77.96 -34.39
C GLN A 382 21.56 79.41 -34.07
N VAL A 383 22.10 79.65 -32.88
CA VAL A 383 22.42 80.99 -32.41
C VAL A 383 23.82 81.35 -32.91
N LEU A 384 23.94 82.55 -33.47
CA LEU A 384 25.20 83.03 -34.03
C LEU A 384 25.82 84.04 -33.06
N LEU A 385 26.84 83.60 -32.34
CA LEU A 385 27.57 84.45 -31.40
C LEU A 385 29.04 84.48 -31.78
N GLY A 386 29.72 85.56 -31.40
CA GLY A 386 31.14 85.69 -31.67
C GLY A 386 31.50 86.95 -32.42
N THR B 34 -19.82 50.52 -17.57
CA THR B 34 -19.05 50.22 -18.77
C THR B 34 -19.40 48.83 -19.30
N LYS B 35 -19.21 48.63 -20.60
CA LYS B 35 -19.49 47.36 -21.24
C LYS B 35 -18.20 46.55 -21.40
N THR B 36 -18.35 45.23 -21.38
CA THR B 36 -17.22 44.32 -21.50
C THR B 36 -17.10 43.81 -22.94
N VAL B 37 -15.87 43.83 -23.45
CA VAL B 37 -15.57 43.41 -24.80
C VAL B 37 -14.56 42.28 -24.72
N LEU B 38 -14.98 41.08 -25.10
CA LEU B 38 -14.06 39.95 -25.16
C LEU B 38 -13.29 39.99 -26.47
N VAL B 39 -11.97 39.94 -26.38
CA VAL B 39 -11.08 40.15 -27.51
C VAL B 39 -10.22 38.91 -27.69
N GLY B 40 -10.42 38.21 -28.80
CA GLY B 40 -9.50 37.17 -29.19
C GLY B 40 -8.31 37.79 -29.89
N PHE B 41 -7.14 37.68 -29.29
CA PHE B 41 -5.93 38.33 -29.76
C PHE B 41 -4.93 37.28 -30.19
N ASP B 42 -4.53 37.31 -31.45
CA ASP B 42 -3.49 36.44 -31.99
C ASP B 42 -2.30 37.36 -32.21
N PHE B 43 -1.45 37.47 -31.20
CA PHE B 43 -0.23 38.29 -31.27
C PHE B 43 0.79 37.48 -32.05
N GLY B 44 0.94 37.80 -33.32
CA GLY B 44 1.83 37.03 -34.18
C GLY B 44 3.19 37.68 -34.35
N THR B 45 4.14 36.87 -34.84
CA THR B 45 5.45 37.41 -35.19
C THR B 45 5.40 38.18 -36.50
N ASN B 46 4.56 37.76 -37.43
CA ASN B 46 4.40 38.41 -38.73
CA ASN B 46 4.41 38.42 -38.72
C ASN B 46 3.12 39.24 -38.81
N LYS B 47 2.00 38.68 -38.41
CA LYS B 47 0.72 39.38 -38.42
C LYS B 47 -0.05 39.03 -37.15
N SER B 48 -0.66 40.03 -36.53
CA SER B 48 -1.52 39.83 -35.38
C SER B 48 -2.96 40.08 -35.78
N CYS B 49 -3.85 39.22 -35.31
CA CYS B 49 -5.26 39.30 -35.66
C CYS B 49 -6.06 39.59 -34.39
N VAL B 50 -6.80 40.69 -34.40
CA VAL B 50 -7.61 41.10 -33.26
C VAL B 50 -9.08 40.94 -33.61
N LEU B 51 -9.81 40.26 -32.74
CA LEU B 51 -11.25 40.10 -32.87
C LEU B 51 -11.91 40.53 -31.58
N ALA B 52 -13.04 41.24 -31.70
CA ALA B 52 -13.71 41.81 -30.55
C ALA B 52 -15.20 41.54 -30.66
N GLY B 53 -15.78 41.03 -29.56
CA GLY B 53 -17.20 40.77 -29.51
C GLY B 53 -17.76 40.91 -28.11
N THR B 54 -19.06 41.18 -27.99
CA THR B 54 -19.68 41.28 -26.68
C THR B 54 -19.90 39.89 -26.09
N ALA B 55 -20.34 39.87 -24.83
CA ALA B 55 -20.60 38.62 -24.14
C ALA B 55 -21.98 38.07 -24.53
N GLY B 56 -22.11 36.76 -24.43
CA GLY B 56 -23.38 36.10 -24.74
C GLY B 56 -23.69 35.92 -26.20
N ALA B 57 -23.33 36.89 -27.04
CA ALA B 57 -23.58 36.79 -28.47
C ALA B 57 -22.56 35.84 -29.10
N THR B 58 -22.69 35.66 -30.42
CA THR B 58 -21.74 34.87 -31.18
C THR B 58 -21.19 35.60 -32.40
N ASP B 59 -21.75 36.74 -32.78
CA ASP B 59 -21.23 37.51 -33.89
C ASP B 59 -19.93 38.19 -33.50
N ILE B 60 -19.21 38.67 -34.51
CA ILE B 60 -17.88 39.23 -34.34
C ILE B 60 -17.95 40.71 -34.70
N ALA B 61 -17.87 41.57 -33.69
CA ALA B 61 -17.99 43.00 -33.94
C ALA B 61 -16.79 43.54 -34.72
N ILE B 62 -15.58 43.34 -34.20
CA ILE B 62 -14.37 43.84 -34.83
C ILE B 62 -13.53 42.65 -35.25
N SER B 63 -12.91 42.73 -36.43
CA SER B 63 -12.04 41.68 -36.94
C SER B 63 -11.00 42.34 -37.85
N LYS B 64 -9.78 42.51 -37.34
CA LYS B 64 -8.72 43.16 -38.07
C LYS B 64 -7.49 42.27 -38.09
N ILE B 65 -6.77 42.30 -39.21
CA ILE B 65 -5.51 41.57 -39.38
C ILE B 65 -4.44 42.61 -39.66
N VAL B 66 -3.62 42.91 -38.67
CA VAL B 66 -2.64 43.98 -38.73
C VAL B 66 -1.25 43.34 -38.70
N PRO B 67 -0.40 43.57 -39.70
CA PRO B 67 0.95 43.01 -39.66
C PRO B 67 1.70 43.49 -38.42
N THR B 68 2.22 42.54 -37.65
CA THR B 68 2.91 42.88 -36.41
C THR B 68 4.20 43.65 -36.72
N VAL B 69 4.07 44.97 -36.82
CA VAL B 69 5.21 45.84 -37.07
C VAL B 69 4.84 47.24 -36.59
N VAL B 70 5.84 47.96 -36.06
CA VAL B 70 5.66 49.33 -35.61
C VAL B 70 6.70 50.19 -36.30
N GLY B 71 6.25 51.15 -37.10
CA GLY B 71 7.16 52.06 -37.76
C GLY B 71 7.26 53.38 -37.05
N TYR B 72 8.40 53.65 -36.43
CA TYR B 72 8.62 54.95 -35.78
C TYR B 72 9.10 55.92 -36.85
N VAL B 73 8.28 56.94 -37.12
CA VAL B 73 8.58 57.89 -38.18
C VAL B 73 9.94 58.52 -37.94
N LYS B 74 10.77 58.55 -38.98
CA LYS B 74 12.16 58.97 -38.86
C LYS B 74 12.25 60.44 -38.45
N GLU B 75 13.39 60.79 -37.87
CA GLU B 75 13.65 62.15 -37.44
C GLU B 75 13.90 63.05 -38.64
N GLY B 76 13.24 64.20 -38.66
CA GLY B 76 13.34 65.12 -39.76
C GLY B 76 12.31 64.94 -40.86
N ILE B 77 11.25 64.18 -40.60
CA ILE B 77 10.25 63.92 -41.62
C ILE B 77 9.53 65.21 -42.00
N VAL B 78 9.40 65.43 -43.30
CA VAL B 78 8.69 66.59 -43.82
C VAL B 78 7.20 66.44 -43.56
N ASP B 79 6.55 67.56 -43.23
CA ASP B 79 5.11 67.54 -43.03
C ASP B 79 4.40 67.15 -44.32
N GLY B 80 3.43 66.25 -44.19
CA GLY B 80 2.67 65.78 -45.33
C GLY B 80 3.14 64.49 -45.95
N ILE B 81 4.34 64.01 -45.58
CA ILE B 81 4.81 62.73 -46.10
C ILE B 81 3.96 61.59 -45.55
N VAL B 82 3.72 61.61 -44.24
CA VAL B 82 2.84 60.64 -43.59
C VAL B 82 1.47 61.29 -43.39
N ALA B 83 0.42 60.57 -43.79
CA ALA B 83 -0.93 61.09 -43.66
C ALA B 83 -1.26 61.35 -42.20
N GLY B 84 -1.65 62.60 -41.90
CA GLY B 84 -1.95 63.00 -40.55
C GLY B 84 -0.76 63.37 -39.71
N ASN B 85 0.45 63.33 -40.27
CA ASN B 85 1.69 63.64 -39.55
C ASN B 85 1.86 62.76 -38.32
N ARG B 86 1.39 61.52 -38.40
CA ARG B 86 1.56 60.59 -37.29
C ARG B 86 3.03 60.25 -37.12
N SER B 87 3.45 60.12 -35.86
CA SER B 87 4.82 59.79 -35.53
C SER B 87 5.06 58.30 -35.31
N VAL B 88 4.02 57.53 -35.10
CA VAL B 88 4.13 56.08 -34.92
C VAL B 88 3.06 55.42 -35.79
N LEU B 89 3.48 54.52 -36.67
CA LEU B 89 2.59 53.84 -37.60
C LEU B 89 2.51 52.38 -37.24
N PHE B 90 1.36 51.76 -37.51
CA PHE B 90 1.11 50.39 -37.09
C PHE B 90 0.63 49.56 -38.27
N GLY B 91 1.23 48.40 -38.45
CA GLY B 91 0.80 47.46 -39.46
C GLY B 91 1.04 47.90 -40.88
N ASP B 92 0.01 47.82 -41.71
CA ASP B 92 0.14 48.21 -43.11
C ASP B 92 0.56 49.67 -43.25
N ASP B 93 0.04 50.55 -42.39
CA ASP B 93 0.44 51.95 -42.42
C ASP B 93 1.94 52.12 -42.19
N ALA B 94 2.57 51.18 -41.50
CA ALA B 94 4.02 51.19 -41.32
C ALA B 94 4.76 50.42 -42.39
N LEU B 95 4.07 49.55 -43.13
CA LEU B 95 4.70 48.85 -44.23
C LEU B 95 4.71 49.69 -45.50
N GLN B 96 3.63 50.41 -45.77
CA GLN B 96 3.62 51.33 -46.90
C GLN B 96 4.58 52.50 -46.69
N ASN B 97 4.73 52.96 -45.45
CA ASN B 97 5.63 54.05 -45.12
C ASN B 97 6.92 53.53 -44.50
N ARG B 98 7.42 52.38 -44.97
CA ARG B 98 8.65 51.84 -44.43
C ARG B 98 9.88 52.59 -44.93
N LEU B 99 9.72 53.45 -45.92
CA LEU B 99 10.84 54.29 -46.36
C LEU B 99 11.03 55.47 -45.43
N HIS B 100 9.95 55.96 -44.83
CA HIS B 100 10.00 57.11 -43.94
C HIS B 100 10.07 56.73 -42.46
N ALA B 101 9.91 55.46 -42.14
CA ALA B 101 9.85 55.01 -40.75
C ALA B 101 10.88 53.92 -40.50
N ARG B 102 11.41 53.92 -39.28
CA ARG B 102 12.25 52.83 -38.79
C ARG B 102 11.30 51.75 -38.27
N LEU B 103 11.27 50.62 -38.97
CA LEU B 103 10.36 49.55 -38.58
C LEU B 103 11.00 48.65 -37.54
N VAL B 104 10.24 48.35 -36.49
CA VAL B 104 10.64 47.41 -35.46
C VAL B 104 9.53 46.39 -35.32
N ALA B 105 9.91 45.11 -35.36
CA ALA B 105 8.96 44.02 -35.19
C ALA B 105 8.80 43.74 -33.71
N PRO B 106 7.63 43.98 -33.13
CA PRO B 106 7.46 43.73 -31.68
C PRO B 106 7.77 42.31 -31.27
N MET B 107 7.55 41.34 -32.15
CA MET B 107 7.63 39.93 -31.80
C MET B 107 8.71 39.24 -32.62
N GLU B 108 9.44 38.34 -31.95
CA GLU B 108 10.44 37.49 -32.60
C GLU B 108 10.38 36.12 -31.95
N HIS B 109 10.24 35.08 -32.78
CA HIS B 109 10.08 33.71 -32.30
C HIS B 109 8.84 33.57 -31.42
N GLY B 110 7.78 34.27 -31.81
CA GLY B 110 6.51 34.16 -31.12
C GLY B 110 6.49 34.74 -29.73
N VAL B 111 7.58 35.35 -29.30
CA VAL B 111 7.66 35.98 -27.99
C VAL B 111 8.00 37.46 -28.19
N ILE B 112 7.60 38.28 -27.22
CA ILE B 112 7.83 39.71 -27.32
C ILE B 112 9.32 39.98 -27.18
N ALA B 113 9.92 40.53 -28.23
CA ALA B 113 11.34 40.85 -28.23
C ALA B 113 11.64 42.32 -27.95
N HIS B 114 10.75 43.22 -28.33
CA HIS B 114 10.91 44.66 -28.10
C HIS B 114 9.73 45.13 -27.27
N PRO B 115 9.92 45.32 -25.96
CA PRO B 115 8.76 45.61 -25.09
C PRO B 115 8.08 46.93 -25.39
N ASP B 116 8.83 47.98 -25.73
CA ASP B 116 8.20 49.28 -25.98
C ASP B 116 7.39 49.26 -27.27
N ALA B 117 7.95 48.75 -28.36
CA ALA B 117 7.20 48.60 -29.60
C ALA B 117 6.02 47.67 -29.41
N ALA B 118 6.18 46.60 -28.63
CA ALA B 118 5.07 45.69 -28.39
C ALA B 118 3.95 46.36 -27.61
N ARG B 119 4.29 47.21 -26.64
CA ARG B 119 3.26 47.93 -25.90
C ARG B 119 2.55 48.94 -26.78
N ASP B 120 3.30 49.69 -27.60
CA ASP B 120 2.67 50.59 -28.56
C ASP B 120 1.72 49.84 -29.48
N PHE B 121 2.14 48.66 -29.93
CA PHE B 121 1.35 47.92 -30.91
C PHE B 121 0.09 47.32 -30.29
N VAL B 122 0.21 46.79 -29.07
CA VAL B 122 -0.97 46.30 -28.37
C VAL B 122 -1.91 47.46 -28.03
N GLN B 123 -1.35 48.64 -27.75
CA GLN B 123 -2.20 49.80 -27.52
CA GLN B 123 -2.18 49.82 -27.52
C GLN B 123 -2.96 50.19 -28.79
N HIS B 124 -2.33 50.08 -29.94
CA HIS B 124 -3.01 50.33 -31.20
C HIS B 124 -4.12 49.31 -31.44
N LEU B 125 -3.81 48.03 -31.24
CA LEU B 125 -4.82 46.99 -31.46
C LEU B 125 -5.95 47.07 -30.44
N ARG B 126 -5.71 47.65 -29.27
CA ARG B 126 -6.80 47.89 -28.33
C ARG B 126 -7.79 48.91 -28.88
N SER B 127 -7.27 50.02 -29.42
CA SER B 127 -8.13 51.00 -30.06
C SER B 127 -8.82 50.41 -31.29
N LEU B 128 -8.17 49.45 -31.97
CA LEU B 128 -8.83 48.77 -33.07
C LEU B 128 -9.98 47.90 -32.60
N ALA B 129 -9.78 47.13 -31.53
CA ALA B 129 -10.84 46.29 -30.99
C ALA B 129 -11.84 47.08 -30.17
N ASP B 130 -11.50 48.31 -29.79
CA ASP B 130 -12.39 49.14 -28.97
C ASP B 130 -12.26 50.58 -29.43
N PRO B 131 -12.98 50.96 -30.51
CA PRO B 131 -12.85 52.33 -31.02
C PRO B 131 -13.27 53.39 -30.01
N SER B 132 -14.24 53.10 -29.15
CA SER B 132 -14.65 54.07 -28.15
C SER B 132 -13.59 54.27 -27.08
N GLY B 133 -12.83 53.22 -26.75
CA GLY B 133 -11.78 53.35 -25.76
C GLY B 133 -12.25 53.39 -24.33
N GLN B 134 -13.53 53.11 -24.08
CA GLN B 134 -14.08 53.12 -22.73
C GLN B 134 -14.50 51.75 -22.23
N ALA B 135 -14.61 50.76 -23.11
CA ALA B 135 -15.08 49.45 -22.70
C ALA B 135 -13.98 48.66 -22.01
N GLU B 136 -14.39 47.78 -21.11
CA GLU B 136 -13.47 46.91 -20.39
C GLU B 136 -13.09 45.74 -21.28
N ILE B 137 -11.85 45.71 -21.72
CA ILE B 137 -11.40 44.67 -22.63
C ILE B 137 -10.95 43.46 -21.82
N ARG B 138 -11.39 42.27 -22.23
CA ARG B 138 -10.94 41.00 -21.66
C ARG B 138 -10.35 40.20 -22.82
N ALA B 139 -9.04 40.11 -22.91
CA ALA B 139 -8.38 39.56 -24.07
C ALA B 139 -7.76 38.20 -23.78
N VAL B 140 -8.02 37.27 -24.68
CA VAL B 140 -7.33 35.98 -24.71
C VAL B 140 -6.23 36.11 -25.76
N VAL B 141 -5.00 36.23 -25.30
CA VAL B 141 -3.85 36.36 -26.20
C VAL B 141 -3.27 34.98 -26.47
N GLY B 142 -2.88 34.73 -27.71
CA GLY B 142 -2.27 33.46 -28.07
C GLY B 142 -0.76 33.52 -27.89
N VAL B 143 -0.25 32.59 -27.09
CA VAL B 143 1.18 32.47 -26.85
C VAL B 143 1.66 31.22 -27.58
N PRO B 144 2.97 31.07 -27.77
CA PRO B 144 3.50 29.82 -28.36
C PRO B 144 3.09 28.58 -27.59
N ALA B 145 3.42 27.40 -28.13
CA ALA B 145 2.96 26.14 -27.55
C ALA B 145 3.43 25.99 -26.11
N ASN B 146 4.74 26.14 -25.89
CA ASN B 146 5.34 25.97 -24.57
C ASN B 146 6.05 27.27 -24.20
N ALA B 147 5.30 28.36 -24.17
CA ALA B 147 5.86 29.67 -23.84
C ALA B 147 6.33 29.68 -22.39
N THR B 148 7.58 30.06 -22.17
CA THR B 148 8.11 30.15 -20.82
C THR B 148 7.36 31.21 -20.02
N GLU B 149 7.42 31.08 -18.69
CA GLU B 149 6.74 32.02 -17.83
C GLU B 149 7.25 33.45 -18.01
N GLN B 150 8.51 33.62 -18.41
CA GLN B 150 9.00 34.94 -18.75
C GLN B 150 8.40 35.44 -20.06
N ALA B 151 8.29 34.55 -21.06
CA ALA B 151 7.64 34.93 -22.31
C ALA B 151 6.15 35.19 -22.15
N ARG B 152 5.54 34.68 -21.08
CA ARG B 152 4.14 34.98 -20.78
C ARG B 152 4.00 36.25 -19.96
N GLU B 153 4.93 36.52 -19.04
CA GLU B 153 4.89 37.78 -18.31
C GLU B 153 5.25 38.94 -19.23
N ASP B 154 5.98 38.67 -20.32
CA ASP B 154 6.22 39.71 -21.31
C ASP B 154 4.93 40.14 -21.98
N VAL B 155 4.02 39.19 -22.21
CA VAL B 155 2.73 39.53 -22.82
C VAL B 155 1.78 40.10 -21.79
N ARG B 156 1.84 39.63 -20.55
CA ARG B 156 1.02 40.20 -19.49
C ARG B 156 1.55 41.54 -19.00
N ARG B 157 2.74 41.92 -19.43
CA ARG B 157 3.32 43.21 -19.04
C ARG B 157 3.08 44.28 -20.10
N CYS B 158 3.14 43.91 -21.37
CA CYS B 158 2.76 44.79 -22.47
C CYS B 158 1.26 44.82 -22.72
N ALA B 159 0.47 44.24 -21.81
CA ALA B 159 -0.97 44.33 -21.86
C ALA B 159 -1.57 44.95 -20.62
N PHE B 160 -0.75 45.28 -19.62
CA PHE B 160 -1.24 45.94 -18.43
C PHE B 160 -1.66 47.36 -18.75
N GLY B 161 -2.82 47.77 -18.25
CA GLY B 161 -3.41 49.04 -18.60
C GLY B 161 -4.06 49.07 -19.96
N ILE B 162 -3.89 48.02 -20.76
CA ILE B 162 -4.52 47.91 -22.06
C ILE B 162 -5.70 46.95 -21.95
N PHE B 163 -5.41 45.69 -21.65
CA PHE B 163 -6.43 44.69 -21.39
C PHE B 163 -6.68 44.61 -19.89
N ASP B 164 -7.95 44.65 -19.49
CA ASP B 164 -8.26 44.57 -18.07
C ASP B 164 -8.08 43.16 -17.53
N ARG B 165 -8.51 42.15 -18.27
CA ARG B 165 -8.27 40.76 -17.90
C ARG B 165 -7.62 40.07 -19.08
N ILE B 166 -6.63 39.23 -18.81
CA ILE B 166 -5.93 38.51 -19.87
C ILE B 166 -6.09 37.01 -19.63
N LEU B 167 -5.81 36.24 -20.67
CA LEU B 167 -5.86 34.79 -20.60
C LEU B 167 -4.96 34.25 -21.70
N LEU B 168 -3.89 33.56 -21.32
CA LEU B 168 -2.87 33.11 -22.25
C LEU B 168 -3.07 31.63 -22.55
N ILE B 169 -3.39 31.31 -23.80
CA ILE B 169 -3.58 29.94 -24.24
C ILE B 169 -2.63 29.68 -25.42
N PRO B 170 -2.05 28.48 -25.53
CA PRO B 170 -1.17 28.19 -26.67
C PRO B 170 -1.83 28.48 -28.01
N GLU B 171 -1.01 28.93 -28.96
CA GLU B 171 -1.47 29.34 -30.28
C GLU B 171 -2.01 28.18 -31.11
N PRO B 172 -1.40 26.99 -31.13
CA PRO B 172 -1.99 25.90 -31.91
C PRO B 172 -3.31 25.41 -31.37
N PHE B 173 -3.51 25.44 -30.04
CA PHE B 173 -4.82 25.09 -29.50
C PHE B 173 -5.88 26.09 -29.92
N LEU B 174 -5.54 27.38 -29.91
CA LEU B 174 -6.48 28.38 -30.39
C LEU B 174 -6.74 28.25 -31.88
N ALA B 175 -5.73 27.84 -32.66
CA ALA B 175 -5.95 27.57 -34.07
C ALA B 175 -6.90 26.41 -34.26
N ALA B 176 -6.77 25.37 -33.44
CA ALA B 176 -7.72 24.26 -33.48
C ALA B 176 -9.11 24.69 -33.09
N LEU B 177 -9.21 25.60 -32.11
CA LEU B 177 -10.50 26.03 -31.61
C LEU B 177 -11.19 27.01 -32.55
N GLY B 178 -10.43 27.73 -33.37
CA GLY B 178 -11.00 28.67 -34.31
C GLY B 178 -11.27 28.04 -35.67
N TYR B 179 -10.47 27.03 -36.02
CA TYR B 179 -10.74 26.26 -37.23
C TYR B 179 -12.03 25.45 -37.07
N ARG B 180 -12.36 25.06 -35.84
CA ARG B 180 -13.59 24.35 -35.58
C ARG B 180 -14.80 25.17 -36.00
N ASP B 181 -15.70 24.55 -36.74
CA ASP B 181 -16.93 25.20 -37.20
C ASP B 181 -18.05 24.84 -36.24
N ASP B 182 -18.37 25.76 -35.32
CA ASP B 182 -19.42 25.51 -34.35
C ASP B 182 -20.79 25.38 -35.00
N ALA B 183 -20.96 25.91 -36.21
CA ALA B 183 -22.22 25.76 -36.92
C ALA B 183 -22.45 24.34 -37.40
N ARG B 184 -21.38 23.56 -37.58
CA ARG B 184 -21.49 22.19 -38.09
C ARG B 184 -21.19 21.15 -37.03
N LEU B 185 -21.12 21.52 -35.77
CA LEU B 185 -20.90 20.54 -34.71
C LEU B 185 -22.10 19.63 -34.57
N GLY B 186 -21.85 18.42 -34.08
CA GLY B 186 -22.92 17.45 -33.90
C GLY B 186 -23.21 16.65 -35.15
N GLN B 187 -22.98 17.25 -36.32
CA GLN B 187 -23.24 16.57 -37.58
C GLN B 187 -22.30 15.38 -37.75
N SER B 188 -22.74 14.41 -38.55
CA SER B 188 -21.93 13.21 -38.77
C SER B 188 -20.93 13.40 -39.89
N ASN B 189 -21.25 14.24 -40.88
CA ASN B 189 -20.38 14.48 -42.02
C ASN B 189 -19.32 15.54 -41.73
N TYR B 190 -19.22 16.01 -40.49
CA TYR B 190 -18.23 17.00 -40.10
C TYR B 190 -17.31 16.39 -39.04
N ILE B 191 -16.04 16.27 -39.37
CA ILE B 191 -15.06 15.78 -38.40
C ILE B 191 -14.55 16.95 -37.56
N ASP B 192 -14.54 16.76 -36.25
CA ASP B 192 -14.20 17.84 -35.35
C ASP B 192 -12.68 17.98 -35.25
N PRO B 193 -12.11 19.15 -35.58
CA PRO B 193 -10.65 19.31 -35.47
C PRO B 193 -10.15 19.36 -34.04
N VAL B 194 -11.03 19.43 -33.05
CA VAL B 194 -10.61 19.47 -31.65
C VAL B 194 -10.78 18.13 -30.94
N VAL B 195 -11.68 17.26 -31.42
CA VAL B 195 -11.96 16.02 -30.70
C VAL B 195 -10.73 15.12 -30.65
N ASN B 196 -9.93 15.14 -31.72
CA ASN B 196 -8.70 14.34 -31.80
C ASN B 196 -7.95 14.70 -33.08
N SER B 197 -6.96 15.57 -32.97
CA SER B 197 -6.21 15.99 -34.14
C SER B 197 -4.84 16.47 -33.69
N LEU B 198 -3.98 16.72 -34.66
CA LEU B 198 -2.61 17.15 -34.43
C LEU B 198 -2.33 18.36 -35.30
N PHE B 199 -2.19 19.52 -34.67
CA PHE B 199 -2.15 20.80 -35.37
C PHE B 199 -0.70 21.26 -35.50
N ILE B 200 -0.30 21.60 -36.72
CA ILE B 200 1.06 22.05 -37.00
C ILE B 200 0.94 23.53 -37.39
N ASP B 201 0.80 24.39 -36.39
CA ASP B 201 0.70 25.83 -36.62
C ASP B 201 2.09 26.35 -36.94
N ILE B 202 2.39 26.40 -38.25
CA ILE B 202 3.67 26.90 -38.73
C ILE B 202 3.56 28.39 -38.99
N GLY B 203 3.81 29.20 -37.97
CA GLY B 203 3.72 30.64 -38.10
C GLY B 203 4.91 31.23 -38.82
N GLY B 204 5.24 32.46 -38.45
CA GLY B 204 6.38 33.14 -39.02
C GLY B 204 7.48 33.34 -37.99
N GLY B 205 7.21 32.94 -36.76
CA GLY B 205 8.21 33.01 -35.72
C GLY B 205 8.49 31.65 -35.12
N THR B 206 7.44 30.95 -34.72
CA THR B 206 7.55 29.58 -34.23
C THR B 206 6.66 28.67 -35.06
N SER B 207 6.99 27.37 -35.01
CA SER B 207 6.21 26.32 -35.65
C SER B 207 5.77 25.38 -34.52
N ASP B 208 4.59 25.62 -33.97
CA ASP B 208 4.11 24.88 -32.83
C ASP B 208 3.26 23.69 -33.27
N ILE B 209 3.67 22.49 -32.89
CA ILE B 209 2.87 21.29 -33.11
C ILE B 209 2.20 20.95 -31.79
N CYS B 210 0.94 20.55 -31.85
CA CYS B 210 0.14 20.35 -30.64
C CYS B 210 -0.83 19.21 -30.84
N LEU B 211 -0.93 18.35 -29.83
CA LEU B 211 -1.91 17.26 -29.79
C LEU B 211 -3.22 17.82 -29.24
N VAL B 212 -4.12 18.24 -30.13
CA VAL B 212 -5.39 18.80 -29.71
C VAL B 212 -6.38 17.66 -29.56
N GLN B 213 -6.60 17.22 -28.33
CA GLN B 213 -7.36 16.00 -28.06
C GLN B 213 -8.62 16.26 -27.23
N GLY B 214 -9.27 17.40 -27.48
CA GLY B 214 -10.55 17.73 -26.88
C GLY B 214 -10.45 18.68 -25.71
N TYR B 215 -9.33 18.69 -25.01
CA TYR B 215 -9.17 19.48 -23.80
C TYR B 215 -7.96 20.40 -23.94
N PHE B 216 -7.75 21.23 -22.92
CA PHE B 216 -6.60 22.12 -22.88
C PHE B 216 -5.32 21.31 -22.92
N PRO B 217 -4.43 21.54 -23.90
CA PRO B 217 -3.26 20.66 -24.06
C PRO B 217 -2.26 20.86 -22.93
N GLY B 218 -1.74 19.74 -22.44
CA GLY B 218 -0.71 19.78 -21.42
C GLY B 218 0.63 20.19 -21.99
N PRO B 219 1.60 20.36 -21.10
CA PRO B 219 2.94 20.73 -21.55
C PRO B 219 3.62 19.69 -22.40
N ASP B 220 3.20 18.43 -22.33
CA ASP B 220 3.78 17.37 -23.14
C ASP B 220 3.01 17.12 -24.43
N ASP B 221 1.85 17.73 -24.60
CA ASP B 221 1.05 17.60 -25.81
C ASP B 221 1.46 18.58 -26.90
N GLN B 222 2.51 19.37 -26.68
CA GLN B 222 2.88 20.42 -27.62
C GLN B 222 4.38 20.64 -27.60
N ILE B 223 4.95 20.86 -28.78
CA ILE B 223 6.35 21.26 -28.93
C ILE B 223 6.39 22.50 -29.81
N SER B 224 7.15 23.51 -29.36
CA SER B 224 7.34 24.74 -30.10
C SER B 224 8.78 24.81 -30.59
N ILE B 225 8.96 24.97 -31.89
CA ILE B 225 10.28 25.11 -32.51
C ILE B 225 10.42 26.53 -33.02
N PRO B 226 11.43 27.28 -32.61
CA PRO B 226 11.62 28.66 -33.08
C PRO B 226 12.12 28.76 -34.52
N PHE B 227 11.65 27.84 -35.37
CA PHE B 227 12.02 27.82 -36.78
C PHE B 227 10.75 27.84 -37.59
N ALA B 228 10.50 28.94 -38.30
CA ALA B 228 9.28 29.06 -39.09
C ALA B 228 9.55 30.01 -40.26
N GLY B 229 8.63 30.93 -40.51
CA GLY B 229 8.76 31.82 -41.66
C GLY B 229 9.97 32.72 -41.58
N ASP B 230 10.23 33.29 -40.40
CA ASP B 230 11.39 34.18 -40.25
C ASP B 230 12.70 33.43 -40.37
N ALA B 231 12.74 32.17 -39.92
CA ALA B 231 13.94 31.35 -40.10
C ALA B 231 14.21 31.01 -41.55
N ILE B 232 13.18 30.71 -42.34
CA ILE B 232 13.38 30.50 -43.76
C ILE B 232 13.76 31.80 -44.45
N ASP B 233 13.20 32.93 -44.00
CA ASP B 233 13.63 34.23 -44.51
C ASP B 233 15.11 34.45 -44.25
N GLN B 234 15.57 34.11 -43.05
CA GLN B 234 16.98 34.29 -42.72
C GLN B 234 17.86 33.35 -43.54
N LEU B 235 17.43 32.10 -43.71
CA LEU B 235 18.18 31.17 -44.54
C LEU B 235 18.30 31.64 -45.98
N LEU B 236 17.21 32.20 -46.54
CA LEU B 236 17.27 32.79 -47.87
C LEU B 236 18.15 34.03 -47.92
N GLN B 237 18.07 34.88 -46.91
CA GLN B 237 18.96 36.04 -46.85
C GLN B 237 20.43 35.62 -46.86
N GLU B 238 20.77 34.56 -46.11
CA GLU B 238 22.14 34.10 -46.09
C GLU B 238 22.53 33.45 -47.42
N GLU B 239 21.67 32.60 -47.98
CA GLU B 239 21.98 31.97 -49.25
C GLU B 239 22.01 32.96 -50.42
N LEU B 240 21.44 34.15 -50.23
CA LEU B 240 21.49 35.20 -51.24
C LEU B 240 22.68 36.14 -51.05
N ASN B 241 23.01 36.49 -49.80
CA ASN B 241 24.21 37.26 -49.52
C ASN B 241 25.48 36.42 -49.67
N ARG B 242 25.35 35.11 -49.87
CA ARG B 242 26.49 34.25 -50.08
C ARG B 242 26.78 33.98 -51.54
N THR B 243 25.75 33.96 -52.38
CA THR B 243 25.92 33.79 -53.81
C THR B 243 25.82 35.09 -54.59
N TYR B 244 24.91 35.98 -54.21
CA TYR B 244 24.74 37.29 -54.84
C TYR B 244 25.06 38.36 -53.80
N PRO B 245 26.34 38.62 -53.55
CA PRO B 245 26.72 39.47 -52.42
C PRO B 245 26.29 40.92 -52.63
N ASN B 246 26.01 41.59 -51.52
CA ASN B 246 25.58 42.98 -51.53
C ASN B 246 24.41 43.18 -52.49
N ASN B 247 23.44 42.26 -52.43
CA ASN B 247 22.28 42.36 -53.30
C ASN B 247 21.33 43.46 -52.85
N GLY B 248 21.35 43.81 -51.57
CA GLY B 248 20.48 44.84 -51.05
C GLY B 248 19.04 44.43 -50.87
N LEU B 249 18.67 43.19 -51.18
CA LEU B 249 17.31 42.74 -50.99
C LEU B 249 16.95 42.74 -49.51
N SER B 250 15.97 43.55 -49.14
CA SER B 250 15.55 43.63 -47.76
C SER B 250 14.85 42.34 -47.35
N LEU B 251 14.68 42.16 -46.04
CA LEU B 251 13.97 40.99 -45.55
C LEU B 251 12.53 40.98 -46.01
N HIS B 252 11.94 42.16 -46.21
CA HIS B 252 10.57 42.25 -46.71
C HIS B 252 10.44 41.81 -48.16
N LYS B 253 11.54 41.76 -48.91
CA LYS B 253 11.52 41.24 -50.28
CA LYS B 253 11.52 41.24 -50.28
C LYS B 253 11.99 39.80 -50.35
N VAL B 254 12.99 39.43 -49.55
CA VAL B 254 13.36 38.03 -49.41
C VAL B 254 12.21 37.21 -48.86
N ARG B 255 11.28 37.84 -48.15
CA ARG B 255 10.06 37.20 -47.69
C ARG B 255 9.05 37.02 -48.82
N GLU B 256 8.85 38.05 -49.66
CA GLU B 256 7.96 37.89 -50.80
C GLU B 256 8.47 36.86 -51.80
N ILE B 257 9.79 36.77 -51.98
CA ILE B 257 10.35 35.71 -52.81
C ILE B 257 9.92 34.35 -52.29
N LYS B 258 9.96 34.16 -50.97
CA LYS B 258 9.58 32.88 -50.38
C LYS B 258 8.09 32.63 -50.49
N GLU B 259 7.27 33.66 -50.25
CA GLU B 259 5.83 33.47 -50.37
C GLU B 259 5.40 33.18 -51.81
N ALA B 260 6.07 33.76 -52.79
CA ALA B 260 5.69 33.58 -54.18
C ALA B 260 6.26 32.33 -54.82
N HIS B 261 7.48 31.94 -54.46
CA HIS B 261 8.15 30.83 -55.11
C HIS B 261 8.65 29.76 -54.15
N GLY B 262 8.65 30.01 -52.85
CA GLY B 262 9.15 29.02 -51.91
C GLY B 262 8.35 27.75 -51.92
N TYR B 263 9.04 26.63 -51.77
CA TYR B 263 8.43 25.32 -51.87
C TYR B 263 9.26 24.33 -51.06
N VAL B 264 8.60 23.26 -50.62
CA VAL B 264 9.28 22.18 -49.93
C VAL B 264 9.21 20.93 -50.80
N GLY B 265 10.23 20.09 -50.67
CA GLY B 265 10.33 18.87 -51.45
C GLY B 265 11.55 18.87 -52.34
N PRO B 266 11.51 18.08 -53.41
CA PRO B 266 12.65 18.05 -54.33
C PRO B 266 12.84 19.38 -55.04
N SER B 267 14.07 19.65 -55.43
CA SER B 267 14.40 20.91 -56.07
C SER B 267 13.66 21.05 -57.40
N ARG B 268 13.27 22.28 -57.72
CA ARG B 268 12.59 22.61 -58.96
C ARG B 268 13.46 23.59 -59.74
N LYS B 269 14.09 23.10 -60.81
CA LYS B 269 14.94 23.92 -61.65
C LYS B 269 14.52 23.77 -63.10
N PRO B 270 14.54 24.87 -63.88
CA PRO B 270 14.89 26.20 -63.41
C PRO B 270 13.69 26.96 -62.84
N LEU B 271 13.92 27.75 -61.79
CA LEU B 271 12.89 28.57 -61.16
C LEU B 271 13.45 29.99 -61.10
N ASP B 272 13.02 30.83 -62.04
CA ASP B 272 13.57 32.17 -62.17
C ASP B 272 12.78 33.15 -61.32
N VAL B 273 13.48 33.90 -60.47
CA VAL B 273 12.89 34.92 -59.62
C VAL B 273 13.39 36.27 -60.11
N LYS B 274 12.47 37.13 -60.52
CA LYS B 274 12.82 38.46 -61.00
C LYS B 274 12.92 39.39 -59.80
N VAL B 275 14.13 39.88 -59.53
CA VAL B 275 14.40 40.75 -58.40
C VAL B 275 15.00 42.05 -58.93
N VAL B 276 15.21 42.99 -58.01
CA VAL B 276 15.79 44.30 -58.32
C VAL B 276 17.02 44.45 -57.41
N ILE B 277 18.20 44.27 -57.98
CA ILE B 277 19.46 44.31 -57.24
C ILE B 277 20.21 45.56 -57.66
N GLY B 278 20.26 46.55 -56.79
CA GLY B 278 20.98 47.78 -57.10
C GLY B 278 20.31 48.64 -58.13
N GLY B 279 18.97 48.64 -58.16
CA GLY B 279 18.25 49.45 -59.11
C GLY B 279 17.98 48.73 -60.42
N LYS B 280 18.80 47.73 -60.73
CA LYS B 280 18.70 47.00 -61.99
C LYS B 280 17.91 45.72 -61.80
N ALA B 281 17.10 45.39 -62.80
CA ALA B 281 16.24 44.22 -62.75
C ALA B 281 17.03 42.99 -63.18
N HIS B 282 17.24 42.07 -62.24
CA HIS B 282 17.95 40.82 -62.51
C HIS B 282 16.98 39.65 -62.38
N THR B 283 17.38 38.52 -62.95
CA THR B 283 16.56 37.30 -62.93
C THR B 283 17.42 36.19 -62.34
N LEU B 284 17.30 35.98 -61.03
CA LEU B 284 18.10 34.97 -60.36
C LEU B 284 17.49 33.59 -60.55
N GLU B 285 18.32 32.57 -60.36
CA GLU B 285 17.89 31.18 -60.37
C GLU B 285 17.96 30.68 -58.92
N LEU B 286 16.80 30.56 -58.28
CA LEU B 286 16.70 30.21 -56.87
C LEU B 286 15.93 28.93 -56.64
N GLY B 287 16.07 27.96 -57.55
CA GLY B 287 15.41 26.68 -57.34
C GLY B 287 15.99 25.96 -56.14
N ASP B 288 17.29 25.67 -56.18
CA ASP B 288 17.95 25.03 -55.06
C ASP B 288 17.94 25.92 -53.83
N THR B 289 18.01 27.24 -54.00
CA THR B 289 18.04 28.14 -52.84
C THR B 289 16.75 28.05 -52.05
N LEU B 290 15.60 28.22 -52.70
CA LEU B 290 14.33 28.10 -52.01
C LEU B 290 14.10 26.67 -51.53
N ALA B 291 14.54 25.69 -52.31
CA ALA B 291 14.40 24.30 -51.86
C ALA B 291 15.10 24.08 -50.53
N ARG B 292 16.38 24.45 -50.43
CA ARG B 292 17.13 24.27 -49.20
C ARG B 292 16.60 25.15 -48.08
N ALA B 293 16.07 26.33 -48.41
CA ALA B 293 15.57 27.22 -47.37
C ALA B 293 14.29 26.67 -46.75
N CYS B 294 13.37 26.16 -47.57
CA CYS B 294 12.09 25.73 -47.04
C CYS B 294 12.11 24.27 -46.58
N ASN B 295 13.06 23.46 -47.07
CA ASN B 295 13.14 22.09 -46.60
C ASN B 295 13.76 21.99 -45.21
N ALA B 296 14.52 23.01 -44.81
CA ALA B 296 15.01 23.06 -43.43
C ALA B 296 13.85 23.16 -42.44
N LEU B 297 12.75 23.82 -42.83
CA LEU B 297 11.58 23.86 -41.97
C LEU B 297 11.03 22.45 -41.75
N ILE B 298 10.95 21.64 -42.81
CA ILE B 298 10.50 20.27 -42.65
C ILE B 298 11.46 19.48 -41.79
N ASP B 299 12.77 19.61 -42.06
CA ASP B 299 13.78 18.94 -41.26
C ASP B 299 13.75 19.34 -39.79
N LYS B 300 13.23 20.53 -39.48
CA LYS B 300 13.12 20.97 -38.09
C LYS B 300 11.81 20.50 -37.43
N ILE B 301 10.70 20.58 -38.16
CA ILE B 301 9.40 20.31 -37.55
C ILE B 301 9.00 18.84 -37.65
N TYR B 302 9.74 18.03 -38.39
CA TYR B 302 9.37 16.62 -38.50
C TYR B 302 9.81 15.82 -37.28
N PRO B 303 11.01 16.02 -36.73
CA PRO B 303 11.36 15.34 -35.47
C PRO B 303 10.42 15.64 -34.33
N ALA B 304 9.82 16.83 -34.30
CA ALA B 304 8.82 17.17 -33.30
C ALA B 304 7.40 16.78 -33.72
N LEU B 305 7.18 16.58 -35.01
CA LEU B 305 5.91 16.02 -35.46
C LEU B 305 5.79 14.56 -35.05
N THR B 306 6.79 13.75 -35.41
CA THR B 306 6.79 12.34 -35.03
C THR B 306 6.87 12.16 -33.52
N THR B 307 7.49 13.10 -32.80
CA THR B 307 7.55 12.98 -31.34
C THR B 307 6.17 12.97 -30.73
N LEU B 308 5.30 13.90 -31.14
CA LEU B 308 3.93 13.91 -30.62
C LEU B 308 3.08 12.82 -31.24
N ILE B 309 3.38 12.40 -32.47
CA ILE B 309 2.65 11.25 -33.02
C ILE B 309 2.90 10.01 -32.17
N GLN B 310 4.13 9.83 -31.70
CA GLN B 310 4.45 8.71 -30.83
C GLN B 310 4.15 8.98 -29.36
N ARG B 311 3.83 10.23 -29.01
CA ARG B 311 3.37 10.55 -27.66
C ARG B 311 1.89 10.31 -27.47
N ALA B 312 1.10 10.33 -28.54
CA ALA B 312 -0.34 10.13 -28.43
C ALA B 312 -0.64 8.70 -27.99
N SER B 313 -1.77 8.54 -27.30
CA SER B 313 -2.20 7.22 -26.86
C SER B 313 -2.49 6.34 -28.05
N SER B 314 -2.05 5.08 -27.97
CA SER B 314 -2.22 4.14 -29.08
C SER B 314 -3.69 3.95 -29.45
N ASP B 315 -4.61 4.17 -28.51
CA ASP B 315 -6.03 4.01 -28.82
C ASP B 315 -6.50 5.06 -29.82
N SER B 316 -5.84 6.22 -29.87
CA SER B 316 -6.30 7.34 -30.67
C SER B 316 -5.33 7.79 -31.75
N VAL B 317 -4.15 7.19 -31.85
CA VAL B 317 -3.17 7.66 -32.82
C VAL B 317 -3.57 7.31 -34.24
N VAL B 318 -4.36 6.26 -34.45
CA VAL B 318 -4.77 5.90 -35.79
C VAL B 318 -5.72 6.95 -36.36
N THR B 319 -6.49 7.60 -35.49
CA THR B 319 -7.34 8.71 -35.91
C THR B 319 -6.55 10.02 -35.94
N LEU B 320 -5.58 10.16 -35.03
CA LEU B 320 -4.72 11.33 -35.02
C LEU B 320 -4.00 11.49 -36.35
N LEU B 321 -3.47 10.38 -36.90
CA LEU B 321 -2.78 10.44 -38.17
C LEU B 321 -3.73 10.79 -39.31
N GLN B 322 -5.00 10.42 -39.19
CA GLN B 322 -5.98 10.81 -40.19
C GLN B 322 -6.40 12.27 -40.04
N ASN B 323 -6.19 12.87 -38.87
CA ASN B 323 -6.51 14.27 -38.65
C ASN B 323 -5.26 15.08 -38.31
N ILE B 324 -4.29 15.11 -39.22
CA ILE B 324 -3.15 16.01 -39.08
C ILE B 324 -3.43 17.27 -39.90
N ILE B 325 -3.40 18.43 -39.24
CA ILE B 325 -3.82 19.69 -39.85
C ILE B 325 -2.70 20.70 -39.70
N ILE B 326 -2.38 21.38 -40.80
CA ILE B 326 -1.35 22.41 -40.82
C ILE B 326 -2.02 23.77 -40.91
N THR B 327 -1.72 24.65 -39.95
CA THR B 327 -2.25 26.01 -39.99
C THR B 327 -1.12 27.02 -39.91
N GLY B 328 -1.47 28.29 -39.77
CA GLY B 328 -0.47 29.35 -39.78
C GLY B 328 -0.01 29.69 -41.18
N GLY B 329 0.83 30.72 -41.30
CA GLY B 329 1.32 31.11 -42.61
C GLY B 329 2.06 29.99 -43.33
N GLY B 330 2.86 29.22 -42.60
CA GLY B 330 3.64 28.15 -43.20
C GLY B 330 2.81 27.03 -43.80
N SER B 331 1.50 27.01 -43.57
CA SER B 331 0.65 26.07 -44.27
C SER B 331 0.53 26.40 -45.74
N GLN B 332 0.79 27.65 -46.12
CA GLN B 332 0.68 28.10 -47.50
C GLN B 332 1.90 27.75 -48.34
N ILE B 333 2.92 27.13 -47.77
CA ILE B 333 4.09 26.73 -48.54
C ILE B 333 3.68 25.70 -49.57
N LYS B 334 4.19 25.84 -50.79
CA LYS B 334 3.78 25.01 -51.90
C LYS B 334 4.17 23.55 -51.68
N GLY B 335 3.19 22.70 -51.42
CA GLY B 335 3.44 21.28 -51.28
C GLY B 335 3.93 20.82 -49.94
N ILE B 336 3.48 21.47 -48.86
CA ILE B 336 3.91 21.07 -47.52
C ILE B 336 3.06 19.95 -46.94
N ASP B 337 1.75 19.93 -47.24
CA ASP B 337 0.91 18.83 -46.76
C ASP B 337 1.23 17.53 -47.47
N THR B 338 1.42 17.57 -48.80
CA THR B 338 1.81 16.38 -49.53
C THR B 338 3.17 15.87 -49.09
N LEU B 339 4.12 16.77 -48.88
CA LEU B 339 5.46 16.34 -48.45
C LEU B 339 5.41 15.72 -47.06
N LEU B 340 4.68 16.34 -46.13
CA LEU B 340 4.62 15.78 -44.79
C LEU B 340 3.86 14.47 -44.76
N GLN B 341 2.81 14.33 -45.57
CA GLN B 341 2.11 13.05 -45.65
C GLN B 341 3.00 11.98 -46.26
N LYS B 342 3.82 12.35 -47.25
CA LYS B 342 4.76 11.38 -47.81
C LYS B 342 5.79 10.95 -46.78
N LYS B 343 6.36 11.91 -46.05
CA LYS B 343 7.37 11.58 -45.04
C LYS B 343 6.78 10.74 -43.93
N LEU B 344 5.51 10.95 -43.57
CA LEU B 344 4.89 10.14 -42.54
C LEU B 344 4.50 8.76 -43.06
N THR B 345 4.20 8.66 -44.35
CA THR B 345 3.85 7.36 -44.92
C THR B 345 5.09 6.48 -45.08
N GLU B 346 6.20 7.05 -45.57
CA GLU B 346 7.41 6.27 -45.73
C GLU B 346 7.99 5.83 -44.39
N ASP B 347 7.68 6.55 -43.31
CA ASP B 347 8.16 6.15 -41.99
C ASP B 347 7.31 5.07 -41.35
N GLY B 348 6.24 4.63 -42.00
CA GLY B 348 5.46 3.52 -41.51
C GLY B 348 4.26 3.88 -40.67
N PHE B 349 3.95 5.17 -40.50
CA PHE B 349 2.76 5.55 -39.75
C PHE B 349 1.51 5.11 -40.49
N GLU B 350 0.54 4.58 -39.72
CA GLU B 350 -0.62 3.95 -40.33
C GLU B 350 -1.51 4.95 -41.05
N SER B 351 -1.32 5.07 -42.37
CA SER B 351 -2.15 5.87 -43.26
C SER B 351 -2.35 7.28 -42.74
N PRO B 352 -1.32 8.11 -42.70
CA PRO B 352 -1.50 9.50 -42.28
C PRO B 352 -2.21 10.30 -43.36
N LYS B 353 -2.86 11.38 -42.92
CA LYS B 353 -3.58 12.27 -43.82
C LYS B 353 -3.36 13.69 -43.34
N VAL B 354 -2.35 14.35 -43.91
CA VAL B 354 -2.03 15.73 -43.56
C VAL B 354 -2.90 16.65 -44.39
N ARG B 355 -3.59 17.57 -43.71
CA ARG B 355 -4.52 18.50 -44.32
C ARG B 355 -4.11 19.93 -44.00
N LEU B 356 -4.41 20.84 -44.91
CA LEU B 356 -4.18 22.25 -44.70
C LEU B 356 -5.38 22.87 -43.99
N ALA B 357 -5.11 23.88 -43.16
CA ALA B 357 -6.18 24.53 -42.41
C ALA B 357 -7.23 25.11 -43.34
N GLY B 358 -6.82 26.00 -44.23
CA GLY B 358 -7.71 26.60 -45.19
C GLY B 358 -7.26 27.99 -45.53
N HIS B 359 -8.16 28.73 -46.19
CA HIS B 359 -7.84 30.09 -46.60
C HIS B 359 -7.73 31.03 -45.41
N ASP B 360 -8.54 30.82 -44.39
CA ASP B 360 -8.62 31.72 -43.23
C ASP B 360 -7.60 31.35 -42.17
N TYR B 361 -6.37 31.07 -42.59
CA TYR B 361 -5.31 30.68 -41.66
C TYR B 361 -4.85 31.83 -40.77
N LYS B 362 -5.25 33.06 -41.06
CA LYS B 362 -4.82 34.21 -40.27
CA LYS B 362 -4.81 34.19 -40.26
C LYS B 362 -5.72 34.47 -39.07
N ARG B 363 -7.01 34.19 -39.20
CA ARG B 363 -7.96 34.45 -38.12
C ARG B 363 -8.21 33.24 -37.24
N TYR B 364 -7.63 32.08 -37.56
CA TYR B 364 -7.94 30.87 -36.81
C TYR B 364 -7.51 30.98 -35.35
N VAL B 365 -6.31 31.51 -35.09
CA VAL B 365 -5.90 31.70 -33.71
C VAL B 365 -6.73 32.78 -33.03
N ALA B 366 -7.09 33.84 -33.77
CA ALA B 366 -7.93 34.89 -33.19
C ALA B 366 -9.37 34.42 -32.99
N LEU B 367 -9.93 33.67 -33.95
CA LEU B 367 -11.25 33.08 -33.74
C LEU B 367 -11.25 32.13 -32.57
N GLY B 368 -10.20 31.31 -32.43
CA GLY B 368 -10.13 30.41 -31.28
C GLY B 368 -9.98 31.14 -29.97
N ALA B 369 -9.22 32.24 -29.96
CA ALA B 369 -9.08 33.01 -28.72
C ALA B 369 -10.37 33.74 -28.37
N LEU B 370 -11.15 34.11 -29.38
CA LEU B 370 -12.45 34.73 -29.11
C LEU B 370 -13.45 33.70 -28.62
N LYS B 371 -13.41 32.49 -29.17
CA LYS B 371 -14.25 31.41 -28.66
C LYS B 371 -13.86 31.01 -27.25
N ALA B 372 -12.56 31.08 -26.92
CA ALA B 372 -12.10 30.80 -25.58
C ALA B 372 -12.36 31.95 -24.61
N ALA B 373 -12.55 33.17 -25.13
CA ALA B 373 -12.93 34.28 -24.27
C ALA B 373 -14.40 34.18 -23.87
N ARG B 374 -15.27 33.89 -24.84
CA ARG B 374 -16.69 33.75 -24.54
C ARG B 374 -16.99 32.51 -23.71
N ALA B 375 -16.11 31.51 -23.72
CA ALA B 375 -16.28 30.31 -22.91
C ALA B 375 -15.42 30.31 -21.66
N ALA B 376 -14.67 31.37 -21.39
CA ALA B 376 -13.83 31.42 -20.21
C ALA B 376 -14.67 31.72 -18.98
N ARG B 377 -14.45 30.95 -17.91
CA ARG B 377 -15.13 31.20 -16.65
C ARG B 377 -14.64 32.50 -16.04
N GLU B 378 -15.39 32.99 -15.04
CA GLU B 378 -15.01 34.21 -14.36
C GLU B 378 -13.69 34.05 -13.62
N ASN B 379 -13.38 32.83 -13.18
CA ASN B 379 -12.14 32.56 -12.46
C ASN B 379 -10.97 32.24 -13.38
N GLN B 380 -11.20 32.16 -14.69
CA GLN B 380 -10.13 31.90 -15.64
C GLN B 380 -9.41 33.17 -16.09
N TRP B 381 -10.04 34.33 -15.92
CA TRP B 381 -9.43 35.57 -16.34
C TRP B 381 -8.34 36.01 -15.37
N GLN B 382 -7.20 36.39 -15.91
CA GLN B 382 -6.07 36.82 -15.09
C GLN B 382 -6.06 38.33 -14.95
N VAL B 383 -5.95 38.80 -13.72
CA VAL B 383 -5.95 40.22 -13.43
C VAL B 383 -4.55 40.76 -13.63
N LEU B 384 -4.46 41.90 -14.33
CA LEU B 384 -3.18 42.52 -14.66
C LEU B 384 -3.00 43.74 -13.77
N LEU B 385 -2.14 43.61 -12.75
CA LEU B 385 -1.82 44.70 -11.84
C LEU B 385 -0.32 44.96 -11.88
N GLY B 386 0.06 46.19 -11.55
CA GLY B 386 1.47 46.55 -11.54
C GLY B 386 1.73 47.95 -12.09
N THR C 34 -46.14 4.23 -3.89
CA THR C 34 -44.94 4.03 -4.70
C THR C 34 -44.85 2.59 -5.19
N LYS C 35 -43.99 2.36 -6.18
CA LYS C 35 -43.81 1.03 -6.74
C LYS C 35 -42.41 0.51 -6.42
N THR C 36 -42.31 -0.80 -6.26
CA THR C 36 -41.04 -1.46 -5.93
C THR C 36 -40.48 -2.13 -7.17
N VAL C 37 -39.17 -1.93 -7.40
CA VAL C 37 -38.48 -2.47 -8.56
C VAL C 37 -37.36 -3.36 -8.04
N LEU C 38 -37.46 -4.66 -8.30
CA LEU C 38 -36.40 -5.59 -7.92
C LEU C 38 -35.34 -5.58 -9.00
N VAL C 39 -34.09 -5.37 -8.60
CA VAL C 39 -32.98 -5.15 -9.52
C VAL C 39 -31.95 -6.24 -9.27
N GLY C 40 -31.76 -7.10 -10.27
CA GLY C 40 -30.64 -8.02 -10.25
C GLY C 40 -29.40 -7.31 -10.76
N PHE C 41 -28.44 -7.10 -9.88
CA PHE C 41 -27.27 -6.29 -10.14
C PHE C 41 -26.04 -7.19 -10.14
N ASP C 42 -25.30 -7.20 -11.26
CA ASP C 42 -24.04 -7.91 -11.37
C ASP C 42 -22.98 -6.82 -11.48
N PHE C 43 -22.43 -6.43 -10.33
CA PHE C 43 -21.38 -5.41 -10.26
C PHE C 43 -20.07 -6.09 -10.62
N GLY C 44 -19.67 -5.97 -11.88
CA GLY C 44 -18.49 -6.65 -12.35
C GLY C 44 -17.24 -5.79 -12.34
N THR C 45 -16.10 -6.46 -12.47
CA THR C 45 -14.83 -5.74 -12.58
C THR C 45 -14.66 -5.14 -13.97
N ASN C 46 -15.11 -5.84 -15.01
CA ASN C 46 -15.02 -5.37 -16.39
CA ASN C 46 -15.01 -5.35 -16.37
C ASN C 46 -16.33 -4.81 -16.90
N LYS C 47 -17.43 -5.54 -16.68
CA LYS C 47 -18.75 -5.10 -17.10
C LYS C 47 -19.75 -5.41 -15.99
N SER C 48 -20.61 -4.46 -15.68
CA SER C 48 -21.71 -4.66 -14.74
C SER C 48 -23.01 -4.71 -15.51
N CYS C 49 -23.86 -5.67 -15.16
CA CYS C 49 -25.12 -5.87 -15.87
C CYS C 49 -26.26 -5.70 -14.89
N VAL C 50 -27.19 -4.80 -15.21
CA VAL C 50 -28.29 -4.45 -14.33
C VAL C 50 -29.60 -4.85 -14.99
N LEU C 51 -30.41 -5.64 -14.29
CA LEU C 51 -31.74 -6.02 -14.72
C LEU C 51 -32.75 -5.52 -13.70
N ALA C 52 -33.91 -5.10 -14.18
CA ALA C 52 -34.93 -4.53 -13.32
C ALA C 52 -36.30 -5.06 -13.72
N GLY C 53 -37.06 -5.49 -12.73
CA GLY C 53 -38.41 -5.99 -12.97
C GLY C 53 -39.32 -5.77 -11.77
N THR C 54 -40.63 -5.74 -12.01
CA THR C 54 -41.57 -5.59 -10.91
C THR C 54 -41.73 -6.91 -10.16
N ALA C 55 -42.44 -6.84 -9.04
CA ALA C 55 -42.70 -8.02 -8.24
C ALA C 55 -43.86 -8.83 -8.82
N GLY C 56 -43.83 -10.12 -8.54
CA GLY C 56 -44.90 -11.01 -9.02
C GLY C 56 -44.79 -11.46 -10.45
N ALA C 57 -44.40 -10.56 -11.34
CA ALA C 57 -44.24 -10.90 -12.75
C ALA C 57 -42.96 -11.71 -12.94
N THR C 58 -42.71 -12.10 -14.19
CA THR C 58 -41.48 -12.79 -14.55
C THR C 58 -40.75 -12.16 -15.72
N ASP C 59 -41.34 -11.18 -16.40
CA ASP C 59 -40.67 -10.49 -17.48
C ASP C 59 -39.59 -9.56 -16.93
N ILE C 60 -38.77 -9.04 -17.83
CA ILE C 60 -37.61 -8.24 -17.48
C ILE C 60 -37.79 -6.85 -18.09
N ALA C 61 -38.10 -5.88 -17.24
CA ALA C 61 -38.37 -4.53 -17.73
C ALA C 61 -37.11 -3.88 -18.31
N ILE C 62 -36.06 -3.79 -17.50
CA ILE C 62 -34.81 -3.15 -17.90
C ILE C 62 -33.72 -4.22 -17.91
N SER C 63 -32.84 -4.15 -18.92
CA SER C 63 -31.71 -5.08 -19.01
C SER C 63 -30.58 -4.36 -19.74
N LYS C 64 -29.61 -3.87 -18.98
CA LYS C 64 -28.48 -3.13 -19.54
C LYS C 64 -27.18 -3.78 -19.14
N ILE C 65 -26.20 -3.74 -20.04
CA ILE C 65 -24.86 -4.28 -19.80
C ILE C 65 -23.90 -3.11 -20.01
N VAL C 66 -23.45 -2.50 -18.93
CA VAL C 66 -22.64 -1.30 -18.95
C VAL C 66 -21.24 -1.66 -18.50
N PRO C 67 -20.20 -1.39 -19.30
CA PRO C 67 -18.84 -1.67 -18.84
C PRO C 67 -18.51 -0.92 -17.56
N THR C 68 -18.05 -1.65 -16.55
CA THR C 68 -17.75 -1.04 -15.26
C THR C 68 -16.57 -0.09 -15.41
N VAL C 69 -16.85 1.16 -15.76
CA VAL C 69 -15.83 2.19 -15.89
C VAL C 69 -16.51 3.54 -15.72
N VAL C 70 -15.80 4.49 -15.11
CA VAL C 70 -16.29 5.85 -14.93
C VAL C 70 -15.25 6.80 -15.48
N GLY C 71 -15.61 7.54 -16.52
CA GLY C 71 -14.70 8.52 -17.08
C GLY C 71 -15.03 9.93 -16.63
N TYR C 72 -14.15 10.52 -15.84
CA TYR C 72 -14.32 11.89 -15.40
C TYR C 72 -13.73 12.79 -16.48
N VAL C 73 -14.58 13.60 -17.12
CA VAL C 73 -14.15 14.44 -18.21
C VAL C 73 -12.99 15.33 -17.76
N LYS C 74 -11.93 15.35 -18.56
CA LYS C 74 -10.69 16.02 -18.17
C LYS C 74 -10.90 17.53 -18.05
N GLU C 75 -10.05 18.15 -17.23
CA GLU C 75 -10.13 19.58 -17.01
C GLU C 75 -9.71 20.33 -18.26
N GLY C 76 -10.48 21.36 -18.60
CA GLY C 76 -10.24 22.13 -19.79
C GLY C 76 -10.90 21.61 -21.04
N ILE C 77 -11.86 20.69 -20.91
CA ILE C 77 -12.53 20.11 -22.06
C ILE C 77 -13.27 21.20 -22.83
N VAL C 78 -13.20 21.13 -24.14
CA VAL C 78 -13.90 22.08 -25.01
C VAL C 78 -15.37 21.71 -25.07
N ASP C 79 -16.23 22.74 -25.12
CA ASP C 79 -17.66 22.51 -25.24
C ASP C 79 -17.98 21.82 -26.56
N GLY C 80 -18.83 20.80 -26.51
CA GLY C 80 -19.22 20.06 -27.69
C GLY C 80 -18.40 18.82 -27.96
N ILE C 81 -17.28 18.62 -27.27
CA ILE C 81 -16.49 17.41 -27.47
C ILE C 81 -17.25 16.20 -26.93
N VAL C 82 -17.75 16.30 -25.70
CA VAL C 82 -18.58 15.27 -25.09
C VAL C 82 -20.03 15.65 -25.29
N ALA C 83 -20.82 14.71 -25.82
CA ALA C 83 -22.22 14.99 -26.12
C ALA C 83 -22.97 15.38 -24.86
N GLY C 84 -23.57 16.57 -24.87
CA GLY C 84 -24.29 17.09 -23.73
C GLY C 84 -23.44 17.79 -22.71
N ASN C 85 -22.13 17.91 -22.95
CA ASN C 85 -21.19 18.54 -22.02
C ASN C 85 -21.24 17.87 -20.64
N ARG C 86 -21.50 16.57 -20.62
CA ARG C 86 -21.49 15.83 -19.36
C ARG C 86 -20.08 15.77 -18.81
N SER C 87 -19.96 15.85 -17.48
CA SER C 87 -18.66 15.81 -16.83
C SER C 87 -18.31 14.42 -16.30
N VAL C 88 -19.28 13.52 -16.17
CA VAL C 88 -19.04 12.15 -15.74
C VAL C 88 -19.71 11.23 -16.74
N LEU C 89 -18.94 10.33 -17.35
CA LEU C 89 -19.43 9.40 -18.35
C LEU C 89 -19.35 7.99 -17.78
N PHE C 90 -20.31 7.16 -18.12
CA PHE C 90 -20.38 5.81 -17.57
C PHE C 90 -20.47 4.79 -18.69
N GLY C 91 -19.69 3.72 -18.56
CA GLY C 91 -19.74 2.62 -19.49
C GLY C 91 -19.18 2.92 -20.86
N ASP C 92 -19.92 2.53 -21.89
CA ASP C 92 -19.47 2.78 -23.26
C ASP C 92 -19.27 4.27 -23.52
N ASP C 93 -20.12 5.12 -22.97
CA ASP C 93 -19.95 6.57 -23.12
C ASP C 93 -18.61 7.04 -22.57
N ALA C 94 -18.03 6.31 -21.62
CA ALA C 94 -16.71 6.63 -21.11
C ALA C 94 -15.60 5.90 -21.84
N LEU C 95 -15.92 4.84 -22.57
CA LEU C 95 -14.91 4.15 -23.36
C LEU C 95 -14.72 4.81 -24.72
N GLN C 96 -15.79 5.23 -25.37
CA GLN C 96 -15.67 6.00 -26.60
C GLN C 96 -15.00 7.35 -26.37
N ASN C 97 -15.22 7.96 -25.20
CA ASN C 97 -14.62 9.24 -24.85
C ASN C 97 -13.48 9.06 -23.86
N ARG C 98 -12.70 7.99 -24.00
CA ARG C 98 -11.58 7.76 -23.10
C ARG C 98 -10.40 8.67 -23.41
N LEU C 99 -10.41 9.35 -24.55
CA LEU C 99 -9.34 10.29 -24.87
C LEU C 99 -9.54 11.61 -24.15
N HIS C 100 -10.80 12.01 -23.93
CA HIS C 100 -11.12 13.25 -23.26
C HIS C 100 -11.41 13.08 -21.78
N ALA C 101 -11.49 11.85 -21.29
CA ALA C 101 -11.85 11.57 -19.91
C ALA C 101 -10.77 10.73 -19.23
N ARG C 102 -10.58 10.98 -17.94
CA ARG C 102 -9.74 10.14 -17.09
C ARG C 102 -10.60 8.98 -16.62
N LEU C 103 -10.28 7.79 -17.10
CA LEU C 103 -11.08 6.62 -16.76
C LEU C 103 -10.59 5.97 -15.47
N VAL C 104 -11.53 5.66 -14.59
CA VAL C 104 -11.26 4.93 -13.36
C VAL C 104 -12.20 3.75 -13.31
N ALA C 105 -11.64 2.56 -13.06
CA ALA C 105 -12.44 1.35 -12.93
C ALA C 105 -12.93 1.26 -11.50
N PRO C 106 -14.25 1.34 -11.26
CA PRO C 106 -14.75 1.27 -9.87
C PRO C 106 -14.35 0.01 -9.14
N MET C 107 -14.12 -1.10 -9.85
CA MET C 107 -13.97 -2.40 -9.25
C MET C 107 -12.64 -3.02 -9.68
N GLU C 108 -11.94 -3.63 -8.73
CA GLU C 108 -10.71 -4.35 -9.00
C GLU C 108 -10.70 -5.61 -8.15
N HIS C 109 -10.45 -6.75 -8.79
CA HIS C 109 -10.51 -8.06 -8.14
C HIS C 109 -11.90 -8.32 -7.56
N GLY C 110 -12.92 -7.94 -8.32
CA GLY C 110 -14.29 -8.20 -7.95
C GLY C 110 -14.76 -7.49 -6.69
N VAL C 111 -13.95 -6.59 -6.16
CA VAL C 111 -14.30 -5.83 -4.98
C VAL C 111 -14.13 -4.35 -5.29
N ILE C 112 -14.94 -3.51 -4.63
CA ILE C 112 -14.92 -2.09 -4.89
C ILE C 112 -13.58 -1.50 -4.45
N ALA C 113 -12.82 -0.97 -5.41
CA ALA C 113 -11.52 -0.38 -5.12
C ALA C 113 -11.54 1.13 -5.04
N HIS C 114 -12.44 1.80 -5.76
CA HIS C 114 -12.57 3.26 -5.75
C HIS C 114 -13.98 3.58 -5.29
N PRO C 115 -14.17 3.96 -4.03
CA PRO C 115 -15.54 4.14 -3.51
C PRO C 115 -16.32 5.26 -4.19
N ASP C 116 -15.66 6.38 -4.53
CA ASP C 116 -16.37 7.49 -5.14
C ASP C 116 -16.82 7.16 -6.56
N ALA C 117 -15.92 6.62 -7.38
CA ALA C 117 -16.30 6.17 -8.72
C ALA C 117 -17.32 5.05 -8.66
N ALA C 118 -17.21 4.16 -7.68
CA ALA C 118 -18.19 3.08 -7.55
C ALA C 118 -19.56 3.63 -7.20
N ARG C 119 -19.63 4.63 -6.33
CA ARG C 119 -20.93 5.22 -6.01
C ARG C 119 -21.51 5.99 -7.19
N ASP C 120 -20.67 6.73 -7.92
CA ASP C 120 -21.14 7.38 -9.14
C ASP C 120 -21.71 6.35 -10.12
N PHE C 121 -21.03 5.23 -10.26
CA PHE C 121 -21.42 4.21 -11.25
C PHE C 121 -22.71 3.52 -10.83
N VAL C 122 -22.84 3.19 -9.54
CA VAL C 122 -24.08 2.59 -9.05
C VAL C 122 -25.23 3.59 -9.14
N GLN C 123 -24.94 4.87 -8.94
CA GLN C 123 -25.98 5.89 -9.12
CA GLN C 123 -25.96 5.90 -9.12
C GLN C 123 -26.44 5.97 -10.56
N HIS C 124 -25.51 5.85 -11.52
CA HIS C 124 -25.88 5.82 -12.93
C HIS C 124 -26.72 4.59 -13.24
N LEU C 125 -26.31 3.42 -12.75
CA LEU C 125 -27.05 2.20 -13.03
C LEU C 125 -28.40 2.18 -12.33
N ARG C 126 -28.56 2.93 -11.24
CA ARG C 126 -29.87 3.06 -10.62
C ARG C 126 -30.83 3.83 -11.52
N SER C 127 -30.35 4.93 -12.10
CA SER C 127 -31.15 5.65 -13.09
C SER C 127 -31.41 4.80 -14.32
N LEU C 128 -30.49 3.91 -14.67
CA LEU C 128 -30.73 2.99 -15.78
C LEU C 128 -31.84 1.99 -15.45
N ALA C 129 -31.78 1.38 -14.27
CA ALA C 129 -32.83 0.45 -13.86
C ALA C 129 -34.10 1.14 -13.44
N ASP C 130 -34.05 2.46 -13.23
CA ASP C 130 -35.22 3.23 -12.81
C ASP C 130 -35.18 4.59 -13.49
N PRO C 131 -35.66 4.65 -14.73
CA PRO C 131 -35.64 5.94 -15.45
C PRO C 131 -36.46 7.02 -14.76
N SER C 132 -37.55 6.65 -14.10
CA SER C 132 -38.35 7.65 -13.38
C SER C 132 -37.62 8.16 -12.14
N GLY C 133 -36.86 7.30 -11.48
CA GLY C 133 -36.12 7.71 -10.30
C GLY C 133 -36.96 7.83 -9.05
N GLN C 134 -38.21 7.37 -9.08
CA GLN C 134 -39.10 7.46 -7.93
C GLN C 134 -39.39 6.11 -7.28
N ALA C 135 -39.13 5.00 -7.97
CA ALA C 135 -39.48 3.69 -7.44
C ALA C 135 -38.47 3.26 -6.37
N GLU C 136 -38.96 2.43 -5.45
CA GLU C 136 -38.12 1.87 -4.39
C GLU C 136 -37.36 0.68 -4.97
N ILE C 137 -36.04 0.82 -5.09
CA ILE C 137 -35.22 -0.24 -5.68
C ILE C 137 -34.83 -1.23 -4.59
N ARG C 138 -34.99 -2.52 -4.89
CA ARG C 138 -34.54 -3.61 -4.03
C ARG C 138 -33.56 -4.43 -4.85
N ALA C 139 -32.27 -4.25 -4.60
CA ALA C 139 -31.24 -4.81 -5.47
C ALA C 139 -30.54 -5.99 -4.81
N VAL C 140 -30.38 -7.04 -5.60
CA VAL C 140 -29.53 -8.17 -5.25
C VAL C 140 -28.23 -8.00 -6.01
N VAL C 141 -27.18 -7.58 -5.31
CA VAL C 141 -25.88 -7.38 -5.92
C VAL C 141 -25.05 -8.64 -5.77
N GLY C 142 -24.30 -8.98 -6.83
CA GLY C 142 -23.45 -10.16 -6.80
C GLY C 142 -22.06 -9.81 -6.31
N VAL C 143 -21.61 -10.52 -5.29
CA VAL C 143 -20.27 -10.34 -4.74
C VAL C 143 -19.46 -11.57 -5.11
N PRO C 144 -18.12 -11.51 -4.96
CA PRO C 144 -17.30 -12.70 -5.21
C PRO C 144 -17.69 -13.89 -4.33
N ALA C 145 -17.02 -15.03 -4.54
CA ALA C 145 -17.39 -16.25 -3.85
C ALA C 145 -17.31 -16.08 -2.33
N ASN C 146 -16.14 -15.71 -1.84
CA ASN C 146 -15.92 -15.52 -0.40
C ASN C 146 -15.54 -14.07 -0.15
N ALA C 147 -16.45 -13.15 -0.46
CA ALA C 147 -16.22 -11.74 -0.26
C ALA C 147 -16.14 -11.45 1.24
N THR C 148 -15.05 -10.80 1.66
CA THR C 148 -14.89 -10.44 3.06
C THR C 148 -15.96 -9.44 3.48
N GLU C 149 -16.25 -9.41 4.78
CA GLU C 149 -17.28 -8.52 5.29
C GLU C 149 -16.96 -7.06 5.02
N GLN C 150 -15.68 -6.70 4.94
CA GLN C 150 -15.32 -5.36 4.50
C GLN C 150 -15.64 -5.17 3.02
N ALA C 151 -15.36 -6.17 2.19
CA ALA C 151 -15.67 -6.10 0.78
C ALA C 151 -17.16 -6.10 0.52
N ARG C 152 -17.98 -6.58 1.47
CA ARG C 152 -19.43 -6.51 1.35
C ARG C 152 -19.98 -5.21 1.89
N GLU C 153 -19.38 -4.66 2.96
CA GLU C 153 -19.81 -3.36 3.43
C GLU C 153 -19.39 -2.26 2.45
N ASP C 154 -18.37 -2.52 1.64
CA ASP C 154 -18.03 -1.60 0.56
C ASP C 154 -19.14 -1.53 -0.47
N VAL C 155 -19.80 -2.66 -0.74
CA VAL C 155 -20.90 -2.66 -1.70
C VAL C 155 -22.17 -2.12 -1.06
N ARG C 156 -22.39 -2.41 0.22
CA ARG C 156 -23.54 -1.86 0.93
C ARG C 156 -23.36 -0.39 1.27
N ARG C 157 -22.17 0.16 1.10
CA ARG C 157 -21.91 1.56 1.41
C ARG C 157 -21.99 2.44 0.16
N CYS C 158 -21.56 1.93 -0.99
CA CYS C 158 -21.77 2.60 -2.26
C CYS C 158 -23.14 2.29 -2.85
N ALA C 159 -24.05 1.73 -2.06
CA ALA C 159 -25.43 1.53 -2.47
C ALA C 159 -26.41 2.18 -1.51
N PHE C 160 -25.94 2.77 -0.41
CA PHE C 160 -26.82 3.48 0.50
C PHE C 160 -27.36 4.74 -0.16
N GLY C 161 -28.66 4.98 0.01
CA GLY C 161 -29.32 6.06 -0.68
C GLY C 161 -29.61 5.78 -2.14
N ILE C 162 -29.06 4.70 -2.69
CA ILE C 162 -29.30 4.30 -4.07
C ILE C 162 -30.30 3.15 -4.06
N PHE C 163 -29.90 2.01 -3.49
CA PHE C 163 -30.79 0.87 -3.33
C PHE C 163 -31.40 0.93 -1.94
N ASP C 164 -32.72 0.82 -1.85
CA ASP C 164 -33.38 0.87 -0.55
C ASP C 164 -33.13 -0.40 0.25
N ARG C 165 -33.21 -1.57 -0.38
CA ARG C 165 -32.87 -2.83 0.26
C ARG C 165 -31.84 -3.53 -0.62
N ILE C 166 -30.83 -4.13 0.01
CA ILE C 166 -29.79 -4.84 -0.72
C ILE C 166 -29.77 -6.29 -0.26
N LEU C 167 -29.17 -7.13 -1.09
CA LEU C 167 -29.02 -8.55 -0.79
C LEU C 167 -27.79 -9.04 -1.53
N LEU C 168 -26.78 -9.49 -0.80
CA LEU C 168 -25.49 -9.83 -1.39
C LEU C 168 -25.34 -11.36 -1.43
N ILE C 169 -25.33 -11.90 -2.64
CA ILE C 169 -25.16 -13.34 -2.86
C ILE C 169 -23.93 -13.55 -3.73
N PRO C 170 -23.15 -14.61 -3.50
CA PRO C 170 -21.97 -14.87 -4.33
C PRO C 170 -22.30 -14.89 -5.82
N GLU C 171 -21.34 -14.43 -6.61
CA GLU C 171 -21.50 -14.27 -8.06
C GLU C 171 -21.64 -15.60 -8.80
N PRO C 172 -20.86 -16.65 -8.49
CA PRO C 172 -21.06 -17.91 -9.23
C PRO C 172 -22.39 -18.59 -8.92
N PHE C 173 -22.91 -18.43 -7.71
CA PHE C 173 -24.24 -18.99 -7.43
C PHE C 173 -25.31 -18.24 -8.22
N LEU C 174 -25.17 -16.91 -8.34
CA LEU C 174 -26.08 -16.15 -9.18
C LEU C 174 -25.94 -16.53 -10.64
N ALA C 175 -24.72 -16.85 -11.09
CA ALA C 175 -24.54 -17.33 -12.46
C ALA C 175 -25.23 -18.66 -12.66
N ALA C 176 -25.16 -19.54 -11.67
CA ALA C 176 -25.88 -20.81 -11.74
C ALA C 176 -27.39 -20.59 -11.76
N LEU C 177 -27.86 -19.62 -10.99
CA LEU C 177 -29.29 -19.32 -10.96
C LEU C 177 -29.79 -18.70 -12.25
N GLY C 178 -28.98 -17.89 -12.91
CA GLY C 178 -29.39 -17.21 -14.12
C GLY C 178 -29.22 -18.06 -15.36
N TYR C 179 -28.21 -18.94 -15.36
CA TYR C 179 -28.06 -19.89 -16.44
C TYR C 179 -29.18 -20.91 -16.43
N ARG C 180 -29.76 -21.18 -15.26
CA ARG C 180 -30.87 -22.11 -15.15
C ARG C 180 -32.08 -21.59 -15.92
N ASP C 181 -32.70 -22.48 -16.69
CA ASP C 181 -33.87 -22.15 -17.49
C ASP C 181 -35.11 -22.61 -16.74
N ASP C 182 -35.86 -21.65 -16.19
CA ASP C 182 -37.08 -22.00 -15.47
C ASP C 182 -38.19 -22.44 -16.41
N ALA C 183 -38.13 -22.03 -17.68
CA ALA C 183 -39.09 -22.51 -18.66
C ALA C 183 -38.90 -23.98 -18.99
N ARG C 184 -37.70 -24.52 -18.76
CA ARG C 184 -37.39 -25.91 -19.08
C ARG C 184 -37.23 -26.77 -17.83
N LEU C 185 -37.58 -26.24 -16.66
CA LEU C 185 -37.50 -27.04 -15.43
C LEU C 185 -38.55 -28.15 -15.44
N GLY C 186 -38.30 -29.17 -14.64
CA GLY C 186 -39.21 -30.29 -14.54
C GLY C 186 -39.06 -31.31 -15.65
N GLN C 187 -38.62 -30.85 -16.82
CA GLN C 187 -38.44 -31.75 -17.96
C GLN C 187 -37.33 -32.75 -17.69
N SER C 188 -37.40 -33.89 -18.37
CA SER C 188 -36.39 -34.93 -18.18
C SER C 188 -35.16 -34.68 -19.03
N ASN C 189 -35.34 -34.08 -20.20
CA ASN C 189 -34.24 -33.80 -21.12
C ASN C 189 -33.51 -32.50 -20.78
N TYR C 190 -33.76 -31.91 -19.62
CA TYR C 190 -33.09 -30.70 -19.18
C TYR C 190 -32.40 -30.98 -17.86
N ILE C 191 -31.07 -30.89 -17.85
CA ILE C 191 -30.31 -31.04 -16.61
C ILE C 191 -30.22 -29.68 -15.92
N ASP C 192 -30.64 -29.64 -14.67
CA ASP C 192 -30.67 -28.39 -13.92
C ASP C 192 -29.25 -27.99 -13.52
N PRO C 193 -28.76 -26.82 -13.92
CA PRO C 193 -27.41 -26.42 -13.50
C PRO C 193 -27.31 -26.07 -12.02
N VAL C 194 -28.43 -26.04 -11.30
CA VAL C 194 -28.40 -25.71 -9.88
C VAL C 194 -28.52 -26.95 -8.99
N VAL C 195 -29.06 -28.06 -9.50
CA VAL C 195 -29.33 -29.22 -8.65
C VAL C 195 -28.04 -29.84 -8.16
N ASN C 196 -27.00 -29.85 -9.01
CA ASN C 196 -25.71 -30.43 -8.67
C ASN C 196 -24.71 -30.12 -9.77
N SER C 197 -23.95 -29.05 -9.61
CA SER C 197 -22.99 -28.67 -10.64
C SER C 197 -21.85 -27.89 -10.00
N LEU C 198 -20.82 -27.65 -10.79
CA LEU C 198 -19.66 -26.88 -10.37
C LEU C 198 -19.47 -25.74 -11.37
N PHE C 199 -19.55 -24.51 -10.87
CA PHE C 199 -19.52 -23.32 -11.72
C PHE C 199 -18.18 -22.63 -11.54
N ILE C 200 -17.46 -22.45 -12.64
CA ILE C 200 -16.17 -21.75 -12.64
C ILE C 200 -16.42 -20.41 -13.33
N ASP C 201 -16.96 -19.46 -12.57
CA ASP C 201 -17.21 -18.12 -13.09
C ASP C 201 -15.87 -17.39 -13.15
N ILE C 202 -15.22 -17.50 -14.32
CA ILE C 202 -13.96 -16.81 -14.54
C ILE C 202 -14.24 -15.40 -15.04
N GLY C 203 -14.31 -14.45 -14.11
CA GLY C 203 -14.63 -13.08 -14.44
C GLY C 203 -13.45 -12.33 -15.01
N GLY C 204 -13.42 -11.03 -14.74
CA GLY C 204 -12.32 -10.19 -15.17
C GLY C 204 -11.52 -9.70 -13.98
N GLY C 205 -12.05 -9.91 -12.78
CA GLY C 205 -11.34 -9.55 -11.57
C GLY C 205 -11.02 -10.77 -10.74
N THR C 206 -12.04 -11.59 -10.48
CA THR C 206 -11.87 -12.84 -9.77
C THR C 206 -12.35 -13.99 -10.64
N SER C 207 -11.88 -15.19 -10.30
CA SER C 207 -12.32 -16.44 -10.92
C SER C 207 -12.89 -17.29 -9.80
N ASP C 208 -14.20 -17.18 -9.59
CA ASP C 208 -14.87 -17.83 -8.48
C ASP C 208 -15.37 -19.21 -8.89
N ILE C 209 -14.90 -20.24 -8.21
CA ILE C 209 -15.40 -21.60 -8.39
C ILE C 209 -16.38 -21.88 -7.26
N CYS C 210 -17.48 -22.56 -7.58
CA CYS C 210 -18.54 -22.76 -6.60
C CYS C 210 -19.21 -24.12 -6.82
N LEU C 211 -19.45 -24.83 -5.73
CA LEU C 211 -20.23 -26.05 -5.72
C LEU C 211 -21.70 -25.69 -5.59
N VAL C 212 -22.41 -25.58 -6.71
CA VAL C 212 -23.82 -25.23 -6.67
C VAL C 212 -24.62 -26.52 -6.55
N GLN C 213 -25.09 -26.81 -5.33
CA GLN C 213 -25.69 -28.10 -5.02
C GLN C 213 -27.14 -27.95 -4.58
N GLY C 214 -27.87 -26.98 -5.15
CA GLY C 214 -29.28 -26.81 -4.93
C GLY C 214 -29.63 -25.68 -3.98
N TYR C 215 -28.74 -25.37 -3.04
CA TYR C 215 -29.02 -24.41 -1.98
C TYR C 215 -27.96 -23.31 -2.00
N PHE C 216 -28.15 -22.33 -1.13
CA PHE C 216 -27.19 -21.26 -0.96
C PHE C 216 -25.83 -21.83 -0.56
N PRO C 217 -24.78 -21.62 -1.34
CA PRO C 217 -23.50 -22.28 -1.05
C PRO C 217 -22.85 -21.72 0.21
N GLY C 218 -22.33 -22.63 1.02
CA GLY C 218 -21.60 -22.24 2.22
C GLY C 218 -20.24 -21.69 1.89
N PRO C 219 -19.56 -21.21 2.94
CA PRO C 219 -18.21 -20.65 2.74
C PRO C 219 -17.19 -21.68 2.27
N ASP C 220 -17.45 -22.97 2.47
CA ASP C 220 -16.54 -24.02 2.03
C ASP C 220 -16.90 -24.58 0.66
N ASP C 221 -18.08 -24.25 0.12
CA ASP C 221 -18.49 -24.69 -1.19
C ASP C 221 -18.00 -23.77 -2.30
N GLN C 222 -17.26 -22.72 -1.97
CA GLN C 222 -16.82 -21.74 -2.97
C GLN C 222 -15.41 -21.27 -2.66
N ILE C 223 -14.66 -20.98 -3.72
CA ILE C 223 -13.29 -20.48 -3.63
C ILE C 223 -13.14 -19.33 -4.61
N SER C 224 -12.58 -18.23 -4.14
CA SER C 224 -12.37 -17.03 -4.97
C SER C 224 -10.88 -16.79 -5.14
N ILE C 225 -10.43 -16.72 -6.38
CA ILE C 225 -9.05 -16.43 -6.73
C ILE C 225 -9.01 -15.07 -7.43
N PRO C 226 -8.24 -14.11 -6.94
CA PRO C 226 -8.15 -12.80 -7.59
C PRO C 226 -7.32 -12.80 -8.87
N PHE C 227 -7.47 -13.86 -9.67
CA PHE C 227 -6.74 -14.00 -10.92
C PHE C 227 -7.75 -14.33 -12.01
N ALA C 228 -7.96 -13.39 -12.93
CA ALA C 228 -8.92 -13.61 -14.00
C ALA C 228 -8.49 -12.79 -15.21
N GLY C 229 -9.45 -12.10 -15.84
CA GLY C 229 -9.15 -11.36 -17.06
C GLY C 229 -8.16 -10.24 -16.85
N ASP C 230 -8.32 -9.48 -15.77
CA ASP C 230 -7.39 -8.38 -15.51
C ASP C 230 -5.99 -8.88 -15.18
N ALA C 231 -5.87 -10.03 -14.54
CA ALA C 231 -4.57 -10.63 -14.28
C ALA C 231 -3.88 -11.10 -15.55
N ILE C 232 -4.62 -11.67 -16.50
CA ILE C 232 -4.02 -12.03 -17.78
C ILE C 232 -3.66 -10.78 -18.57
N ASP C 233 -4.48 -9.74 -18.49
CA ASP C 233 -4.13 -8.47 -19.11
C ASP C 233 -2.83 -7.92 -18.53
N GLN C 234 -2.67 -8.01 -17.21
CA GLN C 234 -1.45 -7.53 -16.58
C GLN C 234 -0.25 -8.38 -17.00
N LEU C 235 -0.43 -9.70 -17.06
CA LEU C 235 0.65 -10.57 -17.51
C LEU C 235 1.08 -10.28 -18.94
N LEU C 236 0.12 -10.03 -19.84
CA LEU C 236 0.43 -9.62 -21.20
C LEU C 236 1.10 -8.26 -21.24
N GLN C 237 0.64 -7.30 -20.43
CA GLN C 237 1.31 -6.01 -20.37
C GLN C 237 2.76 -6.15 -19.95
N GLU C 238 3.04 -7.01 -18.96
CA GLU C 238 4.42 -7.22 -18.54
C GLU C 238 5.23 -7.91 -19.64
N GLU C 239 4.68 -8.96 -20.24
CA GLU C 239 5.39 -9.68 -21.30
C GLU C 239 5.58 -8.84 -22.56
N LEU C 240 4.82 -7.76 -22.73
CA LEU C 240 4.99 -6.87 -23.86
C LEU C 240 5.92 -5.70 -23.55
N ASN C 241 5.85 -5.14 -22.35
CA ASN C 241 6.83 -4.13 -21.94
C ASN C 241 8.19 -4.73 -21.63
N ARG C 242 8.31 -6.05 -21.64
CA ARG C 242 9.58 -6.73 -21.41
C ARG C 242 10.28 -7.11 -22.70
N THR C 243 9.52 -7.46 -23.75
CA THR C 243 10.08 -7.76 -25.06
C THR C 243 9.98 -6.60 -26.04
N TYR C 244 8.88 -5.86 -26.03
CA TYR C 244 8.70 -4.68 -26.88
C TYR C 244 8.57 -3.47 -25.98
N PRO C 245 9.68 -2.96 -25.45
CA PRO C 245 9.59 -1.92 -24.43
C PRO C 245 9.05 -0.61 -24.99
N ASN C 246 8.39 0.14 -24.10
CA ASN C 246 7.75 1.40 -24.48
C ASN C 246 6.87 1.22 -25.70
N ASN C 247 6.08 0.15 -25.69
CA ASN C 247 5.17 -0.10 -26.81
C ASN C 247 3.97 0.83 -26.77
N GLY C 248 3.66 1.38 -25.60
CA GLY C 248 2.54 2.29 -25.47
C GLY C 248 1.18 1.66 -25.59
N LEU C 249 1.10 0.34 -25.76
CA LEU C 249 -0.19 -0.32 -25.83
C LEU C 249 -0.93 -0.19 -24.52
N SER C 250 -2.09 0.47 -24.55
CA SER C 250 -2.88 0.64 -23.34
C SER C 250 -3.47 -0.69 -22.90
N LEU C 251 -3.94 -0.72 -21.65
CA LEU C 251 -4.57 -1.93 -21.14
C LEU C 251 -5.82 -2.29 -21.93
N HIS C 252 -6.52 -1.29 -22.47
CA HIS C 252 -7.70 -1.53 -23.28
C HIS C 252 -7.38 -2.18 -24.61
N LYS C 253 -6.13 -2.10 -25.07
CA LYS C 253 -5.70 -2.78 -26.28
CA LYS C 253 -5.71 -2.79 -26.28
C LYS C 253 -5.02 -4.11 -26.00
N VAL C 254 -4.21 -4.18 -24.93
CA VAL C 254 -3.68 -5.46 -24.47
C VAL C 254 -4.80 -6.41 -24.07
N ARG C 255 -5.97 -5.87 -23.70
CA ARG C 255 -7.14 -6.69 -23.43
C ARG C 255 -7.80 -7.19 -24.71
N GLU C 256 -7.94 -6.34 -25.73
CA GLU C 256 -8.48 -6.80 -27.00
C GLU C 256 -7.58 -7.83 -27.66
N ILE C 257 -6.26 -7.70 -27.50
CA ILE C 257 -5.34 -8.72 -27.99
C ILE C 257 -5.69 -10.07 -27.37
N LYS C 258 -5.95 -10.08 -26.06
CA LYS C 258 -6.26 -11.33 -25.37
C LYS C 258 -7.63 -11.86 -25.78
N GLU C 259 -8.62 -10.97 -25.94
CA GLU C 259 -9.95 -11.43 -26.34
C GLU C 259 -9.95 -11.99 -27.76
N ALA C 260 -9.16 -11.41 -28.65
CA ALA C 260 -9.15 -11.83 -30.05
C ALA C 260 -8.23 -13.02 -30.32
N HIS C 261 -7.12 -13.13 -29.61
CA HIS C 261 -6.13 -14.17 -29.88
C HIS C 261 -5.73 -14.99 -28.66
N GLY C 262 -6.09 -14.57 -27.46
CA GLY C 262 -5.70 -15.31 -26.28
C GLY C 262 -6.30 -16.71 -26.25
N TYR C 263 -5.51 -17.66 -25.77
CA TYR C 263 -5.88 -19.06 -25.79
C TYR C 263 -5.16 -19.78 -24.66
N VAL C 264 -5.73 -20.90 -24.23
CA VAL C 264 -5.09 -21.77 -23.27
C VAL C 264 -4.78 -23.10 -23.94
N GLY C 265 -3.73 -23.75 -23.46
CA GLY C 265 -3.28 -25.00 -24.04
C GLY C 265 -1.85 -24.88 -24.54
N PRO C 266 -1.45 -25.79 -25.42
CA PRO C 266 -0.10 -25.70 -26.00
C PRO C 266 0.07 -24.45 -26.83
N SER C 267 1.32 -24.00 -26.94
CA SER C 267 1.61 -22.78 -27.69
C SER C 267 1.22 -22.94 -29.15
N ARG C 268 0.73 -21.85 -29.74
CA ARG C 268 0.36 -21.81 -31.15
C ARG C 268 1.24 -20.79 -31.86
N LYS C 269 2.20 -21.29 -32.65
CA LYS C 269 3.13 -20.45 -33.39
C LYS C 269 3.11 -20.85 -34.85
N PRO C 270 3.17 -19.87 -35.78
CA PRO C 270 3.18 -18.45 -35.46
C PRO C 270 1.78 -17.86 -35.34
N LEU C 271 1.60 -16.91 -34.42
CA LEU C 271 0.32 -16.24 -34.20
C LEU C 271 0.59 -14.75 -34.27
N ASP C 272 0.36 -14.16 -35.45
CA ASP C 272 0.68 -12.77 -35.68
C ASP C 272 -0.45 -11.86 -35.19
N VAL C 273 -0.10 -10.88 -34.38
CA VAL C 273 -1.05 -9.90 -33.85
C VAL C 273 -0.67 -8.54 -34.42
N LYS C 274 -1.60 -7.94 -35.16
CA LYS C 274 -1.37 -6.63 -35.77
C LYS C 274 -1.70 -5.56 -34.73
N VAL C 275 -0.68 -4.81 -34.30
CA VAL C 275 -0.82 -3.76 -33.31
C VAL C 275 -0.30 -2.45 -33.91
N VAL C 276 -0.46 -1.38 -33.14
CA VAL C 276 -0.02 -0.04 -33.54
C VAL C 276 0.87 0.47 -32.41
N ILE C 277 2.17 0.49 -32.64
CA ILE C 277 3.16 0.88 -31.64
C ILE C 277 3.81 2.17 -32.10
N GLY C 278 3.47 3.27 -31.44
CA GLY C 278 4.07 4.55 -31.78
C GLY C 278 3.56 5.14 -33.07
N GLY C 279 2.29 4.88 -33.41
CA GLY C 279 1.73 5.39 -34.64
C GLY C 279 1.92 4.47 -35.82
N LYS C 280 2.94 3.63 -35.75
CA LYS C 280 3.27 2.73 -36.86
C LYS C 280 2.68 1.35 -36.62
N ALA C 281 2.22 0.72 -37.69
CA ALA C 281 1.55 -0.57 -37.63
C ALA C 281 2.59 -1.68 -37.65
N HIS C 282 2.69 -2.41 -36.54
CA HIS C 282 3.62 -3.53 -36.42
C HIS C 282 2.84 -4.83 -36.33
N THR C 283 3.53 -5.94 -36.58
CA THR C 283 2.93 -7.27 -36.55
C THR C 283 3.77 -8.12 -35.58
N LEU C 284 3.34 -8.19 -34.34
CA LEU C 284 4.06 -8.92 -33.33
C LEU C 284 3.76 -10.42 -33.41
N GLU C 285 4.65 -11.21 -32.82
CA GLU C 285 4.46 -12.65 -32.69
C GLU C 285 4.22 -12.94 -31.21
N LEU C 286 2.96 -13.19 -30.86
CA LEU C 286 2.56 -13.37 -29.47
C LEU C 286 1.95 -14.75 -29.21
N GLY C 287 2.45 -15.77 -29.90
CA GLY C 287 1.98 -17.11 -29.64
C GLY C 287 2.33 -17.56 -28.23
N ASP C 288 3.63 -17.61 -27.95
CA ASP C 288 4.08 -17.96 -26.60
C ASP C 288 3.62 -16.93 -25.57
N THR C 289 3.53 -15.66 -25.95
CA THR C 289 3.13 -14.64 -24.99
C THR C 289 1.71 -14.87 -24.49
N LEU C 290 0.75 -15.00 -25.41
CA LEU C 290 -0.63 -15.29 -25.00
C LEU C 290 -0.73 -16.66 -24.36
N ALA C 291 0.07 -17.62 -24.81
CA ALA C 291 0.05 -18.93 -24.17
C ALA C 291 0.40 -18.84 -22.70
N ARG C 292 1.54 -18.23 -22.38
CA ARG C 292 1.96 -18.10 -20.98
C ARG C 292 1.02 -17.19 -20.20
N ALA C 293 0.40 -16.21 -20.86
CA ALA C 293 -0.50 -15.32 -20.14
C ALA C 293 -1.79 -16.02 -19.74
N CYS C 294 -2.37 -16.80 -20.65
CA CYS C 294 -3.67 -17.40 -20.36
C CYS C 294 -3.55 -18.75 -19.64
N ASN C 295 -2.43 -19.46 -19.81
CA ASN C 295 -2.26 -20.70 -19.05
C ASN C 295 -1.98 -20.45 -17.58
N ALA C 296 -1.54 -19.25 -17.21
CA ALA C 296 -1.43 -18.93 -15.80
C ALA C 296 -2.80 -18.92 -15.12
N LEU C 297 -3.85 -18.53 -15.85
CA LEU C 297 -5.19 -18.61 -15.29
C LEU C 297 -5.56 -20.05 -14.99
N ILE C 298 -5.22 -20.98 -15.89
CA ILE C 298 -5.51 -22.39 -15.64
C ILE C 298 -4.69 -22.89 -14.46
N ASP C 299 -3.41 -22.56 -14.42
CA ASP C 299 -2.56 -22.94 -13.30
C ASP C 299 -3.04 -22.36 -11.97
N LYS C 300 -3.78 -21.25 -11.99
CA LYS C 300 -4.32 -20.67 -10.77
C LYS C 300 -5.65 -21.30 -10.37
N ILE C 301 -6.54 -21.53 -11.33
CA ILE C 301 -7.88 -21.98 -11.01
C ILE C 301 -8.02 -23.49 -10.94
N TYR C 302 -7.00 -24.24 -11.36
CA TYR C 302 -7.11 -25.69 -11.31
C TYR C 302 -6.89 -26.24 -9.90
N PRO C 303 -5.92 -25.72 -9.13
CA PRO C 303 -5.82 -26.14 -7.72
C PRO C 303 -7.08 -25.86 -6.92
N ALA C 304 -7.88 -24.87 -7.30
CA ALA C 304 -9.14 -24.60 -6.65
C ALA C 304 -10.31 -25.35 -7.30
N LEU C 305 -10.17 -25.73 -8.56
CA LEU C 305 -11.14 -26.63 -9.18
C LEU C 305 -11.09 -28.01 -8.51
N THR C 306 -9.90 -28.60 -8.44
CA THR C 306 -9.74 -29.91 -7.83
C THR C 306 -10.05 -29.88 -6.34
N THR C 307 -9.76 -28.78 -5.65
CA THR C 307 -10.06 -28.70 -4.23
C THR C 307 -11.55 -28.87 -3.97
N LEU C 308 -12.39 -28.16 -4.73
CA LEU C 308 -13.83 -28.29 -4.53
C LEU C 308 -14.39 -29.57 -5.14
N ILE C 309 -13.73 -30.12 -6.17
CA ILE C 309 -14.17 -31.43 -6.66
C ILE C 309 -13.95 -32.49 -5.58
N GLN C 310 -12.85 -32.41 -4.85
CA GLN C 310 -12.61 -33.33 -3.75
C GLN C 310 -13.31 -32.92 -2.46
N ARG C 311 -13.89 -31.71 -2.42
CA ARG C 311 -14.71 -31.32 -1.28
C ARG C 311 -16.16 -31.78 -1.41
N ALA C 312 -16.61 -32.09 -2.61
CA ALA C 312 -17.99 -32.52 -2.81
C ALA C 312 -18.23 -33.89 -2.19
N SER C 313 -19.50 -34.17 -1.90
CA SER C 313 -19.87 -35.46 -1.35
C SER C 313 -19.57 -36.57 -2.36
N SER C 314 -19.09 -37.70 -1.85
CA SER C 314 -18.77 -38.82 -2.73
C SER C 314 -20.00 -39.35 -3.47
N ASP C 315 -21.19 -39.19 -2.89
CA ASP C 315 -22.40 -39.64 -3.55
C ASP C 315 -22.73 -38.80 -4.78
N SER C 316 -22.30 -37.53 -4.79
CA SER C 316 -22.70 -36.60 -5.83
C SER C 316 -21.55 -36.11 -6.71
N VAL C 317 -20.32 -36.51 -6.45
CA VAL C 317 -19.20 -35.99 -7.22
C VAL C 317 -19.15 -36.58 -8.62
N VAL C 318 -19.66 -37.80 -8.79
CA VAL C 318 -19.67 -38.41 -10.12
C VAL C 318 -20.58 -37.65 -11.07
N THR C 319 -21.63 -37.03 -10.52
CA THR C 319 -22.50 -36.16 -11.31
C THR C 319 -21.94 -34.75 -11.40
N LEU C 320 -21.29 -34.29 -10.32
CA LEU C 320 -20.61 -33.00 -10.34
C LEU C 320 -19.64 -32.91 -11.50
N LEU C 321 -18.82 -33.95 -11.70
CA LEU C 321 -17.84 -33.93 -12.78
C LEU C 321 -18.52 -33.92 -14.14
N GLN C 322 -19.71 -34.51 -14.26
CA GLN C 322 -20.44 -34.44 -15.51
C GLN C 322 -21.12 -33.09 -15.70
N ASN C 323 -21.28 -32.31 -14.62
CA ASN C 323 -21.88 -30.99 -14.71
C ASN C 323 -20.90 -29.92 -14.25
N ILE C 324 -19.77 -29.80 -14.94
CA ILE C 324 -18.85 -28.70 -14.71
C ILE C 324 -19.09 -27.63 -15.75
N ILE C 325 -19.41 -26.42 -15.31
CA ILE C 325 -19.83 -25.34 -16.19
C ILE C 325 -18.95 -24.13 -15.96
N ILE C 326 -18.44 -23.54 -17.04
CA ILE C 326 -17.62 -22.34 -16.98
C ILE C 326 -18.46 -21.16 -17.45
N THR C 327 -18.54 -20.12 -16.63
CA THR C 327 -19.24 -18.91 -17.03
C THR C 327 -18.32 -17.70 -16.87
N GLY C 328 -18.88 -16.50 -17.04
CA GLY C 328 -18.08 -15.30 -17.00
C GLY C 328 -17.33 -15.08 -18.30
N GLY C 329 -16.65 -13.93 -18.42
CA GLY C 329 -15.91 -13.66 -19.63
C GLY C 329 -14.83 -14.69 -19.94
N GLY C 330 -14.17 -15.19 -18.90
CA GLY C 330 -13.11 -16.16 -19.08
C GLY C 330 -13.55 -17.47 -19.72
N SER C 331 -14.85 -17.74 -19.76
CA SER C 331 -15.35 -18.90 -20.48
C SER C 331 -15.13 -18.78 -21.99
N GLN C 332 -14.98 -17.56 -22.49
CA GLN C 332 -14.79 -17.32 -23.92
C GLN C 332 -13.36 -17.53 -24.38
N ILE C 333 -12.44 -17.84 -23.46
CA ILE C 333 -11.06 -18.12 -23.87
C ILE C 333 -11.05 -19.35 -24.76
N LYS C 334 -10.31 -19.27 -25.86
CA LYS C 334 -10.28 -20.33 -26.86
C LYS C 334 -9.74 -21.64 -26.29
N GLY C 335 -10.60 -22.65 -26.21
CA GLY C 335 -10.18 -23.96 -25.75
C GLY C 335 -9.97 -24.10 -24.27
N ILE C 336 -10.79 -23.43 -23.45
CA ILE C 336 -10.64 -23.54 -22.00
C ILE C 336 -11.41 -24.72 -21.44
N ASP C 337 -12.60 -25.02 -21.95
CA ASP C 337 -13.32 -26.20 -21.51
C ASP C 337 -12.61 -27.48 -21.92
N THR C 338 -12.08 -27.53 -23.15
CA THR C 338 -11.33 -28.71 -23.57
C THR C 338 -10.08 -28.90 -22.73
N LEU C 339 -9.36 -27.82 -22.44
CA LEU C 339 -8.15 -27.93 -21.62
C LEU C 339 -8.48 -28.38 -20.20
N LEU C 340 -9.53 -27.80 -19.60
CA LEU C 340 -9.86 -28.19 -18.24
C LEU C 340 -10.38 -29.61 -18.17
N GLN C 341 -11.17 -30.05 -19.16
CA GLN C 341 -11.61 -31.43 -19.19
C GLN C 341 -10.44 -32.38 -19.40
N LYS C 342 -9.45 -31.98 -20.21
CA LYS C 342 -8.27 -32.81 -20.40
C LYS C 342 -7.47 -32.92 -19.11
N LYS C 343 -7.25 -31.80 -18.43
CA LYS C 343 -6.52 -31.83 -17.16
C LYS C 343 -7.27 -32.61 -16.10
N LEU C 344 -8.60 -32.62 -16.13
CA LEU C 344 -9.36 -33.33 -15.12
C LEU C 344 -9.42 -34.83 -15.44
N THR C 345 -9.43 -35.19 -16.71
CA THR C 345 -9.41 -36.60 -17.08
C THR C 345 -8.03 -37.20 -16.85
N GLU C 346 -6.98 -36.44 -17.15
CA GLU C 346 -5.62 -36.94 -16.95
C GLU C 346 -5.31 -37.15 -15.47
N ASP C 347 -5.97 -36.42 -14.59
CA ASP C 347 -5.77 -36.60 -13.16
C ASP C 347 -6.56 -37.76 -12.58
N GLY C 348 -7.40 -38.41 -13.37
CA GLY C 348 -8.12 -39.59 -12.91
C GLY C 348 -9.53 -39.35 -12.42
N PHE C 349 -10.05 -38.14 -12.54
CA PHE C 349 -11.43 -37.89 -12.15
C PHE C 349 -12.38 -38.64 -13.08
N GLU C 350 -13.41 -39.23 -12.49
CA GLU C 350 -14.29 -40.11 -13.25
C GLU C 350 -15.10 -39.38 -14.30
N SER C 351 -14.60 -39.40 -15.54
CA SER C 351 -15.27 -38.87 -16.72
C SER C 351 -15.81 -37.46 -16.50
N PRO C 352 -14.96 -36.46 -16.37
CA PRO C 352 -15.44 -35.08 -16.25
C PRO C 352 -15.94 -34.57 -17.59
N LYS C 353 -16.87 -33.63 -17.51
CA LYS C 353 -17.47 -33.01 -18.70
C LYS C 353 -17.56 -31.51 -18.44
N VAL C 354 -16.53 -30.79 -18.83
CA VAL C 354 -16.48 -29.34 -18.64
C VAL C 354 -17.25 -28.67 -19.76
N ARG C 355 -18.18 -27.80 -19.40
CA ARG C 355 -19.09 -27.15 -20.34
C ARG C 355 -18.98 -25.63 -20.20
N LEU C 356 -19.21 -24.94 -21.31
CA LEU C 356 -19.32 -23.49 -21.31
C LEU C 356 -20.75 -23.08 -20.99
N ALA C 357 -20.88 -21.95 -20.30
CA ALA C 357 -22.19 -21.43 -19.95
C ALA C 357 -23.03 -21.17 -21.20
N GLY C 358 -22.53 -20.31 -22.07
CA GLY C 358 -23.22 -20.00 -23.31
C GLY C 358 -22.92 -18.59 -23.74
N HIS C 359 -23.67 -18.12 -24.72
CA HIS C 359 -23.46 -16.79 -25.26
C HIS C 359 -23.82 -15.70 -24.25
N ASP C 360 -24.82 -15.96 -23.42
CA ASP C 360 -25.33 -14.96 -22.46
C ASP C 360 -24.54 -14.99 -21.17
N TYR C 361 -23.22 -15.09 -21.25
CA TYR C 361 -22.38 -15.14 -20.06
C TYR C 361 -22.34 -13.82 -19.30
N LYS C 362 -22.83 -12.73 -19.90
CA LYS C 362 -22.81 -11.44 -19.24
CA LYS C 362 -22.80 -11.45 -19.22
C LYS C 362 -24.02 -11.21 -18.35
N ARG C 363 -25.17 -11.74 -18.73
CA ARG C 363 -26.41 -11.53 -17.99
C ARG C 363 -26.70 -12.63 -16.99
N TYR C 364 -25.86 -13.67 -16.92
CA TYR C 364 -26.18 -14.81 -16.06
C TYR C 364 -26.17 -14.44 -14.60
N VAL C 365 -25.17 -13.68 -14.15
CA VAL C 365 -25.17 -13.22 -12.77
C VAL C 365 -26.32 -12.25 -12.51
N ALA C 366 -26.64 -11.39 -13.48
CA ALA C 366 -27.75 -10.47 -13.30
C ALA C 366 -29.10 -11.18 -13.38
N LEU C 367 -29.25 -12.15 -14.28
CA LEU C 367 -30.45 -12.95 -14.30
C LEU C 367 -30.64 -13.72 -13.01
N GLY C 368 -29.57 -14.30 -12.47
CA GLY C 368 -29.68 -15.00 -11.20
C GLY C 368 -29.97 -14.08 -10.05
N ALA C 369 -29.42 -12.86 -10.06
CA ALA C 369 -29.70 -11.90 -9.00
C ALA C 369 -31.14 -11.41 -9.09
N LEU C 370 -31.68 -11.29 -10.30
CA LEU C 370 -33.09 -10.92 -10.44
C LEU C 370 -34.01 -12.04 -9.98
N LYS C 371 -33.66 -13.28 -10.31
CA LYS C 371 -34.46 -14.41 -9.85
C LYS C 371 -34.35 -14.60 -8.34
N ALA C 372 -33.21 -14.21 -7.75
CA ALA C 372 -33.06 -14.25 -6.30
C ALA C 372 -33.71 -13.06 -5.62
N ALA C 373 -33.94 -11.97 -6.35
CA ALA C 373 -34.67 -10.84 -5.79
C ALA C 373 -36.16 -11.13 -5.74
N ARG C 374 -36.69 -11.76 -6.79
CA ARG C 374 -38.11 -12.11 -6.82
C ARG C 374 -38.44 -13.27 -5.89
N ALA C 375 -37.45 -14.08 -5.52
CA ALA C 375 -37.64 -15.18 -4.59
C ALA C 375 -37.17 -14.87 -3.18
N ALA C 376 -36.64 -13.67 -2.94
CA ALA C 376 -36.17 -13.31 -1.61
C ALA C 376 -37.35 -13.00 -0.70
N ARG C 377 -37.33 -13.57 0.50
CA ARG C 377 -38.36 -13.26 1.47
C ARG C 377 -38.21 -11.82 1.98
N GLU C 378 -39.24 -11.36 2.68
CA GLU C 378 -39.20 -9.99 3.21
C GLU C 378 -38.10 -9.83 4.25
N ASN C 379 -37.74 -10.91 4.93
CA ASN C 379 -36.70 -10.86 5.95
C ASN C 379 -35.30 -11.07 5.40
N GLN C 380 -35.16 -11.37 4.10
CA GLN C 380 -33.85 -11.52 3.48
C GLN C 380 -33.25 -10.21 3.04
N TRP C 381 -34.08 -9.18 2.83
CA TRP C 381 -33.58 -7.90 2.35
C TRP C 381 -32.85 -7.15 3.46
N GLN C 382 -31.68 -6.62 3.13
CA GLN C 382 -30.88 -5.91 4.10
C GLN C 382 -31.12 -4.41 3.98
N VAL C 383 -31.36 -3.77 5.11
CA VAL C 383 -31.65 -2.34 5.15
C VAL C 383 -30.35 -1.57 5.22
N LEU C 384 -30.24 -0.55 4.37
CA LEU C 384 -29.05 0.29 4.28
C LEU C 384 -29.35 1.61 4.98
N LEU C 385 -28.81 1.78 6.18
CA LEU C 385 -28.98 3.01 6.96
C LEU C 385 -27.61 3.63 7.23
N GLY C 386 -27.60 4.94 7.44
CA GLY C 386 -26.37 5.65 7.74
C GLY C 386 -25.52 5.95 6.52
N THR D 34 -66.98 -43.70 11.16
CA THR D 34 -65.64 -43.79 10.60
C THR D 34 -65.23 -45.26 10.45
N LYS D 35 -64.15 -45.48 9.69
CA LYS D 35 -63.64 -46.82 9.46
C LYS D 35 -62.32 -47.03 10.21
N THR D 36 -62.10 -48.25 10.65
CA THR D 36 -60.88 -48.61 11.36
C THR D 36 -59.92 -49.34 10.42
N VAL D 37 -58.65 -48.93 10.47
CA VAL D 37 -57.62 -49.46 9.60
C VAL D 37 -56.54 -50.08 10.49
N LEU D 38 -56.38 -51.39 10.42
CA LEU D 38 -55.32 -52.06 11.17
C LEU D 38 -54.02 -51.96 10.39
N VAL D 39 -52.99 -51.45 11.03
CA VAL D 39 -51.72 -51.16 10.38
C VAL D 39 -50.64 -52.00 11.04
N GLY D 40 -50.08 -52.92 10.29
CA GLY D 40 -48.86 -53.60 10.71
C GLY D 40 -47.67 -52.74 10.39
N PHE D 41 -47.01 -52.22 11.42
CA PHE D 41 -45.95 -51.24 11.29
C PHE D 41 -44.64 -51.88 11.74
N ASP D 42 -43.65 -51.87 10.85
CA ASP D 42 -42.30 -52.36 11.16
C ASP D 42 -41.43 -51.12 11.11
N PHE D 43 -41.26 -50.46 12.26
CA PHE D 43 -40.44 -49.26 12.37
C PHE D 43 -38.98 -49.70 12.48
N GLY D 44 -38.29 -49.70 11.35
CA GLY D 44 -36.94 -50.21 11.32
C GLY D 44 -35.88 -49.14 11.45
N THR D 45 -34.65 -49.58 11.68
CA THR D 45 -33.52 -48.65 11.73
C THR D 45 -33.08 -48.24 10.34
N ASN D 46 -33.13 -49.15 9.37
CA ASN D 46 -32.76 -48.87 7.99
CA ASN D 46 -32.76 -48.86 8.00
C ASN D 46 -33.96 -48.66 7.09
N LYS D 47 -34.95 -49.54 7.15
CA LYS D 47 -36.18 -49.42 6.37
C LYS D 47 -37.36 -49.78 7.24
N SER D 48 -38.39 -48.95 7.21
CA SER D 48 -39.64 -49.23 7.90
C SER D 48 -40.70 -49.60 6.87
N CYS D 49 -41.47 -50.64 7.17
CA CYS D 49 -42.46 -51.15 6.23
C CYS D 49 -43.83 -51.06 6.89
N VAL D 50 -44.77 -50.39 6.22
CA VAL D 50 -46.10 -50.14 6.75
C VAL D 50 -47.12 -50.87 5.89
N LEU D 51 -47.97 -51.65 6.53
CA LEU D 51 -49.06 -52.36 5.89
C LEU D 51 -50.37 -51.93 6.52
N ALA D 52 -51.40 -51.78 5.69
CA ALA D 52 -52.70 -51.31 6.16
C ALA D 52 -53.79 -52.16 5.56
N GLY D 53 -54.72 -52.62 6.40
CA GLY D 53 -55.85 -53.39 5.94
C GLY D 53 -57.08 -53.18 6.81
N THR D 54 -58.27 -53.39 6.24
CA THR D 54 -59.48 -53.25 7.00
C THR D 54 -59.64 -54.41 7.98
N ALA D 55 -60.60 -54.26 8.89
CA ALA D 55 -60.87 -55.32 9.87
C ALA D 55 -61.70 -56.43 9.24
N GLY D 56 -61.48 -57.64 9.73
CA GLY D 56 -62.24 -58.79 9.24
C GLY D 56 -61.74 -59.42 7.96
N ALA D 57 -61.30 -58.60 7.01
CA ALA D 57 -60.76 -59.10 5.76
C ALA D 57 -59.39 -59.74 5.98
N THR D 58 -58.82 -60.25 4.90
CA THR D 58 -57.49 -60.82 4.93
C THR D 58 -56.55 -60.24 3.89
N ASP D 59 -57.04 -59.44 2.95
CA ASP D 59 -56.18 -58.82 1.95
C ASP D 59 -55.43 -57.65 2.57
N ILE D 60 -54.47 -57.13 1.81
CA ILE D 60 -53.59 -56.07 2.27
C ILE D 60 -53.81 -54.86 1.38
N ALA D 61 -54.46 -53.82 1.93
CA ALA D 61 -54.77 -52.64 1.13
C ALA D 61 -53.52 -51.86 0.77
N ILE D 62 -52.76 -51.42 1.78
CA ILE D 62 -51.56 -50.62 1.57
C ILE D 62 -50.36 -51.46 2.00
N SER D 63 -49.28 -51.41 1.22
CA SER D 63 -48.04 -52.10 1.55
C SER D 63 -46.89 -51.26 1.02
N LYS D 64 -46.27 -50.47 1.89
CA LYS D 64 -45.19 -49.58 1.49
C LYS D 64 -43.94 -49.91 2.27
N ILE D 65 -42.78 -49.73 1.64
CA ILE D 65 -41.49 -50.00 2.25
C ILE D 65 -40.68 -48.71 2.08
N VAL D 66 -40.60 -47.93 3.14
CA VAL D 66 -40.00 -46.60 3.12
C VAL D 66 -38.71 -46.65 3.94
N PRO D 67 -37.56 -46.32 3.37
CA PRO D 67 -36.32 -46.28 4.16
C PRO D 67 -36.46 -45.31 5.33
N THR D 68 -36.17 -45.80 6.53
CA THR D 68 -36.31 -44.98 7.73
C THR D 68 -35.29 -43.85 7.70
N VAL D 69 -35.65 -42.75 7.06
CA VAL D 69 -34.81 -41.56 7.00
C VAL D 69 -35.71 -40.36 6.78
N VAL D 70 -35.35 -39.23 7.38
CA VAL D 70 -36.07 -37.98 7.19
C VAL D 70 -35.07 -36.93 6.73
N GLY D 71 -35.29 -36.38 5.54
CA GLY D 71 -34.43 -35.34 5.03
C GLY D 71 -35.05 -33.98 5.17
N TYR D 72 -34.46 -33.12 6.01
CA TYR D 72 -34.93 -31.76 6.17
C TYR D 72 -34.24 -30.91 5.11
N VAL D 73 -35.03 -30.38 4.18
CA VAL D 73 -34.48 -29.62 3.07
C VAL D 73 -33.62 -28.47 3.59
N LYS D 74 -32.41 -28.36 3.06
CA LYS D 74 -31.43 -27.42 3.59
C LYS D 74 -31.89 -25.98 3.43
N GLU D 75 -31.33 -25.11 4.26
CA GLU D 75 -31.68 -23.70 4.23
C GLU D 75 -31.08 -23.03 3.01
N GLY D 76 -31.92 -22.29 2.29
CA GLY D 76 -31.51 -21.62 1.08
C GLY D 76 -31.75 -22.39 -0.20
N ILE D 77 -32.58 -23.43 -0.16
CA ILE D 77 -32.82 -24.26 -1.33
C ILE D 77 -33.52 -23.44 -2.41
N VAL D 78 -33.00 -23.54 -3.63
CA VAL D 78 -33.60 -22.86 -4.78
C VAL D 78 -34.92 -23.52 -5.13
N ASP D 79 -35.90 -22.70 -5.51
CA ASP D 79 -37.20 -23.22 -5.92
C ASP D 79 -37.05 -24.13 -7.13
N GLY D 80 -37.66 -25.30 -7.06
CA GLY D 80 -37.62 -26.27 -8.13
C GLY D 80 -36.60 -27.37 -7.98
N ILE D 81 -35.70 -27.28 -6.99
CA ILE D 81 -34.72 -28.34 -6.78
C ILE D 81 -35.41 -29.59 -6.25
N VAL D 82 -36.25 -29.42 -5.23
CA VAL D 82 -37.05 -30.51 -4.68
C VAL D 82 -38.43 -30.45 -5.30
N ALA D 83 -38.90 -31.57 -5.83
CA ALA D 83 -40.21 -31.62 -6.48
C ALA D 83 -41.30 -31.24 -5.50
N GLY D 84 -42.09 -30.23 -5.86
CA GLY D 84 -43.14 -29.74 -5.01
C GLY D 84 -42.71 -28.74 -3.95
N ASN D 85 -41.42 -28.41 -3.90
CA ASN D 85 -40.87 -27.48 -2.92
C ASN D 85 -41.15 -27.93 -1.48
N ARG D 86 -41.24 -29.24 -1.28
CA ARG D 86 -41.43 -29.77 0.06
C ARG D 86 -40.18 -29.51 0.92
N SER D 87 -40.40 -29.21 2.19
CA SER D 87 -39.31 -28.96 3.12
C SER D 87 -38.90 -30.18 3.91
N VAL D 88 -39.74 -31.20 3.99
CA VAL D 88 -39.43 -32.45 4.68
C VAL D 88 -39.68 -33.59 3.72
N LEU D 89 -38.65 -34.42 3.50
CA LEU D 89 -38.72 -35.55 2.59
C LEU D 89 -38.57 -36.83 3.38
N PHE D 90 -39.25 -37.89 2.95
CA PHE D 90 -39.24 -39.15 3.68
C PHE D 90 -38.89 -40.30 2.74
N GLY D 91 -38.03 -41.19 3.22
CA GLY D 91 -37.69 -42.39 2.50
C GLY D 91 -36.83 -42.15 1.27
N ASP D 92 -37.18 -42.80 0.16
CA ASP D 92 -36.43 -42.62 -1.08
C ASP D 92 -36.42 -41.16 -1.51
N ASP D 93 -37.53 -40.45 -1.32
CA ASP D 93 -37.58 -39.03 -1.66
C ASP D 93 -36.53 -38.23 -0.91
N ALA D 94 -36.09 -38.71 0.25
CA ALA D 94 -35.00 -38.07 0.99
C ALA D 94 -33.64 -38.65 0.65
N LEU D 95 -33.59 -39.88 0.13
CA LEU D 95 -32.30 -40.45 -0.28
C LEU D 95 -31.86 -39.95 -1.64
N GLN D 96 -32.79 -39.81 -2.59
CA GLN D 96 -32.45 -39.21 -3.87
C GLN D 96 -32.07 -37.75 -3.72
N ASN D 97 -32.66 -37.03 -2.77
CA ASN D 97 -32.34 -35.63 -2.50
C ASN D 97 -31.49 -35.49 -1.24
N ARG D 98 -30.56 -36.42 -1.02
CA ARG D 98 -29.70 -36.33 0.15
C ARG D 98 -28.61 -35.28 -0.03
N LEU D 99 -28.43 -34.75 -1.23
CA LEU D 99 -27.48 -33.67 -1.45
C LEU D 99 -28.08 -32.33 -1.05
N HIS D 100 -29.40 -32.19 -1.21
CA HIS D 100 -30.09 -30.96 -0.89
C HIS D 100 -30.73 -30.97 0.49
N ALA D 101 -30.78 -32.12 1.14
CA ALA D 101 -31.43 -32.26 2.44
C ALA D 101 -30.46 -32.81 3.48
N ARG D 102 -30.63 -32.36 4.72
CA ARG D 102 -29.92 -32.91 5.87
C ARG D 102 -30.68 -34.16 6.30
N LEU D 103 -30.06 -35.32 6.09
CA LEU D 103 -30.70 -36.57 6.46
C LEU D 103 -30.48 -36.88 7.93
N VAL D 104 -31.56 -37.28 8.60
CA VAL D 104 -31.50 -37.77 9.98
C VAL D 104 -32.26 -39.08 10.03
N ALA D 105 -31.60 -40.12 10.56
CA ALA D 105 -32.22 -41.41 10.74
C ALA D 105 -33.05 -41.38 12.02
N PRO D 106 -34.38 -41.51 11.94
CA PRO D 106 -35.19 -41.47 13.17
C PRO D 106 -34.80 -42.52 14.19
N MET D 107 -34.24 -43.65 13.77
CA MET D 107 -34.04 -44.80 14.63
C MET D 107 -32.59 -45.23 14.62
N GLU D 108 -32.09 -45.62 15.79
CA GLU D 108 -30.73 -46.12 15.95
C GLU D 108 -30.74 -47.25 16.96
N HIS D 109 -30.13 -48.37 16.62
CA HIS D 109 -30.10 -49.56 17.47
C HIS D 109 -31.51 -50.06 17.76
N GLY D 110 -32.38 -49.94 16.76
CA GLY D 110 -33.73 -50.45 16.88
C GLY D 110 -34.63 -49.68 17.82
N VAL D 111 -34.13 -48.56 18.36
CA VAL D 111 -34.92 -47.70 19.23
C VAL D 111 -34.90 -46.30 18.66
N ILE D 112 -35.94 -45.53 19.00
CA ILE D 112 -36.08 -44.18 18.48
C ILE D 112 -35.00 -43.30 19.11
N ALA D 113 -34.12 -42.76 18.27
CA ALA D 113 -33.05 -41.90 18.73
C ALA D 113 -33.33 -40.41 18.56
N HIS D 114 -34.08 -40.02 17.53
CA HIS D 114 -34.45 -38.63 17.28
C HIS D 114 -35.97 -38.53 17.33
N PRO D 115 -36.52 -38.05 18.44
CA PRO D 115 -37.99 -38.07 18.58
C PRO D 115 -38.72 -37.21 17.57
N ASP D 116 -38.18 -36.05 17.22
CA ASP D 116 -38.88 -35.17 16.27
C ASP D 116 -38.89 -35.75 14.87
N ALA D 117 -37.75 -36.21 14.38
CA ALA D 117 -37.70 -36.87 13.07
C ALA D 117 -38.53 -38.13 13.07
N ALA D 118 -38.54 -38.88 14.18
CA ALA D 118 -39.35 -40.09 14.24
C ALA D 118 -40.84 -39.75 14.18
N ARG D 119 -41.25 -38.67 14.83
CA ARG D 119 -42.65 -38.27 14.77
C ARG D 119 -43.02 -37.81 13.36
N ASP D 120 -42.15 -37.03 12.72
CA ASP D 120 -42.40 -36.65 11.32
C ASP D 120 -42.53 -37.87 10.43
N PHE D 121 -41.66 -38.86 10.64
CA PHE D 121 -41.64 -40.04 9.78
C PHE D 121 -42.87 -40.91 10.00
N VAL D 122 -43.28 -41.08 11.26
CA VAL D 122 -44.50 -41.84 11.55
C VAL D 122 -45.72 -41.09 11.02
N GLN D 123 -45.70 -39.76 11.08
CA GLN D 123 -46.79 -38.99 10.51
CA GLN D 123 -46.79 -38.98 10.51
C GLN D 123 -46.88 -39.18 9.00
N HIS D 124 -45.73 -39.25 8.32
CA HIS D 124 -45.73 -39.53 6.89
C HIS D 124 -46.26 -40.92 6.60
N LEU D 125 -45.81 -41.91 7.37
CA LEU D 125 -46.26 -43.28 7.14
C LEU D 125 -47.73 -43.47 7.47
N ARG D 126 -48.29 -42.64 8.34
CA ARG D 126 -49.73 -42.70 8.60
C ARG D 126 -50.51 -42.24 7.38
N SER D 127 -50.09 -41.13 6.76
CA SER D 127 -50.69 -40.71 5.51
C SER D 127 -50.48 -41.74 4.41
N LEU D 128 -49.38 -42.48 4.46
CA LEU D 128 -49.18 -43.55 3.48
C LEU D 128 -50.14 -44.71 3.71
N ALA D 129 -50.32 -45.13 4.97
CA ALA D 129 -51.26 -46.19 5.28
C ALA D 129 -52.70 -45.73 5.27
N ASP D 130 -52.93 -44.41 5.30
CA ASP D 130 -54.28 -43.86 5.32
C ASP D 130 -54.30 -42.61 4.46
N PRO D 131 -54.43 -42.78 3.14
CA PRO D 131 -54.42 -41.60 2.26
C PRO D 131 -55.54 -40.61 2.54
N SER D 132 -56.71 -41.10 2.98
CA SER D 132 -57.80 -40.20 3.32
C SER D 132 -57.49 -39.40 4.57
N GLY D 133 -56.79 -40.00 5.54
CA GLY D 133 -56.45 -39.29 6.75
C GLY D 133 -57.57 -39.17 7.76
N GLN D 134 -58.69 -39.84 7.53
CA GLN D 134 -59.82 -39.79 8.44
C GLN D 134 -60.08 -41.09 9.18
N ALA D 135 -59.50 -42.20 8.74
CA ALA D 135 -59.76 -43.48 9.37
C ALA D 135 -59.02 -43.59 10.71
N GLU D 136 -59.59 -44.39 11.60
CA GLU D 136 -59.00 -44.65 12.90
C GLU D 136 -57.94 -45.72 12.74
N ILE D 137 -56.67 -45.34 12.86
CA ILE D 137 -55.58 -46.29 12.67
C ILE D 137 -55.32 -47.03 13.97
N ARG D 138 -55.17 -48.35 13.88
CA ARG D 138 -54.79 -49.20 15.01
C ARG D 138 -53.52 -49.93 14.59
N ALA D 139 -52.38 -49.49 15.10
CA ALA D 139 -51.09 -49.97 14.61
C ALA D 139 -50.44 -50.92 15.61
N VAL D 140 -49.91 -52.01 15.07
CA VAL D 140 -49.03 -52.91 15.80
C VAL D 140 -47.61 -52.61 15.33
N VAL D 141 -46.85 -51.93 16.18
CA VAL D 141 -45.48 -51.55 15.86
C VAL D 141 -44.51 -52.60 16.39
N GLY D 142 -43.47 -52.90 15.61
CA GLY D 142 -42.47 -53.86 16.03
C GLY D 142 -41.35 -53.17 16.78
N VAL D 143 -41.07 -53.68 17.98
CA VAL D 143 -39.97 -53.19 18.82
C VAL D 143 -38.94 -54.30 18.91
N PRO D 144 -37.70 -53.97 19.31
CA PRO D 144 -36.68 -55.01 19.48
C PRO D 144 -37.10 -56.12 20.44
N ALA D 145 -36.24 -57.14 20.57
CA ALA D 145 -36.60 -58.32 21.36
C ALA D 145 -36.94 -57.94 22.80
N ASN D 146 -36.02 -57.27 23.48
CA ASN D 146 -36.21 -56.85 24.87
C ASN D 146 -36.12 -55.33 24.93
N ALA D 147 -37.05 -54.66 24.26
CA ALA D 147 -37.09 -53.20 24.25
C ALA D 147 -37.45 -52.70 25.64
N THR D 148 -36.59 -51.87 26.21
CA THR D 148 -36.85 -51.30 27.52
C THR D 148 -38.10 -50.43 27.48
N GLU D 149 -38.75 -50.30 28.64
CA GLU D 149 -39.99 -49.53 28.71
C GLU D 149 -39.79 -48.09 28.27
N GLN D 150 -38.59 -47.54 28.42
CA GLN D 150 -38.31 -46.22 27.83
C GLN D 150 -38.31 -46.28 26.31
N ALA D 151 -37.69 -47.32 25.75
CA ALA D 151 -37.67 -47.48 24.29
C ALA D 151 -39.05 -47.79 23.72
N ARG D 152 -39.97 -48.30 24.54
CA ARG D 152 -41.35 -48.51 24.10
C ARG D 152 -42.22 -47.28 24.30
N GLU D 153 -41.96 -46.50 25.34
CA GLU D 153 -42.68 -45.24 25.50
C GLU D 153 -42.21 -44.23 24.46
N ASP D 154 -40.98 -44.39 23.95
CA ASP D 154 -40.53 -43.56 22.84
C ASP D 154 -41.34 -43.84 21.58
N VAL D 155 -41.81 -45.08 21.42
CA VAL D 155 -42.60 -45.43 20.24
C VAL D 155 -44.07 -45.07 20.48
N ARG D 156 -44.56 -45.24 21.71
CA ARG D 156 -45.92 -44.84 22.03
C ARG D 156 -46.07 -43.33 22.13
N ARG D 157 -44.95 -42.60 22.21
CA ARG D 157 -45.00 -41.15 22.30
C ARG D 157 -44.85 -40.50 20.92
N CYS D 158 -44.07 -41.11 20.04
CA CYS D 158 -43.97 -40.68 18.66
C CYS D 158 -45.11 -41.19 17.80
N ALA D 159 -46.12 -41.79 18.42
CA ALA D 159 -47.31 -42.27 17.73
C ALA D 159 -48.59 -41.70 18.30
N PHE D 160 -48.52 -40.90 19.36
CA PHE D 160 -49.72 -40.29 19.92
C PHE D 160 -50.26 -39.23 18.97
N GLY D 161 -51.58 -39.24 18.77
CA GLY D 161 -52.20 -38.41 17.77
C GLY D 161 -52.02 -38.90 16.36
N ILE D 162 -51.24 -39.95 16.15
CA ILE D 162 -51.02 -40.55 14.85
C ILE D 162 -51.81 -41.85 14.78
N PHE D 163 -51.42 -42.83 15.59
CA PHE D 163 -52.16 -44.07 15.73
C PHE D 163 -53.09 -43.95 16.92
N ASP D 164 -54.36 -44.32 16.72
CA ASP D 164 -55.33 -44.21 17.81
C ASP D 164 -55.12 -45.30 18.86
N ARG D 165 -54.83 -46.52 18.43
CA ARG D 165 -54.50 -47.61 19.34
C ARG D 165 -53.19 -48.22 18.87
N ILE D 166 -52.31 -48.52 19.83
CA ILE D 166 -51.01 -49.09 19.50
C ILE D 166 -50.88 -50.44 20.20
N LEU D 167 -49.96 -51.25 19.68
CA LEU D 167 -49.66 -52.56 20.27
C LEU D 167 -48.23 -52.89 19.90
N LEU D 168 -47.38 -53.07 20.90
CA LEU D 168 -45.94 -53.23 20.68
C LEU D 168 -45.56 -54.68 20.90
N ILE D 169 -45.05 -55.32 19.84
CA ILE D 169 -44.66 -56.73 19.86
C ILE D 169 -43.22 -56.83 19.38
N PRO D 170 -42.41 -57.75 19.91
CA PRO D 170 -41.03 -57.90 19.44
C PRO D 170 -40.97 -58.14 17.94
N GLU D 171 -39.94 -57.57 17.31
CA GLU D 171 -39.74 -57.66 15.86
C GLU D 171 -39.49 -59.09 15.38
N PRO D 172 -38.71 -59.91 16.07
CA PRO D 172 -38.53 -61.29 15.58
C PRO D 172 -39.79 -62.14 15.66
N PHE D 173 -40.64 -61.91 16.67
CA PHE D 173 -41.90 -62.65 16.72
C PHE D 173 -42.82 -62.26 15.58
N LEU D 174 -42.86 -60.97 15.23
CA LEU D 174 -43.62 -60.54 14.06
C LEU D 174 -42.99 -61.06 12.78
N ALA D 175 -41.67 -61.18 12.72
CA ALA D 175 -41.04 -61.79 11.56
C ALA D 175 -41.45 -63.24 11.41
N ALA D 176 -41.55 -63.95 12.54
CA ALA D 176 -42.02 -65.34 12.50
C ALA D 176 -43.48 -65.42 12.08
N LEU D 177 -44.29 -64.47 12.54
CA LEU D 177 -45.71 -64.45 12.19
C LEU D 177 -45.94 -64.07 10.73
N GLY D 178 -45.07 -63.24 10.15
CA GLY D 178 -45.23 -62.82 8.78
C GLY D 178 -44.62 -63.79 7.79
N TYR D 179 -43.54 -64.45 8.19
CA TYR D 179 -43.00 -65.54 7.40
C TYR D 179 -43.98 -66.70 7.33
N ARG D 180 -44.80 -66.86 8.36
CA ARG D 180 -45.80 -67.92 8.39
C ARG D 180 -46.79 -67.75 7.24
N ASP D 181 -47.04 -68.84 6.53
CA ASP D 181 -47.97 -68.85 5.41
C ASP D 181 -49.30 -69.41 5.89
N ASP D 182 -50.26 -68.52 6.18
CA ASP D 182 -51.56 -68.96 6.65
C ASP D 182 -52.34 -69.70 5.57
N ALA D 183 -52.07 -69.40 4.30
CA ALA D 183 -52.71 -70.13 3.21
C ALA D 183 -52.23 -71.56 3.11
N ARG D 184 -51.08 -71.88 3.70
CA ARG D 184 -50.49 -73.21 3.61
C ARG D 184 -50.52 -73.94 4.95
N LEU D 185 -51.09 -73.33 5.98
CA LEU D 185 -51.17 -73.98 7.28
C LEU D 185 -52.03 -75.24 7.21
N GLY D 186 -51.85 -76.10 8.20
CA GLY D 186 -52.61 -77.33 8.28
C GLY D 186 -52.02 -78.46 7.48
N GLN D 187 -51.35 -78.13 6.37
CA GLN D 187 -50.74 -79.15 5.53
C GLN D 187 -49.59 -79.85 6.25
N SER D 188 -49.31 -81.08 5.82
CA SER D 188 -48.24 -81.85 6.47
C SER D 188 -46.89 -81.54 5.87
N ASN D 189 -46.85 -81.17 4.58
CA ASN D 189 -45.60 -80.86 3.91
C ASN D 189 -45.13 -79.44 4.15
N TYR D 190 -45.76 -78.70 5.06
CA TYR D 190 -45.39 -77.34 5.39
C TYR D 190 -45.06 -77.28 6.88
N ILE D 191 -43.81 -76.94 7.19
CA ILE D 191 -43.40 -76.79 8.58
C ILE D 191 -43.71 -75.37 9.05
N ASP D 192 -44.44 -75.26 10.14
CA ASP D 192 -44.88 -73.97 10.64
C ASP D 192 -43.71 -73.24 11.29
N PRO D 193 -43.33 -72.05 10.81
CA PRO D 193 -42.21 -71.33 11.43
C PRO D 193 -42.53 -70.78 12.81
N VAL D 194 -43.78 -70.87 13.27
CA VAL D 194 -44.15 -70.33 14.57
C VAL D 194 -44.29 -71.41 15.64
N VAL D 195 -44.56 -72.66 15.27
CA VAL D 195 -44.85 -73.68 16.27
C VAL D 195 -43.61 -73.98 17.10
N ASN D 196 -42.43 -73.99 16.48
CA ASN D 196 -41.19 -74.26 17.18
C ASN D 196 -40.01 -73.93 16.28
N SER D 197 -39.47 -72.73 16.43
CA SER D 197 -38.36 -72.29 15.60
C SER D 197 -37.58 -71.22 16.35
N LEU D 198 -36.42 -70.86 15.79
CA LEU D 198 -35.54 -69.88 16.40
C LEU D 198 -35.17 -68.85 15.35
N PHE D 199 -35.66 -67.64 15.51
CA PHE D 199 -35.55 -66.60 14.49
C PHE D 199 -34.41 -65.66 14.85
N ILE D 200 -33.50 -65.45 13.91
CA ILE D 200 -32.36 -64.56 14.08
C ILE D 200 -32.60 -63.38 13.15
N ASP D 201 -33.44 -62.44 13.60
CA ASP D 201 -33.76 -61.24 12.84
C ASP D 201 -32.58 -60.27 12.95
N ILE D 202 -31.66 -60.37 12.00
CA ILE D 202 -30.53 -59.46 11.93
C ILE D 202 -30.90 -58.27 11.07
N GLY D 203 -31.43 -57.21 11.70
CA GLY D 203 -31.78 -56.00 11.00
C GLY D 203 -30.57 -55.15 10.68
N GLY D 204 -30.77 -53.84 10.71
CA GLY D 204 -29.69 -52.90 10.49
C GLY D 204 -29.34 -52.15 11.75
N GLY D 205 -30.19 -52.26 12.77
CA GLY D 205 -29.92 -51.62 14.04
C GLY D 205 -29.62 -52.63 15.13
N THR D 206 -30.55 -53.55 15.34
CA THR D 206 -30.38 -54.64 16.29
C THR D 206 -30.42 -55.97 15.57
N SER D 207 -29.89 -57.00 16.24
CA SER D 207 -29.93 -58.38 15.76
C SER D 207 -30.62 -59.18 16.86
N ASP D 208 -31.94 -59.34 16.73
CA ASP D 208 -32.74 -59.98 17.76
C ASP D 208 -32.93 -61.45 17.45
N ILE D 209 -32.49 -62.31 18.36
CA ILE D 209 -32.74 -63.75 18.28
C ILE D 209 -33.90 -64.04 19.22
N CYS D 210 -34.78 -64.94 18.81
CA CYS D 210 -36.01 -65.18 19.56
C CYS D 210 -36.46 -66.63 19.39
N LEU D 211 -36.82 -67.26 20.50
CA LEU D 211 -37.38 -68.61 20.51
C LEU D 211 -38.87 -68.51 20.25
N VAL D 212 -39.28 -68.69 18.99
CA VAL D 212 -40.70 -68.61 18.63
C VAL D 212 -41.28 -70.00 18.78
N GLN D 213 -42.00 -70.24 19.88
CA GLN D 213 -42.47 -71.57 20.23
C GLN D 213 -43.99 -71.65 20.24
N GLY D 214 -44.66 -70.84 19.44
CA GLY D 214 -46.10 -70.89 19.26
C GLY D 214 -46.84 -69.75 19.93
N TYR D 215 -46.29 -69.21 21.01
CA TYR D 215 -46.96 -68.19 21.81
C TYR D 215 -46.11 -66.93 21.85
N PHE D 216 -46.65 -65.89 22.46
CA PHE D 216 -45.94 -64.64 22.65
C PHE D 216 -44.67 -64.89 23.44
N PRO D 217 -43.49 -64.56 22.91
CA PRO D 217 -42.24 -64.94 23.57
C PRO D 217 -42.03 -64.14 24.85
N GLY D 218 -41.58 -64.83 25.89
CA GLY D 218 -41.26 -64.19 27.14
C GLY D 218 -39.96 -63.42 27.07
N PRO D 219 -39.65 -62.71 28.15
CA PRO D 219 -38.40 -61.93 28.19
C PRO D 219 -37.14 -62.78 28.12
N ASP D 220 -37.21 -64.05 28.50
CA ASP D 220 -36.06 -64.95 28.42
C ASP D 220 -36.01 -65.71 27.11
N ASP D 221 -37.07 -65.67 26.31
CA ASP D 221 -37.10 -66.33 25.02
C ASP D 221 -36.47 -65.50 23.91
N GLN D 222 -35.92 -64.34 24.22
CA GLN D 222 -35.38 -63.45 23.20
C GLN D 222 -34.20 -62.66 23.74
N ILE D 223 -33.21 -62.44 22.88
CA ILE D 223 -32.03 -61.64 23.19
C ILE D 223 -31.81 -60.65 22.06
N SER D 224 -31.63 -59.38 22.40
CA SER D 224 -31.39 -58.32 21.43
C SER D 224 -29.98 -57.80 21.61
N ILE D 225 -29.21 -57.80 20.53
CA ILE D 225 -27.85 -57.27 20.50
C ILE D 225 -27.84 -56.04 19.60
N PRO D 226 -27.42 -54.89 20.08
CA PRO D 226 -27.36 -53.67 19.26
C PRO D 226 -26.20 -53.69 18.25
N PHE D 227 -26.02 -54.82 17.58
CA PHE D 227 -24.97 -54.99 16.58
C PHE D 227 -25.58 -55.64 15.35
N ALA D 228 -25.71 -54.88 14.27
CA ALA D 228 -26.32 -55.42 13.06
C ALA D 228 -25.71 -54.71 11.85
N GLY D 229 -26.57 -54.27 10.93
CA GLY D 229 -26.08 -53.66 9.70
C GLY D 229 -25.35 -52.36 9.93
N ASP D 230 -25.89 -51.49 10.78
CA ASP D 230 -25.23 -50.22 11.04
C ASP D 230 -23.91 -50.41 11.79
N ALA D 231 -23.81 -51.44 12.62
CA ALA D 231 -22.54 -51.74 13.28
C ALA D 231 -21.48 -52.23 12.32
N ILE D 232 -21.84 -53.07 11.33
CA ILE D 232 -20.88 -53.46 10.32
C ILE D 232 -20.52 -52.27 9.43
N ASP D 233 -21.48 -51.40 9.15
CA ASP D 233 -21.18 -50.16 8.44
C ASP D 233 -20.18 -49.31 9.20
N GLN D 234 -20.34 -49.20 10.52
CA GLN D 234 -19.40 -48.43 11.33
C GLN D 234 -18.03 -49.08 11.36
N LEU D 235 -18.00 -50.41 11.45
CA LEU D 235 -16.72 -51.11 11.41
C LEU D 235 -15.99 -50.93 10.09
N LEU D 236 -16.71 -50.96 8.96
CA LEU D 236 -16.09 -50.68 7.68
C LEU D 236 -15.66 -49.21 7.56
N GLN D 237 -16.47 -48.28 8.04
CA GLN D 237 -16.04 -46.88 8.08
C GLN D 237 -14.75 -46.71 8.86
N GLU D 238 -14.64 -47.42 9.99
CA GLU D 238 -13.42 -47.33 10.79
C GLU D 238 -12.23 -47.95 10.06
N GLU D 239 -12.41 -49.14 9.48
CA GLU D 239 -11.33 -49.81 8.76
C GLU D 239 -10.95 -49.10 7.46
N LEU D 240 -11.82 -48.22 6.94
CA LEU D 240 -11.51 -47.44 5.75
C LEU D 240 -10.89 -46.09 6.08
N ASN D 241 -11.37 -45.41 7.12
CA ASN D 241 -10.69 -44.19 7.57
C ASN D 241 -9.39 -44.49 8.28
N ARG D 242 -9.06 -45.76 8.50
CA ARG D 242 -7.80 -46.16 9.11
C ARG D 242 -6.74 -46.55 8.10
N THR D 243 -7.14 -47.18 7.00
CA THR D 243 -6.23 -47.54 5.92
C THR D 243 -6.25 -46.57 4.76
N TYR D 244 -7.41 -46.03 4.42
CA TYR D 244 -7.55 -45.06 3.34
C TYR D 244 -8.09 -43.75 3.94
N PRO D 245 -7.23 -42.97 4.59
CA PRO D 245 -7.71 -41.83 5.36
C PRO D 245 -8.29 -40.75 4.48
N ASN D 246 -9.26 -40.03 5.04
CA ASN D 246 -9.99 -38.97 4.33
C ASN D 246 -10.48 -39.48 2.98
N ASN D 247 -11.11 -40.66 2.99
CA ASN D 247 -11.65 -41.21 1.76
C ASN D 247 -12.93 -40.51 1.35
N GLY D 248 -13.64 -39.90 2.31
CA GLY D 248 -14.87 -39.22 2.02
C GLY D 248 -16.04 -40.11 1.69
N LEU D 249 -15.87 -41.43 1.72
CA LEU D 249 -16.98 -42.33 1.47
C LEU D 249 -18.05 -42.17 2.55
N SER D 250 -19.25 -41.78 2.14
CA SER D 250 -20.34 -41.60 3.09
C SER D 250 -20.79 -42.95 3.63
N LEU D 251 -21.57 -42.92 4.71
CA LEU D 251 -22.10 -44.14 5.28
C LEU D 251 -23.04 -44.84 4.29
N HIS D 252 -23.73 -44.06 3.46
CA HIS D 252 -24.61 -44.63 2.44
C HIS D 252 -23.85 -45.37 1.35
N LYS D 253 -22.55 -45.11 1.21
CA LYS D 253 -21.71 -45.83 0.25
CA LYS D 253 -21.72 -45.84 0.26
C LYS D 253 -20.92 -46.96 0.90
N VAL D 254 -20.44 -46.75 2.13
CA VAL D 254 -19.85 -47.83 2.91
C VAL D 254 -20.87 -48.92 3.20
N ARG D 255 -22.16 -48.57 3.20
CA ARG D 255 -23.23 -49.55 3.32
C ARG D 255 -23.48 -50.29 2.01
N GLU D 256 -23.41 -49.60 0.87
CA GLU D 256 -23.53 -50.29 -0.41
C GLU D 256 -22.36 -51.23 -0.66
N ILE D 257 -21.16 -50.85 -0.25
CA ILE D 257 -20.01 -51.76 -0.33
C ILE D 257 -20.30 -53.05 0.42
N LYS D 258 -20.86 -52.94 1.62
CA LYS D 258 -21.15 -54.11 2.43
C LYS D 258 -22.29 -54.93 1.83
N GLU D 259 -23.32 -54.26 1.29
CA GLU D 259 -24.44 -54.98 0.71
C GLU D 259 -24.04 -55.71 -0.56
N ALA D 260 -23.12 -55.14 -1.34
CA ALA D 260 -22.72 -55.74 -2.61
C ALA D 260 -21.60 -56.77 -2.47
N HIS D 261 -20.70 -56.59 -1.51
CA HIS D 261 -19.53 -57.46 -1.40
C HIS D 261 -19.33 -58.05 -0.01
N GLY D 262 -20.06 -57.58 1.00
CA GLY D 262 -19.87 -58.10 2.34
C GLY D 262 -20.20 -59.57 2.45
N TYR D 263 -19.43 -60.26 3.29
CA TYR D 263 -19.54 -61.70 3.42
C TYR D 263 -19.01 -62.10 4.78
N VAL D 264 -19.51 -63.24 5.29
CA VAL D 264 -19.02 -63.80 6.53
C VAL D 264 -18.31 -65.12 6.22
N GLY D 265 -17.34 -65.46 7.06
CA GLY D 265 -16.56 -66.66 6.88
C GLY D 265 -15.10 -66.35 6.62
N PRO D 266 -14.39 -67.29 6.01
CA PRO D 266 -12.98 -67.06 5.70
C PRO D 266 -12.82 -65.93 4.70
N SER D 267 -11.69 -65.22 4.80
CA SER D 267 -11.44 -64.09 3.94
C SER D 267 -11.37 -64.52 2.48
N ARG D 268 -11.89 -63.67 1.60
CA ARG D 268 -11.86 -63.89 0.16
C ARG D 268 -10.98 -62.82 -0.48
N LYS D 269 -9.79 -63.22 -0.92
CA LYS D 269 -8.84 -62.31 -1.54
C LYS D 269 -8.39 -62.87 -2.87
N PRO D 270 -8.24 -62.03 -3.90
CA PRO D 270 -8.54 -60.59 -3.84
C PRO D 270 -10.00 -60.28 -4.16
N LEU D 271 -10.55 -59.27 -3.49
CA LEU D 271 -11.93 -58.84 -3.70
C LEU D 271 -11.88 -57.33 -3.94
N ASP D 272 -11.87 -56.95 -5.22
CA ASP D 272 -11.70 -55.55 -5.59
C ASP D 272 -13.04 -54.82 -5.55
N VAL D 273 -13.07 -53.70 -4.82
CA VAL D 273 -14.25 -52.85 -4.71
C VAL D 273 -13.93 -51.53 -5.40
N LYS D 274 -14.69 -51.21 -6.44
CA LYS D 274 -14.50 -49.95 -7.17
C LYS D 274 -15.25 -48.85 -6.45
N VAL D 275 -14.50 -47.88 -5.91
CA VAL D 275 -15.07 -46.75 -5.18
C VAL D 275 -14.62 -45.46 -5.83
N VAL D 276 -15.15 -44.34 -5.34
CA VAL D 276 -14.84 -43.01 -5.85
C VAL D 276 -14.35 -42.19 -4.65
N ILE D 277 -13.03 -41.97 -4.58
CA ILE D 277 -12.41 -41.27 -3.46
C ILE D 277 -11.87 -39.95 -3.99
N GLY D 278 -12.52 -38.85 -3.65
CA GLY D 278 -12.07 -37.55 -4.07
C GLY D 278 -12.32 -37.25 -5.54
N GLY D 279 -13.41 -37.77 -6.09
CA GLY D 279 -13.72 -37.57 -7.49
C GLY D 279 -13.08 -38.60 -8.39
N LYS D 280 -11.96 -39.16 -7.95
CA LYS D 280 -11.20 -40.11 -8.75
C LYS D 280 -11.62 -41.54 -8.40
N ALA D 281 -11.71 -42.38 -9.42
CA ALA D 281 -12.18 -43.75 -9.28
C ALA D 281 -11.01 -44.64 -8.89
N HIS D 282 -11.04 -45.18 -7.68
CA HIS D 282 -10.04 -46.11 -7.19
C HIS D 282 -10.64 -47.50 -7.05
N THR D 283 -9.76 -48.50 -6.96
CA THR D 283 -10.16 -49.90 -6.84
C THR D 283 -9.47 -50.45 -5.60
N LEU D 284 -10.17 -50.42 -4.46
CA LEU D 284 -9.60 -50.89 -3.22
C LEU D 284 -9.67 -52.41 -3.12
N GLU D 285 -8.86 -52.97 -2.23
CA GLU D 285 -8.87 -54.38 -1.91
C GLU D 285 -9.42 -54.52 -0.50
N LEU D 286 -10.68 -54.92 -0.38
CA LEU D 286 -11.37 -54.98 0.91
C LEU D 286 -11.84 -56.39 1.22
N GLY D 287 -11.07 -57.40 0.84
CA GLY D 287 -11.42 -58.76 1.20
C GLY D 287 -11.35 -58.96 2.70
N ASP D 288 -10.16 -58.72 3.26
CA ASP D 288 -9.98 -58.81 4.71
C ASP D 288 -10.84 -57.79 5.44
N THR D 289 -11.03 -56.60 4.87
CA THR D 289 -11.84 -55.58 5.53
C THR D 289 -13.28 -56.02 5.68
N LEU D 290 -13.92 -56.43 4.58
CA LEU D 290 -15.29 -56.91 4.64
C LEU D 290 -15.40 -58.16 5.51
N ALA D 291 -14.40 -59.04 5.43
CA ALA D 291 -14.44 -60.24 6.27
C ALA D 291 -14.43 -59.88 7.75
N ARG D 292 -13.49 -59.03 8.18
CA ARG D 292 -13.41 -58.66 9.58
C ARG D 292 -14.61 -57.85 10.03
N ALA D 293 -15.22 -57.08 9.12
CA ALA D 293 -16.38 -56.29 9.49
C ALA D 293 -17.62 -57.16 9.65
N CYS D 294 -17.82 -58.13 8.77
CA CYS D 294 -19.04 -58.92 8.80
C CYS D 294 -18.95 -60.10 9.75
N ASN D 295 -17.75 -60.63 9.99
CA ASN D 295 -17.61 -61.72 10.95
C ASN D 295 -17.77 -61.25 12.39
N ALA D 296 -17.63 -59.95 12.64
CA ALA D 296 -17.94 -59.44 13.96
C ALA D 296 -19.41 -59.60 14.29
N LEU D 297 -20.30 -59.48 13.29
CA LEU D 297 -21.70 -59.76 13.52
C LEU D 297 -21.92 -61.20 13.98
N ILE D 298 -21.23 -62.14 13.36
CA ILE D 298 -21.34 -63.54 13.78
C ILE D 298 -20.80 -63.71 15.19
N ASP D 299 -19.63 -63.13 15.46
CA ASP D 299 -19.04 -63.21 16.79
C ASP D 299 -19.90 -62.56 17.86
N LYS D 300 -20.78 -61.63 17.49
CA LYS D 300 -21.70 -61.03 18.46
C LYS D 300 -22.97 -61.86 18.63
N ILE D 301 -23.57 -62.32 17.53
CA ILE D 301 -24.86 -62.97 17.61
C ILE D 301 -24.76 -64.46 17.91
N TYR D 302 -23.55 -65.03 17.89
CA TYR D 302 -23.44 -66.46 18.17
C TYR D 302 -23.50 -66.77 19.65
N PRO D 303 -22.87 -66.00 20.54
CA PRO D 303 -23.06 -66.25 21.98
C PRO D 303 -24.51 -66.11 22.43
N ALA D 304 -25.32 -65.32 21.73
CA ALA D 304 -26.73 -65.22 22.03
C ALA D 304 -27.57 -66.22 21.24
N LEU D 305 -27.06 -66.73 20.13
CA LEU D 305 -27.73 -67.83 19.44
C LEU D 305 -27.64 -69.11 20.27
N THR D 306 -26.43 -69.47 20.69
CA THR D 306 -26.25 -70.66 21.51
C THR D 306 -26.91 -70.52 22.88
N THR D 307 -26.95 -69.31 23.44
CA THR D 307 -27.63 -69.11 24.72
C THR D 307 -29.10 -69.49 24.62
N LEU D 308 -29.78 -69.06 23.56
CA LEU D 308 -31.18 -69.41 23.40
C LEU D 308 -31.37 -70.86 22.97
N ILE D 309 -30.40 -71.42 22.23
CA ILE D 309 -30.48 -72.85 21.90
C ILE D 309 -30.43 -73.68 23.17
N GLN D 310 -29.59 -73.29 24.13
CA GLN D 310 -29.52 -74.00 25.40
C GLN D 310 -30.59 -73.56 26.39
N ARG D 311 -31.32 -72.48 26.11
CA ARG D 311 -32.46 -72.11 26.92
C ARG D 311 -33.73 -72.85 26.54
N ALA D 312 -33.79 -73.40 25.33
CA ALA D 312 -34.98 -74.10 24.89
C ALA D 312 -35.16 -75.40 25.67
N SER D 313 -36.40 -75.87 25.73
CA SER D 313 -36.70 -77.13 26.40
C SER D 313 -36.02 -78.28 25.69
N SER D 314 -35.46 -79.21 26.47
CA SER D 314 -34.77 -80.35 25.89
C SER D 314 -35.68 -81.19 25.02
N ASP D 315 -36.99 -81.19 25.29
CA ASP D 315 -37.92 -81.97 24.47
C ASP D 315 -38.07 -81.37 23.08
N SER D 316 -37.81 -80.08 22.91
CA SER D 316 -38.06 -79.39 21.66
C SER D 316 -36.81 -78.80 21.01
N VAL D 317 -35.63 -78.94 21.62
CA VAL D 317 -34.44 -78.33 21.05
C VAL D 317 -33.97 -79.06 19.81
N VAL D 318 -34.25 -80.35 19.69
CA VAL D 318 -33.83 -81.11 18.52
C VAL D 318 -34.55 -80.62 17.28
N THR D 319 -35.82 -80.20 17.44
CA THR D 319 -36.57 -79.63 16.33
C THR D 319 -36.25 -78.15 16.14
N LEU D 320 -35.99 -77.45 17.26
CA LEU D 320 -35.58 -76.05 17.18
C LEU D 320 -34.31 -75.89 16.35
N LEU D 321 -33.36 -76.81 16.52
CA LEU D 321 -32.13 -76.74 15.74
C LEU D 321 -32.39 -76.99 14.26
N GLN D 322 -33.41 -77.78 13.93
CA GLN D 322 -33.76 -77.98 12.53
C GLN D 322 -34.56 -76.82 11.96
N ASN D 323 -35.17 -76.01 12.82
CA ASN D 323 -35.92 -74.83 12.36
C ASN D 323 -35.26 -73.54 12.85
N ILE D 324 -34.01 -73.31 12.44
CA ILE D 324 -33.36 -72.03 12.70
C ILE D 324 -33.46 -71.18 11.45
N ILE D 325 -34.05 -69.99 11.59
CA ILE D 325 -34.38 -69.14 10.45
C ILE D 325 -33.76 -67.76 10.68
N ILE D 326 -33.04 -67.27 9.67
CA ILE D 326 -32.47 -65.93 9.68
C ILE D 326 -33.34 -65.01 8.84
N THR D 327 -33.80 -63.92 9.44
CA THR D 327 -34.56 -62.92 8.70
C THR D 327 -33.92 -61.54 8.85
N GLY D 328 -34.58 -60.52 8.34
CA GLY D 328 -34.02 -59.18 8.37
C GLY D 328 -32.99 -58.98 7.27
N GLY D 329 -32.49 -57.76 7.13
CA GLY D 329 -31.51 -57.48 6.10
C GLY D 329 -30.25 -58.32 6.23
N GLY D 330 -29.79 -58.54 7.46
CA GLY D 330 -28.58 -59.32 7.68
C GLY D 330 -28.65 -60.75 7.22
N SER D 331 -29.85 -61.27 6.93
CA SER D 331 -29.96 -62.60 6.35
C SER D 331 -29.40 -62.64 4.94
N GLN D 332 -29.33 -61.50 4.25
CA GLN D 332 -28.82 -61.43 2.90
C GLN D 332 -27.30 -61.39 2.84
N ILE D 333 -26.62 -61.43 3.99
CA ILE D 333 -25.16 -61.48 3.99
C ILE D 333 -24.72 -62.77 3.31
N LYS D 334 -23.73 -62.65 2.42
CA LYS D 334 -23.29 -63.79 1.62
C LYS D 334 -22.72 -64.89 2.52
N GLY D 335 -23.43 -66.01 2.59
CA GLY D 335 -22.93 -67.15 3.33
C GLY D 335 -23.11 -67.07 4.83
N ILE D 336 -24.18 -66.47 5.31
CA ILE D 336 -24.42 -66.38 6.75
C ILE D 336 -25.14 -67.62 7.29
N ASP D 337 -26.08 -68.18 6.53
CA ASP D 337 -26.74 -69.40 6.98
C ASP D 337 -25.79 -70.59 6.99
N THR D 338 -24.95 -70.72 5.95
CA THR D 338 -23.97 -71.80 5.93
C THR D 338 -22.96 -71.65 7.05
N LEU D 339 -22.49 -70.42 7.31
CA LEU D 339 -21.51 -70.21 8.38
C LEU D 339 -22.13 -70.50 9.74
N LEU D 340 -23.37 -70.07 9.95
CA LEU D 340 -24.00 -70.33 11.25
C LEU D 340 -24.29 -71.81 11.44
N GLN D 341 -24.72 -72.50 10.38
CA GLN D 341 -24.94 -73.94 10.49
C GLN D 341 -23.63 -74.67 10.75
N LYS D 342 -22.54 -74.23 10.12
CA LYS D 342 -21.24 -74.84 10.36
C LYS D 342 -20.79 -74.61 11.81
N LYS D 343 -20.93 -73.38 12.29
CA LYS D 343 -20.52 -73.07 13.66
C LYS D 343 -21.37 -73.82 14.68
N LEU D 344 -22.64 -74.08 14.37
CA LEU D 344 -23.48 -74.84 15.29
C LEU D 344 -23.17 -76.33 15.22
N THR D 345 -22.80 -76.83 14.04
CA THR D 345 -22.48 -78.25 13.91
C THR D 345 -21.15 -78.57 14.58
N GLU D 346 -20.15 -77.69 14.41
CA GLU D 346 -18.84 -77.92 15.03
C GLU D 346 -18.92 -77.86 16.55
N ASP D 347 -19.90 -77.14 17.09
CA ASP D 347 -20.08 -77.08 18.53
C ASP D 347 -20.83 -78.28 19.08
N GLY D 348 -21.20 -79.24 18.24
CA GLY D 348 -21.86 -80.44 18.69
C GLY D 348 -23.36 -80.36 18.82
N PHE D 349 -23.99 -79.30 18.33
CA PHE D 349 -25.44 -79.18 18.44
C PHE D 349 -26.11 -80.25 17.59
N GLU D 350 -27.26 -80.73 18.08
CA GLU D 350 -27.91 -81.89 17.48
C GLU D 350 -28.43 -81.58 16.09
N SER D 351 -27.56 -81.75 15.08
CA SER D 351 -27.88 -81.62 13.66
C SER D 351 -28.63 -80.33 13.38
N PRO D 352 -27.99 -79.18 13.47
CA PRO D 352 -28.68 -77.92 13.18
C PRO D 352 -28.91 -77.74 11.69
N LYS D 353 -29.91 -76.91 11.38
CA LYS D 353 -30.24 -76.59 10.00
C LYS D 353 -30.66 -75.12 9.96
N VAL D 354 -29.70 -74.25 9.65
CA VAL D 354 -29.94 -72.82 9.60
C VAL D 354 -30.49 -72.46 8.23
N ARG D 355 -31.62 -71.77 8.21
CA ARG D 355 -32.34 -71.43 6.99
C ARG D 355 -32.49 -69.91 6.90
N LEU D 356 -32.52 -69.41 5.66
CA LEU D 356 -32.79 -68.01 5.41
C LEU D 356 -34.29 -67.79 5.28
N ALA D 357 -34.75 -66.60 5.70
CA ALA D 357 -36.17 -66.29 5.64
C ALA D 357 -36.70 -66.41 4.22
N GLY D 358 -36.28 -65.52 3.35
CA GLY D 358 -36.69 -65.54 1.96
C GLY D 358 -36.44 -64.20 1.32
N HIS D 359 -37.00 -64.04 0.11
CA HIS D 359 -36.84 -62.79 -0.61
C HIS D 359 -37.59 -61.64 0.07
N ASP D 360 -38.73 -61.93 0.68
CA ASP D 360 -39.58 -60.92 1.29
C ASP D 360 -39.20 -60.69 2.74
N TYR D 361 -37.91 -60.49 3.00
CA TYR D 361 -37.42 -60.26 4.36
C TYR D 361 -37.76 -58.87 4.89
N LYS D 362 -38.25 -57.98 4.03
CA LYS D 362 -38.56 -56.61 4.44
CA LYS D 362 -38.55 -56.62 4.47
C LYS D 362 -39.97 -56.48 5.00
N ARG D 363 -40.92 -57.25 4.47
CA ARG D 363 -42.30 -57.16 4.89
C ARG D 363 -42.66 -58.19 5.96
N TYR D 364 -41.73 -59.06 6.34
CA TYR D 364 -42.07 -60.13 7.28
C TYR D 364 -42.50 -59.58 8.62
N VAL D 365 -41.78 -58.59 9.16
CA VAL D 365 -42.21 -57.96 10.39
C VAL D 365 -43.52 -57.21 10.20
N ALA D 366 -43.72 -56.58 9.05
CA ALA D 366 -44.97 -55.87 8.79
C ALA D 366 -46.11 -56.84 8.53
N LEU D 367 -45.87 -57.91 7.78
CA LEU D 367 -46.90 -58.95 7.64
C LEU D 367 -47.28 -59.54 8.99
N GLY D 368 -46.31 -59.80 9.85
CA GLY D 368 -46.62 -60.34 11.16
C GLY D 368 -47.34 -59.35 12.06
N ALA D 369 -46.99 -58.06 11.96
CA ALA D 369 -47.68 -57.05 12.75
C ALA D 369 -49.10 -56.84 12.27
N LEU D 370 -49.33 -57.01 10.96
CA LEU D 370 -50.68 -56.92 10.45
C LEU D 370 -51.50 -58.15 10.83
N LYS D 371 -50.87 -59.33 10.83
CA LYS D 371 -51.55 -60.54 11.28
C LYS D 371 -51.86 -60.47 12.77
N ALA D 372 -51.02 -59.79 13.55
CA ALA D 372 -51.28 -59.61 14.97
C ALA D 372 -52.26 -58.48 15.24
N ALA D 373 -52.41 -57.53 14.31
CA ALA D 373 -53.42 -56.50 14.47
C ALA D 373 -54.81 -57.05 14.21
N ARG D 374 -54.96 -57.89 13.19
CA ARG D 374 -56.23 -58.53 12.90
C ARG D 374 -56.63 -59.54 13.95
N ALA D 375 -55.67 -60.14 14.65
CA ALA D 375 -55.96 -61.11 15.69
C ALA D 375 -55.88 -60.54 17.09
N ALA D 376 -55.61 -59.24 17.24
CA ALA D 376 -55.54 -58.64 18.56
C ALA D 376 -56.94 -58.46 19.13
N ARG D 377 -57.12 -58.86 20.39
CA ARG D 377 -58.38 -58.65 21.06
C ARG D 377 -58.61 -57.15 21.31
N GLU D 378 -59.87 -56.81 21.60
CA GLU D 378 -60.19 -55.42 21.87
C GLU D 378 -59.48 -54.91 23.11
N ASN D 379 -59.19 -55.79 24.07
CA ASN D 379 -58.49 -55.41 25.28
C ASN D 379 -56.98 -55.44 25.13
N GLN D 380 -56.47 -55.87 23.98
CA GLN D 380 -55.03 -55.88 23.73
C GLN D 380 -54.50 -54.57 23.20
N TRP D 381 -55.36 -53.74 22.62
CA TRP D 381 -54.93 -52.46 22.07
C TRP D 381 -54.65 -51.47 23.19
N GLN D 382 -53.52 -50.77 23.09
CA GLN D 382 -53.14 -49.78 24.08
C GLN D 382 -53.60 -48.40 23.65
N VAL D 383 -54.29 -47.70 24.54
CA VAL D 383 -54.81 -46.37 24.26
C VAL D 383 -53.69 -45.36 24.45
N LEU D 384 -53.53 -44.47 23.47
CA LEU D 384 -52.47 -43.47 23.48
C LEU D 384 -53.09 -42.12 23.86
N LEU D 385 -52.91 -41.73 25.11
CA LEU D 385 -53.40 -40.45 25.62
C LEU D 385 -52.21 -39.58 26.02
N GLY D 386 -52.39 -38.27 25.91
CA GLY D 386 -51.35 -37.32 26.24
C GLY D 386 -51.74 -35.89 25.94
N THR E 34 31.56 27.51 -73.58
CA THR E 34 32.88 28.03 -73.27
C THR E 34 33.54 27.22 -72.16
N LYS E 35 34.85 27.39 -72.00
CA LYS E 35 35.61 26.67 -70.99
C LYS E 35 35.83 27.56 -69.77
N THR E 36 35.92 26.93 -68.61
CA THR E 36 36.09 27.63 -67.34
C THR E 36 37.55 27.60 -66.91
N VAL E 37 38.04 28.75 -66.46
CA VAL E 37 39.42 28.92 -66.02
C VAL E 37 39.39 29.37 -64.58
N LEU E 38 39.87 28.52 -63.67
CA LEU E 38 39.94 28.88 -62.26
C LEU E 38 41.21 29.68 -62.02
N VAL E 39 41.07 30.84 -61.41
CA VAL E 39 42.14 31.82 -61.27
C VAL E 39 42.36 32.10 -59.80
N GLY E 40 43.50 31.68 -59.28
CA GLY E 40 43.95 32.12 -57.98
C GLY E 40 44.57 33.49 -58.09
N PHE E 41 43.94 34.49 -57.48
CA PHE E 41 44.31 35.88 -57.63
C PHE E 41 44.74 36.42 -56.27
N ASP E 42 45.98 36.93 -56.20
CA ASP E 42 46.51 37.54 -54.99
C ASP E 42 46.68 39.02 -55.34
N PHE E 43 45.65 39.81 -55.04
CA PHE E 43 45.67 41.25 -55.28
C PHE E 43 46.41 41.91 -54.12
N GLY E 44 47.68 42.21 -54.34
CA GLY E 44 48.50 42.78 -53.29
C GLY E 44 48.64 44.28 -53.39
N THR E 45 49.14 44.87 -52.31
CA THR E 45 49.43 46.30 -52.32
C THR E 45 50.68 46.63 -53.11
N ASN E 46 51.68 45.74 -53.09
CA ASN E 46 52.92 45.93 -53.81
CA ASN E 46 52.92 45.94 -53.82
C ASN E 46 53.00 45.11 -55.08
N LYS E 47 52.66 43.81 -55.01
CA LYS E 47 52.67 42.94 -56.17
C LYS E 47 51.46 42.02 -56.10
N SER E 48 50.76 41.89 -57.22
CA SER E 48 49.66 40.96 -57.35
C SER E 48 50.10 39.79 -58.21
N CYS E 49 49.75 38.59 -57.78
CA CYS E 49 50.17 37.37 -58.48
C CYS E 49 48.94 36.63 -58.95
N VAL E 50 48.88 36.33 -60.25
CA VAL E 50 47.73 35.71 -60.87
C VAL E 50 48.13 34.33 -61.37
N LEU E 51 47.31 33.33 -61.04
CA LEU E 51 47.50 31.96 -61.50
C LEU E 51 46.21 31.48 -62.14
N ALA E 52 46.34 30.75 -63.24
CA ALA E 52 45.18 30.28 -63.99
C ALA E 52 45.38 28.81 -64.35
N GLY E 53 44.34 28.01 -64.09
CA GLY E 53 44.35 26.60 -64.44
C GLY E 53 42.97 26.08 -64.73
N THR E 54 42.87 25.00 -65.51
CA THR E 54 41.58 24.42 -65.80
C THR E 54 41.07 23.61 -64.60
N ALA E 55 39.82 23.16 -64.70
CA ALA E 55 39.23 22.36 -63.64
C ALA E 55 39.67 20.90 -63.78
N GLY E 56 39.68 20.21 -62.64
CA GLY E 56 40.05 18.80 -62.63
C GLY E 56 41.53 18.51 -62.64
N ALA E 57 42.28 19.29 -63.42
CA ALA E 57 43.74 19.12 -63.47
C ALA E 57 44.37 19.71 -62.21
N THR E 58 45.69 19.56 -62.12
CA THR E 58 46.45 20.16 -61.03
C THR E 58 47.62 21.03 -61.50
N ASP E 59 47.93 21.02 -62.80
CA ASP E 59 48.98 21.88 -63.31
C ASP E 59 48.52 23.33 -63.33
N ILE E 60 49.47 24.22 -63.56
CA ILE E 60 49.23 25.66 -63.52
C ILE E 60 49.52 26.23 -64.90
N ALA E 61 48.46 26.59 -65.63
CA ALA E 61 48.63 27.08 -66.99
C ALA E 61 49.34 28.42 -67.01
N ILE E 62 48.78 29.42 -66.31
CA ILE E 62 49.34 30.77 -66.29
C ILE E 62 49.81 31.05 -64.87
N SER E 63 50.97 31.70 -64.75
CA SER E 63 51.51 32.10 -63.46
C SER E 63 52.32 33.38 -63.67
N LYS E 64 51.72 34.52 -63.38
CA LYS E 64 52.35 35.82 -63.57
C LYS E 64 52.40 36.57 -62.24
N ILE E 65 53.45 37.37 -62.07
CA ILE E 65 53.64 38.18 -60.87
C ILE E 65 53.82 39.62 -61.35
N VAL E 66 52.76 40.40 -61.25
CA VAL E 66 52.73 41.76 -61.80
C VAL E 66 52.71 42.73 -60.63
N PRO E 67 53.68 43.65 -60.54
CA PRO E 67 53.63 44.65 -59.47
C PRO E 67 52.36 45.47 -59.54
N THR E 68 51.62 45.52 -58.43
CA THR E 68 50.35 46.23 -58.40
C THR E 68 50.58 47.72 -58.60
N VAL E 69 50.59 48.15 -59.86
CA VAL E 69 50.74 49.54 -60.22
C VAL E 69 50.17 49.74 -61.61
N VAL E 70 49.57 50.91 -61.83
CA VAL E 70 49.04 51.28 -63.14
C VAL E 70 49.64 52.62 -63.54
N GLY E 71 50.37 52.64 -64.65
CA GLY E 71 50.95 53.87 -65.12
C GLY E 71 50.16 54.45 -66.27
N TYR E 72 49.52 55.59 -66.03
CA TYR E 72 48.79 56.29 -67.08
C TYR E 72 49.78 57.17 -67.82
N VAL E 73 50.02 56.85 -69.10
CA VAL E 73 51.02 57.56 -69.89
C VAL E 73 50.70 59.04 -69.89
N LYS E 74 51.71 59.86 -69.61
CA LYS E 74 51.53 61.29 -69.41
C LYS E 74 51.06 61.96 -70.70
N GLU E 75 50.42 63.11 -70.53
CA GLU E 75 49.89 63.86 -71.66
C GLU E 75 51.02 64.54 -72.43
N GLY E 76 51.02 64.35 -73.74
CA GLY E 76 52.07 64.90 -74.59
C GLY E 76 53.20 63.95 -74.88
N ILE E 77 53.03 62.65 -74.66
CA ILE E 77 54.10 61.69 -74.89
C ILE E 77 54.44 61.61 -76.37
N VAL E 78 55.72 61.72 -76.68
CA VAL E 78 56.20 61.60 -78.05
C VAL E 78 56.04 60.16 -78.51
N ASP E 79 55.68 59.99 -79.78
CA ASP E 79 55.51 58.65 -80.32
C ASP E 79 56.81 57.88 -80.28
N GLY E 80 56.74 56.62 -79.84
CA GLY E 80 57.90 55.77 -79.76
C GLY E 80 58.55 55.70 -78.40
N ILE E 81 58.19 56.58 -77.47
CA ILE E 81 58.75 56.52 -76.12
C ILE E 81 58.29 55.26 -75.40
N VAL E 82 56.98 55.00 -75.43
CA VAL E 82 56.39 53.79 -74.87
C VAL E 82 56.19 52.80 -75.99
N ALA E 83 56.69 51.57 -75.78
CA ALA E 83 56.60 50.54 -76.81
C ALA E 83 55.14 50.24 -77.14
N GLY E 84 54.80 50.38 -78.41
CA GLY E 84 53.44 50.16 -78.86
C GLY E 84 52.51 51.35 -78.69
N ASN E 85 53.02 52.47 -78.18
CA ASN E 85 52.22 53.68 -77.96
C ASN E 85 51.03 53.41 -77.05
N ARG E 86 51.17 52.47 -76.12
CA ARG E 86 50.11 52.19 -75.17
C ARG E 86 49.95 53.37 -74.22
N SER E 87 48.69 53.67 -73.89
CA SER E 87 48.37 54.78 -73.00
C SER E 87 48.26 54.37 -71.54
N VAL E 88 48.13 53.07 -71.26
CA VAL E 88 48.04 52.57 -69.89
C VAL E 88 48.96 51.37 -69.77
N LEU E 89 49.91 51.42 -68.84
CA LEU E 89 50.90 50.39 -68.63
C LEU E 89 50.66 49.71 -67.30
N PHE E 90 51.00 48.43 -67.20
CA PHE E 90 50.73 47.66 -65.99
C PHE E 90 51.98 46.93 -65.53
N GLY E 91 52.20 46.94 -64.23
CA GLY E 91 53.28 46.17 -63.63
C GLY E 91 54.67 46.71 -63.91
N ASP E 92 55.61 45.81 -64.20
CA ASP E 92 56.96 46.24 -64.55
C ASP E 92 56.95 47.16 -65.77
N ASP E 93 56.08 46.89 -66.73
CA ASP E 93 55.94 47.75 -67.90
C ASP E 93 55.61 49.19 -67.50
N ALA E 94 54.99 49.39 -66.35
CA ALA E 94 54.73 50.74 -65.84
C ALA E 94 55.81 51.24 -64.89
N LEU E 95 56.60 50.32 -64.32
CA LEU E 95 57.72 50.76 -63.48
C LEU E 95 58.93 51.16 -64.31
N GLN E 96 59.19 50.44 -65.41
CA GLN E 96 60.25 50.85 -66.32
C GLN E 96 59.95 52.18 -66.97
N ASN E 97 58.69 52.47 -67.28
CA ASN E 97 58.29 53.73 -67.88
C ASN E 97 57.62 54.64 -66.85
N ARG E 98 58.14 54.65 -65.61
CA ARG E 98 57.58 55.54 -64.61
C ARG E 98 58.01 56.98 -64.80
N LEU E 99 59.01 57.23 -65.64
CA LEU E 99 59.39 58.60 -65.98
C LEU E 99 58.40 59.21 -66.96
N HIS E 100 57.81 58.39 -67.83
CA HIS E 100 56.87 58.85 -68.83
C HIS E 100 55.42 58.69 -68.41
N ALA E 101 55.15 58.00 -67.32
CA ALA E 101 53.80 57.69 -66.90
C ALA E 101 53.56 58.14 -65.46
N ARG E 102 52.31 58.51 -65.18
CA ARG E 102 51.86 58.81 -63.82
C ARG E 102 51.45 57.50 -63.18
N LEU E 103 52.22 57.05 -62.19
CA LEU E 103 51.93 55.79 -61.54
C LEU E 103 50.89 55.98 -60.44
N VAL E 104 49.92 55.08 -60.40
CA VAL E 104 48.95 55.02 -59.32
C VAL E 104 48.89 53.59 -58.82
N ALA E 105 49.01 53.41 -57.50
CA ALA E 105 48.92 52.09 -56.89
C ALA E 105 47.45 51.77 -56.68
N PRO E 106 46.90 50.78 -57.37
CA PRO E 106 45.48 50.45 -57.17
C PRO E 106 45.11 50.13 -55.74
N MET E 107 46.04 49.62 -54.95
CA MET E 107 45.75 49.09 -53.62
C MET E 107 46.57 49.82 -52.57
N GLU E 108 45.94 50.12 -51.44
CA GLU E 108 46.62 50.72 -50.31
C GLU E 108 46.07 50.10 -49.03
N HIS E 109 46.97 49.65 -48.15
CA HIS E 109 46.61 48.97 -46.92
C HIS E 109 45.84 47.68 -47.21
N GLY E 110 46.20 47.04 -48.32
CA GLY E 110 45.61 45.77 -48.69
C GLY E 110 44.17 45.86 -49.14
N VAL E 111 43.65 47.08 -49.29
CA VAL E 111 42.29 47.29 -49.77
C VAL E 111 42.35 48.22 -50.97
N ILE E 112 41.37 48.08 -51.86
CA ILE E 112 41.35 48.87 -53.09
C ILE E 112 41.12 50.33 -52.75
N ALA E 113 42.12 51.17 -53.06
CA ALA E 113 42.04 52.59 -52.78
C ALA E 113 41.65 53.43 -54.00
N HIS E 114 42.04 53.02 -55.20
CA HIS E 114 41.70 53.73 -56.44
C HIS E 114 40.86 52.79 -57.29
N PRO E 115 39.54 52.97 -57.32
CA PRO E 115 38.68 52.00 -58.02
C PRO E 115 38.93 51.93 -59.52
N ASP E 116 39.19 53.05 -60.18
CA ASP E 116 39.39 53.03 -61.63
C ASP E 116 40.70 52.36 -62.01
N ALA E 117 41.81 52.73 -61.35
CA ALA E 117 43.08 52.06 -61.57
C ALA E 117 42.99 50.58 -61.22
N ALA E 118 42.28 50.25 -60.14
CA ALA E 118 42.13 48.84 -59.77
C ALA E 118 41.34 48.07 -60.82
N ARG E 119 40.30 48.69 -61.40
CA ARG E 119 39.56 48.01 -62.44
C ARG E 119 40.41 47.81 -63.69
N ASP E 120 41.14 48.84 -64.12
CA ASP E 120 42.07 48.68 -65.24
C ASP E 120 43.06 47.55 -64.97
N PHE E 121 43.56 47.47 -63.74
CA PHE E 121 44.61 46.53 -63.42
C PHE E 121 44.09 45.09 -63.37
N VAL E 122 42.90 44.90 -62.78
CA VAL E 122 42.28 43.57 -62.81
C VAL E 122 41.90 43.19 -64.24
N GLN E 123 41.52 44.17 -65.06
CA GLN E 123 41.25 43.88 -66.46
CA GLN E 123 41.26 43.89 -66.46
C GLN E 123 42.51 43.41 -67.18
N HIS E 124 43.66 44.00 -66.86
CA HIS E 124 44.91 43.54 -67.44
C HIS E 124 45.26 42.14 -66.97
N LEU E 125 45.13 41.89 -65.67
CA LEU E 125 45.46 40.57 -65.15
C LEU E 125 44.49 39.49 -65.62
N ARG E 126 43.28 39.87 -66.01
CA ARG E 126 42.37 38.91 -66.63
C ARG E 126 42.87 38.47 -67.99
N SER E 127 43.30 39.44 -68.81
CA SER E 127 43.92 39.11 -70.08
C SER E 127 45.20 38.31 -69.90
N LEU E 128 45.92 38.53 -68.79
CA LEU E 128 47.09 37.70 -68.52
C LEU E 128 46.70 36.28 -68.15
N ALA E 129 45.72 36.11 -67.27
CA ALA E 129 45.25 34.78 -66.89
C ALA E 129 44.41 34.14 -67.98
N ASP E 130 43.99 34.89 -68.98
CA ASP E 130 43.15 34.37 -70.06
C ASP E 130 43.52 35.09 -71.35
N PRO E 131 44.58 34.63 -72.02
CA PRO E 131 45.02 35.31 -73.24
C PRO E 131 43.97 35.31 -74.34
N SER E 132 43.15 34.25 -74.42
CA SER E 132 42.10 34.22 -75.43
C SER E 132 40.99 35.23 -75.13
N GLY E 133 40.72 35.47 -73.86
CA GLY E 133 39.69 36.43 -73.49
C GLY E 133 38.28 35.92 -73.67
N GLN E 134 38.10 34.62 -73.93
CA GLN E 134 36.79 34.04 -74.13
C GLN E 134 36.34 33.10 -73.03
N ALA E 135 37.26 32.64 -72.18
CA ALA E 135 36.93 31.67 -71.16
C ALA E 135 36.20 32.33 -70.00
N GLU E 136 35.38 31.54 -69.32
CA GLU E 136 34.67 31.99 -68.12
C GLU E 136 35.63 31.91 -66.94
N ILE E 137 36.04 33.06 -66.43
CA ILE E 137 37.00 33.11 -65.34
C ILE E 137 36.27 32.95 -64.02
N ARG E 138 36.82 32.12 -63.14
CA ARG E 138 36.30 31.92 -61.79
C ARG E 138 37.46 32.19 -60.84
N ALA E 139 37.48 33.38 -60.25
CA ALA E 139 38.64 33.82 -59.49
C ALA E 139 38.40 33.78 -58.00
N VAL E 140 39.39 33.27 -57.28
CA VAL E 140 39.44 33.35 -55.82
C VAL E 140 40.46 34.45 -55.50
N VAL E 141 39.96 35.60 -55.03
CA VAL E 141 40.82 36.73 -54.72
C VAL E 141 41.13 36.73 -53.23
N GLY E 142 42.37 37.09 -52.90
CA GLY E 142 42.79 37.17 -51.51
C GLY E 142 42.56 38.56 -50.95
N VAL E 143 41.82 38.63 -49.86
CA VAL E 143 41.57 39.88 -49.15
C VAL E 143 42.36 39.84 -47.85
N PRO E 144 42.52 40.99 -47.17
CA PRO E 144 43.17 40.97 -45.86
C PRO E 144 42.48 40.05 -44.86
N ALA E 145 43.07 39.92 -43.68
CA ALA E 145 42.57 38.95 -42.70
C ALA E 145 41.12 39.25 -42.33
N ASN E 146 40.83 40.47 -41.93
CA ASN E 146 39.49 40.87 -41.51
C ASN E 146 39.03 42.04 -42.39
N ALA E 147 38.95 41.79 -43.69
CA ALA E 147 38.53 42.82 -44.64
C ALA E 147 37.07 43.17 -44.41
N THR E 148 36.80 44.45 -44.19
CA THR E 148 35.42 44.91 -44.00
C THR E 148 34.60 44.63 -45.25
N GLU E 149 33.28 44.51 -45.07
CA GLU E 149 32.39 44.25 -46.18
C GLU E 149 32.48 45.34 -47.25
N GLN E 150 32.83 46.57 -46.87
CA GLN E 150 33.05 47.60 -47.87
C GLN E 150 34.32 47.31 -48.67
N ALA E 151 35.39 46.89 -48.00
CA ALA E 151 36.63 46.54 -48.68
C ALA E 151 36.49 45.28 -49.53
N ARG E 152 35.50 44.44 -49.24
CA ARG E 152 35.22 43.27 -50.05
C ARG E 152 34.31 43.58 -51.22
N GLU E 153 33.35 44.50 -51.04
CA GLU E 153 32.56 44.95 -52.18
C GLU E 153 33.39 45.80 -53.12
N ASP E 154 34.48 46.40 -52.62
CA ASP E 154 35.41 47.08 -53.51
C ASP E 154 36.11 46.09 -54.43
N VAL E 155 36.35 44.87 -53.96
CA VAL E 155 37.01 43.87 -54.80
C VAL E 155 35.99 43.18 -55.70
N ARG E 156 34.77 42.96 -55.20
CA ARG E 156 33.72 42.38 -56.03
C ARG E 156 33.16 43.38 -57.04
N ARG E 157 33.45 44.67 -56.87
CA ARG E 157 32.98 45.70 -57.80
C ARG E 157 34.01 45.98 -58.88
N CYS E 158 35.29 45.89 -58.54
CA CYS E 158 36.37 46.02 -59.51
C CYS E 158 36.62 44.72 -60.25
N ALA E 159 35.78 43.71 -60.04
CA ALA E 159 35.87 42.44 -60.74
C ALA E 159 34.61 42.10 -61.52
N PHE E 160 33.57 42.92 -61.42
CA PHE E 160 32.35 42.66 -62.18
C PHE E 160 32.60 42.87 -63.67
N GLY E 161 32.13 41.94 -64.49
CA GLY E 161 32.45 41.93 -65.89
C GLY E 161 33.83 41.41 -66.21
N ILE E 162 34.68 41.19 -65.21
CA ILE E 162 36.01 40.64 -65.38
C ILE E 162 35.96 39.16 -65.00
N PHE E 163 35.74 38.89 -63.71
CA PHE E 163 35.58 37.53 -63.23
C PHE E 163 34.10 37.20 -63.20
N ASP E 164 33.73 36.04 -63.75
CA ASP E 164 32.32 35.65 -63.75
C ASP E 164 31.85 35.22 -62.37
N ARG E 165 32.65 34.42 -61.67
CA ARG E 165 32.37 34.06 -60.29
C ARG E 165 33.58 34.45 -59.44
N ILE E 166 33.33 34.97 -58.26
CA ILE E 166 34.41 35.41 -57.38
C ILE E 166 34.26 34.68 -56.05
N LEU E 167 35.36 34.62 -55.31
CA LEU E 167 35.37 34.03 -53.98
C LEU E 167 36.47 34.72 -53.19
N LEU E 168 36.11 35.34 -52.07
CA LEU E 168 37.04 36.16 -51.30
C LEU E 168 37.45 35.41 -50.04
N ILE E 169 38.73 35.10 -49.94
CA ILE E 169 39.29 34.36 -48.81
C ILE E 169 40.41 35.19 -48.20
N PRO E 170 40.59 35.18 -46.88
CA PRO E 170 41.70 35.93 -46.27
C PRO E 170 43.05 35.55 -46.86
N GLU E 171 43.91 36.54 -46.99
CA GLU E 171 45.23 36.38 -47.60
C GLU E 171 46.16 35.47 -46.81
N PRO E 172 46.23 35.58 -45.47
CA PRO E 172 47.13 34.66 -44.74
C PRO E 172 46.66 33.21 -44.79
N PHE E 173 45.34 32.96 -44.82
CA PHE E 173 44.88 31.59 -44.98
C PHE E 173 45.24 31.05 -46.35
N LEU E 174 45.14 31.88 -47.38
CA LEU E 174 45.55 31.44 -48.71
C LEU E 174 47.06 31.23 -48.78
N ALA E 175 47.83 32.02 -48.04
CA ALA E 175 49.27 31.78 -47.99
C ALA E 175 49.58 30.45 -47.30
N ALA E 176 48.83 30.13 -46.24
CA ALA E 176 48.97 28.84 -45.59
C ALA E 176 48.59 27.71 -46.53
N LEU E 177 47.55 27.91 -47.33
CA LEU E 177 47.07 26.90 -48.25
C LEU E 177 48.02 26.68 -49.43
N GLY E 178 48.69 27.73 -49.88
CA GLY E 178 49.60 27.62 -51.01
C GLY E 178 50.99 27.20 -50.60
N TYR E 179 51.36 27.49 -49.35
CA TYR E 179 52.60 26.97 -48.81
C TYR E 179 52.56 25.45 -48.66
N ARG E 180 51.36 24.90 -48.45
CA ARG E 180 51.21 23.45 -48.29
C ARG E 180 51.66 22.72 -49.54
N ASP E 181 52.39 21.63 -49.35
CA ASP E 181 52.86 20.79 -50.43
C ASP E 181 51.98 19.55 -50.52
N ASP E 182 51.04 19.54 -51.47
CA ASP E 182 50.14 18.41 -51.61
C ASP E 182 50.85 17.17 -52.12
N ALA E 183 51.90 17.35 -52.91
CA ALA E 183 52.70 16.21 -53.35
C ALA E 183 53.44 15.56 -52.19
N ARG E 184 53.61 16.27 -51.08
CA ARG E 184 54.34 15.78 -49.92
C ARG E 184 53.41 15.52 -48.74
N LEU E 185 52.11 15.78 -48.90
CA LEU E 185 51.15 15.52 -47.83
C LEU E 185 51.10 14.04 -47.51
N GLY E 186 50.60 13.73 -46.31
CA GLY E 186 50.47 12.35 -45.88
C GLY E 186 51.73 11.77 -45.28
N GLN E 187 52.89 12.25 -45.73
CA GLN E 187 54.15 11.74 -45.22
C GLN E 187 54.33 12.12 -43.75
N SER E 188 55.18 11.34 -43.07
CA SER E 188 55.41 11.58 -41.65
C SER E 188 56.46 12.66 -41.43
N ASN E 189 57.45 12.74 -42.31
CA ASN E 189 58.53 13.72 -42.18
C ASN E 189 58.16 15.08 -42.73
N TYR E 190 56.87 15.35 -42.93
CA TYR E 190 56.39 16.63 -43.45
C TYR E 190 55.33 17.17 -42.49
N ILE E 191 55.62 18.30 -41.87
CA ILE E 191 54.65 18.95 -40.99
C ILE E 191 53.72 19.81 -41.84
N ASP E 192 52.43 19.65 -41.64
CA ASP E 192 51.44 20.33 -42.46
C ASP E 192 51.28 21.78 -42.02
N PRO E 193 51.55 22.77 -42.87
CA PRO E 193 51.38 24.17 -42.45
C PRO E 193 49.94 24.59 -42.24
N VAL E 194 48.97 23.77 -42.63
CA VAL E 194 47.56 24.11 -42.44
C VAL E 194 46.94 23.38 -41.26
N VAL E 195 47.52 22.25 -40.82
CA VAL E 195 46.88 21.45 -39.79
C VAL E 195 46.88 22.18 -38.45
N ASN E 196 47.92 22.99 -38.20
CA ASN E 196 48.05 23.75 -36.97
C ASN E 196 49.25 24.68 -37.07
N SER E 197 49.03 25.93 -37.43
CA SER E 197 50.13 26.87 -37.58
C SER E 197 49.59 28.28 -37.43
N LEU E 198 50.51 29.22 -37.34
CA LEU E 198 50.18 30.63 -37.13
C LEU E 198 50.97 31.45 -38.14
N PHE E 199 50.27 31.98 -39.13
CA PHE E 199 50.89 32.59 -40.29
C PHE E 199 50.93 34.11 -40.14
N ILE E 200 52.12 34.68 -40.28
CA ILE E 200 52.30 36.13 -40.15
C ILE E 200 52.62 36.63 -41.56
N ASP E 201 51.59 36.79 -42.38
CA ASP E 201 51.74 37.29 -43.75
C ASP E 201 51.97 38.79 -43.67
N ILE E 202 53.25 39.16 -43.67
CA ILE E 202 53.65 40.57 -43.63
C ILE E 202 53.81 41.08 -45.05
N GLY E 203 52.73 41.59 -45.63
CA GLY E 203 52.76 42.09 -46.98
C GLY E 203 53.40 43.46 -47.10
N GLY E 204 52.91 44.24 -48.05
CA GLY E 204 53.39 45.60 -48.24
C GLY E 204 52.36 46.62 -47.81
N GLY E 205 51.11 46.18 -47.69
CA GLY E 205 50.06 47.06 -47.24
C GLY E 205 49.59 46.72 -45.85
N THR E 206 49.18 45.47 -45.64
CA THR E 206 48.78 44.97 -44.33
C THR E 206 49.72 43.86 -43.90
N SER E 207 49.73 43.61 -42.59
CA SER E 207 50.47 42.50 -41.99
C SER E 207 49.45 41.66 -41.23
N ASP E 208 48.93 40.64 -41.90
CA ASP E 208 47.86 39.83 -41.37
C ASP E 208 48.41 38.59 -40.68
N ILE E 209 48.08 38.42 -39.41
CA ILE E 209 48.40 37.20 -38.68
C ILE E 209 47.13 36.36 -38.61
N CYS E 210 47.28 35.05 -38.75
CA CYS E 210 46.13 34.16 -38.87
C CYS E 210 46.41 32.86 -38.14
N LEU E 211 45.43 32.39 -37.39
CA LEU E 211 45.49 31.10 -36.71
C LEU E 211 44.97 30.03 -37.66
N VAL E 212 45.84 29.46 -38.49
CA VAL E 212 45.44 28.48 -39.48
C VAL E 212 45.41 27.12 -38.81
N GLN E 213 44.21 26.67 -38.45
CA GLN E 213 44.05 25.47 -37.63
C GLN E 213 43.26 24.38 -38.36
N GLY E 214 43.44 24.28 -39.68
CA GLY E 214 42.87 23.21 -40.49
C GLY E 214 41.66 23.61 -41.30
N TYR E 215 40.94 24.64 -40.87
CA TYR E 215 39.68 25.03 -41.49
C TYR E 215 39.73 26.51 -41.85
N PHE E 216 38.66 26.97 -42.47
CA PHE E 216 38.51 28.38 -42.81
C PHE E 216 38.53 29.21 -41.54
N PRO E 217 39.49 30.13 -41.39
CA PRO E 217 39.62 30.84 -40.11
C PRO E 217 38.46 31.79 -39.85
N GLY E 218 37.99 31.80 -38.61
CA GLY E 218 36.95 32.70 -38.21
C GLY E 218 37.46 34.11 -38.06
N PRO E 219 36.53 35.03 -37.78
CA PRO E 219 36.92 36.43 -37.59
C PRO E 219 37.82 36.67 -36.38
N ASP E 220 37.84 35.76 -35.41
CA ASP E 220 38.68 35.89 -34.24
C ASP E 220 40.01 35.16 -34.39
N ASP E 221 40.16 34.33 -35.42
CA ASP E 221 41.40 33.62 -35.67
C ASP E 221 42.40 34.44 -36.48
N GLN E 222 42.07 35.68 -36.82
CA GLN E 222 42.93 36.49 -37.67
C GLN E 222 42.88 37.95 -37.24
N ILE E 223 44.02 38.63 -37.36
CA ILE E 223 44.15 40.04 -37.03
C ILE E 223 44.91 40.72 -38.16
N SER E 224 44.37 41.83 -38.65
CA SER E 224 44.99 42.60 -39.72
C SER E 224 45.44 43.95 -39.19
N ILE E 225 46.72 44.27 -39.37
CA ILE E 225 47.29 45.56 -39.00
C ILE E 225 47.70 46.27 -40.27
N PRO E 226 47.21 47.47 -40.55
CA PRO E 226 47.60 48.22 -41.75
C PRO E 226 49.01 48.80 -41.68
N PHE E 227 49.95 48.01 -41.17
CA PHE E 227 51.34 48.42 -41.03
C PHE E 227 52.22 47.31 -41.59
N ALA E 228 52.87 47.58 -42.72
CA ALA E 228 53.70 46.56 -43.36
C ALA E 228 54.80 47.26 -44.16
N GLY E 229 55.04 46.79 -45.38
CA GLY E 229 56.14 47.33 -46.17
C GLY E 229 55.97 48.80 -46.50
N ASP E 230 54.76 49.21 -46.92
CA ASP E 230 54.55 50.61 -47.24
C ASP E 230 54.63 51.50 -46.02
N ALA E 231 54.25 50.99 -44.84
CA ALA E 231 54.40 51.76 -43.61
C ALA E 231 55.86 51.96 -43.23
N ILE E 232 56.71 50.95 -43.42
CA ILE E 232 58.14 51.14 -43.18
C ILE E 232 58.73 52.08 -44.22
N ASP E 233 58.25 51.99 -45.47
CA ASP E 233 58.69 52.95 -46.49
C ASP E 233 58.32 54.37 -46.09
N GLN E 234 57.12 54.57 -45.57
CA GLN E 234 56.70 55.89 -45.13
C GLN E 234 57.54 56.37 -43.95
N LEU E 235 57.81 55.49 -42.99
CA LEU E 235 58.65 55.85 -41.87
C LEU E 235 60.06 56.24 -42.30
N LEU E 236 60.65 55.52 -43.25
CA LEU E 236 61.94 55.88 -43.81
C LEU E 236 61.88 57.19 -44.58
N GLN E 237 60.82 57.42 -45.35
CA GLN E 237 60.67 58.70 -46.04
C GLN E 237 60.63 59.85 -45.05
N GLU E 238 59.91 59.68 -43.95
CA GLU E 238 59.86 60.73 -42.94
C GLU E 238 61.22 60.92 -42.26
N GLU E 239 61.89 59.83 -41.90
CA GLU E 239 63.19 59.93 -41.25
C GLU E 239 64.27 60.45 -42.19
N LEU E 240 64.05 60.41 -43.50
CA LEU E 240 64.98 60.96 -44.48
C LEU E 240 64.70 62.41 -44.82
N ASN E 241 63.41 62.77 -44.97
CA ASN E 241 63.06 64.18 -45.16
C ASN E 241 63.19 64.98 -43.88
N ARG E 242 63.50 64.33 -42.76
CA ARG E 242 63.71 65.02 -41.49
C ARG E 242 65.18 65.27 -41.20
N THR E 243 66.06 64.35 -41.61
CA THR E 243 67.50 64.52 -41.44
C THR E 243 68.19 65.02 -42.69
N TYR E 244 67.79 64.54 -43.87
CA TYR E 244 68.32 65.01 -45.15
C TYR E 244 67.19 65.66 -45.93
N PRO E 245 66.84 66.90 -45.60
CA PRO E 245 65.65 67.51 -46.18
C PRO E 245 65.82 67.75 -47.67
N ASN E 246 64.69 67.66 -48.38
CA ASN E 246 64.66 67.82 -49.84
C ASN E 246 65.69 66.92 -50.51
N ASN E 247 65.69 65.64 -50.11
CA ASN E 247 66.61 64.69 -50.72
C ASN E 247 66.11 64.23 -52.08
N GLY E 248 64.80 64.30 -52.32
CA GLY E 248 64.24 63.89 -53.58
C GLY E 248 64.15 62.41 -53.81
N LEU E 249 64.51 61.58 -52.82
CA LEU E 249 64.41 60.14 -52.98
C LEU E 249 62.95 59.73 -53.10
N SER E 250 62.60 59.12 -54.23
CA SER E 250 61.24 58.66 -54.44
C SER E 250 60.93 57.48 -53.52
N LEU E 251 59.64 57.18 -53.39
CA LEU E 251 59.23 56.04 -52.59
C LEU E 251 59.76 54.74 -53.18
N HIS E 252 59.90 54.67 -54.50
CA HIS E 252 60.45 53.50 -55.16
C HIS E 252 61.93 53.29 -54.87
N LYS E 253 62.63 54.32 -54.38
CA LYS E 253 64.02 54.19 -53.97
CA LYS E 253 64.01 54.19 -53.97
C LYS E 253 64.17 54.04 -52.47
N VAL E 254 63.34 54.73 -51.69
CA VAL E 254 63.27 54.50 -50.24
C VAL E 254 62.83 53.08 -49.95
N ARG E 255 62.10 52.45 -50.87
CA ARG E 255 61.74 51.05 -50.78
C ARG E 255 62.90 50.12 -51.12
N GLU E 256 63.69 50.45 -52.14
CA GLU E 256 64.88 49.66 -52.44
C GLU E 256 65.90 49.74 -51.32
N ILE E 257 66.05 50.91 -50.69
CA ILE E 257 66.93 51.03 -49.53
C ILE E 257 66.52 50.05 -48.45
N LYS E 258 65.21 49.96 -48.17
CA LYS E 258 64.73 49.07 -47.14
C LYS E 258 64.88 47.61 -47.55
N GLU E 259 64.62 47.29 -48.82
CA GLU E 259 64.75 45.91 -49.27
C GLU E 259 66.19 45.44 -49.27
N ALA E 260 67.13 46.35 -49.51
CA ALA E 260 68.53 45.98 -49.57
C ALA E 260 69.24 46.00 -48.22
N HIS E 261 68.89 46.94 -47.34
CA HIS E 261 69.58 47.09 -46.07
C HIS E 261 68.66 47.08 -44.85
N GLY E 262 67.35 47.09 -45.04
CA GLY E 262 66.45 47.11 -43.90
C GLY E 262 66.57 45.85 -43.06
N TYR E 263 66.49 46.04 -41.74
CA TYR E 263 66.71 44.96 -40.79
C TYR E 263 65.95 45.28 -39.52
N VAL E 264 65.59 44.23 -38.79
CA VAL E 264 64.95 44.38 -37.49
C VAL E 264 65.90 43.84 -36.42
N GLY E 265 65.80 44.43 -35.23
CA GLY E 265 66.66 44.06 -34.14
C GLY E 265 67.49 45.23 -33.66
N PRO E 266 68.60 44.95 -32.98
CA PRO E 266 69.48 46.03 -32.53
C PRO E 266 70.09 46.78 -33.71
N SER E 267 70.42 48.05 -33.47
CA SER E 267 70.96 48.89 -34.52
C SER E 267 72.30 48.35 -35.02
N ARG E 268 72.52 48.48 -36.33
CA ARG E 268 73.76 48.06 -36.96
C ARG E 268 74.45 49.28 -37.55
N LYS E 269 75.51 49.74 -36.89
CA LYS E 269 76.26 50.91 -37.33
C LYS E 269 77.74 50.53 -37.41
N PRO E 270 78.46 51.05 -38.43
CA PRO E 270 77.91 51.90 -39.48
C PRO E 270 77.30 51.10 -40.63
N LEU E 271 76.22 51.61 -41.21
CA LEU E 271 75.53 50.97 -42.33
C LEU E 271 75.40 52.01 -43.44
N ASP E 272 76.40 52.05 -44.31
CA ASP E 272 76.45 53.06 -45.36
C ASP E 272 75.55 52.67 -46.52
N VAL E 273 74.65 53.57 -46.90
CA VAL E 273 73.73 53.38 -48.02
C VAL E 273 74.09 54.40 -49.08
N LYS E 274 74.47 53.92 -50.27
CA LYS E 274 74.84 54.81 -51.37
C LYS E 274 73.56 55.22 -52.09
N VAL E 275 73.24 56.52 -52.05
CA VAL E 275 72.07 57.07 -52.71
C VAL E 275 72.52 58.15 -53.68
N VAL E 276 71.57 58.63 -54.48
CA VAL E 276 71.81 59.72 -55.43
C VAL E 276 70.81 60.82 -55.07
N ILE E 277 71.30 61.87 -54.42
CA ILE E 277 70.46 62.96 -53.93
C ILE E 277 70.78 64.19 -54.75
N GLY E 278 69.85 64.59 -55.62
CA GLY E 278 70.04 65.78 -56.42
C GLY E 278 71.09 65.62 -57.50
N GLY E 279 71.18 64.43 -58.10
CA GLY E 279 72.16 64.20 -59.14
C GLY E 279 73.49 63.71 -58.62
N LYS E 280 73.86 64.16 -57.42
CA LYS E 280 75.15 63.82 -56.83
C LYS E 280 75.03 62.57 -55.97
N ALA E 281 76.06 61.74 -56.01
CA ALA E 281 76.07 60.46 -55.30
C ALA E 281 76.56 60.68 -53.87
N HIS E 282 75.69 60.47 -52.90
CA HIS E 282 76.03 60.59 -51.49
C HIS E 282 76.01 59.22 -50.83
N THR E 283 76.64 59.13 -49.67
CA THR E 283 76.70 57.89 -48.89
C THR E 283 76.14 58.20 -47.50
N LEU E 284 74.86 57.93 -47.31
CA LEU E 284 74.22 58.21 -46.04
C LEU E 284 74.53 57.11 -45.03
N GLU E 285 74.31 57.43 -43.76
CA GLU E 285 74.44 56.47 -42.66
C GLU E 285 73.04 56.23 -42.11
N LEU E 286 72.44 55.10 -42.49
CA LEU E 286 71.06 54.79 -42.14
C LEU E 286 70.96 53.51 -41.31
N GLY E 287 71.91 53.29 -40.40
CA GLY E 287 71.82 52.16 -39.50
C GLY E 287 70.67 52.34 -38.55
N ASP E 288 70.73 53.41 -37.75
CA ASP E 288 69.63 53.72 -36.83
C ASP E 288 68.34 54.01 -37.56
N THR E 289 68.41 54.68 -38.72
CA THR E 289 67.20 55.00 -39.46
C THR E 289 66.45 53.75 -39.88
N LEU E 290 67.16 52.81 -40.53
CA LEU E 290 66.53 51.56 -40.94
C LEU E 290 66.11 50.73 -39.74
N ALA E 291 66.88 50.79 -38.64
CA ALA E 291 66.51 50.05 -37.44
C ALA E 291 65.17 50.54 -36.90
N ARG E 292 65.02 51.85 -36.69
CA ARG E 292 63.76 52.36 -36.17
C ARG E 292 62.62 52.21 -37.17
N ALA E 293 62.93 52.25 -38.47
CA ALA E 293 61.86 52.08 -39.46
C ALA E 293 61.33 50.66 -39.48
N CYS E 294 62.22 49.67 -39.35
CA CYS E 294 61.79 48.28 -39.49
C CYS E 294 61.33 47.69 -38.16
N ASN E 295 61.87 48.16 -37.03
CA ASN E 295 61.44 47.63 -35.75
C ASN E 295 60.05 48.11 -35.36
N ALA E 296 59.57 49.19 -35.97
CA ALA E 296 58.18 49.58 -35.76
C ALA E 296 57.21 48.53 -36.28
N LEU E 297 57.57 47.85 -37.36
CA LEU E 297 56.74 46.74 -37.83
C LEU E 297 56.64 45.65 -36.78
N ILE E 298 57.75 45.32 -36.14
CA ILE E 298 57.74 44.31 -35.08
C ILE E 298 56.91 44.78 -33.90
N ASP E 299 57.11 46.03 -33.48
CA ASP E 299 56.34 46.61 -32.38
C ASP E 299 54.86 46.68 -32.69
N LYS E 300 54.48 46.69 -33.97
CA LYS E 300 53.07 46.70 -34.34
C LYS E 300 52.49 45.28 -34.42
N ILE E 301 53.23 44.35 -35.00
CA ILE E 301 52.68 43.02 -35.24
C ILE E 301 52.89 42.08 -34.06
N TYR E 302 53.65 42.48 -33.05
CA TYR E 302 53.86 41.58 -31.91
C TYR E 302 52.66 41.58 -30.95
N PRO E 303 52.06 42.73 -30.63
CA PRO E 303 50.84 42.68 -29.80
C PRO E 303 49.72 41.89 -30.43
N ALA E 304 49.67 41.77 -31.75
CA ALA E 304 48.69 40.93 -32.41
C ALA E 304 49.19 39.51 -32.63
N LEU E 305 50.50 39.30 -32.64
CA LEU E 305 51.05 37.94 -32.65
C LEU E 305 50.73 37.23 -31.34
N THR E 306 51.08 37.86 -30.21
CA THR E 306 50.81 37.27 -28.91
C THR E 306 49.32 37.18 -28.62
N THR E 307 48.51 38.10 -29.16
CA THR E 307 47.07 38.02 -28.96
C THR E 307 46.52 36.72 -29.54
N LEU E 308 46.91 36.37 -30.75
CA LEU E 308 46.45 35.12 -31.35
C LEU E 308 47.12 33.90 -30.74
N ILE E 309 48.36 34.04 -30.25
CA ILE E 309 48.99 32.93 -29.55
C ILE E 309 48.20 32.59 -28.29
N GLN E 310 47.71 33.61 -27.59
CA GLN E 310 46.90 33.39 -26.40
C GLN E 310 45.42 33.16 -26.72
N ARG E 311 45.01 33.36 -27.98
CA ARG E 311 43.66 33.01 -28.38
C ARG E 311 43.52 31.56 -28.81
N ALA E 312 44.62 30.88 -29.12
CA ALA E 312 44.56 29.50 -29.55
C ALA E 312 44.18 28.59 -28.39
N SER E 313 43.63 27.43 -28.74
CA SER E 313 43.27 26.44 -27.72
C SER E 313 44.51 25.97 -26.98
N SER E 314 44.37 25.77 -25.67
CA SER E 314 45.51 25.33 -24.85
C SER E 314 46.03 23.96 -25.29
N ASP E 315 45.17 23.12 -25.86
CA ASP E 315 45.62 21.81 -26.31
C ASP E 315 46.54 21.91 -27.52
N SER E 316 46.39 22.96 -28.33
CA SER E 316 47.09 23.06 -29.60
C SER E 316 48.09 24.19 -29.67
N VAL E 317 48.26 24.99 -28.60
CA VAL E 317 49.17 26.12 -28.67
C VAL E 317 50.62 25.68 -28.57
N VAL E 318 50.89 24.53 -27.96
CA VAL E 318 52.27 24.08 -27.81
C VAL E 318 52.87 23.72 -29.15
N THR E 319 52.06 23.20 -30.07
CA THR E 319 52.54 22.93 -31.43
C THR E 319 52.37 24.16 -32.32
N LEU E 320 51.39 25.01 -32.03
CA LEU E 320 51.24 26.26 -32.75
C LEU E 320 52.48 27.12 -32.62
N LEU E 321 53.05 27.18 -31.41
CA LEU E 321 54.27 27.95 -31.21
C LEU E 321 55.45 27.33 -31.95
N GLN E 322 55.43 26.02 -32.16
CA GLN E 322 56.47 25.38 -32.96
C GLN E 322 56.26 25.58 -34.46
N ASN E 323 55.03 25.89 -34.87
CA ASN E 323 54.71 26.12 -36.27
C ASN E 323 54.29 27.55 -36.51
N ILE E 324 55.16 28.51 -36.22
CA ILE E 324 54.91 29.91 -36.55
C ILE E 324 55.66 30.24 -37.84
N ILE E 325 54.93 30.66 -38.86
CA ILE E 325 55.48 30.85 -40.19
C ILE E 325 55.23 32.28 -40.65
N ILE E 326 56.27 32.93 -41.14
CA ILE E 326 56.19 34.29 -41.67
C ILE E 326 56.23 34.24 -43.18
N THR E 327 55.22 34.80 -43.83
CA THR E 327 55.20 34.86 -45.28
C THR E 327 55.03 36.30 -45.75
N GLY E 328 54.84 36.50 -47.05
CA GLY E 328 54.75 37.84 -47.60
C GLY E 328 56.12 38.45 -47.78
N GLY E 329 56.17 39.64 -48.39
CA GLY E 329 57.45 40.30 -48.58
C GLY E 329 58.18 40.58 -47.29
N GLY E 330 57.44 40.95 -46.24
CA GLY E 330 58.05 41.27 -44.96
C GLY E 330 58.78 40.11 -44.31
N SER E 331 58.56 38.88 -44.78
CA SER E 331 59.34 37.76 -44.29
C SER E 331 60.80 37.86 -44.70
N GLN E 332 61.09 38.62 -45.74
CA GLN E 332 62.46 38.78 -46.24
C GLN E 332 63.24 39.83 -45.48
N ILE E 333 62.63 40.47 -44.47
CA ILE E 333 63.37 41.42 -43.65
C ILE E 333 64.49 40.68 -42.93
N LYS E 334 65.68 41.27 -42.96
CA LYS E 334 66.87 40.62 -42.40
C LYS E 334 66.72 40.38 -40.90
N GLY E 335 66.62 39.11 -40.51
CA GLY E 335 66.56 38.76 -39.10
C GLY E 335 65.22 38.98 -38.44
N ILE E 336 64.12 38.70 -39.15
CA ILE E 336 62.81 38.88 -38.55
C ILE E 336 62.32 37.62 -37.84
N ASP E 337 62.62 36.43 -38.37
CA ASP E 337 62.26 35.20 -37.67
C ASP E 337 63.06 35.04 -36.40
N THR E 338 64.36 35.33 -36.43
CA THR E 338 65.16 35.26 -35.22
C THR E 338 64.69 36.25 -34.17
N LEU E 339 64.37 37.48 -34.58
CA LEU E 339 63.90 38.48 -33.62
C LEU E 339 62.56 38.09 -33.03
N LEU E 340 61.64 37.60 -33.86
CA LEU E 340 60.33 37.22 -33.33
C LEU E 340 60.41 36.00 -32.43
N GLN E 341 61.26 35.03 -32.78
CA GLN E 341 61.44 33.88 -31.91
C GLN E 341 62.10 34.29 -30.59
N LYS E 342 63.04 35.23 -30.65
CA LYS E 342 63.67 35.72 -29.42
C LYS E 342 62.66 36.43 -28.54
N LYS E 343 61.81 37.28 -29.13
CA LYS E 343 60.83 37.99 -28.34
C LYS E 343 59.75 37.06 -27.79
N LEU E 344 59.44 35.98 -28.51
CA LEU E 344 58.46 35.03 -27.99
C LEU E 344 59.06 34.14 -26.90
N THR E 345 60.35 33.84 -27.01
CA THR E 345 61.01 33.05 -25.96
C THR E 345 61.19 33.88 -24.70
N GLU E 346 61.57 35.15 -24.85
CA GLU E 346 61.78 36.02 -23.69
C GLU E 346 60.48 36.28 -22.95
N ASP E 347 59.34 36.21 -23.63
CA ASP E 347 58.04 36.41 -22.98
C ASP E 347 57.52 35.17 -22.29
N GLY E 348 58.21 34.04 -22.42
CA GLY E 348 57.82 32.84 -21.71
C GLY E 348 56.99 31.85 -22.49
N PHE E 349 56.75 32.09 -23.78
CA PHE E 349 56.02 31.12 -24.58
C PHE E 349 56.82 29.84 -24.73
N GLU E 350 56.13 28.71 -24.61
CA GLU E 350 56.82 27.42 -24.53
C GLU E 350 57.50 27.06 -25.84
N SER E 351 58.80 27.32 -25.93
CA SER E 351 59.67 26.94 -27.03
C SER E 351 59.07 27.30 -28.38
N PRO E 352 58.97 28.59 -28.71
CA PRO E 352 58.48 28.98 -30.03
C PRO E 352 59.52 28.70 -31.10
N LYS E 353 59.04 28.54 -32.33
CA LYS E 353 59.90 28.28 -33.47
C LYS E 353 59.34 29.05 -34.66
N VAL E 354 59.82 30.27 -34.86
CA VAL E 354 59.39 31.12 -35.97
C VAL E 354 60.17 30.74 -37.21
N ARG E 355 59.46 30.44 -38.29
CA ARG E 355 60.05 30.00 -39.54
C ARG E 355 59.62 30.93 -40.67
N LEU E 356 60.51 31.09 -41.65
CA LEU E 356 60.20 31.83 -42.86
C LEU E 356 59.49 30.93 -43.84
N ALA E 357 58.55 31.51 -44.61
CA ALA E 357 57.79 30.75 -45.58
C ALA E 357 58.72 30.09 -46.60
N GLY E 358 59.53 30.89 -47.28
CA GLY E 358 60.46 30.37 -48.24
C GLY E 358 60.70 31.38 -49.34
N HIS E 359 61.33 30.91 -50.41
CA HIS E 359 61.63 31.78 -51.54
C HIS E 359 60.38 32.18 -52.31
N ASP E 360 59.40 31.28 -52.39
CA ASP E 360 58.19 31.52 -53.18
C ASP E 360 57.13 32.25 -52.37
N TYR E 361 57.52 33.29 -51.64
CA TYR E 361 56.59 34.05 -50.82
C TYR E 361 55.64 34.89 -51.66
N LYS E 362 55.87 35.03 -52.96
CA LYS E 362 55.03 35.85 -53.81
CA LYS E 362 55.01 35.85 -53.78
C LYS E 362 53.84 35.08 -54.37
N ARG E 363 54.02 33.79 -54.66
CA ARG E 363 52.97 32.97 -55.24
C ARG E 363 52.19 32.19 -54.20
N TYR E 364 52.53 32.29 -52.92
CA TYR E 364 51.88 31.47 -51.91
C TYR E 364 50.40 31.81 -51.77
N VAL E 365 50.06 33.10 -51.75
CA VAL E 365 48.66 33.48 -51.71
C VAL E 365 47.95 33.11 -53.00
N ALA E 366 48.61 33.25 -54.14
CA ALA E 366 48.00 32.86 -55.40
C ALA E 366 47.91 31.35 -55.56
N LEU E 367 48.93 30.61 -55.09
CA LEU E 367 48.83 29.16 -55.06
C LEU E 367 47.67 28.71 -54.18
N GLY E 368 47.52 29.30 -53.00
CA GLY E 368 46.41 28.94 -52.14
C GLY E 368 45.06 29.33 -52.71
N ALA E 369 45.00 30.46 -53.41
CA ALA E 369 43.73 30.87 -54.03
C ALA E 369 43.37 29.97 -55.19
N LEU E 370 44.37 29.48 -55.93
CA LEU E 370 44.09 28.52 -57.00
C LEU E 370 43.67 27.18 -56.43
N LYS E 371 44.30 26.75 -55.33
CA LYS E 371 43.93 25.48 -54.71
C LYS E 371 42.58 25.56 -54.03
N ALA E 372 42.17 26.75 -53.61
CA ALA E 372 40.83 26.94 -53.07
C ALA E 372 39.79 27.15 -54.16
N ALA E 373 40.21 27.59 -55.34
CA ALA E 373 39.28 27.67 -56.47
C ALA E 373 38.95 26.28 -57.00
N ARG E 374 39.96 25.42 -57.12
CA ARG E 374 39.74 24.05 -57.58
C ARG E 374 38.98 23.22 -56.56
N ALA E 375 39.01 23.60 -55.28
CA ALA E 375 38.29 22.89 -54.25
C ALA E 375 37.01 23.59 -53.81
N ALA E 376 36.67 24.72 -54.43
CA ALA E 376 35.45 25.43 -54.07
C ALA E 376 34.24 24.71 -54.64
N ARG E 377 33.22 24.51 -53.82
CA ARG E 377 31.98 23.92 -54.30
C ARG E 377 31.27 24.87 -55.25
N GLU E 378 30.32 24.31 -56.01
CA GLU E 378 29.56 25.13 -56.95
C GLU E 378 28.75 26.19 -56.23
N ASN E 379 28.34 25.93 -54.99
CA ASN E 379 27.57 26.89 -54.21
C ASN E 379 28.45 27.87 -53.46
N GLN E 380 29.77 27.72 -53.50
CA GLN E 380 30.68 28.64 -52.84
C GLN E 380 31.03 29.85 -53.70
N TRP E 381 30.86 29.75 -55.01
CA TRP E 381 31.21 30.85 -55.90
C TRP E 381 30.17 31.96 -55.79
N GLN E 382 30.66 33.20 -55.74
CA GLN E 382 29.79 34.35 -55.61
C GLN E 382 29.53 34.96 -56.98
N VAL E 383 28.26 35.17 -57.30
CA VAL E 383 27.85 35.70 -58.59
C VAL E 383 27.99 37.22 -58.56
N LEU E 384 28.62 37.77 -59.59
CA LEU E 384 28.86 39.21 -59.69
C LEU E 384 27.88 39.81 -60.69
N LEU E 385 26.85 40.46 -60.17
CA LEU E 385 25.84 41.13 -61.00
C LEU E 385 25.86 42.63 -60.71
N GLY E 386 25.51 43.42 -61.71
CA GLY E 386 25.50 44.86 -61.58
C GLY E 386 25.23 45.57 -62.89
N THR F 34 21.88 -15.85 -41.72
CA THR F 34 22.91 -14.96 -41.19
C THR F 34 23.40 -15.44 -39.83
N LYS F 35 24.41 -14.76 -39.29
CA LYS F 35 24.97 -15.12 -38.00
C LYS F 35 24.63 -14.05 -36.96
N THR F 36 24.52 -14.49 -35.71
CA THR F 36 24.21 -13.61 -34.60
C THR F 36 25.46 -13.30 -33.79
N VAL F 37 25.63 -12.03 -33.46
CA VAL F 37 26.80 -11.53 -32.74
C VAL F 37 26.31 -10.92 -31.44
N LEU F 38 26.64 -11.55 -30.31
CA LEU F 38 26.30 -10.98 -29.02
C LEU F 38 27.34 -9.94 -28.63
N VAL F 39 26.88 -8.75 -28.29
CA VAL F 39 27.74 -7.60 -28.08
C VAL F 39 27.51 -7.10 -26.66
N GLY F 40 28.55 -7.20 -25.83
CA GLY F 40 28.55 -6.52 -24.56
C GLY F 40 28.97 -5.08 -24.74
N PHE F 41 28.05 -4.15 -24.50
CA PHE F 41 28.25 -2.75 -24.77
C PHE F 41 28.27 -1.98 -23.46
N ASP F 42 29.34 -1.24 -23.21
CA ASP F 42 29.46 -0.37 -22.05
C ASP F 42 29.46 1.04 -22.61
N PHE F 43 28.27 1.66 -22.64
CA PHE F 43 28.11 3.02 -23.13
C PHE F 43 28.40 3.96 -21.97
N GLY F 44 29.63 4.48 -21.94
CA GLY F 44 30.05 5.32 -20.84
C GLY F 44 30.00 6.80 -21.16
N THR F 45 30.14 7.61 -20.11
CA THR F 45 30.20 9.05 -20.28
C THR F 45 31.55 9.50 -20.81
N ASN F 46 32.62 8.83 -20.40
CA ASN F 46 33.98 9.17 -20.83
CA ASN F 46 33.97 9.18 -20.84
C ASN F 46 34.50 8.23 -21.90
N LYS F 47 34.36 6.92 -21.71
CA LYS F 47 34.79 5.93 -22.68
C LYS F 47 33.77 4.81 -22.74
N SER F 48 33.38 4.44 -23.95
CA SER F 48 32.56 3.26 -24.18
C SER F 48 33.47 2.12 -24.56
N CYS F 49 33.02 0.90 -24.30
CA CYS F 49 33.79 -0.30 -24.62
C CYS F 49 32.85 -1.34 -25.22
N VAL F 50 33.16 -1.78 -26.42
CA VAL F 50 32.33 -2.73 -27.16
C VAL F 50 33.07 -4.05 -27.26
N LEU F 51 32.37 -5.13 -26.91
CA LEU F 51 32.88 -6.48 -27.02
C LEU F 51 31.90 -7.29 -27.85
N ALA F 52 32.42 -8.13 -28.74
CA ALA F 52 31.58 -8.88 -29.67
C ALA F 52 32.06 -10.31 -29.73
N GLY F 53 31.13 -11.25 -29.61
CA GLY F 53 31.44 -12.66 -29.73
C GLY F 53 30.24 -13.48 -30.19
N THR F 54 30.49 -14.66 -30.73
CA THR F 54 29.38 -15.50 -31.17
C THR F 54 28.78 -16.26 -29.98
N ALA F 55 27.69 -16.96 -30.25
CA ALA F 55 27.04 -17.76 -29.23
C ALA F 55 27.74 -19.10 -29.05
N GLY F 56 27.55 -19.68 -27.87
CA GLY F 56 28.16 -20.98 -27.57
C GLY F 56 29.62 -20.94 -27.18
N ALA F 57 30.41 -20.13 -27.88
CA ALA F 57 31.82 -20.00 -27.56
C ALA F 57 32.00 -19.11 -26.33
N THR F 58 33.26 -18.97 -25.91
CA THR F 58 33.60 -18.08 -24.81
C THR F 58 34.68 -17.07 -25.15
N ASP F 59 35.33 -17.19 -26.31
CA ASP F 59 36.32 -16.22 -26.71
C ASP F 59 35.66 -14.91 -27.12
N ILE F 60 36.48 -13.89 -27.29
CA ILE F 60 36.01 -12.54 -27.57
C ILE F 60 36.55 -12.13 -28.94
N ALA F 61 35.65 -12.05 -29.93
CA ALA F 61 36.07 -11.71 -31.28
C ALA F 61 36.56 -10.27 -31.36
N ILE F 62 35.73 -9.32 -30.96
CA ILE F 62 36.06 -7.91 -31.03
C ILE F 62 36.10 -7.34 -29.62
N SER F 63 37.09 -6.50 -29.34
CA SER F 63 37.22 -5.84 -28.04
C SER F 63 37.84 -4.47 -28.27
N LYS F 64 37.00 -3.44 -28.30
CA LYS F 64 37.45 -2.08 -28.57
C LYS F 64 37.06 -1.17 -27.42
N ILE F 65 37.94 -0.23 -27.09
CA ILE F 65 37.69 0.77 -26.06
C ILE F 65 37.79 2.13 -26.74
N VAL F 66 36.63 2.72 -27.04
CA VAL F 66 36.54 3.95 -27.81
C VAL F 66 36.07 5.06 -26.89
N PRO F 67 36.80 6.16 -26.73
CA PRO F 67 36.32 7.26 -25.90
C PRO F 67 34.99 7.80 -26.42
N THR F 68 34.01 7.87 -25.51
CA THR F 68 32.68 8.32 -25.91
C THR F 68 32.72 9.79 -26.29
N VAL F 69 33.03 10.06 -27.56
CA VAL F 69 33.04 11.41 -28.09
C VAL F 69 32.81 11.33 -29.59
N VAL F 70 32.12 12.32 -30.14
CA VAL F 70 31.88 12.41 -31.57
C VAL F 70 32.34 13.78 -32.04
N GLY F 71 33.29 13.81 -32.97
CA GLY F 71 33.76 15.06 -33.50
C GLY F 71 33.23 15.33 -34.89
N TYR F 72 32.39 16.34 -35.03
CA TYR F 72 31.90 16.76 -36.34
C TYR F 72 32.91 17.71 -36.94
N VAL F 73 33.55 17.29 -38.03
CA VAL F 73 34.60 18.08 -38.65
C VAL F 73 34.06 19.46 -39.00
N LYS F 74 34.81 20.50 -38.59
CA LYS F 74 34.34 21.87 -38.69
C LYS F 74 34.12 22.27 -40.14
N GLU F 75 33.25 23.25 -40.32
CA GLU F 75 32.92 23.75 -41.66
C GLU F 75 34.10 24.53 -42.23
N GLY F 76 34.40 24.26 -43.50
CA GLY F 76 35.54 24.87 -44.14
C GLY F 76 36.84 24.11 -44.00
N ILE F 77 36.80 22.87 -43.53
CA ILE F 77 38.01 22.09 -43.34
C ILE F 77 38.70 21.87 -44.68
N VAL F 78 40.02 21.97 -44.68
CA VAL F 78 40.80 21.75 -45.88
C VAL F 78 40.97 20.26 -46.13
N ASP F 79 41.03 19.88 -47.39
CA ASP F 79 41.24 18.48 -47.74
C ASP F 79 42.61 18.01 -47.29
N GLY F 80 42.66 16.82 -46.71
CA GLY F 80 43.90 16.25 -46.23
C GLY F 80 44.21 16.51 -44.78
N ILE F 81 43.49 17.42 -44.12
CA ILE F 81 43.72 17.66 -42.70
C ILE F 81 43.26 16.46 -41.88
N VAL F 82 42.06 15.98 -42.14
CA VAL F 82 41.52 14.78 -41.52
C VAL F 82 41.77 13.61 -42.48
N ALA F 83 42.39 12.56 -41.98
CA ALA F 83 42.73 11.41 -42.81
C ALA F 83 41.47 10.80 -43.42
N GLY F 84 41.44 10.73 -44.75
CA GLY F 84 40.29 10.22 -45.45
C GLY F 84 39.18 11.22 -45.69
N ASN F 85 39.34 12.47 -45.25
CA ASN F 85 38.34 13.52 -45.40
C ASN F 85 37.02 13.13 -44.77
N ARG F 86 37.06 12.32 -43.72
CA ARG F 86 35.84 11.97 -43.00
C ARG F 86 35.26 13.18 -42.31
N SER F 87 33.94 13.30 -42.34
CA SER F 87 33.25 14.42 -41.74
C SER F 87 32.82 14.16 -40.30
N VAL F 88 32.77 12.91 -39.87
CA VAL F 88 32.42 12.56 -38.50
C VAL F 88 33.49 11.62 -37.97
N LEU F 89 34.12 11.99 -36.86
CA LEU F 89 35.18 11.21 -36.24
C LEU F 89 34.68 10.66 -34.91
N PHE F 90 35.14 9.48 -34.55
CA PHE F 90 34.70 8.84 -33.32
C PHE F 90 35.89 8.42 -32.48
N GLY F 91 35.79 8.65 -31.17
CA GLY F 91 36.79 8.20 -30.24
C GLY F 91 38.11 8.94 -30.33
N ASP F 92 39.21 8.18 -30.30
CA ASP F 92 40.53 8.80 -30.39
C ASP F 92 40.69 9.58 -31.69
N ASP F 93 40.12 9.08 -32.79
CA ASP F 93 40.18 9.82 -34.05
C ASP F 93 39.56 11.20 -33.94
N ALA F 94 38.64 11.40 -33.00
CA ALA F 94 38.07 12.72 -32.74
C ALA F 94 38.82 13.49 -31.68
N LEU F 95 39.56 12.80 -30.81
CA LEU F 95 40.36 13.49 -29.80
C LEU F 95 41.68 14.01 -30.38
N GLN F 96 42.30 13.24 -31.27
CA GLN F 96 43.49 13.75 -31.96
C GLN F 96 43.17 14.90 -32.90
N ASN F 97 42.00 14.86 -33.54
CA ASN F 97 41.55 15.93 -34.43
C ASN F 97 40.52 16.83 -33.75
N ARG F 98 40.69 17.08 -32.45
CA ARG F 98 39.76 17.95 -31.76
C ARG F 98 39.99 19.42 -32.08
N LEU F 99 41.08 19.75 -32.77
CA LEU F 99 41.31 21.13 -33.20
C LEU F 99 40.50 21.45 -34.45
N HIS F 100 40.32 20.45 -35.33
CA HIS F 100 39.59 20.64 -36.56
C HIS F 100 38.14 20.21 -36.46
N ALA F 101 37.73 19.60 -35.36
CA ALA F 101 36.38 19.08 -35.20
C ALA F 101 35.72 19.67 -33.96
N ARG F 102 34.41 19.85 -34.04
CA ARG F 102 33.58 20.22 -32.90
C ARG F 102 33.25 18.94 -32.16
N LEU F 103 33.79 18.81 -30.95
CA LEU F 103 33.56 17.61 -30.15
C LEU F 103 32.26 17.74 -29.37
N VAL F 104 31.47 16.67 -29.39
CA VAL F 104 30.27 16.56 -28.57
C VAL F 104 30.29 15.20 -27.89
N ALA F 105 30.12 15.20 -26.57
CA ALA F 105 30.06 13.97 -25.80
C ALA F 105 28.65 13.43 -25.88
N PRO F 106 28.43 12.26 -26.47
CA PRO F 106 27.05 11.72 -26.56
C PRO F 106 26.38 11.54 -25.22
N MET F 107 27.15 11.32 -24.15
CA MET F 107 26.60 10.91 -22.87
C MET F 107 27.01 11.89 -21.78
N GLU F 108 26.09 12.16 -20.86
CA GLU F 108 26.36 13.01 -19.71
C GLU F 108 25.62 12.44 -18.51
N HIS F 109 26.33 12.28 -17.40
CA HIS F 109 25.78 11.67 -16.19
C HIS F 109 25.29 10.24 -16.47
N GLY F 110 26.01 9.55 -17.34
CA GLY F 110 25.71 8.16 -17.64
C GLY F 110 24.43 7.94 -18.42
N VAL F 111 23.80 9.03 -18.86
CA VAL F 111 22.59 8.94 -19.67
C VAL F 111 22.83 9.70 -20.97
N ILE F 112 22.11 9.30 -22.02
CA ILE F 112 22.29 9.91 -23.33
C ILE F 112 21.79 11.34 -23.30
N ALA F 113 22.71 12.30 -23.50
CA ALA F 113 22.36 13.71 -23.49
C ALA F 113 22.19 14.30 -24.88
N HIS F 114 22.88 13.76 -25.89
CA HIS F 114 22.78 14.23 -27.27
C HIS F 114 22.34 13.06 -28.13
N PRO F 115 21.06 13.00 -28.52
CA PRO F 115 20.57 11.81 -29.24
C PRO F 115 21.21 11.59 -30.59
N ASP F 116 21.46 12.65 -31.35
CA ASP F 116 22.04 12.47 -32.69
C ASP F 116 23.49 12.00 -32.61
N ALA F 117 24.30 12.63 -31.76
CA ALA F 117 25.67 12.18 -31.57
C ALA F 117 25.73 10.78 -30.99
N ALA F 118 24.81 10.45 -30.08
CA ALA F 118 24.77 9.11 -29.53
C ALA F 118 24.41 8.08 -30.59
N ARG F 119 23.48 8.42 -31.47
CA ARG F 119 23.14 7.51 -32.56
C ARG F 119 24.31 7.31 -33.51
N ASP F 120 24.98 8.40 -33.89
CA ASP F 120 26.18 8.28 -34.72
C ASP F 120 27.23 7.40 -34.05
N PHE F 121 27.40 7.58 -32.74
CA PHE F 121 28.47 6.87 -32.02
C PHE F 121 28.16 5.39 -31.88
N VAL F 122 26.90 5.05 -31.56
CA VAL F 122 26.51 3.64 -31.51
C VAL F 122 26.58 3.02 -32.91
N GLN F 123 26.28 3.81 -33.94
CA GLN F 123 26.42 3.29 -35.30
CA GLN F 123 26.43 3.30 -35.31
C GLN F 123 27.88 2.98 -35.63
N HIS F 124 28.80 3.82 -35.17
CA HIS F 124 30.22 3.55 -35.35
C HIS F 124 30.66 2.30 -34.59
N LEU F 125 30.24 2.19 -33.33
CA LEU F 125 30.61 1.04 -32.53
C LEU F 125 29.97 -0.26 -33.03
N ARG F 126 28.85 -0.15 -33.75
CA ARG F 126 28.29 -1.35 -34.38
C ARG F 126 29.20 -1.86 -35.49
N SER F 127 29.66 -0.95 -36.36
CA SER F 127 30.64 -1.33 -37.37
C SER F 127 31.93 -1.83 -36.76
N LEU F 128 32.28 -1.33 -35.57
CA LEU F 128 33.45 -1.86 -34.88
C LEU F 128 33.22 -3.29 -34.40
N ALA F 129 32.07 -3.54 -33.75
CA ALA F 129 31.75 -4.88 -33.28
C ALA F 129 31.31 -5.80 -34.40
N ASP F 130 31.00 -5.25 -35.57
CA ASP F 130 30.54 -6.05 -36.72
C ASP F 130 31.12 -5.46 -37.98
N PRO F 131 32.38 -5.78 -38.30
CA PRO F 131 33.01 -5.19 -39.48
C PRO F 131 32.30 -5.54 -40.78
N SER F 132 31.71 -6.73 -40.87
CA SER F 132 30.97 -7.10 -42.08
C SER F 132 29.69 -6.29 -42.22
N GLY F 133 29.06 -5.94 -41.11
CA GLY F 133 27.84 -5.15 -41.17
C GLY F 133 26.60 -5.92 -41.57
N GLN F 134 26.68 -7.25 -41.64
CA GLN F 134 25.55 -8.08 -42.03
C GLN F 134 25.00 -8.93 -40.91
N ALA F 135 25.74 -9.12 -39.82
CA ALA F 135 25.31 -9.99 -38.74
C ALA F 135 24.24 -9.31 -37.88
N GLU F 136 23.42 -10.15 -37.26
CA GLU F 136 22.38 -9.68 -36.35
C GLU F 136 23.00 -9.43 -34.98
N ILE F 137 23.08 -8.17 -34.59
CA ILE F 137 23.71 -7.81 -33.32
C ILE F 137 22.68 -7.91 -32.20
N ARG F 138 23.06 -8.57 -31.11
CA ARG F 138 22.25 -8.65 -29.90
C ARG F 138 23.09 -8.05 -28.78
N ALA F 139 22.79 -6.82 -28.38
CA ALA F 139 23.65 -6.07 -27.47
C ALA F 139 23.03 -5.95 -26.09
N VAL F 140 23.86 -6.22 -25.09
CA VAL F 140 23.54 -5.92 -23.69
C VAL F 140 24.25 -4.62 -23.37
N VAL F 141 23.49 -3.54 -23.26
CA VAL F 141 24.06 -2.22 -23.00
C VAL F 141 23.98 -1.94 -21.51
N GLY F 142 25.05 -1.36 -20.96
CA GLY F 142 25.09 -1.01 -19.56
C GLY F 142 24.49 0.36 -19.31
N VAL F 143 23.47 0.39 -18.45
CA VAL F 143 22.84 1.64 -18.04
C VAL F 143 23.27 1.92 -16.61
N PRO F 144 23.07 3.15 -16.12
CA PRO F 144 23.37 3.44 -14.72
C PRO F 144 22.61 2.55 -13.74
N ALA F 145 22.90 2.70 -12.45
CA ALA F 145 22.32 1.82 -11.44
C ALA F 145 20.80 1.88 -11.46
N ASN F 146 20.25 3.06 -11.34
CA ASN F 146 18.80 3.27 -11.30
C ASN F 146 18.40 4.20 -12.45
N ALA F 147 18.68 3.77 -13.68
CA ALA F 147 18.37 4.57 -14.85
C ALA F 147 16.86 4.67 -15.01
N THR F 148 16.35 5.89 -15.11
CA THR F 148 14.93 6.10 -15.33
C THR F 148 14.50 5.50 -16.65
N GLU F 149 13.21 5.20 -16.77
CA GLU F 149 12.69 4.61 -18.00
C GLU F 149 12.89 5.53 -19.20
N GLN F 150 12.93 6.85 -18.98
CA GLN F 150 13.28 7.75 -20.07
C GLN F 150 14.74 7.60 -20.47
N ALA F 151 15.63 7.47 -19.48
CA ALA F 151 17.04 7.27 -19.77
C ALA F 151 17.31 5.90 -20.40
N ARG F 152 16.42 4.94 -20.22
CA ARG F 152 16.53 3.64 -20.88
C ARG F 152 15.93 3.66 -22.28
N GLU F 153 14.84 4.39 -22.48
CA GLU F 153 14.29 4.53 -23.82
C GLU F 153 15.19 5.39 -24.69
N ASP F 154 15.99 6.27 -24.08
CA ASP F 154 16.98 7.02 -24.84
C ASP F 154 18.05 6.09 -25.40
N VAL F 155 18.38 5.01 -24.68
CA VAL F 155 19.37 4.06 -25.17
C VAL F 155 18.72 3.09 -26.13
N ARG F 156 17.48 2.68 -25.88
CA ARG F 156 16.76 1.82 -26.80
C ARG F 156 16.32 2.53 -28.06
N ARG F 157 16.42 3.86 -28.08
CA ARG F 157 16.04 4.63 -29.26
C ARG F 157 17.25 4.98 -30.12
N CYS F 158 18.40 5.20 -29.49
CA CYS F 158 19.65 5.39 -30.20
C CYS F 158 20.31 4.07 -30.56
N ALA F 159 19.60 2.96 -30.37
CA ALA F 159 20.07 1.64 -30.78
C ALA F 159 19.11 0.95 -31.74
N PHE F 160 17.99 1.60 -32.08
CA PHE F 160 17.06 1.02 -33.03
C PHE F 160 17.65 1.07 -34.44
N GLY F 161 17.51 -0.02 -35.18
CA GLY F 161 18.17 -0.15 -36.46
C GLY F 161 19.65 -0.45 -36.37
N ILE F 162 20.24 -0.35 -35.20
CA ILE F 162 21.65 -0.70 -34.98
C ILE F 162 21.71 -2.09 -34.36
N PHE F 163 21.22 -2.20 -33.12
CA PHE F 163 21.14 -3.48 -32.43
C PHE F 163 19.77 -4.08 -32.67
N ASP F 164 19.73 -5.34 -33.11
CA ASP F 164 18.45 -5.99 -33.36
C ASP F 164 17.73 -6.34 -32.07
N ARG F 165 18.47 -6.82 -31.07
CA ARG F 165 17.91 -7.10 -29.75
C ARG F 165 18.77 -6.42 -28.71
N ILE F 166 18.14 -5.76 -27.75
CA ILE F 166 18.87 -5.04 -26.71
C ILE F 166 18.51 -5.63 -25.36
N LEU F 167 19.35 -5.31 -24.38
CA LEU F 167 19.13 -5.74 -22.99
C LEU F 167 19.85 -4.75 -22.10
N LEU F 168 19.10 -3.99 -21.30
CA LEU F 168 19.66 -2.94 -20.48
C LEU F 168 19.82 -3.43 -19.05
N ILE F 169 21.07 -3.51 -18.59
CA ILE F 169 21.40 -4.01 -17.26
C ILE F 169 22.21 -2.93 -16.54
N PRO F 170 22.04 -2.75 -15.23
CA PRO F 170 22.83 -1.75 -14.51
C PRO F 170 24.33 -1.96 -14.71
N GLU F 171 25.04 -0.84 -14.80
CA GLU F 171 26.48 -0.83 -15.07
C GLU F 171 27.30 -1.46 -13.95
N PRO F 172 27.03 -1.19 -12.66
CA PRO F 172 27.84 -1.85 -11.62
C PRO F 172 27.60 -3.36 -11.54
N PHE F 173 26.40 -3.84 -11.87
CA PHE F 173 26.19 -5.28 -11.90
C PHE F 173 27.00 -5.92 -13.02
N LEU F 174 27.06 -5.29 -14.19
CA LEU F 174 27.92 -5.79 -15.26
C LEU F 174 29.39 -5.67 -14.90
N ALA F 175 29.77 -4.66 -14.13
CA ALA F 175 31.15 -4.58 -13.64
C ALA F 175 31.46 -5.75 -12.73
N ALA F 176 30.53 -6.11 -11.85
CA ALA F 176 30.71 -7.27 -10.99
C ALA F 176 30.75 -8.56 -11.81
N LEU F 177 29.97 -8.61 -12.88
CA LEU F 177 29.88 -9.82 -13.70
C LEU F 177 31.09 -9.99 -14.61
N GLY F 178 31.76 -8.91 -15.00
CA GLY F 178 32.92 -8.98 -15.86
C GLY F 178 34.21 -9.05 -15.08
N TYR F 179 34.21 -8.48 -13.87
CA TYR F 179 35.35 -8.66 -12.98
C TYR F 179 35.48 -10.10 -12.52
N ARG F 180 34.35 -10.81 -12.44
CA ARG F 180 34.36 -12.21 -12.04
C ARG F 180 35.15 -13.05 -13.03
N ASP F 181 36.02 -13.91 -12.51
CA ASP F 181 36.85 -14.79 -13.33
C ASP F 181 36.15 -16.14 -13.45
N ASP F 182 35.48 -16.36 -14.58
CA ASP F 182 34.78 -17.63 -14.79
C ASP F 182 35.75 -18.80 -14.88
N ALA F 183 36.98 -18.57 -15.35
CA ALA F 183 37.96 -19.64 -15.41
C ALA F 183 38.44 -20.05 -14.02
N ARG F 184 38.25 -19.21 -13.00
CA ARG F 184 38.73 -19.48 -11.66
C ARG F 184 37.58 -19.78 -10.70
N LEU F 185 36.35 -19.88 -11.20
CA LEU F 185 35.22 -20.18 -10.34
C LEU F 185 35.34 -21.59 -9.76
N GLY F 186 34.62 -21.83 -8.68
CA GLY F 186 34.62 -23.12 -8.03
C GLY F 186 35.78 -23.32 -7.09
N GLN F 187 36.91 -22.69 -7.37
CA GLN F 187 38.10 -22.83 -6.53
C GLN F 187 37.84 -22.22 -5.16
N SER F 188 38.58 -22.73 -4.17
CA SER F 188 38.42 -22.24 -2.80
C SER F 188 39.22 -20.98 -2.54
N ASN F 189 40.37 -20.85 -3.20
CA ASN F 189 41.23 -19.68 -3.02
C ASN F 189 40.78 -18.48 -3.85
N TYR F 190 39.59 -18.53 -4.44
CA TYR F 190 39.06 -17.44 -5.24
C TYR F 190 37.71 -17.03 -4.67
N ILE F 191 37.60 -15.79 -4.22
CA ILE F 191 36.34 -15.26 -3.71
C ILE F 191 35.57 -14.64 -4.88
N ASP F 192 34.34 -15.10 -5.05
CA ASP F 192 33.51 -14.63 -6.15
C ASP F 192 33.07 -13.18 -5.90
N PRO F 193 33.35 -12.25 -6.81
CA PRO F 193 32.86 -10.88 -6.62
C PRO F 193 31.36 -10.73 -6.83
N VAL F 194 30.68 -11.78 -7.26
CA VAL F 194 29.24 -11.70 -7.49
C VAL F 194 28.43 -12.35 -6.37
N VAL F 195 29.01 -13.28 -5.61
CA VAL F 195 28.23 -14.01 -4.61
C VAL F 195 27.76 -13.07 -3.49
N ASN F 196 28.61 -12.13 -3.08
CA ASN F 196 28.29 -11.20 -2.02
C ASN F 196 29.33 -10.10 -1.98
N SER F 197 29.04 -8.98 -2.63
CA SER F 197 30.00 -7.88 -2.66
C SER F 197 29.26 -6.58 -2.86
N LEU F 198 29.97 -5.48 -2.68
CA LEU F 198 29.44 -4.14 -2.87
C LEU F 198 30.36 -3.43 -3.86
N PHE F 199 29.81 -3.10 -5.04
CA PHE F 199 30.60 -2.55 -6.13
C PHE F 199 30.36 -1.05 -6.22
N ILE F 200 31.44 -0.28 -6.20
CA ILE F 200 31.37 1.18 -6.26
C ILE F 200 31.96 1.58 -7.60
N ASP F 201 31.17 1.44 -8.66
CA ASP F 201 31.59 1.79 -10.01
C ASP F 201 31.55 3.32 -10.13
N ILE F 202 32.68 3.94 -9.82
CA ILE F 202 32.82 5.39 -9.95
C ILE F 202 33.30 5.70 -11.37
N GLY F 203 32.37 5.90 -12.28
CA GLY F 203 32.70 6.20 -13.66
C GLY F 203 33.12 7.63 -13.87
N GLY F 204 32.80 8.15 -15.05
CA GLY F 204 33.10 9.52 -15.38
C GLY F 204 31.87 10.37 -15.47
N GLY F 205 30.70 9.75 -15.37
CA GLY F 205 29.44 10.47 -15.37
C GLY F 205 28.66 10.24 -14.10
N THR F 206 28.40 8.98 -13.79
CA THR F 206 27.75 8.58 -12.55
C THR F 206 28.70 7.75 -11.71
N SER F 207 28.39 7.66 -10.42
CA SER F 207 29.12 6.83 -9.47
C SER F 207 28.09 5.89 -8.84
N ASP F 208 27.93 4.72 -9.45
CA ASP F 208 26.89 3.77 -9.06
C ASP F 208 27.42 2.78 -8.05
N ILE F 209 26.79 2.73 -6.88
CA ILE F 209 27.05 1.70 -5.88
C ILE F 209 25.97 0.65 -6.00
N CYS F 210 26.35 -0.62 -5.86
CA CYS F 210 25.42 -1.72 -6.09
C CYS F 210 25.74 -2.85 -5.13
N LEU F 211 24.68 -3.42 -4.54
CA LEU F 211 24.78 -4.60 -3.69
C LEU F 211 24.68 -5.84 -4.58
N VAL F 212 25.81 -6.37 -5.01
CA VAL F 212 25.83 -7.51 -5.91
C VAL F 212 25.82 -8.77 -5.04
N GLN F 213 24.64 -9.39 -4.91
CA GLN F 213 24.42 -10.48 -3.97
C GLN F 213 24.08 -11.79 -4.68
N GLY F 214 24.59 -11.98 -5.90
CA GLY F 214 24.43 -13.22 -6.64
C GLY F 214 23.41 -13.14 -7.76
N TYR F 215 22.41 -12.27 -7.63
CA TYR F 215 21.30 -12.20 -8.56
C TYR F 215 21.21 -10.79 -9.13
N PHE F 216 20.31 -10.62 -10.08
CA PHE F 216 20.05 -9.31 -10.67
C PHE F 216 19.62 -8.33 -9.60
N PRO F 217 20.32 -7.22 -9.40
CA PRO F 217 20.03 -6.34 -8.26
C PRO F 217 18.71 -5.61 -8.45
N GLY F 218 17.95 -5.53 -7.37
CA GLY F 218 16.71 -4.79 -7.38
C GLY F 218 16.93 -3.30 -7.38
N PRO F 219 15.83 -2.55 -7.47
CA PRO F 219 15.93 -1.08 -7.44
C PRO F 219 16.44 -0.53 -6.13
N ASP F 220 16.39 -1.29 -5.04
CA ASP F 220 16.89 -0.84 -3.75
C ASP F 220 18.30 -1.32 -3.46
N ASP F 221 18.83 -2.24 -4.26
CA ASP F 221 20.19 -2.72 -4.10
C ASP F 221 21.22 -1.84 -4.78
N GLN F 222 20.81 -0.72 -5.38
CA GLN F 222 21.72 0.13 -6.12
C GLN F 222 21.34 1.59 -5.93
N ILE F 223 22.35 2.45 -5.89
CA ILE F 223 22.18 3.90 -5.80
C ILE F 223 23.10 4.54 -6.82
N SER F 224 22.57 5.45 -7.63
CA SER F 224 23.32 6.17 -8.64
C SER F 224 23.40 7.64 -8.29
N ILE F 225 24.62 8.17 -8.19
CA ILE F 225 24.86 9.58 -7.92
C ILE F 225 25.48 10.19 -9.17
N PRO F 226 24.90 11.23 -9.74
CA PRO F 226 25.45 11.88 -10.93
C PRO F 226 26.70 12.72 -10.65
N PHE F 227 27.56 12.22 -9.77
CA PHE F 227 28.80 12.90 -9.39
C PHE F 227 29.94 11.91 -9.53
N ALA F 228 30.80 12.12 -10.51
CA ALA F 228 31.91 11.21 -10.73
C ALA F 228 33.07 11.99 -11.35
N GLY F 229 33.67 11.44 -12.40
CA GLY F 229 34.83 12.08 -13.01
C GLY F 229 34.53 13.43 -13.63
N ASP F 230 33.40 13.53 -14.34
CA ASP F 230 33.04 14.81 -14.96
C ASP F 230 32.72 15.86 -13.92
N ALA F 231 32.15 15.47 -12.79
CA ALA F 231 31.89 16.42 -11.71
C ALA F 231 33.16 16.92 -11.05
N ILE F 232 34.17 16.06 -10.87
CA ILE F 232 35.44 16.54 -10.35
C ILE F 232 36.14 17.41 -11.38
N ASP F 233 36.03 17.07 -12.66
CA ASP F 233 36.54 17.95 -13.71
C ASP F 233 35.90 19.32 -13.65
N GLN F 234 34.57 19.36 -13.44
CA GLN F 234 33.88 20.64 -13.37
C GLN F 234 34.29 21.42 -12.12
N LEU F 235 34.45 20.73 -10.99
CA LEU F 235 34.91 21.40 -9.78
C LEU F 235 36.31 21.97 -9.95
N LEU F 236 37.22 21.24 -10.57
CA LEU F 236 38.54 21.78 -10.88
C LEU F 236 38.48 22.93 -11.85
N GLN F 237 37.62 22.86 -12.87
CA GLN F 237 37.44 23.99 -13.77
C GLN F 237 36.98 25.23 -13.03
N GLU F 238 36.05 25.08 -12.10
CA GLU F 238 35.59 26.24 -11.33
C GLU F 238 36.69 26.77 -10.42
N GLU F 239 37.36 25.89 -9.68
CA GLU F 239 38.43 26.35 -8.79
C GLU F 239 39.66 26.84 -9.53
N LEU F 240 39.75 26.60 -10.85
CA LEU F 240 40.82 27.15 -11.67
C LEU F 240 40.45 28.48 -12.32
N ASN F 241 39.21 28.60 -12.83
CA ASN F 241 38.74 29.88 -13.32
C ASN F 241 38.40 30.85 -12.20
N ARG F 242 38.49 30.41 -10.94
CA ARG F 242 38.27 31.28 -9.79
C ARG F 242 39.56 31.87 -9.26
N THR F 243 40.66 31.10 -9.28
CA THR F 243 41.96 31.58 -8.84
C THR F 243 42.86 32.00 -9.97
N TYR F 244 42.84 31.29 -11.09
CA TYR F 244 43.61 31.65 -12.28
C TYR F 244 42.64 31.95 -13.41
N PRO F 245 42.04 33.14 -13.42
CA PRO F 245 40.97 33.43 -14.37
C PRO F 245 41.47 33.48 -15.79
N ASN F 246 40.58 33.13 -16.71
CA ASN F 246 40.88 33.08 -18.14
C ASN F 246 42.16 32.28 -18.39
N ASN F 247 42.25 31.12 -17.75
CA ASN F 247 43.42 30.27 -17.94
C ASN F 247 43.37 29.55 -19.28
N GLY F 248 42.18 29.40 -19.85
CA GLY F 248 42.03 28.73 -21.12
C GLY F 248 42.24 27.23 -21.10
N LEU F 249 42.48 26.64 -19.93
CA LEU F 249 42.63 25.20 -19.84
C LEU F 249 41.32 24.52 -20.19
N SER F 250 41.34 23.72 -21.26
CA SER F 250 40.14 23.01 -21.67
C SER F 250 39.79 21.91 -20.67
N LEU F 251 38.58 21.39 -20.80
CA LEU F 251 38.16 20.30 -19.93
C LEU F 251 39.01 19.05 -20.15
N HIS F 252 39.51 18.87 -21.37
CA HIS F 252 40.38 17.74 -21.66
C HIS F 252 41.74 17.85 -20.98
N LYS F 253 42.15 19.05 -20.59
CA LYS F 253 43.38 19.24 -19.83
CA LYS F 253 43.38 19.24 -19.83
C LYS F 253 43.16 19.31 -18.33
N VAL F 254 42.05 19.91 -17.90
CA VAL F 254 41.65 19.84 -16.49
C VAL F 254 41.36 18.41 -16.08
N ARG F 255 40.99 17.55 -17.02
CA ARG F 255 40.83 16.13 -16.78
C ARG F 255 42.16 15.41 -16.67
N GLU F 256 43.14 15.76 -17.52
CA GLU F 256 44.48 15.17 -17.37
C GLU F 256 45.16 15.59 -16.09
N ILE F 257 44.96 16.84 -15.65
CA ILE F 257 45.48 17.27 -14.36
C ILE F 257 44.94 16.38 -13.25
N LYS F 258 43.64 16.09 -13.29
CA LYS F 258 43.04 15.26 -12.25
C LYS F 258 43.51 13.81 -12.36
N GLU F 259 43.63 13.29 -13.57
CA GLU F 259 44.06 11.90 -13.74
C GLU F 259 45.51 11.71 -13.32
N ALA F 260 46.35 12.72 -13.50
CA ALA F 260 47.77 12.60 -13.17
C ALA F 260 48.09 12.96 -11.74
N HIS F 261 47.36 13.91 -11.14
CA HIS F 261 47.68 14.40 -9.81
C HIS F 261 46.51 14.35 -8.83
N GLY F 262 45.29 14.11 -9.31
CA GLY F 262 44.15 14.11 -8.40
C GLY F 262 44.25 13.01 -7.37
N TYR F 263 43.79 13.33 -6.16
CA TYR F 263 43.92 12.45 -5.02
C TYR F 263 42.81 12.77 -4.04
N VAL F 264 42.44 11.78 -3.24
CA VAL F 264 41.46 11.97 -2.17
C VAL F 264 42.16 11.80 -0.82
N GLY F 265 41.65 12.50 0.18
CA GLY F 265 42.23 12.45 1.50
C GLY F 265 42.76 13.80 1.94
N PRO F 266 43.70 13.79 2.88
CA PRO F 266 44.29 15.06 3.33
C PRO F 266 45.04 15.75 2.22
N SER F 267 45.11 17.08 2.31
CA SER F 267 45.79 17.87 1.28
C SER F 267 47.27 17.53 1.23
N ARG F 268 47.81 17.54 0.01
CA ARG F 268 49.22 17.30 -0.23
C ARG F 268 49.84 18.55 -0.82
N LYS F 269 50.67 19.23 -0.03
CA LYS F 269 51.31 20.46 -0.45
C LYS F 269 52.80 20.38 -0.20
N PRO F 270 53.64 20.88 -1.12
CA PRO F 270 53.19 21.45 -2.39
C PRO F 270 53.05 20.42 -3.50
N LEU F 271 52.09 20.62 -4.40
CA LEU F 271 51.85 19.74 -5.53
C LEU F 271 51.85 20.62 -6.78
N ASP F 272 53.01 20.73 -7.42
CA ASP F 272 53.17 21.60 -8.57
C ASP F 272 52.68 20.91 -9.83
N VAL F 273 51.75 21.55 -10.53
CA VAL F 273 51.20 21.05 -11.79
C VAL F 273 51.68 21.98 -12.89
N LYS F 274 52.41 21.44 -13.86
CA LYS F 274 52.92 22.21 -14.97
C LYS F 274 51.84 22.30 -16.05
N VAL F 275 51.30 23.50 -16.27
CA VAL F 275 50.27 23.73 -17.25
C VAL F 275 50.77 24.76 -18.26
N VAL F 276 49.96 24.97 -19.31
CA VAL F 276 50.26 25.92 -20.36
C VAL F 276 49.07 26.88 -20.42
N ILE F 277 49.23 28.08 -19.88
CA ILE F 277 48.16 29.06 -19.78
C ILE F 277 48.52 30.22 -20.71
N GLY F 278 47.81 30.33 -21.82
CA GLY F 278 48.05 31.41 -22.76
C GLY F 278 49.33 31.23 -23.56
N GLY F 279 49.70 30.00 -23.86
CA GLY F 279 50.92 29.74 -24.60
C GLY F 279 52.14 29.63 -23.72
N LYS F 280 52.11 30.29 -22.57
CA LYS F 280 53.24 30.30 -21.65
C LYS F 280 53.11 29.18 -20.63
N ALA F 281 54.23 28.58 -20.28
CA ALA F 281 54.28 27.44 -19.37
C ALA F 281 54.34 27.95 -17.94
N HIS F 282 53.29 27.69 -17.18
CA HIS F 282 53.23 28.05 -15.77
C HIS F 282 53.23 26.79 -14.90
N THR F 283 53.53 26.98 -13.63
CA THR F 283 53.60 25.88 -12.66
C THR F 283 52.68 26.25 -11.50
N LEU F 284 51.44 25.78 -11.57
CA LEU F 284 50.46 26.09 -10.54
C LEU F 284 50.65 25.21 -9.31
N GLU F 285 50.09 25.67 -8.20
CA GLU F 285 50.06 24.89 -6.96
C GLU F 285 48.61 24.45 -6.75
N LEU F 286 48.34 23.19 -7.02
CA LEU F 286 46.98 22.65 -6.98
C LEU F 286 46.84 21.53 -5.96
N GLY F 287 47.54 21.62 -4.84
CA GLY F 287 47.38 20.63 -3.79
C GLY F 287 46.00 20.69 -3.17
N ASP F 288 45.67 21.84 -2.57
CA ASP F 288 44.33 22.03 -2.01
C ASP F 288 43.25 21.97 -3.08
N THR F 289 43.53 22.50 -4.28
CA THR F 289 42.52 22.47 -5.34
C THR F 289 42.13 21.04 -5.70
N LEU F 290 43.12 20.21 -5.99
CA LEU F 290 42.83 18.81 -6.31
C LEU F 290 42.23 18.08 -5.13
N ALA F 291 42.70 18.39 -3.91
CA ALA F 291 42.15 17.74 -2.73
C ALA F 291 40.66 18.03 -2.59
N ARG F 292 40.26 19.29 -2.67
CA ARG F 292 38.84 19.64 -2.54
C ARG F 292 38.03 19.14 -3.74
N ALA F 293 38.64 19.07 -4.92
CA ALA F 293 37.91 18.59 -6.08
C ALA F 293 37.61 17.11 -5.98
N CYS F 294 38.58 16.31 -5.52
CA CYS F 294 38.38 14.87 -5.51
C CYS F 294 37.72 14.38 -4.21
N ASN F 295 37.85 15.13 -3.11
CA ASN F 295 37.21 14.72 -1.86
C ASN F 295 35.71 14.96 -1.89
N ALA F 296 35.23 15.83 -2.78
CA ALA F 296 33.79 15.96 -2.94
C ALA F 296 33.17 14.69 -3.49
N LEU F 297 33.89 13.94 -4.32
CA LEU F 297 33.40 12.64 -4.76
C LEU F 297 33.19 11.70 -3.59
N ILE F 298 34.14 11.68 -2.65
CA ILE F 298 34.00 10.85 -1.47
C ILE F 298 32.82 11.32 -0.62
N ASP F 299 32.72 12.64 -0.42
CA ASP F 299 31.61 13.20 0.34
C ASP F 299 30.26 12.94 -0.30
N LYS F 300 30.21 12.70 -1.61
CA LYS F 300 28.97 12.37 -2.29
C LYS F 300 28.66 10.87 -2.23
N ILE F 301 29.66 10.04 -2.46
CA ILE F 301 29.41 8.60 -2.58
C ILE F 301 29.44 7.87 -1.24
N TYR F 302 29.87 8.54 -0.17
CA TYR F 302 29.91 7.86 1.11
C TYR F 302 28.53 7.75 1.76
N PRO F 303 27.70 8.80 1.73
CA PRO F 303 26.32 8.64 2.24
C PRO F 303 25.53 7.58 1.50
N ALA F 304 25.86 7.29 0.24
CA ALA F 304 25.23 6.20 -0.50
C ALA F 304 25.96 4.88 -0.34
N LEU F 305 27.24 4.92 0.02
CA LEU F 305 27.95 3.69 0.39
C LEU F 305 27.39 3.12 1.68
N THR F 306 27.35 3.94 2.73
CA THR F 306 26.82 3.48 4.02
C THR F 306 25.35 3.15 3.95
N THR F 307 24.58 3.84 3.10
CA THR F 307 23.16 3.51 2.95
C THR F 307 22.97 2.09 2.47
N LEU F 308 23.72 1.68 1.45
CA LEU F 308 23.60 0.31 0.96
C LEU F 308 24.25 -0.70 1.89
N ILE F 309 25.29 -0.29 2.63
CA ILE F 309 25.86 -1.19 3.63
C ILE F 309 24.85 -1.50 4.72
N GLN F 310 24.07 -0.50 5.12
CA GLN F 310 23.02 -0.72 6.11
C GLN F 310 21.73 -1.25 5.49
N ARG F 311 21.63 -1.30 4.16
CA ARG F 311 20.52 -1.97 3.50
C ARG F 311 20.73 -3.46 3.37
N ALA F 312 21.97 -3.94 3.44
CA ALA F 312 22.25 -5.35 3.26
C ALA F 312 21.71 -6.17 4.43
N SER F 313 21.48 -7.45 4.17
CA SER F 313 21.02 -8.36 5.22
C SER F 313 22.07 -8.49 6.31
N SER F 314 21.63 -8.51 7.55
CA SER F 314 22.56 -8.65 8.67
C SER F 314 23.36 -9.94 8.61
N ASP F 315 22.80 -11.00 8.03
CA ASP F 315 23.54 -12.25 7.92
C ASP F 315 24.71 -12.14 6.95
N SER F 316 24.62 -11.23 5.98
CA SER F 316 25.59 -11.16 4.89
C SER F 316 26.40 -9.88 4.85
N VAL F 317 26.18 -8.93 5.77
CA VAL F 317 26.88 -7.67 5.71
C VAL F 317 28.31 -7.80 6.20
N VAL F 318 28.59 -8.78 7.07
CA VAL F 318 29.93 -8.92 7.62
C VAL F 318 30.92 -9.32 6.52
N THR F 319 30.47 -10.13 5.56
CA THR F 319 31.32 -10.45 4.41
C THR F 319 31.21 -9.38 3.33
N LEU F 320 30.08 -8.69 3.26
CA LEU F 320 29.95 -7.58 2.33
C LEU F 320 30.98 -6.51 2.60
N LEU F 321 31.25 -6.23 3.88
CA LEU F 321 32.28 -5.28 4.23
C LEU F 321 33.67 -5.78 3.83
N GLN F 322 33.87 -7.10 3.85
CA GLN F 322 35.14 -7.65 3.41
C GLN F 322 35.27 -7.66 1.90
N ASN F 323 34.16 -7.57 1.17
CA ASN F 323 34.18 -7.55 -0.28
C ASN F 323 33.58 -6.26 -0.83
N ILE F 324 34.17 -5.12 -0.48
CA ILE F 324 33.82 -3.86 -1.12
C ILE F 324 34.83 -3.60 -2.23
N ILE F 325 34.33 -3.41 -3.45
CA ILE F 325 35.17 -3.31 -4.63
C ILE F 325 34.85 -2.01 -5.36
N ILE F 326 35.89 -1.28 -5.74
CA ILE F 326 35.76 -0.03 -6.50
C ILE F 326 36.19 -0.29 -7.93
N THR F 327 35.31 -0.01 -8.88
CA THR F 327 35.65 -0.13 -10.28
C THR F 327 35.37 1.18 -11.01
N GLY F 328 35.51 1.17 -12.34
CA GLY F 328 35.35 2.39 -13.12
C GLY F 328 36.60 3.23 -13.08
N GLY F 329 36.63 4.32 -13.86
CA GLY F 329 37.79 5.18 -13.87
C GLY F 329 38.13 5.76 -12.51
N GLY F 330 37.10 6.13 -11.73
CA GLY F 330 37.31 6.71 -10.42
C GLY F 330 37.97 5.78 -9.42
N SER F 331 38.13 4.49 -9.76
CA SER F 331 38.91 3.61 -8.90
C SER F 331 40.39 3.93 -8.96
N GLN F 332 40.83 4.61 -10.01
CA GLN F 332 42.24 4.95 -10.18
C GLN F 332 42.65 6.21 -9.43
N ILE F 333 41.71 6.87 -8.74
CA ILE F 333 42.07 8.03 -7.93
C ILE F 333 43.05 7.61 -6.85
N LYS F 334 44.12 8.39 -6.69
CA LYS F 334 45.19 8.04 -5.77
C LYS F 334 44.69 7.95 -4.34
N GLY F 335 44.71 6.75 -3.76
CA GLY F 335 44.35 6.57 -2.38
C GLY F 335 42.86 6.62 -2.10
N ILE F 336 42.02 6.11 -3.01
CA ILE F 336 40.59 6.11 -2.78
C ILE F 336 40.12 4.88 -2.01
N ASP F 337 40.73 3.72 -2.25
CA ASP F 337 40.37 2.53 -1.48
C ASP F 337 40.83 2.65 -0.04
N THR F 338 42.04 3.16 0.19
CA THR F 338 42.51 3.37 1.56
C THR F 338 41.65 4.38 2.29
N LEU F 339 41.30 5.49 1.64
CA LEU F 339 40.47 6.50 2.30
C LEU F 339 39.08 5.94 2.59
N LEU F 340 38.50 5.20 1.65
CA LEU F 340 37.16 4.68 1.88
C LEU F 340 37.15 3.61 2.98
N GLN F 341 38.18 2.76 3.02
CA GLN F 341 38.27 1.78 4.09
C GLN F 341 38.51 2.45 5.44
N LYS F 342 39.30 3.53 5.45
CA LYS F 342 39.51 4.28 6.69
C LYS F 342 38.22 4.91 7.17
N LYS F 343 37.45 5.49 6.26
CA LYS F 343 36.19 6.12 6.65
C LYS F 343 35.15 5.09 7.10
N LEU F 344 35.19 3.89 6.52
CA LEU F 344 34.25 2.86 6.95
C LEU F 344 34.68 2.23 8.26
N THR F 345 35.98 2.18 8.53
CA THR F 345 36.45 1.65 9.81
C THR F 345 36.20 2.66 10.94
N GLU F 346 36.41 3.94 10.67
CA GLU F 346 36.19 4.96 11.69
C GLU F 346 34.72 5.06 12.07
N ASP F 347 33.82 4.74 11.15
CA ASP F 347 32.39 4.80 11.45
C ASP F 347 31.88 3.58 12.19
N GLY F 348 32.74 2.58 12.43
CA GLY F 348 32.36 1.44 13.24
C GLY F 348 31.91 0.22 12.47
N PHE F 349 31.98 0.23 11.15
CA PHE F 349 31.62 -0.96 10.38
C PHE F 349 32.61 -2.08 10.67
N GLU F 350 32.09 -3.30 10.82
CA GLU F 350 32.91 -4.41 11.28
C GLU F 350 33.96 -4.81 10.25
N SER F 351 35.17 -4.27 10.41
CA SER F 351 36.34 -4.63 9.62
C SER F 351 36.06 -4.58 8.12
N PRO F 352 35.86 -3.40 7.55
CA PRO F 352 35.68 -3.31 6.10
C PRO F 352 37.00 -3.51 5.38
N LYS F 353 36.90 -3.94 4.12
CA LYS F 353 38.06 -4.17 3.28
C LYS F 353 37.72 -3.67 1.88
N VAL F 354 38.06 -2.42 1.60
CA VAL F 354 37.78 -1.81 0.31
C VAL F 354 38.89 -2.20 -0.66
N ARG F 355 38.51 -2.74 -1.81
CA ARG F 355 39.43 -3.26 -2.81
C ARG F 355 39.20 -2.56 -4.13
N LEU F 356 40.28 -2.39 -4.89
CA LEU F 356 40.20 -1.86 -6.23
C LEU F 356 39.94 -2.99 -7.22
N ALA F 357 39.17 -2.68 -8.26
CA ALA F 357 38.81 -3.69 -9.26
C ALA F 357 40.07 -4.28 -9.89
N GLY F 358 40.87 -3.45 -10.52
CA GLY F 358 42.09 -3.89 -11.14
C GLY F 358 42.45 -3.00 -12.30
N HIS F 359 43.42 -3.46 -13.10
CA HIS F 359 43.87 -2.68 -14.24
C HIS F 359 42.82 -2.63 -15.34
N ASP F 360 42.06 -3.69 -15.52
CA ASP F 360 41.09 -3.80 -16.61
C ASP F 360 39.73 -3.22 -16.20
N TYR F 361 39.75 -2.03 -15.61
CA TYR F 361 38.52 -1.38 -15.17
C TYR F 361 37.67 -0.85 -16.32
N LYS F 362 38.22 -0.80 -17.53
CA LYS F 362 37.48 -0.28 -18.68
CA LYS F 362 37.46 -0.28 -18.66
C LYS F 362 36.62 -1.34 -19.34
N ARG F 363 37.08 -2.58 -19.39
CA ARG F 363 36.35 -3.66 -20.03
C ARG F 363 35.48 -4.44 -19.08
N TYR F 364 35.46 -4.09 -17.80
CA TYR F 364 34.70 -4.89 -16.84
C TYR F 364 33.20 -4.81 -17.11
N VAL F 365 32.67 -3.64 -17.37
CA VAL F 365 31.26 -3.53 -17.72
C VAL F 365 30.97 -4.19 -19.07
N ALA F 366 31.87 -4.07 -20.04
CA ALA F 366 31.66 -4.72 -21.32
C ALA F 366 31.83 -6.22 -21.22
N LEU F 367 32.81 -6.70 -20.45
CA LEU F 367 32.92 -8.14 -20.21
C LEU F 367 31.69 -8.68 -19.51
N GLY F 368 31.16 -7.98 -18.52
CA GLY F 368 29.95 -8.41 -17.85
C GLY F 368 28.74 -8.40 -18.76
N ALA F 369 28.65 -7.41 -19.64
CA ALA F 369 27.54 -7.34 -20.57
C ALA F 369 27.63 -8.43 -21.62
N LEU F 370 28.85 -8.83 -21.99
CA LEU F 370 29.01 -9.93 -22.92
C LEU F 370 28.69 -11.26 -22.25
N LYS F 371 29.08 -11.42 -20.97
CA LYS F 371 28.70 -12.61 -20.22
C LYS F 371 27.19 -12.68 -20.01
N ALA F 372 26.54 -11.53 -19.85
CA ALA F 372 25.09 -11.49 -19.71
C ALA F 372 24.38 -11.64 -21.05
N ALA F 373 25.05 -11.37 -22.16
CA ALA F 373 24.47 -11.62 -23.47
C ALA F 373 24.48 -13.11 -23.80
N ARG F 374 25.60 -13.78 -23.53
CA ARG F 374 25.70 -15.21 -23.78
C ARG F 374 24.86 -16.03 -22.81
N ALA F 375 24.47 -15.45 -21.68
CA ALA F 375 23.62 -16.13 -20.71
C ALA F 375 22.18 -15.65 -20.73
N ALA F 376 21.84 -14.70 -21.60
CA ALA F 376 20.48 -14.20 -21.66
C ALA F 376 19.58 -15.19 -22.41
N ARG F 377 18.42 -15.47 -21.84
CA ARG F 377 17.47 -16.36 -22.49
C ARG F 377 16.87 -15.68 -23.72
N GLU F 378 16.23 -16.48 -24.56
CA GLU F 378 15.61 -15.94 -25.76
C GLU F 378 14.48 -14.99 -25.42
N ASN F 379 13.80 -15.20 -24.30
CA ASN F 379 12.71 -14.33 -23.88
C ASN F 379 13.19 -13.11 -23.11
N GLN F 380 14.50 -12.97 -22.87
CA GLN F 380 15.04 -11.82 -22.18
C GLN F 380 15.37 -10.66 -23.10
N TRP F 381 15.73 -10.95 -24.35
CA TRP F 381 16.09 -9.91 -25.29
C TRP F 381 14.89 -9.03 -25.62
N GLN F 382 15.14 -7.72 -25.69
CA GLN F 382 14.08 -6.77 -26.01
C GLN F 382 14.14 -6.40 -27.48
N VAL F 383 12.99 -6.41 -28.13
CA VAL F 383 12.89 -6.11 -29.55
C VAL F 383 12.78 -4.60 -29.72
N LEU F 384 13.57 -4.06 -30.65
CA LEU F 384 13.62 -2.62 -30.92
C LEU F 384 12.85 -2.36 -32.20
N LEU F 385 11.61 -1.89 -32.05
CA LEU F 385 10.75 -1.56 -33.17
C LEU F 385 10.41 -0.07 -33.12
N GLY F 386 10.13 0.50 -34.29
CA GLY F 386 9.79 1.91 -34.39
C GLY F 386 10.18 2.52 -35.72
N THR G 34 10.29 -54.93 -6.05
CA THR G 34 10.93 -53.79 -5.40
C THR G 34 11.17 -54.07 -3.92
N LYS G 35 12.08 -53.31 -3.32
CA LYS G 35 12.41 -53.45 -1.91
C LYS G 35 11.69 -52.39 -1.10
N THR G 36 11.36 -52.71 0.14
CA THR G 36 10.64 -51.83 1.04
C THR G 36 11.59 -51.17 2.02
N VAL G 37 11.43 -49.86 2.20
CA VAL G 37 12.29 -49.07 3.08
C VAL G 37 11.38 -48.41 4.11
N LEU G 38 11.52 -48.82 5.37
CA LEU G 38 10.80 -48.19 6.45
C LEU G 38 11.53 -46.92 6.87
N VAL G 39 10.82 -45.80 6.84
CA VAL G 39 11.40 -44.47 7.05
C VAL G 39 10.75 -43.86 8.28
N GLY G 40 11.55 -43.65 9.32
CA GLY G 40 11.13 -42.84 10.43
C GLY G 40 11.35 -41.38 10.11
N PHE G 41 10.26 -40.63 9.98
CA PHE G 41 10.30 -39.24 9.53
C PHE G 41 9.86 -38.34 10.67
N ASP G 42 10.73 -37.42 11.06
CA ASP G 42 10.42 -36.40 12.06
C ASP G 42 10.36 -35.10 11.30
N PHE G 43 9.17 -34.77 10.81
CA PHE G 43 8.93 -33.50 10.10
C PHE G 43 8.85 -32.41 11.15
N GLY G 44 9.88 -31.60 11.23
CA GLY G 44 9.95 -30.58 12.25
C GLY G 44 9.67 -29.19 11.72
N THR G 45 9.41 -28.27 12.65
CA THR G 45 9.28 -26.86 12.29
C THR G 45 10.62 -26.22 12.03
N ASN G 46 11.66 -26.66 12.74
CA ASN G 46 13.02 -26.14 12.58
CA ASN G 46 13.00 -26.13 12.57
C ASN G 46 13.93 -27.10 11.84
N LYS G 47 13.91 -28.37 12.21
CA LYS G 47 14.72 -29.39 11.55
C LYS G 47 13.91 -30.67 11.44
N SER G 48 13.98 -31.30 10.27
CA SER G 48 13.36 -32.60 10.05
C SER G 48 14.45 -33.66 9.97
N CYS G 49 14.23 -34.77 10.65
CA CYS G 49 15.20 -35.86 10.70
C CYS G 49 14.60 -37.09 10.01
N VAL G 50 15.27 -37.56 8.97
CA VAL G 50 14.81 -38.71 8.21
C VAL G 50 15.75 -39.88 8.47
N LEU G 51 15.16 -41.03 8.80
CA LEU G 51 15.90 -42.26 9.00
C LEU G 51 15.28 -43.34 8.12
N ALA G 52 16.12 -44.16 7.50
CA ALA G 52 15.67 -45.18 6.57
C ALA G 52 16.36 -46.49 6.90
N GLY G 53 15.58 -47.57 6.97
CA GLY G 53 16.12 -48.88 7.20
C GLY G 53 15.27 -49.97 6.57
N THR G 54 15.88 -51.10 6.25
CA THR G 54 15.11 -52.21 5.69
C THR G 54 14.24 -52.84 6.77
N ALA G 55 13.27 -53.63 6.33
CA ALA G 55 12.38 -54.31 7.26
C ALA G 55 13.10 -55.49 7.91
N GLY G 56 12.68 -55.80 9.13
CA GLY G 56 13.26 -56.93 9.85
C GLY G 56 14.56 -56.68 10.56
N ALA G 57 15.45 -55.90 9.94
CA ALA G 57 16.73 -55.59 10.55
C ALA G 57 16.56 -54.55 11.66
N THR G 58 17.67 -54.20 12.29
CA THR G 58 17.68 -53.17 13.32
C THR G 58 18.67 -52.06 13.08
N ASP G 59 19.57 -52.20 12.11
CA ASP G 59 20.51 -51.14 11.79
C ASP G 59 19.81 -50.03 11.03
N ILE G 60 20.46 -48.88 10.95
CA ILE G 60 19.90 -47.68 10.36
C ILE G 60 20.70 -47.33 9.12
N ALA G 61 20.09 -47.53 7.95
CA ALA G 61 20.81 -47.29 6.70
C ALA G 61 21.07 -45.81 6.49
N ILE G 62 20.03 -44.99 6.48
CA ILE G 62 20.14 -43.55 6.23
C ILE G 62 19.73 -42.83 7.51
N SER G 63 20.46 -41.77 7.85
CA SER G 63 20.14 -40.93 9.01
C SER G 63 20.61 -39.51 8.70
N LYS G 64 19.67 -38.64 8.36
CA LYS G 64 19.99 -37.26 7.99
C LYS G 64 19.15 -36.30 8.82
N ILE G 65 19.76 -35.19 9.21
CA ILE G 65 19.08 -34.12 9.94
C ILE G 65 19.15 -32.88 9.06
N VAL G 66 18.06 -32.56 8.38
CA VAL G 66 17.99 -31.49 7.40
C VAL G 66 17.12 -30.38 7.97
N PRO G 67 17.61 -29.16 8.11
CA PRO G 67 16.76 -28.08 8.62
C PRO G 67 15.54 -27.87 7.73
N THR G 68 14.37 -27.86 8.34
CA THR G 68 13.13 -27.72 7.59
C THR G 68 13.05 -26.33 6.98
N VAL G 69 13.66 -26.17 5.81
CA VAL G 69 13.63 -24.92 5.07
C VAL G 69 13.80 -25.24 3.59
N VAL G 70 13.12 -24.48 2.74
CA VAL G 70 13.22 -24.63 1.29
C VAL G 70 13.56 -23.28 0.70
N GLY G 71 14.73 -23.19 0.07
CA GLY G 71 15.14 -21.94 -0.54
C GLY G 71 14.94 -21.95 -2.03
N TYR G 72 14.02 -21.14 -2.53
CA TYR G 72 13.79 -21.02 -3.97
C TYR G 72 14.76 -19.98 -4.50
N VAL G 73 15.70 -20.43 -5.34
CA VAL G 73 16.73 -19.54 -5.87
C VAL G 73 16.09 -18.35 -6.55
N LYS G 74 16.58 -17.15 -6.21
CA LYS G 74 15.96 -15.92 -6.66
C LYS G 74 16.06 -15.77 -8.18
N GLU G 75 15.16 -14.96 -8.72
CA GLU G 75 15.14 -14.71 -10.16
C GLU G 75 16.30 -13.80 -10.55
N GLY G 76 16.99 -14.18 -11.61
CA GLY G 76 18.16 -13.46 -12.07
C GLY G 76 19.47 -13.94 -11.51
N ILE G 77 19.51 -15.12 -10.90
CA ILE G 77 20.74 -15.62 -10.30
C ILE G 77 21.79 -15.86 -11.37
N VAL G 78 22.99 -15.36 -11.11
CA VAL G 78 24.12 -15.58 -12.01
C VAL G 78 24.55 -17.03 -11.95
N ASP G 79 24.92 -17.58 -13.11
CA ASP G 79 25.41 -18.95 -13.16
C ASP G 79 26.69 -19.09 -12.34
N GLY G 80 26.75 -20.15 -11.54
CA GLY G 80 27.89 -20.41 -10.70
C GLY G 80 27.76 -19.94 -9.26
N ILE G 81 26.75 -19.13 -8.94
CA ILE G 81 26.55 -18.69 -7.57
C ILE G 81 26.13 -19.87 -6.69
N VAL G 82 25.17 -20.65 -7.17
CA VAL G 82 24.72 -21.87 -6.49
C VAL G 82 25.38 -23.06 -7.15
N ALA G 83 26.00 -23.91 -6.34
CA ALA G 83 26.69 -25.09 -6.86
C ALA G 83 25.71 -25.99 -7.61
N GLY G 84 26.02 -26.27 -8.88
CA GLY G 84 25.15 -27.07 -9.71
C GLY G 84 24.01 -26.32 -10.36
N ASN G 85 23.89 -25.02 -10.11
CA ASN G 85 22.83 -24.19 -10.68
C ASN G 85 21.45 -24.71 -10.31
N ARG G 86 21.32 -25.32 -9.14
CA ARG G 86 20.02 -25.79 -8.68
C ARG G 86 19.11 -24.60 -8.39
N SER G 87 17.82 -24.78 -8.68
CA SER G 87 16.84 -23.73 -8.46
C SER G 87 16.10 -23.88 -7.15
N VAL G 88 16.13 -25.05 -6.52
CA VAL G 88 15.52 -25.27 -5.22
C VAL G 88 16.57 -25.90 -4.31
N LEU G 89 16.78 -25.29 -3.14
CA LEU G 89 17.78 -25.73 -2.18
C LEU G 89 17.08 -26.21 -0.93
N PHE G 90 17.64 -27.23 -0.28
CA PHE G 90 16.99 -27.85 0.86
C PHE G 90 17.95 -27.94 2.03
N GLY G 91 17.45 -27.54 3.20
CA GLY G 91 18.22 -27.65 4.43
C GLY G 91 19.40 -26.70 4.50
N ASP G 92 20.56 -27.22 4.90
CA ASP G 92 21.75 -26.38 5.01
C ASP G 92 22.10 -25.74 3.68
N ASP G 93 21.94 -26.48 2.58
CA ASP G 93 22.20 -25.92 1.26
C ASP G 93 21.36 -24.69 0.98
N ALA G 94 20.22 -24.55 1.65
CA ALA G 94 19.40 -23.35 1.54
C ALA G 94 19.74 -22.30 2.58
N LEU G 95 20.29 -22.71 3.73
CA LEU G 95 20.68 -21.75 4.75
C LEU G 95 22.00 -21.08 4.41
N GLN G 96 22.96 -21.83 3.87
CA GLN G 96 24.20 -21.21 3.40
C GLN G 96 23.96 -20.27 2.23
N ASN G 97 22.99 -20.58 1.38
CA ASN G 97 22.65 -19.74 0.23
C ASN G 97 21.37 -18.95 0.50
N ARG G 98 21.18 -18.48 1.73
CA ARG G 98 19.99 -17.69 2.03
C ARG G 98 20.07 -16.28 1.48
N LEU G 99 21.25 -15.85 1.02
CA LEU G 99 21.36 -14.55 0.37
C LEU G 99 20.85 -14.62 -1.06
N HIS G 100 21.00 -15.77 -1.71
CA HIS G 100 20.60 -15.94 -3.10
C HIS G 100 19.24 -16.57 -3.26
N ALA G 101 18.67 -17.11 -2.20
CA ALA G 101 17.40 -17.82 -2.25
C ALA G 101 16.38 -17.17 -1.33
N ARG G 102 15.11 -17.26 -1.74
CA ARG G 102 13.99 -16.89 -0.89
C ARG G 102 13.64 -18.11 -0.05
N LEU G 103 13.90 -18.02 1.24
CA LEU G 103 13.63 -19.15 2.13
C LEU G 103 12.17 -19.14 2.56
N VAL G 104 11.55 -20.32 2.48
CA VAL G 104 10.21 -20.55 3.01
C VAL G 104 10.30 -21.77 3.91
N ALA G 105 9.80 -21.64 5.14
CA ALA G 105 9.76 -22.74 6.09
C ALA G 105 8.53 -23.58 5.79
N PRO G 106 8.68 -24.83 5.34
CA PRO G 106 7.49 -25.65 5.05
C PRO G 106 6.55 -25.80 6.23
N MET G 107 7.06 -25.76 7.46
CA MET G 107 6.27 -26.05 8.64
C MET G 107 6.22 -24.85 9.55
N GLU G 108 5.06 -24.62 10.15
CA GLU G 108 4.86 -23.58 11.15
C GLU G 108 3.91 -24.10 12.21
N HIS G 109 4.31 -24.00 13.47
CA HIS G 109 3.54 -24.53 14.60
C HIS G 109 3.37 -26.06 14.48
N GLY G 110 4.40 -26.70 13.95
CA GLY G 110 4.40 -28.15 13.86
C GLY G 110 3.45 -28.72 12.83
N VAL G 111 2.77 -27.85 12.08
CA VAL G 111 1.84 -28.27 11.05
C VAL G 111 2.27 -27.64 9.74
N ILE G 112 1.95 -28.31 8.64
CA ILE G 112 2.36 -27.85 7.32
C ILE G 112 1.62 -26.55 6.99
N ALA G 113 2.39 -25.47 6.83
CA ALA G 113 1.83 -24.16 6.51
C ALA G 113 1.93 -23.78 5.05
N HIS G 114 2.97 -24.24 4.36
CA HIS G 114 3.15 -23.99 2.92
C HIS G 114 3.14 -25.33 2.21
N PRO G 115 2.03 -25.69 1.56
CA PRO G 115 1.93 -27.05 1.00
C PRO G 115 2.91 -27.33 -0.12
N ASP G 116 3.19 -26.35 -0.99
CA ASP G 116 4.10 -26.59 -2.10
C ASP G 116 5.54 -26.76 -1.63
N ALA G 117 6.00 -25.87 -0.75
CA ALA G 117 7.32 -26.03 -0.16
C ALA G 117 7.44 -27.30 0.66
N ALA G 118 6.37 -27.66 1.37
CA ALA G 118 6.39 -28.91 2.14
C ALA G 118 6.48 -30.11 1.23
N ARG G 119 5.79 -30.09 0.09
CA ARG G 119 5.89 -31.19 -0.86
C ARG G 119 7.29 -31.28 -1.47
N ASP G 120 7.85 -30.14 -1.86
CA ASP G 120 9.24 -30.13 -2.34
C ASP G 120 10.19 -30.70 -1.30
N PHE G 121 9.99 -30.34 -0.04
CA PHE G 121 10.88 -30.75 1.03
C PHE G 121 10.77 -32.25 1.31
N VAL G 122 9.53 -32.77 1.36
CA VAL G 122 9.34 -34.20 1.55
C VAL G 122 9.89 -34.97 0.36
N GLN G 123 9.77 -34.40 -0.84
CA GLN G 123 10.34 -35.05 -2.01
CA GLN G 123 10.34 -35.04 -2.02
C GLN G 123 11.86 -35.12 -1.92
N HIS G 124 12.49 -34.07 -1.40
CA HIS G 124 13.93 -34.08 -1.19
C HIS G 124 14.33 -35.13 -0.14
N LEU G 125 13.61 -35.15 0.98
CA LEU G 125 13.93 -36.10 2.04
C LEU G 125 13.65 -37.54 1.62
N ARG G 126 12.77 -37.75 0.65
CA ARG G 126 12.56 -39.10 0.12
C ARG G 126 13.79 -39.55 -0.65
N SER G 127 14.32 -38.70 -1.53
CA SER G 127 15.56 -39.01 -2.21
C SER G 127 16.73 -39.17 -1.23
N LEU G 128 16.68 -38.46 -0.10
CA LEU G 128 17.69 -38.65 0.92
C LEU G 128 17.58 -40.02 1.58
N ALA G 129 16.37 -40.40 1.98
CA ALA G 129 16.14 -41.72 2.58
C ALA G 129 16.17 -42.84 1.56
N ASP G 130 16.10 -42.50 0.27
CA ASP G 130 16.09 -43.51 -0.80
C ASP G 130 16.88 -42.97 -1.98
N PRO G 131 18.20 -43.09 -1.94
CA PRO G 131 19.02 -42.55 -3.04
C PRO G 131 18.71 -43.17 -4.39
N SER G 132 18.34 -44.47 -4.42
CA SER G 132 18.01 -45.10 -5.69
C SER G 132 16.70 -44.58 -6.25
N GLY G 133 15.75 -44.20 -5.40
CA GLY G 133 14.49 -43.68 -5.87
C GLY G 133 13.53 -44.72 -6.41
N GLN G 134 13.83 -46.01 -6.22
CA GLN G 134 12.97 -47.07 -6.71
C GLN G 134 12.31 -47.89 -5.61
N ALA G 135 12.76 -47.77 -4.37
CA ALA G 135 12.21 -48.56 -3.29
C ALA G 135 10.85 -48.03 -2.84
N GLU G 136 10.05 -48.92 -2.29
CA GLU G 136 8.74 -48.56 -1.76
C GLU G 136 8.93 -48.03 -0.35
N ILE G 137 8.71 -46.73 -0.16
CA ILE G 137 8.93 -46.10 1.14
C ILE G 137 7.67 -46.26 1.97
N ARG G 138 7.83 -46.69 3.22
CA ARG G 138 6.76 -46.75 4.20
C ARG G 138 7.20 -45.89 5.37
N ALA G 139 6.64 -44.69 5.48
CA ALA G 139 7.12 -43.70 6.43
C ALA G 139 6.15 -43.52 7.58
N VAL G 140 6.72 -43.49 8.79
CA VAL G 140 6.00 -43.10 10.00
C VAL G 140 6.41 -41.65 10.26
N VAL G 141 5.49 -40.73 10.02
CA VAL G 141 5.76 -39.30 10.18
C VAL G 141 5.25 -38.86 11.53
N GLY G 142 6.00 -37.97 12.19
CA GLY G 142 5.60 -37.45 13.48
C GLY G 142 4.75 -36.19 13.33
N VAL G 143 3.56 -36.24 13.88
CA VAL G 143 2.65 -35.09 13.91
C VAL G 143 2.60 -34.57 15.33
N PRO G 144 2.17 -33.32 15.55
CA PRO G 144 2.04 -32.81 16.92
C PRO G 144 1.17 -33.67 17.81
N ALA G 145 1.14 -33.34 19.10
CA ALA G 145 0.48 -34.19 20.09
C ALA G 145 -0.99 -34.42 19.72
N ASN G 146 -1.73 -33.33 19.52
CA ASN G 146 -3.15 -33.41 19.19
C ASN G 146 -3.36 -32.73 17.84
N ALA G 147 -2.69 -33.26 16.81
CA ALA G 147 -2.79 -32.70 15.47
C ALA G 147 -4.21 -32.90 14.93
N THR G 148 -4.85 -31.81 14.52
CA THR G 148 -6.18 -31.89 13.96
C THR G 148 -6.17 -32.73 12.69
N GLU G 149 -7.33 -33.27 12.33
CA GLU G 149 -7.42 -34.12 11.15
C GLU G 149 -7.05 -33.36 9.87
N GLN G 150 -7.26 -32.05 9.84
CA GLN G 150 -6.77 -31.26 8.72
C GLN G 150 -5.26 -31.17 8.73
N ALA G 151 -4.66 -31.00 9.92
CA ALA G 151 -3.21 -30.96 10.03
C ALA G 151 -2.57 -32.30 9.71
N ARG G 152 -3.32 -33.39 9.83
CA ARG G 152 -2.82 -34.71 9.43
C ARG G 152 -3.05 -34.98 7.96
N GLU G 153 -4.16 -34.51 7.39
CA GLU G 153 -4.36 -34.64 5.96
C GLU G 153 -3.38 -33.76 5.19
N ASP G 154 -2.90 -32.69 5.82
CA ASP G 154 -1.84 -31.89 5.19
C ASP G 154 -0.56 -32.70 5.05
N VAL G 155 -0.27 -33.58 6.02
CA VAL G 155 0.93 -34.39 5.93
C VAL G 155 0.71 -35.59 5.02
N ARG G 156 -0.49 -36.16 5.02
CA ARG G 156 -0.81 -37.25 4.10
C ARG G 156 -1.02 -36.76 2.67
N ARG G 157 -1.10 -35.45 2.47
CA ARG G 157 -1.31 -34.90 1.15
C ARG G 157 0.01 -34.43 0.52
N CYS G 158 0.93 -33.93 1.33
CA CYS G 158 2.28 -33.62 0.88
C CYS G 158 3.20 -34.83 0.94
N ALA G 159 2.64 -36.02 1.17
CA ALA G 159 3.39 -37.27 1.10
C ALA G 159 2.81 -38.24 0.10
N PHE G 160 1.72 -37.89 -0.58
CA PHE G 160 1.16 -38.74 -1.61
C PHE G 160 2.07 -38.74 -2.83
N GLY G 161 2.28 -39.92 -3.41
CA GLY G 161 3.25 -40.09 -4.46
C GLY G 161 4.69 -40.08 -4.01
N ILE G 162 4.94 -39.78 -2.74
CA ILE G 162 6.28 -39.80 -2.17
C ILE G 162 6.41 -41.04 -1.30
N PHE G 163 5.65 -41.08 -0.22
CA PHE G 163 5.60 -42.25 0.66
C PHE G 163 4.44 -43.13 0.21
N ASP G 164 4.72 -44.42 0.01
CA ASP G 164 3.67 -45.33 -0.41
C ASP G 164 2.70 -45.64 0.71
N ARG G 165 3.19 -45.81 1.93
CA ARG G 165 2.35 -46.01 3.10
C ARG G 165 2.80 -45.02 4.17
N ILE G 166 1.85 -44.38 4.82
CA ILE G 166 2.16 -43.42 5.87
C ILE G 166 1.51 -43.88 7.17
N LEU G 167 2.02 -43.33 8.27
CA LEU G 167 1.48 -43.62 9.60
C LEU G 167 1.85 -42.45 10.50
N LEU G 168 0.85 -41.70 10.93
CA LEU G 168 1.07 -40.47 11.67
C LEU G 168 0.94 -40.74 13.16
N ILE G 169 2.02 -40.49 13.90
CA ILE G 169 2.07 -40.74 15.34
C ILE G 169 2.52 -39.45 16.03
N PRO G 170 2.02 -39.15 17.22
CA PRO G 170 2.45 -37.93 17.92
C PRO G 170 3.97 -37.88 18.10
N GLU G 171 4.52 -36.68 17.96
CA GLU G 171 5.96 -36.46 18.07
C GLU G 171 6.51 -36.78 19.46
N PRO G 172 5.85 -36.41 20.56
CA PRO G 172 6.41 -36.77 21.87
C PRO G 172 6.40 -38.26 22.14
N PHE G 173 5.43 -39.00 21.59
CA PHE G 173 5.45 -40.46 21.77
C PHE G 173 6.62 -41.08 21.02
N LEU G 174 6.90 -40.62 19.80
CA LEU G 174 8.08 -41.09 19.10
C LEU G 174 9.37 -40.62 19.77
N ALA G 175 9.35 -39.46 20.42
CA ALA G 175 10.51 -39.05 21.19
C ALA G 175 10.76 -40.01 22.35
N ALA G 176 9.69 -40.41 23.04
CA ALA G 176 9.81 -41.42 24.09
C ALA G 176 10.28 -42.75 23.52
N LEU G 177 9.84 -43.08 22.30
CA LEU G 177 10.14 -44.36 21.70
C LEU G 177 11.57 -44.44 21.17
N GLY G 178 12.14 -43.31 20.75
CA GLY G 178 13.49 -43.28 20.23
C GLY G 178 14.50 -43.00 21.31
N TYR G 179 14.07 -42.32 22.38
CA TYR G 179 14.92 -42.17 23.54
C TYR G 179 15.13 -43.51 24.24
N ARG G 180 14.17 -44.42 24.12
CA ARG G 180 14.31 -45.76 24.68
C ARG G 180 15.51 -46.47 24.04
N ASP G 181 16.33 -47.08 24.88
CA ASP G 181 17.48 -47.84 24.43
C ASP G 181 17.11 -49.32 24.45
N ASP G 182 16.75 -49.86 23.28
CA ASP G 182 16.32 -51.25 23.19
C ASP G 182 17.43 -52.22 23.57
N ALA G 183 18.69 -51.79 23.47
CA ALA G 183 19.79 -52.64 23.88
C ALA G 183 19.85 -52.83 25.39
N ARG G 184 19.25 -51.93 26.16
CA ARG G 184 19.30 -51.98 27.61
C ARG G 184 17.96 -52.33 28.23
N LEU G 185 16.99 -52.78 27.45
CA LEU G 185 15.71 -53.18 28.00
C LEU G 185 15.86 -54.46 28.82
N GLY G 186 14.99 -54.60 29.82
CA GLY G 186 15.03 -55.76 30.69
C GLY G 186 16.01 -55.61 31.84
N GLN G 187 17.06 -54.83 31.64
CA GLN G 187 18.05 -54.62 32.69
C GLN G 187 17.42 -53.90 33.88
N SER G 188 18.01 -54.12 35.06
CA SER G 188 17.47 -53.52 36.27
C SER G 188 17.95 -52.08 36.44
N ASN G 189 19.18 -51.79 36.02
CA ASN G 189 19.76 -50.47 36.17
C ASN G 189 19.36 -49.51 35.05
N TYR G 190 18.31 -49.83 34.30
CA TYR G 190 17.83 -48.99 33.21
C TYR G 190 16.34 -48.74 33.40
N ILE G 191 15.97 -47.50 33.64
CA ILE G 191 14.55 -47.13 33.76
C ILE G 191 13.99 -46.87 32.38
N ASP G 192 12.84 -47.45 32.10
CA ASP G 192 12.26 -47.38 30.75
C ASP G 192 11.55 -46.06 30.56
N PRO G 193 11.93 -45.24 29.58
CA PRO G 193 11.23 -43.96 29.37
C PRO G 193 9.83 -44.11 28.82
N VAL G 194 9.43 -45.31 28.41
CA VAL G 194 8.08 -45.51 27.88
C VAL G 194 7.16 -46.20 28.88
N VAL G 195 7.71 -46.93 29.86
CA VAL G 195 6.87 -47.71 30.76
C VAL G 195 5.98 -46.79 31.61
N ASN G 196 6.48 -45.60 31.94
CA ASN G 196 5.75 -44.62 32.74
C ASN G 196 6.57 -43.34 32.83
N SER G 197 6.24 -42.35 32.01
CA SER G 197 7.00 -41.12 32.02
C SER G 197 6.17 -40.01 31.41
N LEU G 198 6.68 -38.79 31.53
CA LEU G 198 6.05 -37.60 30.99
C LEU G 198 7.07 -36.87 30.13
N PHE G 199 6.77 -36.73 28.85
CA PHE G 199 7.71 -36.19 27.87
C PHE G 199 7.27 -34.80 27.45
N ILE G 200 8.16 -33.82 27.63
CA ILE G 200 7.90 -32.44 27.24
C ILE G 200 8.77 -32.17 26.02
N ASP G 201 8.28 -32.58 24.84
CA ASP G 201 8.99 -32.34 23.59
C ASP G 201 8.80 -30.88 23.21
N ILE G 202 9.77 -30.06 23.60
CA ILE G 202 9.74 -28.63 23.31
C ILE G 202 10.46 -28.38 22.00
N GLY G 203 9.74 -28.47 20.90
CA GLY G 203 10.32 -28.26 19.58
C GLY G 203 10.56 -26.79 19.29
N GLY G 204 10.50 -26.45 18.00
CA GLY G 204 10.65 -25.08 17.59
C GLY G 204 9.36 -24.51 17.05
N GLY G 205 8.33 -25.34 16.98
CA GLY G 205 7.02 -24.89 16.56
C GLY G 205 5.98 -25.10 17.63
N THR G 206 5.88 -26.34 18.12
CA THR G 206 5.01 -26.68 19.23
C THR G 206 5.81 -27.25 20.38
N SER G 207 5.23 -27.20 21.57
CA SER G 207 5.79 -27.78 22.77
C SER G 207 4.79 -28.82 23.26
N ASP G 208 4.94 -30.05 22.79
CA ASP G 208 3.98 -31.11 23.06
C ASP G 208 4.35 -31.85 24.33
N ILE G 209 3.46 -31.85 25.31
CA ILE G 209 3.62 -32.63 26.52
C ILE G 209 2.77 -33.89 26.38
N CYS G 210 3.31 -35.02 26.81
CA CYS G 210 2.64 -36.30 26.58
C CYS G 210 2.84 -37.21 27.77
N LEU G 211 1.78 -37.91 28.15
CA LEU G 211 1.80 -38.92 29.20
C LEU G 211 2.12 -40.26 28.57
N VAL G 212 3.40 -40.60 28.49
CA VAL G 212 3.84 -41.82 27.82
C VAL G 212 3.80 -42.95 28.85
N GLN G 213 2.75 -43.77 28.81
CA GLN G 213 2.48 -44.75 29.85
C GLN G 213 2.49 -46.18 29.32
N GLY G 214 3.33 -46.46 28.34
CA GLY G 214 3.55 -47.80 27.83
C GLY G 214 2.84 -48.09 26.53
N TYR G 215 1.75 -47.38 26.24
CA TYR G 215 0.93 -47.65 25.07
C TYR G 215 0.78 -46.37 24.26
N PHE G 216 0.10 -46.50 23.12
CA PHE G 216 -0.18 -45.35 22.26
C PHE G 216 -1.00 -44.33 23.02
N PRO G 217 -0.52 -43.10 23.17
CA PRO G 217 -1.22 -42.14 24.03
C PRO G 217 -2.55 -41.70 23.44
N GLY G 218 -3.57 -41.64 24.29
CA GLY G 218 -4.86 -41.16 23.89
C GLY G 218 -4.89 -39.67 23.70
N PRO G 219 -6.02 -39.16 23.22
CA PRO G 219 -6.16 -37.71 23.02
C PRO G 219 -6.11 -36.92 24.31
N ASP G 220 -6.34 -37.54 25.46
CA ASP G 220 -6.29 -36.85 26.74
C ASP G 220 -4.95 -36.99 27.44
N ASP G 221 -4.07 -37.85 26.94
CA ASP G 221 -2.74 -38.03 27.50
C ASP G 221 -1.72 -37.05 26.94
N GLN G 222 -2.13 -36.14 26.06
CA GLN G 222 -1.19 -35.24 25.41
C GLN G 222 -1.83 -33.87 25.22
N ILE G 223 -0.99 -32.83 25.35
CA ILE G 223 -1.40 -31.44 25.13
C ILE G 223 -0.37 -30.80 24.21
N SER G 224 -0.85 -30.08 23.21
CA SER G 224 0.02 -29.38 22.27
C SER G 224 -0.18 -27.88 22.40
N ILE G 225 0.89 -27.16 22.67
CA ILE G 225 0.89 -25.70 22.77
C ILE G 225 1.70 -25.15 21.60
N PRO G 226 1.14 -24.28 20.78
CA PRO G 226 1.89 -23.69 19.66
C PRO G 226 2.88 -22.61 20.08
N PHE G 227 3.53 -22.82 21.23
CA PHE G 227 4.52 -21.89 21.75
C PHE G 227 5.79 -22.67 22.04
N ALA G 228 6.84 -22.43 21.24
CA ALA G 228 8.09 -23.16 21.42
C ALA G 228 9.24 -22.25 20.95
N GLY G 229 10.15 -22.82 20.15
CA GLY G 229 11.31 -22.06 19.73
C GLY G 229 10.97 -20.87 18.86
N ASP G 230 10.06 -21.05 17.89
CA ASP G 230 9.69 -19.95 17.02
C ASP G 230 8.94 -18.85 17.77
N ALA G 231 8.16 -19.21 18.78
CA ALA G 231 7.49 -18.23 19.60
C ALA G 231 8.46 -17.40 20.44
N ILE G 232 9.50 -18.02 20.98
CA ILE G 232 10.52 -17.24 21.69
C ILE G 232 11.33 -16.40 20.71
N ASP G 233 11.58 -16.91 19.51
CA ASP G 233 12.22 -16.11 18.48
C ASP G 233 11.39 -14.87 18.17
N GLN G 234 10.08 -15.03 18.03
CA GLN G 234 9.20 -13.89 17.75
C GLN G 234 9.17 -12.92 18.93
N LEU G 235 9.12 -13.44 20.16
CA LEU G 235 9.14 -12.57 21.33
C LEU G 235 10.42 -11.76 21.41
N LEU G 236 11.57 -12.38 21.13
CA LEU G 236 12.83 -11.66 21.06
C LEU G 236 12.87 -10.65 19.92
N GLN G 237 12.33 -11.01 18.75
CA GLN G 237 12.27 -10.06 17.64
C GLN G 237 11.44 -8.85 18.01
N GLU G 238 10.33 -9.04 18.72
CA GLU G 238 9.53 -7.90 19.14
C GLU G 238 10.25 -7.08 20.21
N GLU G 239 10.83 -7.74 21.21
CA GLU G 239 11.55 -7.01 22.25
C GLU G 239 12.81 -6.33 21.73
N LEU G 240 13.30 -6.71 20.57
CA LEU G 240 14.45 -6.06 19.94
C LEU G 240 14.05 -4.96 18.98
N ASN G 241 12.96 -5.14 18.23
CA ASN G 241 12.41 -4.08 17.40
C ASN G 241 11.69 -3.02 18.22
N ARG G 242 11.50 -3.26 19.51
CA ARG G 242 10.85 -2.30 20.40
C ARG G 242 11.85 -1.44 21.15
N THR G 243 13.02 -1.99 21.48
CA THR G 243 14.08 -1.25 22.14
C THR G 243 15.17 -0.78 21.20
N TYR G 244 15.55 -1.61 20.23
CA TYR G 244 16.55 -1.25 19.23
C TYR G 244 15.87 -1.26 17.86
N PRO G 245 15.12 -0.22 17.54
CA PRO G 245 14.27 -0.26 16.34
C PRO G 245 15.09 -0.29 15.07
N ASN G 246 14.52 -0.92 14.05
CA ASN G 246 15.16 -1.09 12.75
C ASN G 246 16.58 -1.65 12.92
N ASN G 247 16.69 -2.69 13.73
CA ASN G 247 17.99 -3.33 13.94
C ASN G 247 18.38 -4.20 12.76
N GLY G 248 17.41 -4.66 11.98
CA GLY G 248 17.69 -5.52 10.85
C GLY G 248 18.10 -6.93 11.19
N LEU G 249 18.10 -7.30 12.48
CA LEU G 249 18.45 -8.66 12.86
C LEU G 249 17.39 -9.63 12.35
N SER G 250 17.80 -10.53 11.47
CA SER G 250 16.89 -11.50 10.91
C SER G 250 16.49 -12.53 11.97
N LEU G 251 15.41 -13.27 11.68
CA LEU G 251 15.00 -14.34 12.57
C LEU G 251 16.09 -15.39 12.73
N HIS G 252 16.89 -15.60 11.69
CA HIS G 252 17.97 -16.56 11.76
C HIS G 252 19.09 -16.13 12.69
N LYS G 253 19.20 -14.84 13.01
CA LYS G 253 20.17 -14.36 13.97
CA LYS G 253 20.17 -14.36 13.97
C LYS G 253 19.58 -14.15 15.36
N VAL G 254 18.34 -13.66 15.44
CA VAL G 254 17.62 -13.62 16.71
C VAL G 254 17.42 -15.02 17.26
N ARG G 255 17.47 -16.04 16.42
CA ARG G 255 17.44 -17.42 16.86
C ARG G 255 18.77 -17.86 17.45
N GLU G 256 19.90 -17.54 16.79
CA GLU G 256 21.19 -17.87 17.38
C GLU G 256 21.46 -17.12 18.67
N ILE G 257 20.95 -15.89 18.79
CA ILE G 257 21.03 -15.19 20.07
C ILE G 257 20.39 -16.00 21.17
N LYS G 258 19.21 -16.58 20.88
CA LYS G 258 18.51 -17.37 21.89
C LYS G 258 19.20 -18.70 22.15
N GLU G 259 19.73 -19.34 21.12
CA GLU G 259 20.42 -20.61 21.32
C GLU G 259 21.71 -20.42 22.12
N ALA G 260 22.41 -19.32 21.92
CA ALA G 260 23.69 -19.09 22.57
C ALA G 260 23.56 -18.48 23.96
N HIS G 261 22.55 -17.63 24.18
CA HIS G 261 22.42 -16.91 25.44
C HIS G 261 21.06 -17.04 26.10
N GLY G 262 20.06 -17.59 25.41
CA GLY G 262 18.74 -17.70 26.00
C GLY G 262 18.73 -18.62 27.20
N TYR G 263 17.91 -18.26 28.19
CA TYR G 263 17.87 -18.96 29.46
C TYR G 263 16.51 -18.74 30.09
N VAL G 264 16.11 -19.66 30.96
CA VAL G 264 14.89 -19.53 31.73
C VAL G 264 15.25 -19.42 33.20
N GLY G 265 14.40 -18.71 33.94
CA GLY G 265 14.63 -18.49 35.34
C GLY G 265 14.81 -17.01 35.65
N PRO G 266 15.46 -16.71 36.77
CA PRO G 266 15.70 -15.30 37.12
C PRO G 266 16.61 -14.63 36.11
N SER G 267 16.45 -13.32 36.00
CA SER G 267 17.22 -12.55 35.03
C SER G 267 18.70 -12.60 35.36
N ARG G 268 19.53 -12.60 34.33
CA ARG G 268 20.99 -12.58 34.46
C ARG G 268 21.53 -11.32 33.82
N LYS G 269 21.97 -10.39 34.65
CA LYS G 269 22.51 -9.12 34.18
C LYS G 269 23.88 -8.88 34.81
N PRO G 270 24.84 -8.35 34.04
CA PRO G 270 24.67 -8.04 32.61
C PRO G 270 25.02 -9.22 31.73
N LEU G 271 24.30 -9.38 30.61
CA LEU G 271 24.53 -10.44 29.64
C LEU G 271 24.68 -9.75 28.29
N ASP G 272 25.93 -9.57 27.87
CA ASP G 272 26.22 -8.82 26.65
C ASP G 272 26.16 -9.73 25.43
N VAL G 273 25.37 -9.35 24.44
CA VAL G 273 25.24 -10.08 23.19
C VAL G 273 25.86 -9.22 22.09
N LYS G 274 26.89 -9.74 21.45
CA LYS G 274 27.57 -9.04 20.36
C LYS G 274 26.80 -9.30 19.07
N VAL G 275 26.18 -8.24 18.52
CA VAL G 275 25.39 -8.34 17.31
C VAL G 275 25.96 -7.36 16.28
N VAL G 276 25.40 -7.42 15.08
CA VAL G 276 25.80 -6.55 13.96
C VAL G 276 24.53 -5.84 13.49
N ILE G 277 24.40 -4.56 13.84
CA ILE G 277 23.22 -3.77 13.52
C ILE G 277 23.65 -2.71 12.51
N GLY G 278 23.23 -2.89 11.26
CA GLY G 278 23.55 -1.92 10.24
C GLY G 278 25.01 -1.96 9.79
N GLY G 279 25.62 -3.13 9.81
CA GLY G 279 27.01 -3.26 9.43
C GLY G 279 27.97 -3.03 10.56
N LYS G 280 27.52 -2.31 11.58
CA LYS G 280 28.36 -1.96 12.71
C LYS G 280 28.15 -2.93 13.86
N ALA G 281 29.24 -3.25 14.55
CA ALA G 281 29.23 -4.24 15.62
C ALA G 281 28.83 -3.56 16.93
N HIS G 282 27.67 -3.93 17.46
CA HIS G 282 27.16 -3.41 18.72
C HIS G 282 27.15 -4.51 19.76
N THR G 283 27.08 -4.11 21.03
CA THR G 283 27.07 -5.04 22.16
C THR G 283 25.83 -4.73 23.00
N LEU G 284 24.73 -5.39 22.67
CA LEU G 284 23.48 -5.15 23.37
C LEU G 284 23.50 -5.83 24.74
N GLU G 285 22.63 -5.36 25.62
CA GLU G 285 22.41 -5.96 26.94
C GLU G 285 21.04 -6.61 26.90
N LEU G 286 21.01 -7.93 26.78
CA LEU G 286 19.78 -8.69 26.58
C LEU G 286 19.50 -9.66 27.72
N GLY G 287 19.91 -9.31 28.94
CA GLY G 287 19.63 -10.16 30.08
C GLY G 287 18.14 -10.29 30.32
N ASP G 288 17.49 -9.17 30.63
CA ASP G 288 16.05 -9.18 30.81
C ASP G 288 15.31 -9.58 29.55
N THR G 289 15.83 -9.23 28.38
CA THR G 289 15.14 -9.56 27.14
C THR G 289 15.05 -11.07 26.94
N LEU G 290 16.18 -11.77 27.01
CA LEU G 290 16.17 -13.22 26.88
C LEU G 290 15.43 -13.87 28.04
N ALA G 291 15.57 -13.30 29.24
CA ALA G 291 14.83 -13.84 30.38
C ALA G 291 13.32 -13.84 30.12
N ARG G 292 12.78 -12.68 29.74
CA ARG G 292 11.35 -12.58 29.47
C ARG G 292 10.93 -13.39 28.26
N ALA G 293 11.81 -13.52 27.25
CA ALA G 293 11.45 -14.26 26.06
C ALA G 293 11.36 -15.76 26.33
N CYS G 294 12.30 -16.30 27.10
CA CYS G 294 12.32 -17.75 27.33
C CYS G 294 11.47 -18.16 28.53
N ASN G 295 11.18 -17.22 29.45
CA ASN G 295 10.33 -17.56 30.58
C ASN G 295 8.86 -17.64 30.18
N ALA G 296 8.47 -16.99 29.09
CA ALA G 296 7.13 -17.17 28.56
C ALA G 296 6.87 -18.60 28.12
N LEU G 297 7.91 -19.29 27.64
CA LEU G 297 7.75 -20.70 27.30
C LEU G 297 7.39 -21.51 28.54
N ILE G 298 8.05 -21.25 29.67
CA ILE G 298 7.71 -21.94 30.90
C ILE G 298 6.30 -21.58 31.34
N ASP G 299 5.97 -20.28 31.31
CA ASP G 299 4.63 -19.84 31.67
C ASP G 299 3.55 -20.45 30.79
N LYS G 300 3.89 -20.85 29.56
CA LYS G 300 2.93 -21.49 28.66
C LYS G 300 2.84 -23.00 28.89
N ILE G 301 3.98 -23.66 29.06
CA ILE G 301 4.00 -25.12 29.11
C ILE G 301 3.81 -25.66 30.53
N TYR G 302 3.80 -24.80 31.55
CA TYR G 302 3.61 -25.30 32.89
C TYR G 302 2.14 -25.59 33.19
N PRO G 303 1.19 -24.75 32.78
CA PRO G 303 -0.23 -25.11 32.95
C PRO G 303 -0.60 -26.41 32.24
N ALA G 304 0.11 -26.80 31.20
CA ALA G 304 -0.12 -28.08 30.54
C ALA G 304 0.73 -29.19 31.11
N LEU G 305 1.87 -28.86 31.73
CA LEU G 305 2.62 -29.86 32.48
C LEU G 305 1.82 -30.34 33.69
N THR G 306 1.37 -29.40 34.52
CA THR G 306 0.59 -29.77 35.69
C THR G 306 -0.75 -30.40 35.33
N THR G 307 -1.34 -30.01 34.20
CA THR G 307 -2.61 -30.59 33.79
C THR G 307 -2.49 -32.10 33.58
N LEU G 308 -1.46 -32.54 32.86
CA LEU G 308 -1.27 -33.97 32.66
C LEU G 308 -0.67 -34.65 33.88
N ILE G 309 0.07 -33.92 34.72
CA ILE G 309 0.51 -34.53 35.97
C ILE G 309 -0.69 -34.87 36.84
N GLN G 310 -1.70 -34.01 36.86
CA GLN G 310 -2.92 -34.29 37.60
C GLN G 310 -3.91 -35.16 36.82
N ARG G 311 -3.67 -35.37 35.52
CA ARG G 311 -4.48 -36.31 34.75
C ARG G 311 -4.01 -37.76 34.89
N ALA G 312 -2.77 -37.97 35.31
CA ALA G 312 -2.24 -39.32 35.43
C ALA G 312 -2.92 -40.06 36.58
N SER G 313 -2.89 -41.39 36.49
CA SER G 313 -3.45 -42.22 37.55
C SER G 313 -2.70 -42.01 38.85
N SER G 314 -3.45 -41.98 39.96
CA SER G 314 -2.83 -41.77 41.26
C SER G 314 -1.83 -42.85 41.61
N ASP G 315 -2.02 -44.07 41.10
CA ASP G 315 -1.10 -45.16 41.41
C ASP G 315 0.27 -44.95 40.74
N SER G 316 0.31 -44.20 39.65
CA SER G 316 1.51 -44.07 38.85
C SER G 316 2.09 -42.67 38.79
N VAL G 317 1.44 -41.67 39.38
CA VAL G 317 1.95 -40.30 39.29
C VAL G 317 3.21 -40.12 40.13
N VAL G 318 3.40 -40.95 41.16
CA VAL G 318 4.57 -40.80 42.01
C VAL G 318 5.84 -41.16 41.25
N THR G 319 5.76 -42.12 40.33
CA THR G 319 6.89 -42.44 39.47
C THR G 319 6.89 -41.57 38.21
N LEU G 320 5.72 -41.08 37.80
CA LEU G 320 5.65 -40.13 36.70
C LEU G 320 6.47 -38.88 37.02
N LEU G 321 6.32 -38.35 38.23
CA LEU G 321 7.07 -37.17 38.61
C LEU G 321 8.57 -37.46 38.68
N GLN G 322 8.94 -38.70 38.98
CA GLN G 322 10.35 -39.07 38.95
C GLN G 322 10.85 -39.28 37.54
N ASN G 323 9.94 -39.48 36.58
CA ASN G 323 10.31 -39.72 35.18
C ASN G 323 9.76 -38.62 34.28
N ILE G 324 10.09 -37.37 34.56
CA ILE G 324 9.74 -36.27 33.67
C ILE G 324 10.94 -35.95 32.79
N ILE G 325 10.75 -36.01 31.48
CA ILE G 325 11.83 -35.89 30.52
C ILE G 325 11.50 -34.80 29.52
N ILE G 326 12.44 -33.88 29.32
CA ILE G 326 12.30 -32.81 28.34
C ILE G 326 13.12 -33.16 27.11
N THR G 327 12.46 -33.19 25.95
CA THR G 327 13.18 -33.44 24.70
C THR G 327 12.91 -32.32 23.70
N GLY G 328 13.38 -32.50 22.47
CA GLY G 328 13.25 -31.46 21.48
C GLY G 328 14.30 -30.38 21.64
N GLY G 329 14.34 -29.42 20.72
CA GLY G 329 15.31 -28.35 20.82
C GLY G 329 15.22 -27.56 22.11
N GLY G 330 14.00 -27.28 22.56
CA GLY G 330 13.81 -26.48 23.77
C GLY G 330 14.33 -27.14 25.03
N SER G 331 14.73 -28.41 24.98
CA SER G 331 15.38 -29.01 26.13
C SER G 331 16.77 -28.43 26.34
N GLN G 332 17.35 -27.82 25.33
CA GLN G 332 18.69 -27.26 25.42
C GLN G 332 18.72 -25.85 26.01
N ILE G 333 17.56 -25.30 26.36
CA ILE G 333 17.54 -23.98 27.00
C ILE G 333 18.25 -24.08 28.35
N LYS G 334 19.11 -23.11 28.62
CA LYS G 334 19.96 -23.14 29.81
C LYS G 334 19.13 -23.12 31.08
N GLY G 335 19.15 -24.22 31.83
CA GLY G 335 18.45 -24.27 33.10
C GLY G 335 16.96 -24.48 33.02
N ILE G 336 16.48 -25.25 32.04
CA ILE G 336 15.05 -25.50 31.93
C ILE G 336 14.60 -26.69 32.77
N ASP G 337 15.43 -27.74 32.88
CA ASP G 337 15.07 -28.86 33.74
C ASP G 337 15.11 -28.46 35.20
N THR G 338 16.13 -27.72 35.63
CA THR G 338 16.19 -27.25 37.00
C THR G 338 15.03 -26.33 37.33
N LEU G 339 14.69 -25.42 36.42
CA LEU G 339 13.58 -24.50 36.67
C LEU G 339 12.26 -25.26 36.76
N LEU G 340 12.03 -26.20 35.83
CA LEU G 340 10.78 -26.95 35.87
C LEU G 340 10.68 -27.82 37.11
N GLN G 341 11.80 -28.43 37.53
CA GLN G 341 11.78 -29.21 38.76
C GLN G 341 11.53 -28.32 39.96
N LYS G 342 12.07 -27.10 39.96
CA LYS G 342 11.84 -26.18 41.06
C LYS G 342 10.37 -25.77 41.12
N LYS G 343 9.78 -25.43 39.98
CA LYS G 343 8.38 -25.05 39.98
C LYS G 343 7.45 -26.21 40.31
N LEU G 344 7.85 -27.44 39.99
CA LEU G 344 7.02 -28.58 40.35
C LEU G 344 7.18 -28.94 41.83
N THR G 345 8.36 -28.70 42.40
CA THR G 345 8.57 -28.96 43.82
C THR G 345 7.86 -27.91 44.67
N GLU G 346 7.93 -26.64 44.25
CA GLU G 346 7.29 -25.57 45.01
C GLU G 346 5.77 -25.70 45.00
N ASP G 347 5.21 -26.32 43.96
CA ASP G 347 3.77 -26.51 43.89
C ASP G 347 3.29 -27.71 44.70
N GLY G 348 4.19 -28.46 45.31
CA GLY G 348 3.81 -29.54 46.19
C GLY G 348 3.77 -30.92 45.58
N PHE G 349 4.18 -31.06 44.32
CA PHE G 349 4.23 -32.37 43.71
C PHE G 349 5.28 -33.24 44.39
N GLU G 350 4.93 -34.51 44.62
CA GLU G 350 5.78 -35.38 45.42
C GLU G 350 7.11 -35.69 44.73
N SER G 351 8.14 -34.93 45.09
CA SER G 351 9.51 -35.15 44.66
C SER G 351 9.61 -35.34 43.15
N PRO G 352 9.37 -34.30 42.36
CA PRO G 352 9.55 -34.42 40.91
C PRO G 352 11.02 -34.45 40.55
N LYS G 353 11.30 -35.05 39.39
CA LYS G 353 12.67 -35.16 38.89
C LYS G 353 12.63 -34.94 37.38
N VAL G 354 12.82 -33.69 36.97
CA VAL G 354 12.81 -33.34 35.56
C VAL G 354 14.18 -33.62 34.96
N ARG G 355 14.20 -34.34 33.86
CA ARG G 355 15.42 -34.78 33.20
C ARG G 355 15.43 -34.31 31.76
N LEU G 356 16.63 -34.04 31.26
CA LEU G 356 16.82 -33.71 29.85
C LEU G 356 16.96 -34.98 29.03
N ALA G 357 16.47 -34.94 27.80
CA ALA G 357 16.53 -36.10 26.93
C ALA G 357 17.97 -36.55 26.73
N GLY G 358 18.81 -35.69 26.21
CA GLY G 358 20.20 -35.99 25.99
C GLY G 358 20.74 -35.21 24.81
N HIS G 359 21.93 -35.60 24.37
CA HIS G 359 22.58 -34.90 23.27
C HIS G 359 21.87 -35.16 21.95
N ASP G 360 21.34 -36.36 21.76
CA ASP G 360 20.72 -36.77 20.49
C ASP G 360 19.24 -36.42 20.49
N TYR G 361 18.90 -35.17 20.83
CA TYR G 361 17.52 -34.73 20.88
C TYR G 361 16.91 -34.52 19.51
N LYS G 362 17.70 -34.54 18.44
CA LYS G 362 17.20 -34.31 17.10
CA LYS G 362 17.17 -34.30 17.11
C LYS G 362 16.67 -35.58 16.44
N ARG G 363 17.27 -36.72 16.71
CA ARG G 363 16.87 -37.97 16.10
C ARG G 363 15.90 -38.77 16.94
N TYR G 364 15.58 -38.32 18.16
CA TYR G 364 14.72 -39.11 19.03
C TYR G 364 13.35 -39.34 18.42
N VAL G 365 12.73 -38.30 17.84
CA VAL G 365 11.46 -38.51 17.15
C VAL G 365 11.65 -39.38 15.91
N ALA G 366 12.76 -39.21 15.19
CA ALA G 366 13.00 -40.03 14.02
C ALA G 366 13.36 -41.47 14.39
N LEU G 367 14.19 -41.66 15.43
CA LEU G 367 14.43 -43.01 15.92
C LEU G 367 13.16 -43.69 16.39
N GLY G 368 12.29 -42.96 17.10
CA GLY G 368 11.03 -43.54 17.52
C GLY G 368 10.10 -43.85 16.38
N ALA G 369 10.08 -43.00 15.35
CA ALA G 369 9.24 -43.26 14.19
C ALA G 369 9.77 -44.44 13.39
N LEU G 370 11.09 -44.65 13.39
CA LEU G 370 11.64 -45.82 12.72
C LEU G 370 11.36 -47.09 13.52
N LYS G 371 11.44 -47.00 14.85
CA LYS G 371 11.06 -48.15 15.68
C LYS G 371 9.58 -48.47 15.56
N ALA G 372 8.74 -47.46 15.34
CA ALA G 372 7.32 -47.68 15.15
C ALA G 372 6.99 -48.11 13.72
N ALA G 373 7.88 -47.85 12.76
CA ALA G 373 7.68 -48.35 11.41
C ALA G 373 8.03 -49.83 11.32
N ARG G 374 9.10 -50.25 11.99
CA ARG G 374 9.48 -51.65 12.02
C ARG G 374 8.55 -52.50 12.86
N ALA G 375 7.83 -51.90 13.81
CA ALA G 375 6.86 -52.62 14.63
C ALA G 375 5.43 -52.41 14.18
N ALA G 376 5.19 -51.65 13.13
CA ALA G 376 3.84 -51.41 12.65
C ALA G 376 3.32 -52.65 11.93
N ARG G 377 2.10 -53.05 12.25
CA ARG G 377 1.47 -54.17 11.56
C ARG G 377 1.13 -53.78 10.13
N GLU G 378 0.85 -54.80 9.31
CA GLU G 378 0.48 -54.54 7.92
C GLU G 378 -0.82 -53.76 7.83
N ASN G 379 -1.71 -53.93 8.81
CA ASN G 379 -2.98 -53.23 8.83
C ASN G 379 -2.90 -51.85 9.46
N GLN G 380 -1.73 -51.44 9.95
CA GLN G 380 -1.56 -50.13 10.53
C GLN G 380 -1.17 -49.08 9.51
N TRP G 381 -0.52 -49.47 8.42
CA TRP G 381 -0.08 -48.52 7.41
C TRP G 381 -1.28 -47.95 6.65
N GLN G 382 -1.26 -46.64 6.44
CA GLN G 382 -2.33 -45.98 5.71
C GLN G 382 -1.95 -45.79 4.26
N VAL G 383 -2.87 -46.12 3.37
CA VAL G 383 -2.65 -46.00 1.93
C VAL G 383 -2.94 -44.57 1.49
N LEU G 384 -2.05 -44.01 0.68
CA LEU G 384 -2.16 -42.64 0.22
C LEU G 384 -2.60 -42.66 -1.24
N LEU G 385 -3.88 -42.36 -1.47
CA LEU G 385 -4.43 -42.28 -2.82
C LEU G 385 -5.03 -40.89 -3.04
N GLY G 386 -5.09 -40.46 -4.29
CA GLY G 386 -5.64 -39.16 -4.63
C GLY G 386 -4.84 -38.42 -5.69
N THR H 34 -3.35 -91.23 32.21
CA THR H 34 -3.34 -89.89 32.78
C THR H 34 -3.50 -89.94 34.30
N LYS H 35 -3.09 -88.86 34.97
CA LYS H 35 -3.19 -88.77 36.41
C LYS H 35 -4.23 -87.73 36.81
N THR H 36 -4.86 -87.95 37.97
CA THR H 36 -5.87 -87.07 38.49
C THR H 36 -5.28 -86.15 39.55
N VAL H 37 -5.61 -84.86 39.44
CA VAL H 37 -5.11 -83.83 40.34
C VAL H 37 -6.32 -83.18 41.00
N LEU H 38 -6.45 -83.36 42.32
CA LEU H 38 -7.54 -82.73 43.04
C LEU H 38 -7.14 -81.31 43.41
N VAL H 39 -8.00 -80.35 43.09
CA VAL H 39 -7.70 -78.93 43.21
C VAL H 39 -8.74 -78.31 44.12
N GLY H 40 -8.28 -77.83 45.28
CA GLY H 40 -9.09 -76.98 46.11
C GLY H 40 -9.02 -75.55 45.60
N PHE H 41 -10.14 -75.03 45.10
CA PHE H 41 -10.20 -73.75 44.44
C PHE H 41 -11.04 -72.80 45.28
N ASP H 42 -10.44 -71.68 45.67
CA ASP H 42 -11.14 -70.62 46.38
C ASP H 42 -11.20 -69.46 45.40
N PHE H 43 -12.26 -69.42 44.60
CA PHE H 43 -12.49 -68.34 43.65
C PHE H 43 -13.01 -67.14 44.44
N GLY H 44 -12.13 -66.18 44.68
CA GLY H 44 -12.49 -65.05 45.49
C GLY H 44 -12.82 -63.82 44.68
N THR H 45 -13.46 -62.85 45.34
CA THR H 45 -13.72 -61.56 44.72
C THR H 45 -12.46 -60.71 44.66
N ASN H 46 -11.61 -60.80 45.68
CA ASN H 46 -10.36 -60.05 45.75
CA ASN H 46 -10.36 -60.05 45.73
C ASN H 46 -9.15 -60.92 45.42
N LYS H 47 -9.05 -62.10 46.02
CA LYS H 47 -7.95 -63.02 45.77
C LYS H 47 -8.52 -64.43 45.67
N SER H 48 -8.09 -65.17 44.66
CA SER H 48 -8.43 -66.58 44.52
C SER H 48 -7.20 -67.41 44.83
N CYS H 49 -7.38 -68.47 45.59
CA CYS H 49 -6.28 -69.33 46.01
C CYS H 49 -6.50 -70.73 45.49
N VAL H 50 -5.52 -71.26 44.77
CA VAL H 50 -5.62 -72.58 44.14
C VAL H 50 -4.62 -73.51 44.81
N LEU H 51 -5.10 -74.68 45.23
CA LEU H 51 -4.28 -75.73 45.81
C LEU H 51 -4.46 -76.99 44.99
N ALA H 52 -3.37 -77.70 44.76
CA ALA H 52 -3.40 -78.89 43.92
C ALA H 52 -2.61 -80.00 44.58
N GLY H 53 -3.21 -81.19 44.64
CA GLY H 53 -2.56 -82.36 45.20
C GLY H 53 -3.05 -83.65 44.57
N THR H 54 -2.23 -84.69 44.61
CA THR H 54 -2.63 -85.98 44.07
C THR H 54 -3.60 -86.67 45.02
N ALA H 55 -4.17 -87.78 44.54
CA ALA H 55 -5.09 -88.55 45.36
C ALA H 55 -4.34 -89.46 46.32
N GLY H 56 -4.98 -89.77 47.43
CA GLY H 56 -4.38 -90.67 48.42
C GLY H 56 -3.39 -90.02 49.36
N ALA H 57 -2.57 -89.11 48.85
CA ALA H 57 -1.60 -88.42 49.68
C ALA H 57 -2.29 -87.34 50.52
N THR H 58 -1.51 -86.65 51.33
CA THR H 58 -2.01 -85.54 52.12
C THR H 58 -1.18 -84.26 51.98
N ASP H 59 -0.05 -84.31 51.29
CA ASP H 59 0.73 -83.11 51.06
C ASP H 59 0.10 -82.26 49.96
N ILE H 60 0.62 -81.06 49.80
CA ILE H 60 0.07 -80.08 48.87
C ILE H 60 1.12 -79.78 47.81
N ALA H 61 0.84 -80.20 46.58
CA ALA H 61 1.83 -80.01 45.50
C ALA H 61 1.92 -78.54 45.11
N ILE H 62 0.80 -77.94 44.72
CA ILE H 62 0.76 -76.56 44.27
C ILE H 62 -0.07 -75.75 45.26
N SER H 63 0.39 -74.54 45.58
CA SER H 63 -0.34 -73.64 46.47
C SER H 63 -0.05 -72.22 46.02
N LYS H 64 -1.00 -71.61 45.30
CA LYS H 64 -0.84 -70.28 44.77
C LYS H 64 -1.97 -69.39 45.27
N ILE H 65 -1.65 -68.12 45.52
CA ILE H 65 -2.64 -67.12 45.93
C ILE H 65 -2.55 -65.99 44.92
N VAL H 66 -3.47 -65.96 43.97
CA VAL H 66 -3.45 -65.03 42.84
C VAL H 66 -4.60 -64.05 43.02
N PRO H 67 -4.34 -62.74 43.05
CA PRO H 67 -5.45 -61.78 43.15
C PRO H 67 -6.41 -61.92 41.98
N THR H 68 -7.69 -62.08 42.29
CA THR H 68 -8.70 -62.27 41.25
C THR H 68 -8.81 -61.01 40.41
N VAL H 69 -7.98 -60.91 39.37
CA VAL H 69 -8.01 -59.78 38.46
C VAL H 69 -7.41 -60.24 37.13
N VAL H 70 -7.94 -59.72 36.04
CA VAL H 70 -7.45 -60.02 34.70
C VAL H 70 -7.15 -58.70 34.00
N GLY H 71 -5.88 -58.49 33.65
CA GLY H 71 -5.52 -57.29 32.94
C GLY H 71 -5.32 -57.54 31.47
N TYR H 72 -6.19 -56.97 30.64
CA TYR H 72 -6.06 -57.08 29.20
C TYR H 72 -5.16 -55.94 28.73
N VAL H 73 -3.98 -56.31 28.22
CA VAL H 73 -2.99 -55.32 27.83
C VAL H 73 -3.61 -54.36 26.81
N LYS H 74 -3.44 -53.06 27.06
CA LYS H 74 -4.10 -52.03 26.29
C LYS H 74 -3.62 -52.02 24.85
N GLU H 75 -4.46 -51.50 23.97
CA GLU H 75 -4.14 -51.43 22.55
C GLU H 75 -3.08 -50.39 22.29
N GLY H 76 -2.07 -50.77 21.51
CA GLY H 76 -0.96 -49.90 21.22
C GLY H 76 0.24 -50.07 22.13
N ILE H 77 0.28 -51.13 22.93
CA ILE H 77 1.38 -51.33 23.86
C ILE H 77 2.68 -51.57 23.10
N VAL H 78 3.72 -50.87 23.50
CA VAL H 78 5.04 -51.03 22.90
C VAL H 78 5.65 -52.35 23.35
N ASP H 79 6.44 -52.96 22.48
CA ASP H 79 7.13 -54.19 22.82
C ASP H 79 8.13 -53.94 23.94
N GLY H 80 8.16 -54.86 24.90
CA GLY H 80 9.06 -54.75 26.04
C GLY H 80 8.47 -54.10 27.27
N ILE H 81 7.30 -53.46 27.16
CA ILE H 81 6.68 -52.87 28.33
C ILE H 81 6.19 -53.95 29.28
N VAL H 82 5.49 -54.95 28.74
CA VAL H 82 5.03 -56.11 29.49
C VAL H 82 6.02 -57.25 29.24
N ALA H 83 6.50 -57.87 30.31
CA ALA H 83 7.48 -58.94 30.19
C ALA H 83 6.91 -60.10 29.37
N GLY H 84 7.61 -60.45 28.28
CA GLY H 84 7.16 -61.50 27.40
C GLY H 84 6.15 -61.09 26.37
N ASN H 85 5.79 -59.80 26.30
CA ASN H 85 4.79 -59.28 25.37
C ASN H 85 3.46 -60.00 25.52
N ARG H 86 3.14 -60.43 26.74
CA ARG H 86 1.86 -61.06 27.01
C ARG H 86 0.72 -60.07 26.82
N SER H 87 -0.40 -60.56 26.29
CA SER H 87 -1.56 -59.72 26.07
C SER H 87 -2.60 -59.83 27.18
N VAL H 88 -2.56 -60.89 27.98
CA VAL H 88 -3.47 -61.05 29.11
C VAL H 88 -2.64 -61.41 30.33
N LEU H 89 -2.76 -60.60 31.38
CA LEU H 89 -2.02 -60.78 32.62
C LEU H 89 -2.97 -61.18 33.73
N PHE H 90 -2.50 -62.00 34.66
CA PHE H 90 -3.35 -62.49 35.73
C PHE H 90 -2.70 -62.24 37.08
N GLY H 91 -3.51 -61.79 38.04
CA GLY H 91 -3.06 -61.60 39.40
C GLY H 91 -2.09 -60.45 39.57
N ASP H 92 -0.99 -60.70 40.31
CA ASP H 92 0.00 -59.65 40.53
C ASP H 92 0.57 -59.14 39.22
N ASP H 93 0.78 -60.03 38.24
CA ASP H 93 1.27 -59.60 36.93
C ASP H 93 0.35 -58.56 36.30
N ALA H 94 -0.94 -58.58 36.63
CA ALA H 94 -1.87 -57.56 36.16
C ALA H 94 -1.98 -56.37 37.09
N LEU H 95 -1.63 -56.54 38.37
CA LEU H 95 -1.66 -55.41 39.28
C LEU H 95 -0.43 -54.54 39.16
N GLN H 96 0.75 -55.15 38.98
CA GLN H 96 1.94 -54.36 38.71
C GLN H 96 1.87 -53.65 37.38
N ASN H 97 1.23 -54.26 36.38
CA ASN H 97 1.06 -53.66 35.06
C ASN H 97 -0.34 -53.12 34.86
N ARG H 98 -0.92 -52.53 35.92
CA ARG H 98 -2.27 -51.98 35.80
C ARG H 98 -2.28 -50.65 35.06
N LEU H 99 -1.11 -50.04 34.85
CA LEU H 99 -1.04 -48.82 34.04
C LEU H 99 -1.10 -49.14 32.56
N HIS H 100 -0.56 -50.29 32.17
CA HIS H 100 -0.54 -50.70 30.78
C HIS H 100 -1.68 -51.62 30.39
N ALA H 101 -2.44 -52.11 31.37
CA ALA H 101 -3.52 -53.06 31.12
C ALA H 101 -4.84 -52.52 31.68
N ARG H 102 -5.93 -52.88 31.00
CA ARG H 102 -7.28 -52.62 31.49
C ARG H 102 -7.63 -53.76 32.44
N LEU H 103 -7.78 -53.46 33.72
CA LEU H 103 -8.08 -54.48 34.71
C LEU H 103 -9.58 -54.71 34.79
N VAL H 104 -9.96 -55.99 34.78
CA VAL H 104 -11.34 -56.39 35.01
C VAL H 104 -11.34 -57.46 36.10
N ALA H 105 -12.17 -57.26 37.11
CA ALA H 105 -12.30 -58.23 38.20
C ALA H 105 -13.28 -59.30 37.76
N PRO H 106 -12.83 -60.55 37.59
CA PRO H 106 -13.77 -61.61 37.17
C PRO H 106 -14.95 -61.79 38.11
N MET H 107 -14.77 -61.47 39.39
CA MET H 107 -15.75 -61.80 40.41
C MET H 107 -16.24 -60.52 41.10
N GLU H 108 -17.53 -60.47 41.39
CA GLU H 108 -18.13 -59.37 42.12
C GLU H 108 -19.24 -59.92 43.00
N HIS H 109 -19.18 -59.59 44.30
CA HIS H 109 -20.13 -60.09 45.29
C HIS H 109 -20.05 -61.62 45.38
N GLY H 110 -18.85 -62.15 45.22
CA GLY H 110 -18.61 -63.57 45.35
C GLY H 110 -19.19 -64.41 44.24
N VAL H 111 -19.76 -63.78 43.23
CA VAL H 111 -20.32 -64.47 42.08
C VAL H 111 -19.65 -63.94 40.82
N ILE H 112 -19.58 -64.79 39.80
CA ILE H 112 -18.90 -64.43 38.56
C ILE H 112 -19.70 -63.35 37.84
N ALA H 113 -19.10 -62.18 37.69
CA ALA H 113 -19.74 -61.05 37.03
C ALA H 113 -19.33 -60.87 35.58
N HIS H 114 -18.08 -61.19 35.24
CA HIS H 114 -17.58 -61.09 33.86
C HIS H 114 -17.20 -62.49 33.41
N PRO H 115 -18.05 -63.14 32.61
CA PRO H 115 -17.78 -64.56 32.27
C PRO H 115 -16.52 -64.77 31.46
N ASP H 116 -16.19 -63.87 30.54
CA ASP H 116 -15.00 -64.06 29.71
C ASP H 116 -13.72 -63.91 30.52
N ALA H 117 -13.62 -62.81 31.30
CA ALA H 117 -12.48 -62.66 32.19
C ALA H 117 -12.41 -63.77 33.21
N ALA H 118 -13.56 -64.24 33.71
CA ALA H 118 -13.56 -65.33 34.67
C ALA H 118 -13.03 -66.61 34.04
N ARG H 119 -13.41 -66.90 32.79
CA ARG H 119 -12.89 -68.08 32.15
C ARG H 119 -11.41 -67.97 31.86
N ASP H 120 -10.94 -66.79 31.42
CA ASP H 120 -9.51 -66.58 31.26
C ASP H 120 -8.76 -66.82 32.57
N PHE H 121 -9.32 -66.35 33.67
CA PHE H 121 -8.64 -66.42 34.96
C PHE H 121 -8.62 -67.85 35.50
N VAL H 122 -9.73 -68.58 35.36
CA VAL H 122 -9.74 -69.99 35.75
C VAL H 122 -8.82 -70.80 34.84
N GLN H 123 -8.72 -70.43 33.56
CA GLN H 123 -7.79 -71.10 32.68
CA GLN H 123 -7.78 -71.09 32.67
C GLN H 123 -6.34 -70.88 33.11
N HIS H 124 -6.02 -69.67 33.58
CA HIS H 124 -4.69 -69.39 34.10
C HIS H 124 -4.42 -70.21 35.36
N LEU H 125 -5.39 -70.23 36.29
CA LEU H 125 -5.19 -70.98 37.52
C LEU H 125 -5.15 -72.48 37.28
N ARG H 126 -5.75 -72.96 36.19
CA ARG H 126 -5.64 -74.37 35.86
C ARG H 126 -4.22 -74.73 35.44
N SER H 127 -3.59 -73.84 34.65
CA SER H 127 -2.18 -74.02 34.32
C SER H 127 -1.30 -73.86 35.54
N LEU H 128 -1.71 -73.04 36.50
CA LEU H 128 -0.94 -72.91 37.75
C LEU H 128 -1.02 -74.18 38.58
N ALA H 129 -2.22 -74.74 38.74
CA ALA H 129 -2.38 -75.98 39.49
C ALA H 129 -1.92 -77.20 38.70
N ASP H 130 -1.67 -77.04 37.40
CA ASP H 130 -1.24 -78.14 36.54
C ASP H 130 -0.27 -77.61 35.50
N PRO H 131 1.01 -77.47 35.88
CA PRO H 131 1.99 -76.94 34.92
C PRO H 131 2.14 -77.79 33.67
N SER H 132 1.98 -79.11 33.79
CA SER H 132 2.05 -79.96 32.61
C SER H 132 0.85 -79.77 31.70
N GLY H 133 -0.32 -79.46 32.26
CA GLY H 133 -1.51 -79.25 31.46
C GLY H 133 -2.10 -80.52 30.88
N GLN H 134 -1.69 -81.69 31.36
CA GLN H 134 -2.18 -82.96 30.85
C GLN H 134 -3.00 -83.75 31.85
N ALA H 135 -2.96 -83.39 33.13
CA ALA H 135 -3.65 -84.15 34.15
C ALA H 135 -5.13 -83.80 34.18
N GLU H 136 -5.93 -84.75 34.66
CA GLU H 136 -7.37 -84.55 34.82
C GLU H 136 -7.61 -83.82 36.14
N ILE H 137 -8.04 -82.57 36.05
CA ILE H 137 -8.26 -81.77 37.25
C ILE H 137 -9.66 -82.04 37.79
N ARG H 138 -9.76 -82.23 39.10
CA ARG H 138 -11.03 -82.38 39.80
C ARG H 138 -11.07 -81.30 40.87
N ALA H 139 -11.82 -80.24 40.64
CA ALA H 139 -11.76 -79.06 41.49
C ALA H 139 -13.01 -78.92 42.34
N VAL H 140 -12.78 -78.63 43.63
CA VAL H 140 -13.83 -78.20 44.54
C VAL H 140 -13.72 -76.69 44.64
N VAL H 141 -14.65 -75.99 43.99
CA VAL H 141 -14.64 -74.53 43.98
C VAL H 141 -15.54 -74.03 45.11
N GLY H 142 -15.10 -72.96 45.78
CA GLY H 142 -15.86 -72.38 46.86
C GLY H 142 -16.82 -71.32 46.35
N VAL H 143 -18.11 -71.56 46.56
CA VAL H 143 -19.15 -70.60 46.20
C VAL H 143 -19.60 -69.92 47.48
N PRO H 144 -20.31 -68.78 47.37
CA PRO H 144 -20.84 -68.13 48.57
C PRO H 144 -21.77 -69.03 49.39
N ALA H 145 -22.24 -68.53 50.52
CA ALA H 145 -23.03 -69.34 51.44
C ALA H 145 -24.28 -69.88 50.76
N ASN H 146 -25.14 -68.99 50.27
CA ASN H 146 -26.38 -69.38 49.61
C ASN H 146 -26.32 -68.92 48.15
N ALA H 147 -25.35 -69.46 47.41
CA ALA H 147 -25.17 -69.11 46.01
C ALA H 147 -26.35 -69.64 45.21
N THR H 148 -27.01 -68.76 44.45
CA THR H 148 -28.12 -69.16 43.62
C THR H 148 -27.65 -70.15 42.55
N GLU H 149 -28.58 -70.96 42.05
CA GLU H 149 -28.23 -71.95 41.03
C GLU H 149 -27.71 -71.31 39.77
N GLN H 150 -28.11 -70.07 39.48
CA GLN H 150 -27.50 -69.34 38.37
C GLN H 150 -26.07 -68.95 38.68
N ALA H 151 -25.81 -68.50 39.91
CA ALA H 151 -24.45 -68.17 40.33
C ALA H 151 -23.55 -69.38 40.42
N ARG H 152 -24.13 -70.59 40.54
CA ARG H 152 -23.35 -71.81 40.51
C ARG H 152 -23.16 -72.34 39.09
N GLU H 153 -24.16 -72.18 38.23
CA GLU H 153 -23.97 -72.53 36.83
C GLU H 153 -22.98 -71.58 36.16
N ASP H 154 -22.85 -70.36 36.68
CA ASP H 154 -21.81 -69.45 36.20
C ASP H 154 -20.42 -70.00 36.50
N VAL H 155 -20.24 -70.60 37.67
CA VAL H 155 -18.94 -71.17 38.01
C VAL H 155 -18.72 -72.48 37.27
N ARG H 156 -19.78 -73.25 37.05
CA ARG H 156 -19.65 -74.49 36.28
C ARG H 156 -19.55 -74.23 34.78
N ARG H 157 -19.80 -73.00 34.34
CA ARG H 157 -19.67 -72.67 32.93
C ARG H 157 -18.28 -72.14 32.60
N CYS H 158 -17.69 -71.36 33.49
CA CYS H 158 -16.31 -70.92 33.36
C CYS H 158 -15.32 -71.95 33.86
N ALA H 159 -15.77 -73.19 34.11
CA ALA H 159 -14.90 -74.29 34.45
C ALA H 159 -15.04 -75.46 33.49
N PHE H 160 -15.95 -75.38 32.52
CA PHE H 160 -16.09 -76.43 31.53
C PHE H 160 -14.89 -76.42 30.59
N GLY H 161 -14.37 -77.61 30.30
CA GLY H 161 -13.14 -77.73 29.54
C GLY H 161 -11.89 -77.38 30.32
N ILE H 162 -12.04 -76.83 31.53
CA ILE H 162 -10.91 -76.49 32.39
C ILE H 162 -10.81 -77.56 33.47
N PHE H 163 -11.83 -77.65 34.32
CA PHE H 163 -11.91 -78.69 35.33
C PHE H 163 -12.76 -79.83 34.78
N ASP H 164 -12.26 -81.07 34.87
CA ASP H 164 -13.01 -82.20 34.38
C ASP H 164 -14.21 -82.52 35.28
N ARG H 165 -14.01 -82.49 36.59
CA ARG H 165 -15.08 -82.67 37.56
C ARG H 165 -15.06 -81.49 38.51
N ILE H 166 -16.24 -80.97 38.84
CA ILE H 166 -16.35 -79.83 39.74
C ILE H 166 -17.18 -80.24 40.95
N LEU H 167 -17.05 -79.44 42.00
CA LEU H 167 -17.82 -79.64 43.23
C LEU H 167 -17.92 -78.29 43.92
N LEU H 168 -19.14 -77.75 44.01
CA LEU H 168 -19.36 -76.42 44.55
C LEU H 168 -19.82 -76.54 45.99
N ILE H 169 -19.02 -76.02 46.91
CA ILE H 169 -19.30 -76.10 48.34
C ILE H 169 -19.28 -74.68 48.89
N PRO H 170 -20.14 -74.34 49.85
CA PRO H 170 -20.11 -72.99 50.42
C PRO H 170 -18.72 -72.61 50.94
N GLU H 171 -18.38 -71.33 50.78
CA GLU H 171 -17.08 -70.82 51.14
C GLU H 171 -16.80 -70.84 52.65
N PRO H 172 -17.75 -70.44 53.51
CA PRO H 172 -17.45 -70.51 54.95
C PRO H 172 -17.31 -71.93 55.47
N PHE H 173 -18.03 -72.90 54.90
CA PHE H 173 -17.83 -74.28 55.31
C PHE H 173 -16.44 -74.76 54.92
N LEU H 174 -15.97 -74.40 53.72
CA LEU H 174 -14.61 -74.73 53.34
C LEU H 174 -13.58 -74.02 54.21
N ALA H 175 -13.87 -72.79 54.63
CA ALA H 175 -12.98 -72.10 55.56
C ALA H 175 -12.91 -72.83 56.88
N ALA H 176 -14.05 -73.34 57.36
CA ALA H 176 -14.07 -74.13 58.58
C ALA H 176 -13.29 -75.43 58.41
N LEU H 177 -13.42 -76.07 57.24
CA LEU H 177 -12.77 -77.35 57.00
C LEU H 177 -11.28 -77.20 56.76
N GLY H 178 -10.82 -76.03 56.31
CA GLY H 178 -9.41 -75.81 56.08
C GLY H 178 -8.71 -75.22 57.29
N TYR H 179 -9.45 -74.48 58.11
CA TYR H 179 -8.91 -74.02 59.38
C TYR H 179 -8.70 -75.19 60.34
N ARG H 180 -9.53 -76.22 60.21
CA ARG H 180 -9.37 -77.43 61.03
C ARG H 180 -8.00 -78.04 60.81
N ASP H 181 -7.31 -78.30 61.91
CA ASP H 181 -5.99 -78.92 61.89
C ASP H 181 -6.16 -80.44 61.97
N ASP H 182 -6.07 -81.11 60.83
CA ASP H 182 -6.25 -82.55 60.81
C ASP H 182 -5.13 -83.29 61.54
N ALA H 183 -3.92 -82.71 61.57
CA ALA H 183 -2.83 -83.32 62.31
C ALA H 183 -3.02 -83.23 63.82
N ARG H 184 -3.88 -82.34 64.28
CA ARG H 184 -4.08 -82.10 65.71
C ARG H 184 -5.44 -82.62 66.18
N LEU H 185 -6.23 -83.21 65.28
CA LEU H 185 -7.52 -83.75 65.66
C LEU H 185 -7.35 -84.87 66.70
N GLY H 186 -8.44 -85.15 67.41
CA GLY H 186 -8.45 -86.20 68.39
C GLY H 186 -7.92 -85.77 69.75
N GLN H 187 -6.99 -84.82 69.76
CA GLN H 187 -6.41 -84.35 71.02
C GLN H 187 -7.47 -83.65 71.87
N SER H 188 -7.23 -83.63 73.18
CA SER H 188 -8.19 -83.03 74.10
C SER H 188 -8.00 -81.52 74.19
N ASN H 189 -6.77 -81.04 74.02
CA ASN H 189 -6.48 -79.62 74.11
C ASN H 189 -6.73 -78.87 72.81
N TYR H 190 -7.39 -79.49 71.84
CA TYR H 190 -7.69 -78.88 70.56
C TYR H 190 -9.19 -78.88 70.36
N ILE H 191 -9.78 -77.69 70.25
CA ILE H 191 -11.20 -77.56 69.96
C ILE H 191 -11.40 -77.59 68.45
N ASP H 192 -12.30 -78.45 68.00
CA ASP H 192 -12.51 -78.65 66.57
C ASP H 192 -13.36 -77.52 66.01
N PRO H 193 -12.86 -76.74 65.04
CA PRO H 193 -13.68 -75.65 64.48
C PRO H 193 -14.83 -76.13 63.62
N VAL H 194 -14.92 -77.43 63.32
CA VAL H 194 -16.02 -77.95 62.51
C VAL H 194 -17.08 -78.66 63.34
N VAL H 195 -16.74 -79.15 64.54
CA VAL H 195 -17.69 -79.95 65.30
C VAL H 195 -18.88 -79.11 65.74
N ASN H 196 -18.65 -77.83 66.03
CA ASN H 196 -19.70 -76.91 66.45
C ASN H 196 -19.14 -75.50 66.55
N SER H 197 -19.33 -74.70 65.51
CA SER H 197 -18.79 -73.35 65.52
C SER H 197 -19.58 -72.49 64.55
N LEU H 198 -19.31 -71.19 64.60
CA LEU H 198 -19.95 -70.21 63.74
C LEU H 198 -18.87 -69.42 63.02
N PHE H 199 -18.87 -69.50 61.70
CA PHE H 199 -17.81 -68.91 60.89
C PHE H 199 -18.34 -67.68 60.15
N ILE H 200 -17.67 -66.56 60.36
CA ILE H 200 -18.04 -65.30 59.72
C ILE H 200 -16.95 -65.00 58.68
N ASP H 201 -17.04 -65.66 57.53
CA ASP H 201 -16.08 -65.46 56.45
C ASP H 201 -16.41 -64.14 55.77
N ILE H 202 -15.76 -63.08 56.26
CA ILE H 202 -15.94 -61.75 55.68
C ILE H 202 -14.90 -61.57 54.58
N GLY H 203 -15.29 -61.90 53.35
CA GLY H 203 -14.40 -61.76 52.21
C GLY H 203 -14.30 -60.33 51.73
N GLY H 204 -14.10 -60.18 50.42
CA GLY H 204 -14.06 -58.87 49.81
C GLY H 204 -15.25 -58.64 48.92
N GLY H 205 -16.05 -59.68 48.71
CA GLY H 205 -17.27 -59.55 47.94
C GLY H 205 -18.51 -59.80 48.78
N THR H 206 -18.55 -60.97 49.41
CA THR H 206 -19.63 -61.32 50.33
C THR H 206 -19.06 -61.55 51.73
N SER H 207 -19.94 -61.47 52.71
CA SER H 207 -19.62 -61.78 54.10
C SER H 207 -20.55 -62.92 54.52
N ASP H 208 -20.08 -64.15 54.34
CA ASP H 208 -20.90 -65.33 54.56
C ASP H 208 -20.77 -65.80 56.00
N ILE H 209 -21.88 -65.84 56.72
CA ILE H 209 -21.93 -66.40 58.06
C ILE H 209 -22.51 -67.81 57.94
N CYS H 210 -21.95 -68.75 58.68
CA CYS H 210 -22.32 -70.16 58.52
C CYS H 210 -22.27 -70.86 59.87
N LEU H 211 -23.27 -71.71 60.11
CA LEU H 211 -23.33 -72.57 61.28
C LEU H 211 -22.66 -73.89 60.94
N VAL H 212 -21.37 -74.02 61.24
CA VAL H 212 -20.62 -75.23 60.90
C VAL H 212 -20.75 -76.20 62.07
N GLN H 213 -21.63 -77.19 61.93
CA GLN H 213 -21.97 -78.09 63.03
C GLN H 213 -21.59 -79.53 62.73
N GLY H 214 -20.50 -79.74 61.99
CA GLY H 214 -19.95 -81.06 61.74
C GLY H 214 -20.25 -81.60 60.34
N TYR H 215 -21.37 -81.22 59.76
CA TYR H 215 -21.83 -81.76 58.50
C TYR H 215 -21.95 -80.64 57.47
N PHE H 216 -22.29 -81.02 56.25
CA PHE H 216 -22.51 -80.06 55.18
C PHE H 216 -23.66 -79.13 55.55
N PRO H 217 -23.45 -77.81 55.61
CA PRO H 217 -24.48 -76.92 56.14
C PRO H 217 -25.66 -76.81 55.18
N GLY H 218 -26.85 -76.83 55.76
CA GLY H 218 -28.06 -76.64 54.98
C GLY H 218 -28.26 -75.20 54.57
N PRO H 219 -29.27 -74.97 53.75
CA PRO H 219 -29.55 -73.60 53.30
C PRO H 219 -29.96 -72.66 54.41
N ASP H 220 -30.44 -73.17 55.54
CA ASP H 220 -30.83 -72.33 56.67
C ASP H 220 -29.70 -72.13 57.67
N ASP H 221 -28.60 -72.86 57.53
CA ASP H 221 -27.44 -72.73 58.42
C ASP H 221 -26.46 -71.67 57.95
N GLN H 222 -26.76 -70.94 56.88
CA GLN H 222 -25.83 -69.97 56.32
C GLN H 222 -26.58 -68.79 55.73
N ILE H 223 -26.01 -67.60 55.91
CA ILE H 223 -26.54 -66.36 55.34
C ILE H 223 -25.40 -65.64 54.64
N SER H 224 -25.64 -65.23 53.40
CA SER H 224 -24.65 -64.50 52.62
C SER H 224 -25.14 -63.07 52.40
N ILE H 225 -24.32 -62.10 52.82
CA ILE H 225 -24.61 -60.69 52.64
C ILE H 225 -23.62 -60.14 51.62
N PRO H 226 -24.08 -59.51 50.55
CA PRO H 226 -23.18 -58.94 49.53
C PRO H 226 -22.52 -57.64 49.99
N PHE H 227 -22.12 -57.58 51.26
CA PHE H 227 -21.46 -56.43 51.83
C PHE H 227 -20.20 -56.90 52.53
N ALA H 228 -19.04 -56.56 51.97
CA ALA H 228 -17.78 -57.01 52.56
C ALA H 228 -16.70 -55.97 52.25
N GLY H 229 -15.54 -56.43 51.79
CA GLY H 229 -14.44 -55.52 51.55
C GLY H 229 -14.70 -54.55 50.42
N ASP H 230 -15.28 -55.03 49.32
CA ASP H 230 -15.56 -54.13 48.20
C ASP H 230 -16.64 -53.12 48.55
N ALA H 231 -17.60 -53.49 49.39
CA ALA H 231 -18.60 -52.54 49.86
C ALA H 231 -18.01 -51.45 50.75
N ILE H 232 -17.06 -51.80 51.63
CA ILE H 232 -16.39 -50.77 52.41
C ILE H 232 -15.51 -49.90 51.53
N ASP H 233 -14.87 -50.50 50.52
CA ASP H 233 -14.12 -49.71 49.54
C ASP H 233 -15.02 -48.72 48.83
N GLN H 234 -16.22 -49.15 48.43
CA GLN H 234 -17.16 -48.26 47.76
C GLN H 234 -17.64 -47.17 48.70
N LEU H 235 -17.92 -47.51 49.97
CA LEU H 235 -18.32 -46.50 50.93
C LEU H 235 -17.23 -45.46 51.16
N LEU H 236 -15.98 -45.88 51.26
CA LEU H 236 -14.86 -44.95 51.37
C LEU H 236 -14.69 -44.12 50.12
N GLN H 237 -14.83 -44.71 48.94
CA GLN H 237 -14.78 -43.94 47.70
C GLN H 237 -15.86 -42.87 47.67
N GLU H 238 -17.06 -43.19 48.13
CA GLU H 238 -18.13 -42.21 48.15
C GLU H 238 -17.85 -41.11 49.16
N GLU H 239 -17.43 -41.48 50.38
CA GLU H 239 -17.15 -40.47 51.39
C GLU H 239 -15.89 -39.67 51.10
N LEU H 240 -15.06 -40.10 50.15
CA LEU H 240 -13.92 -39.32 49.71
C LEU H 240 -14.24 -38.43 48.51
N ASN H 241 -15.02 -38.92 47.55
CA ASN H 241 -15.49 -38.06 46.47
C ASN H 241 -16.57 -37.10 46.93
N ARG H 242 -17.04 -37.21 48.16
CA ARG H 242 -18.02 -36.30 48.73
C ARG H 242 -17.39 -35.18 49.54
N THR H 243 -16.25 -35.44 50.17
CA THR H 243 -15.52 -34.42 50.91
C THR H 243 -14.31 -33.89 50.17
N TYR H 244 -13.59 -34.75 49.46
CA TYR H 244 -12.43 -34.36 48.66
C TYR H 244 -12.73 -34.67 47.20
N PRO H 245 -13.52 -33.84 46.54
CA PRO H 245 -14.00 -34.17 45.20
C PRO H 245 -12.87 -34.20 44.19
N ASN H 246 -13.04 -35.06 43.18
CA ASN H 246 -12.04 -35.27 42.14
C ASN H 246 -10.67 -35.54 42.76
N ASN H 247 -10.64 -36.43 43.74
CA ASN H 247 -9.37 -36.79 44.37
C ASN H 247 -8.54 -37.70 43.48
N GLY H 248 -9.18 -38.41 42.56
CA GLY H 248 -8.49 -39.30 41.66
C GLY H 248 -7.95 -40.56 42.30
N LEU H 249 -8.19 -40.79 43.58
CA LEU H 249 -7.73 -42.01 44.23
C LEU H 249 -8.46 -43.21 43.64
N SER H 250 -7.69 -44.14 43.08
CA SER H 250 -8.28 -45.33 42.50
C SER H 250 -8.82 -46.24 43.59
N LEU H 251 -9.63 -47.22 43.19
CA LEU H 251 -10.16 -48.18 44.15
C LEU H 251 -9.06 -49.00 44.78
N HIS H 252 -7.97 -49.24 44.05
CA HIS H 252 -6.84 -49.98 44.58
C HIS H 252 -6.09 -49.20 45.66
N LYS H 253 -6.27 -47.88 45.73
CA LYS H 253 -5.67 -47.07 46.78
CA LYS H 253 -5.68 -47.08 46.78
C LYS H 253 -6.65 -46.77 47.91
N VAL H 254 -7.93 -46.53 47.59
CA VAL H 254 -8.95 -46.44 48.61
C VAL H 254 -9.10 -47.75 49.37
N ARG H 255 -8.71 -48.86 48.75
CA ARG H 255 -8.66 -50.16 49.43
C ARG H 255 -7.43 -50.29 50.31
N GLU H 256 -6.27 -49.82 49.85
CA GLU H 256 -5.07 -49.83 50.68
C GLU H 256 -5.24 -48.94 51.91
N ILE H 257 -5.92 -47.81 51.76
CA ILE H 257 -6.24 -46.97 52.91
C ILE H 257 -7.03 -47.76 53.94
N LYS H 258 -8.00 -48.55 53.48
CA LYS H 258 -8.82 -49.33 54.40
C LYS H 258 -8.03 -50.46 55.06
N GLU H 259 -7.17 -51.12 54.28
CA GLU H 259 -6.36 -52.19 54.87
C GLU H 259 -5.35 -51.64 55.87
N ALA H 260 -4.83 -50.45 55.64
CA ALA H 260 -3.81 -49.89 56.52
C ALA H 260 -4.37 -49.18 57.75
N HIS H 261 -5.53 -48.54 57.63
CA HIS H 261 -6.08 -47.75 58.71
C HIS H 261 -7.54 -48.06 59.04
N GLY H 262 -8.22 -48.87 58.23
CA GLY H 262 -9.61 -49.16 58.50
C GLY H 262 -9.80 -49.89 59.81
N TYR H 263 -10.88 -49.54 60.52
CA TYR H 263 -11.14 -50.05 61.85
C TYR H 263 -12.63 -49.99 62.10
N VAL H 264 -13.10 -50.89 62.97
CA VAL H 264 -14.48 -50.88 63.41
C VAL H 264 -14.52 -50.51 64.89
N GLY H 265 -15.63 -49.88 65.29
CA GLY H 265 -15.79 -49.45 66.65
C GLY H 265 -15.93 -47.94 66.74
N PRO H 266 -15.64 -47.38 67.91
CA PRO H 266 -15.72 -45.92 68.06
C PRO H 266 -14.70 -45.22 67.19
N SER H 267 -15.02 -43.98 66.81
CA SER H 267 -14.16 -43.21 65.93
C SER H 267 -12.81 -42.94 66.59
N ARG H 268 -11.76 -42.93 65.78
CA ARG H 268 -10.41 -42.64 66.24
C ARG H 268 -9.91 -41.39 65.53
N LYS H 269 -9.83 -40.28 66.26
CA LYS H 269 -9.38 -39.02 65.72
C LYS H 269 -8.29 -38.43 66.62
N PRO H 270 -7.25 -37.83 66.03
CA PRO H 270 -7.08 -37.72 64.57
C PRO H 270 -6.36 -38.93 63.98
N LEU H 271 -6.73 -39.31 62.76
CA LEU H 271 -6.14 -40.44 62.06
C LEU H 271 -5.70 -39.93 60.69
N ASP H 272 -4.43 -39.53 60.60
CA ASP H 272 -3.91 -38.92 59.38
C ASP H 272 -3.53 -39.99 58.37
N VAL H 273 -4.10 -39.89 57.17
CA VAL H 273 -3.82 -40.80 56.07
C VAL H 273 -3.08 -40.00 55.00
N LYS H 274 -1.85 -40.42 54.69
CA LYS H 274 -1.03 -39.76 53.70
C LYS H 274 -1.40 -40.29 52.32
N VAL H 275 -1.99 -39.44 51.48
CA VAL H 275 -2.43 -39.82 50.15
C VAL H 275 -1.75 -38.92 49.13
N VAL H 276 -1.95 -39.23 47.85
CA VAL H 276 -1.41 -38.48 46.73
C VAL H 276 -2.58 -38.08 45.85
N ILE H 277 -3.01 -36.84 45.94
CA ILE H 277 -4.19 -36.35 45.23
C ILE H 277 -3.71 -35.35 44.18
N GLY H 278 -3.75 -35.75 42.91
CA GLY H 278 -3.35 -34.87 41.84
C GLY H 278 -1.86 -34.66 41.73
N GLY H 279 -1.07 -35.67 42.08
CA GLY H 279 0.37 -35.55 42.02
C GLY H 279 0.97 -35.02 43.30
N LYS H 280 0.19 -34.25 44.06
CA LYS H 280 0.66 -33.64 45.28
C LYS H 280 0.30 -34.49 46.49
N ALA H 281 1.19 -34.50 47.47
CA ALA H 281 1.04 -35.35 48.65
C ALA H 281 0.25 -34.59 49.71
N HIS H 282 -0.95 -35.08 50.01
CA HIS H 282 -1.80 -34.50 51.04
C HIS H 282 -1.92 -35.46 52.22
N THR H 283 -2.38 -34.93 53.34
CA THR H 283 -2.56 -35.70 54.58
C THR H 283 -4.00 -35.49 55.03
N LEU H 284 -4.87 -36.41 54.66
CA LEU H 284 -6.28 -36.30 55.01
C LEU H 284 -6.52 -36.79 56.43
N GLU H 285 -7.67 -36.41 56.97
CA GLU H 285 -8.12 -36.88 58.28
C GLU H 285 -9.33 -37.78 58.02
N LEU H 286 -9.12 -39.09 58.11
CA LEU H 286 -10.13 -40.07 57.75
C LEU H 286 -10.55 -40.94 58.94
N GLY H 287 -10.47 -40.39 60.15
CA GLY H 287 -10.90 -41.13 61.32
C GLY H 287 -12.38 -41.47 61.25
N ASP H 288 -13.21 -40.43 61.18
CA ASP H 288 -14.65 -40.65 61.05
C ASP H 288 -14.99 -41.34 59.74
N THR H 289 -14.26 -41.05 58.66
CA THR H 289 -14.56 -41.67 57.37
C THR H 289 -14.36 -43.18 57.41
N LEU H 290 -13.18 -43.62 57.86
CA LEU H 290 -12.93 -45.06 57.96
C LEU H 290 -13.83 -45.71 59.00
N ALA H 291 -14.11 -44.99 60.09
CA ALA H 291 -15.02 -45.54 61.10
C ALA H 291 -16.39 -45.81 60.51
N ARG H 292 -16.97 -44.82 59.81
CA ARG H 292 -18.28 -45.00 59.23
C ARG H 292 -18.27 -46.03 58.11
N ALA H 293 -17.17 -46.14 57.37
CA ALA H 293 -17.10 -47.10 56.29
C ALA H 293 -17.03 -48.54 56.81
N CYS H 294 -16.25 -48.77 57.87
CA CYS H 294 -16.06 -50.13 58.35
C CYS H 294 -17.14 -50.56 59.34
N ASN H 295 -17.77 -49.61 60.03
CA ASN H 295 -18.85 -49.98 60.94
C ASN H 295 -20.12 -50.37 60.19
N ALA H 296 -20.26 -49.96 58.94
CA ALA H 296 -21.37 -50.43 58.14
C ALA H 296 -21.31 -51.93 57.90
N LEU H 297 -20.10 -52.49 57.78
CA LEU H 297 -19.98 -53.94 57.66
C LEU H 297 -20.50 -54.63 58.91
N ILE H 298 -20.19 -54.09 60.09
CA ILE H 298 -20.69 -54.67 61.32
C ILE H 298 -22.20 -54.55 61.40
N ASP H 299 -22.72 -53.36 61.07
CA ASP H 299 -24.17 -53.16 61.05
C ASP H 299 -24.88 -54.05 60.05
N LYS H 300 -24.19 -54.51 59.00
CA LYS H 300 -24.78 -55.43 58.03
C LYS H 300 -24.70 -56.88 58.47
N ILE H 301 -23.57 -57.29 59.03
CA ILE H 301 -23.36 -58.70 59.34
C ILE H 301 -23.83 -59.08 60.74
N TYR H 302 -24.19 -58.11 61.58
CA TYR H 302 -24.65 -58.46 62.91
C TYR H 302 -26.09 -58.98 62.90
N PRO H 303 -27.02 -58.38 62.15
CA PRO H 303 -28.36 -58.97 62.06
C PRO H 303 -28.37 -60.38 61.50
N ALA H 304 -27.38 -60.75 60.69
CA ALA H 304 -27.27 -62.12 60.19
C ALA H 304 -26.42 -63.00 61.08
N LEU H 305 -25.55 -62.41 61.90
CA LEU H 305 -24.86 -63.19 62.93
C LEU H 305 -25.84 -63.65 64.00
N THR H 306 -26.60 -62.70 64.56
CA THR H 306 -27.57 -63.04 65.59
C THR H 306 -28.68 -63.95 65.06
N THR H 307 -29.02 -63.83 63.77
CA THR H 307 -30.06 -64.69 63.19
C THR H 307 -29.67 -66.15 63.28
N LEU H 308 -28.44 -66.49 62.90
CA LEU H 308 -28.00 -67.88 63.00
C LEU H 308 -27.64 -68.27 64.42
N ILE H 309 -27.24 -67.32 65.27
CA ILE H 309 -27.06 -67.65 66.68
C ILE H 309 -28.38 -68.10 67.29
N GLN H 310 -29.48 -67.45 66.91
CA GLN H 310 -30.80 -67.86 67.38
C GLN H 310 -31.40 -68.99 66.54
N ARG H 311 -30.80 -69.33 65.41
CA ARG H 311 -31.22 -70.49 64.65
C ARG H 311 -30.60 -71.79 65.15
N ALA H 312 -29.48 -71.71 65.86
CA ALA H 312 -28.80 -72.91 66.33
C ALA H 312 -29.63 -73.61 67.39
N SER H 313 -29.39 -74.91 67.54
CA SER H 313 -30.08 -75.69 68.56
C SER H 313 -29.72 -75.18 69.95
N SER H 314 -30.73 -75.10 70.82
CA SER H 314 -30.49 -74.61 72.18
C SER H 314 -29.49 -75.49 72.93
N ASP H 315 -29.40 -76.77 72.60
CA ASP H 315 -28.44 -77.64 73.26
C ASP H 315 -27.01 -77.29 72.89
N SER H 316 -26.80 -76.69 71.72
CA SER H 316 -25.46 -76.45 71.20
C SER H 316 -25.09 -74.98 71.05
N VAL H 317 -25.99 -74.05 71.39
CA VAL H 317 -25.70 -72.64 71.19
C VAL H 317 -24.72 -72.11 72.24
N VAL H 318 -24.68 -72.73 73.43
CA VAL H 318 -23.77 -72.24 74.47
C VAL H 318 -22.33 -72.49 74.06
N THR H 319 -22.08 -73.55 73.29
CA THR H 319 -20.76 -73.80 72.76
C THR H 319 -20.52 -73.03 71.46
N LEU H 320 -21.59 -72.84 70.68
CA LEU H 320 -21.49 -72.04 69.47
C LEU H 320 -20.99 -70.64 69.77
N LEU H 321 -21.54 -70.02 70.83
CA LEU H 321 -21.09 -68.68 71.20
C LEU H 321 -19.64 -68.67 71.65
N GLN H 322 -19.17 -69.76 72.24
CA GLN H 322 -17.76 -69.86 72.60
C GLN H 322 -16.88 -70.14 71.39
N ASN H 323 -17.47 -70.59 70.28
CA ASN H 323 -16.72 -70.94 69.08
C ASN H 323 -17.18 -70.10 67.89
N ILE H 324 -17.15 -68.78 68.04
CA ILE H 324 -17.40 -67.89 66.91
C ILE H 324 -16.08 -67.47 66.31
N ILE H 325 -15.89 -67.74 65.02
CA ILE H 325 -14.62 -67.55 64.34
C ILE H 325 -14.83 -66.67 63.12
N ILE H 326 -13.99 -65.66 62.96
CA ILE H 326 -14.02 -64.76 61.82
C ILE H 326 -12.87 -65.13 60.88
N THR H 327 -13.20 -65.42 59.62
CA THR H 327 -12.17 -65.68 58.62
C THR H 327 -12.35 -64.75 57.43
N GLY H 328 -11.58 -64.98 56.37
CA GLY H 328 -11.62 -64.10 55.22
C GLY H 328 -10.81 -62.85 55.45
N GLY H 329 -10.65 -62.02 54.41
CA GLY H 329 -9.89 -60.80 54.55
C GLY H 329 -10.44 -59.86 55.62
N GLY H 330 -11.76 -59.75 55.72
CA GLY H 330 -12.38 -58.86 56.68
C GLY H 330 -12.09 -59.19 58.13
N SER H 331 -11.57 -60.38 58.42
CA SER H 331 -11.13 -60.68 59.78
C SER H 331 -9.95 -59.83 60.20
N GLN H 332 -9.19 -59.31 59.25
CA GLN H 332 -8.02 -58.50 59.54
C GLN H 332 -8.35 -57.06 59.87
N ILE H 333 -9.64 -56.69 59.86
CA ILE H 333 -10.02 -55.34 60.26
C ILE H 333 -9.67 -55.13 61.71
N LYS H 334 -9.07 -53.97 62.01
CA LYS H 334 -8.58 -53.68 63.36
C LYS H 334 -9.72 -53.64 64.37
N GLY H 335 -9.76 -54.63 65.26
CA GLY H 335 -10.74 -54.64 66.33
C GLY H 335 -12.11 -55.14 65.93
N ILE H 336 -12.20 -56.10 65.02
CA ILE H 336 -13.49 -56.63 64.62
C ILE H 336 -13.97 -57.76 65.53
N ASP H 337 -13.06 -58.63 65.98
CA ASP H 337 -13.45 -59.67 66.92
C ASP H 337 -13.84 -59.09 68.27
N THR H 338 -13.10 -58.10 68.78
CA THR H 338 -13.46 -57.47 70.04
C THR H 338 -14.79 -56.74 69.93
N LEU H 339 -15.03 -56.04 68.82
CA LEU H 339 -16.29 -55.33 68.65
C LEU H 339 -17.46 -56.31 68.56
N LEU H 340 -17.29 -57.40 67.82
CA LEU H 340 -18.38 -58.37 67.70
C LEU H 340 -18.64 -59.08 69.02
N GLN H 341 -17.59 -59.40 69.78
CA GLN H 341 -17.79 -60.02 71.08
C GLN H 341 -18.47 -59.05 72.05
N LYS H 342 -18.12 -57.76 71.98
CA LYS H 342 -18.76 -56.77 72.83
C LYS H 342 -20.22 -56.61 72.47
N LYS H 343 -20.53 -56.53 71.17
CA LYS H 343 -21.93 -56.38 70.75
C LYS H 343 -22.74 -57.63 71.06
N LEU H 344 -22.10 -58.81 71.08
CA LEU H 344 -22.84 -60.02 71.40
C LEU H 344 -23.03 -60.18 72.91
N THR H 345 -22.08 -59.69 73.70
CA THR H 345 -22.23 -59.73 75.15
C THR H 345 -23.26 -58.71 75.63
N GLU H 346 -23.25 -57.52 75.02
CA GLU H 346 -24.21 -56.49 75.41
C GLU H 346 -25.64 -56.90 75.07
N ASP H 347 -25.82 -57.75 74.06
CA ASP H 347 -27.15 -58.25 73.72
C ASP H 347 -27.61 -59.39 74.62
N GLY H 348 -26.79 -59.80 75.58
CA GLY H 348 -27.18 -60.82 76.51
C GLY H 348 -26.90 -62.25 76.11
N PHE H 349 -26.13 -62.45 75.03
CA PHE H 349 -25.83 -63.80 74.58
C PHE H 349 -24.96 -64.52 75.60
N GLU H 350 -25.14 -65.85 75.69
CA GLU H 350 -24.52 -66.63 76.75
C GLU H 350 -23.01 -66.69 76.60
N SER H 351 -22.32 -65.65 77.11
CA SER H 351 -20.87 -65.57 77.16
C SER H 351 -20.24 -65.87 75.80
N PRO H 352 -20.39 -65.00 74.81
CA PRO H 352 -19.77 -65.24 73.51
C PRO H 352 -18.26 -65.07 73.57
N LYS H 353 -17.60 -65.65 72.57
CA LYS H 353 -16.14 -65.56 72.44
C LYS H 353 -15.81 -65.56 70.96
N VAL H 354 -15.65 -64.38 70.38
CA VAL H 354 -15.36 -64.23 68.97
C VAL H 354 -13.87 -64.30 68.76
N ARG H 355 -13.45 -65.14 67.81
CA ARG H 355 -12.05 -65.44 67.54
C ARG H 355 -11.74 -65.16 66.07
N LEU H 356 -10.50 -64.75 65.82
CA LEU H 356 -9.99 -64.58 64.47
C LEU H 356 -9.44 -65.91 63.97
N ALA H 357 -9.63 -66.16 62.67
CA ALA H 357 -9.21 -67.44 62.08
C ALA H 357 -7.71 -67.65 62.24
N GLY H 358 -6.93 -66.68 61.82
CA GLY H 358 -5.49 -66.76 61.94
C GLY H 358 -4.81 -65.97 60.85
N HIS H 359 -3.51 -66.21 60.70
CA HIS H 359 -2.75 -65.53 59.66
C HIS H 359 -3.04 -66.09 58.29
N ASP H 360 -3.36 -67.37 58.20
CA ASP H 360 -3.58 -68.06 56.91
C ASP H 360 -5.03 -67.94 56.47
N TYR H 361 -5.60 -66.75 56.56
CA TYR H 361 -7.00 -66.54 56.17
C TYR H 361 -7.22 -66.62 54.68
N LYS H 362 -6.15 -66.64 53.88
CA LYS H 362 -6.27 -66.69 52.43
CA LYS H 362 -6.30 -66.70 52.43
C LYS H 362 -6.38 -68.13 51.91
N ARG H 363 -5.70 -69.07 52.54
CA ARG H 363 -5.70 -70.45 52.09
C ARG H 363 -6.73 -71.31 52.78
N TYR H 364 -7.49 -70.76 53.73
CA TYR H 364 -8.41 -71.58 54.51
C TYR H 364 -9.52 -72.16 53.64
N VAL H 365 -10.11 -71.34 52.76
CA VAL H 365 -11.12 -71.88 51.86
C VAL H 365 -10.49 -72.85 50.86
N ALA H 366 -9.28 -72.58 50.38
CA ALA H 366 -8.62 -73.50 49.47
C ALA H 366 -8.16 -74.77 50.18
N LEU H 367 -7.66 -74.65 51.41
CA LEU H 367 -7.33 -75.84 52.19
C LEU H 367 -8.57 -76.70 52.45
N GLY H 368 -9.69 -76.07 52.77
CA GLY H 368 -10.92 -76.83 52.98
C GLY H 368 -11.45 -77.45 51.72
N ALA H 369 -11.30 -76.75 50.58
CA ALA H 369 -11.75 -77.31 49.31
C ALA H 369 -10.86 -78.47 48.88
N LEU H 370 -9.58 -78.42 49.21
CA LEU H 370 -8.69 -79.54 48.93
C LEU H 370 -9.00 -80.72 49.85
N LYS H 371 -9.30 -80.43 51.12
CA LYS H 371 -9.70 -81.50 52.04
C LYS H 371 -11.02 -82.12 51.63
N ALA H 372 -11.92 -81.34 51.03
CA ALA H 372 -13.18 -81.85 50.54
C ALA H 372 -13.05 -82.53 49.18
N ALA H 373 -11.99 -82.23 48.44
CA ALA H 373 -11.74 -82.95 47.19
C ALA H 373 -11.18 -84.34 47.46
N ARG H 374 -10.25 -84.45 48.40
CA ARG H 374 -9.68 -85.74 48.76
C ARG H 374 -10.68 -86.63 49.49
N ALA H 375 -11.71 -86.05 50.11
CA ALA H 375 -12.73 -86.83 50.80
C ALA H 375 -14.03 -86.95 50.02
N ALA H 376 -14.11 -86.38 48.82
CA ALA H 376 -15.33 -86.47 48.03
C ALA H 376 -15.45 -87.85 47.41
N ARG H 377 -16.63 -88.45 47.52
CA ARG H 377 -16.88 -89.73 46.89
C ARG H 377 -16.89 -89.58 45.37
N GLU H 378 -16.80 -90.72 44.69
CA GLU H 378 -16.82 -90.70 43.23
C GLU H 378 -18.15 -90.20 42.69
N ASN H 379 -19.23 -90.37 43.45
CA ASN H 379 -20.55 -89.93 43.04
C ASN H 379 -20.83 -88.48 43.42
N GLN H 380 -19.92 -87.81 44.13
CA GLN H 380 -20.10 -86.41 44.47
C GLN H 380 -19.63 -85.46 43.37
N TRP H 381 -18.64 -85.87 42.59
CA TRP H 381 -18.11 -85.01 41.53
C TRP H 381 -19.14 -84.78 40.44
N GLN H 382 -19.32 -83.52 40.06
CA GLN H 382 -20.24 -83.18 38.99
C GLN H 382 -19.51 -83.14 37.66
N VAL H 383 -20.13 -83.73 36.64
CA VAL H 383 -19.56 -83.76 35.31
C VAL H 383 -19.94 -82.48 34.58
N LEU H 384 -18.96 -81.87 33.93
CA LEU H 384 -19.15 -80.60 33.22
C LEU H 384 -19.22 -80.92 31.72
N LEU H 385 -20.44 -80.98 31.19
CA LEU H 385 -20.68 -81.23 29.77
C LEU H 385 -21.30 -80.00 29.13
N GLY H 386 -20.99 -79.78 27.86
CA GLY H 386 -21.52 -78.64 27.14
C GLY H 386 -20.80 -78.39 25.84
N THR I 34 58.86 40.44 2.36
CA THR I 34 57.99 41.51 1.86
C THR I 34 56.68 41.53 2.64
N LYS I 35 56.04 42.71 2.65
CA LYS I 35 54.77 42.89 3.33
C LYS I 35 53.64 42.98 2.32
N THR I 36 52.45 42.59 2.74
CA THR I 36 51.27 42.60 1.88
C THR I 36 50.43 43.85 2.14
N VAL I 37 50.04 44.50 1.05
CA VAL I 37 49.26 45.74 1.11
C VAL I 37 47.94 45.47 0.39
N LEU I 38 46.83 45.49 1.13
CA LEU I 38 45.53 45.32 0.53
C LEU I 38 45.04 46.67 0.02
N VAL I 39 44.65 46.71 -1.26
CA VAL I 39 44.32 47.94 -1.94
C VAL I 39 42.88 47.86 -2.41
N GLY I 40 42.03 48.68 -1.83
CA GLY I 40 40.71 48.89 -2.36
C GLY I 40 40.77 49.86 -3.52
N PHE I 41 40.51 49.37 -4.72
CA PHE I 41 40.70 50.13 -5.94
C PHE I 41 39.35 50.37 -6.58
N ASP I 42 39.02 51.64 -6.81
CA ASP I 42 37.79 52.04 -7.50
C ASP I 42 38.27 52.65 -8.81
N PHE I 43 38.37 51.83 -9.85
CA PHE I 43 38.77 52.27 -11.18
C PHE I 43 37.54 52.90 -11.83
N GLY I 44 37.50 54.23 -11.81
CA GLY I 44 36.35 54.94 -12.32
C GLY I 44 36.53 55.45 -13.73
N THR I 45 35.41 55.83 -14.34
CA THR I 45 35.44 56.47 -15.66
C THR I 45 35.88 57.92 -15.57
N ASN I 46 35.51 58.61 -14.49
CA ASN I 46 35.88 60.00 -14.27
CA ASN I 46 35.88 60.00 -14.28
C ASN I 46 36.98 60.15 -13.23
N LYS I 47 36.85 59.48 -12.09
CA LYS I 47 37.85 59.52 -11.04
C LYS I 47 38.02 58.12 -10.47
N SER I 48 39.27 57.71 -10.28
CA SER I 48 39.60 56.45 -9.63
C SER I 48 40.16 56.75 -8.25
N CYS I 49 39.70 56.00 -7.26
CA CYS I 49 40.11 56.23 -5.88
C CYS I 49 40.79 54.96 -5.36
N VAL I 50 42.01 55.12 -4.87
CA VAL I 50 42.84 54.00 -4.42
C VAL I 50 43.08 54.14 -2.92
N LEU I 51 42.77 53.09 -2.18
CA LEU I 51 43.02 53.02 -0.75
C LEU I 51 43.93 51.84 -0.48
N ALA I 52 44.86 52.01 0.46
CA ALA I 52 45.85 50.99 0.75
C ALA I 52 45.99 50.85 2.26
N GLY I 53 45.96 49.61 2.73
CA GLY I 53 46.13 49.32 4.14
C GLY I 53 46.75 47.96 4.40
N THR I 54 47.38 47.79 5.56
CA THR I 54 47.98 46.52 5.90
C THR I 54 46.90 45.51 6.28
N ALA I 55 47.33 44.26 6.49
CA ALA I 55 46.41 43.20 6.86
C ALA I 55 46.13 43.24 8.36
N GLY I 56 44.94 42.79 8.73
CA GLY I 56 44.54 42.71 10.13
C GLY I 56 44.12 44.01 10.77
N ALA I 57 44.74 45.12 10.39
CA ALA I 57 44.38 46.41 10.95
C ALA I 57 43.06 46.90 10.36
N THR I 58 42.66 48.10 10.78
CA THR I 58 41.47 48.75 10.24
C THR I 58 41.71 50.16 9.76
N ASP I 59 42.88 50.75 10.04
CA ASP I 59 43.18 52.08 9.55
C ASP I 59 43.50 52.05 8.06
N ILE I 60 43.61 53.24 7.49
CA ILE I 60 43.79 53.40 6.04
C ILE I 60 45.10 54.14 5.82
N ALA I 61 46.11 53.42 5.33
CA ALA I 61 47.43 54.03 5.15
C ALA I 61 47.41 55.06 4.03
N ILE I 62 47.03 54.65 2.82
CA ILE I 62 47.00 55.54 1.67
C ILE I 62 45.55 55.71 1.24
N SER I 63 45.19 56.94 0.85
CA SER I 63 43.85 57.24 0.35
C SER I 63 43.97 58.37 -0.65
N LYS I 64 43.93 58.04 -1.94
CA LYS I 64 44.09 59.01 -3.00
C LYS I 64 42.89 58.97 -3.94
N ILE I 65 42.49 60.13 -4.44
CA ILE I 65 41.42 60.25 -5.42
C ILE I 65 42.02 60.94 -6.63
N VAL I 66 42.33 60.16 -7.66
CA VAL I 66 43.04 60.63 -8.85
C VAL I 66 42.05 60.60 -10.02
N PRO I 67 41.81 61.72 -10.70
CA PRO I 67 40.92 61.69 -11.87
C PRO I 67 41.44 60.73 -12.92
N THR I 68 40.59 59.79 -13.34
CA THR I 68 40.99 58.79 -14.31
C THR I 68 41.29 59.45 -15.65
N VAL I 69 42.54 59.87 -15.83
CA VAL I 69 42.98 60.48 -17.09
C VAL I 69 44.50 60.31 -17.16
N VAL I 70 45.00 60.13 -18.37
CA VAL I 70 46.43 60.01 -18.62
C VAL I 70 46.81 61.03 -19.69
N GLY I 71 47.66 61.97 -19.32
CA GLY I 71 48.12 62.97 -20.27
C GLY I 71 49.50 62.65 -20.80
N TYR I 72 49.58 62.31 -22.08
CA TYR I 72 50.86 62.06 -22.73
C TYR I 72 51.40 63.39 -23.21
N VAL I 73 52.51 63.84 -22.62
CA VAL I 73 53.08 65.13 -22.95
C VAL I 73 53.34 65.22 -24.44
N LYS I 74 52.88 66.31 -25.05
CA LYS I 74 52.91 66.45 -26.49
C LYS I 74 54.33 66.52 -27.02
N GLU I 75 54.49 66.17 -28.29
CA GLU I 75 55.81 66.17 -28.92
C GLU I 75 56.28 67.59 -29.17
N GLY I 76 57.51 67.87 -28.78
CA GLY I 76 58.07 69.20 -28.90
C GLY I 76 57.95 70.07 -27.68
N ILE I 77 57.61 69.50 -26.52
CA ILE I 77 57.43 70.28 -25.31
C ILE I 77 58.75 70.93 -24.89
N VAL I 78 58.72 72.22 -24.64
CA VAL I 78 59.88 72.96 -24.17
C VAL I 78 60.19 72.53 -22.74
N ASP I 79 61.47 72.43 -22.43
CA ASP I 79 61.89 72.05 -21.09
C ASP I 79 61.41 73.08 -20.07
N GLY I 80 60.89 72.58 -18.94
CA GLY I 80 60.39 73.43 -17.89
C GLY I 80 58.90 73.72 -17.94
N ILE I 81 58.22 73.36 -19.02
CA ILE I 81 56.78 73.55 -19.10
C ILE I 81 56.07 72.61 -18.13
N VAL I 82 56.44 71.34 -18.14
CA VAL I 82 55.90 70.33 -17.23
C VAL I 82 56.91 70.14 -16.10
N ALA I 83 56.43 70.24 -14.86
CA ALA I 83 57.29 70.13 -13.70
C ALA I 83 57.99 68.77 -13.69
N GLY I 84 59.32 68.79 -13.69
CA GLY I 84 60.11 67.58 -13.72
C GLY I 84 60.33 66.99 -15.09
N ASN I 85 59.86 67.66 -16.15
CA ASN I 85 59.99 67.18 -17.51
C ASN I 85 59.40 65.78 -17.69
N ARG I 86 58.36 65.47 -16.91
CA ARG I 86 57.69 64.20 -17.05
C ARG I 86 56.99 64.10 -18.39
N SER I 87 57.01 62.90 -18.97
CA SER I 87 56.38 62.66 -20.25
C SER I 87 54.98 62.05 -20.14
N VAL I 88 54.63 61.49 -18.99
CA VAL I 88 53.30 60.93 -18.76
C VAL I 88 52.80 61.51 -17.44
N LEU I 89 51.65 62.18 -17.49
CA LEU I 89 51.04 62.80 -16.31
C LEU I 89 49.76 62.05 -15.97
N PHE I 90 49.45 61.96 -14.69
CA PHE I 90 48.28 61.21 -14.25
C PHE I 90 47.42 62.06 -13.34
N GLY I 91 46.11 62.00 -13.59
CA GLY I 91 45.15 62.69 -12.74
C GLY I 91 45.18 64.19 -12.86
N ASP I 92 45.18 64.88 -11.71
CA ASP I 92 45.20 66.34 -11.73
C ASP I 92 46.43 66.88 -12.44
N ASP I 93 47.58 66.21 -12.27
CA ASP I 93 48.80 66.63 -12.97
C ASP I 93 48.60 66.63 -14.49
N ALA I 94 47.68 65.81 -15.00
CA ALA I 94 47.35 65.82 -16.42
C ALA I 94 46.19 66.76 -16.75
N LEU I 95 45.36 67.09 -15.77
CA LEU I 95 44.28 68.04 -16.03
C LEU I 95 44.77 69.47 -16.02
N GLN I 96 45.69 69.81 -15.10
CA GLN I 96 46.29 71.14 -15.12
C GLN I 96 47.16 71.35 -16.34
N ASN I 97 47.85 70.30 -16.81
CA ASN I 97 48.70 70.37 -17.99
C ASN I 97 48.00 69.79 -19.21
N ARG I 98 46.69 69.98 -19.31
CA ARG I 98 45.95 69.46 -20.46
C ARG I 98 46.18 70.29 -21.71
N LEU I 99 46.76 71.47 -21.58
CA LEU I 99 47.11 72.27 -22.75
C LEU I 99 48.39 71.77 -23.39
N HIS I 100 49.29 71.21 -22.58
CA HIS I 100 50.56 70.70 -23.06
C HIS I 100 50.56 69.21 -23.32
N ALA I 101 49.53 68.50 -22.87
CA ALA I 101 49.48 67.04 -22.98
C ALA I 101 48.22 66.60 -23.71
N ARG I 102 48.34 65.48 -24.42
CA ARG I 102 47.19 64.83 -25.05
C ARG I 102 46.55 63.93 -24.00
N LEU I 103 45.34 64.29 -23.59
CA LEU I 103 44.64 63.52 -22.57
C LEU I 103 43.91 62.35 -23.19
N VAL I 104 44.04 61.18 -22.56
CA VAL I 104 43.29 59.99 -22.92
C VAL I 104 42.67 59.43 -21.66
N ALA I 105 41.36 59.20 -21.69
CA ALA I 105 40.65 58.61 -20.58
C ALA I 105 40.81 57.10 -20.63
N PRO I 106 41.49 56.47 -19.67
CA PRO I 106 41.64 55.01 -19.72
C PRO I 106 40.32 54.26 -19.72
N MET I 107 39.28 54.83 -19.13
CA MET I 107 38.03 54.13 -18.90
C MET I 107 36.89 54.83 -19.63
N GLU I 108 36.01 54.04 -20.23
CA GLU I 108 34.80 54.55 -20.87
C GLU I 108 33.67 53.56 -20.63
N HIS I 109 32.56 54.05 -20.10
CA HIS I 109 31.40 53.22 -19.75
C HIS I 109 31.79 52.20 -18.68
N GLY I 110 32.64 52.63 -17.76
CA GLY I 110 33.02 51.79 -16.63
C GLY I 110 33.89 50.61 -16.99
N VAL I 111 34.26 50.48 -18.26
CA VAL I 111 35.13 49.40 -18.72
C VAL I 111 36.35 50.02 -19.36
N ILE I 112 37.46 49.28 -19.33
CA ILE I 112 38.73 49.78 -19.85
C ILE I 112 38.62 49.90 -21.38
N ALA I 113 38.76 51.13 -21.88
CA ALA I 113 38.66 51.39 -23.30
C ALA I 113 40.01 51.51 -23.99
N HIS I 114 41.02 52.05 -23.30
CA HIS I 114 42.38 52.18 -23.84
C HIS I 114 43.31 51.36 -22.97
N PRO I 115 43.73 50.18 -23.42
CA PRO I 115 44.51 49.29 -22.54
C PRO I 115 45.87 49.86 -22.15
N ASP I 116 46.55 50.56 -23.07
CA ASP I 116 47.88 51.08 -22.74
C ASP I 116 47.80 52.21 -21.73
N ALA I 117 46.91 53.18 -21.94
CA ALA I 117 46.71 54.23 -20.96
C ALA I 117 46.18 53.69 -19.64
N ALA I 118 45.33 52.67 -19.71
CA ALA I 118 44.82 52.06 -18.47
C ALA I 118 45.94 51.40 -17.70
N ARG I 119 46.86 50.71 -18.38
CA ARG I 119 47.97 50.09 -17.67
C ARG I 119 48.92 51.14 -17.11
N ASP I 120 49.19 52.20 -17.86
CA ASP I 120 49.99 53.31 -17.32
C ASP I 120 49.35 53.88 -16.06
N PHE I 121 48.03 54.03 -16.07
CA PHE I 121 47.33 54.67 -14.97
C PHE I 121 47.28 53.78 -13.74
N VAL I 122 47.03 52.47 -13.93
CA VAL I 122 47.10 51.54 -12.81
C VAL I 122 48.52 51.44 -12.27
N GLN I 123 49.52 51.54 -13.15
CA GLN I 123 50.90 51.53 -12.68
CA GLN I 123 50.91 51.54 -12.70
C GLN I 123 51.20 52.76 -11.83
N HIS I 124 50.67 53.92 -12.21
CA HIS I 124 50.82 55.11 -11.37
C HIS I 124 50.13 54.94 -10.03
N LEU I 125 48.90 54.42 -10.05
CA LEU I 125 48.16 54.26 -8.80
C LEU I 125 48.77 53.19 -7.90
N ARG I 126 49.49 52.22 -8.46
CA ARG I 126 50.20 51.27 -7.64
C ARG I 126 51.32 51.95 -6.87
N SER I 127 52.11 52.79 -7.55
CA SER I 127 53.11 53.58 -6.86
C SER I 127 52.49 54.53 -5.85
N LEU I 128 51.27 54.99 -6.10
CA LEU I 128 50.57 55.81 -5.12
C LEU I 128 50.20 55.01 -3.88
N ALA I 129 49.65 53.81 -4.08
CA ALA I 129 49.31 52.95 -2.95
C ALA I 129 50.52 52.25 -2.36
N ASP I 130 51.64 52.27 -3.06
CA ASP I 130 52.87 51.60 -2.60
C ASP I 130 54.05 52.48 -2.95
N PRO I 131 54.32 53.50 -2.13
CA PRO I 131 55.45 54.39 -2.44
C PRO I 131 56.80 53.68 -2.48
N SER I 132 56.97 52.63 -1.66
CA SER I 132 58.22 51.89 -1.69
C SER I 132 58.34 51.04 -2.94
N GLY I 133 57.22 50.53 -3.45
CA GLY I 133 57.25 49.72 -4.65
C GLY I 133 57.74 48.31 -4.46
N GLN I 134 57.90 47.88 -3.21
CA GLN I 134 58.39 46.54 -2.92
C GLN I 134 57.33 45.62 -2.29
N ALA I 135 56.23 46.18 -1.79
CA ALA I 135 55.23 45.37 -1.12
C ALA I 135 54.38 44.62 -2.14
N GLU I 136 53.81 43.49 -1.69
CA GLU I 136 52.95 42.67 -2.51
C GLU I 136 51.54 43.24 -2.44
N ILE I 137 51.05 43.79 -3.54
CA ILE I 137 49.74 44.43 -3.56
C ILE I 137 48.67 43.38 -3.83
N ARG I 138 47.58 43.44 -3.07
CA ARG I 138 46.41 42.59 -3.28
C ARG I 138 45.23 43.54 -3.44
N ALA I 139 44.77 43.73 -4.67
CA ALA I 139 43.78 44.75 -4.96
C ALA I 139 42.41 44.15 -5.24
N VAL I 140 41.40 44.77 -4.64
CA VAL I 140 40.01 44.52 -4.97
C VAL I 140 39.56 45.68 -5.86
N VAL I 141 39.43 45.42 -7.15
CA VAL I 141 39.04 46.45 -8.10
C VAL I 141 37.54 46.39 -8.31
N GLY I 142 36.90 47.56 -8.40
CA GLY I 142 35.48 47.63 -8.64
C GLY I 142 35.17 47.66 -10.12
N VAL I 143 34.34 46.71 -10.55
CA VAL I 143 33.89 46.65 -11.94
C VAL I 143 32.42 47.06 -11.96
N PRO I 144 31.87 47.36 -13.15
CA PRO I 144 30.43 47.65 -13.23
C PRO I 144 29.56 46.52 -12.69
N ALA I 145 28.25 46.77 -12.61
CA ALA I 145 27.34 45.82 -11.99
C ALA I 145 27.41 44.46 -12.67
N ASN I 146 27.21 44.44 -13.99
CA ASN I 146 27.21 43.21 -14.77
C ASN I 146 28.32 43.29 -15.82
N ALA I 147 29.55 43.43 -15.35
CA ALA I 147 30.69 43.54 -16.24
C ALA I 147 30.91 42.20 -16.96
N THR I 148 30.96 42.25 -18.29
CA THR I 148 31.21 41.05 -19.06
C THR I 148 32.59 40.48 -18.75
N GLU I 149 32.75 39.18 -18.98
CA GLU I 149 34.03 38.54 -18.69
C GLU I 149 35.17 39.13 -19.51
N GLN I 150 34.87 39.69 -20.69
CA GLN I 150 35.90 40.42 -21.43
C GLN I 150 36.25 41.72 -20.74
N ALA I 151 35.25 42.43 -20.22
CA ALA I 151 35.50 43.67 -19.48
C ALA I 151 36.19 43.42 -18.15
N ARG I 152 36.13 42.20 -17.61
CA ARG I 152 36.88 41.84 -16.42
C ARG I 152 38.28 41.37 -16.73
N GLU I 153 38.46 40.64 -17.84
CA GLU I 153 39.80 40.29 -18.27
C GLU I 153 40.58 41.52 -18.70
N ASP I 154 39.87 42.56 -19.15
CA ASP I 154 40.54 43.83 -19.45
C ASP I 154 41.14 44.44 -18.19
N VAL I 155 40.45 44.31 -17.06
CA VAL I 155 40.98 44.84 -15.81
C VAL I 155 42.06 43.92 -15.24
N ARG I 156 41.92 42.61 -15.45
CA ARG I 156 42.95 41.68 -15.00
C ARG I 156 44.18 41.67 -15.90
N ARG I 157 44.11 42.30 -17.07
CA ARG I 157 45.28 42.39 -17.95
C ARG I 157 46.06 43.67 -17.71
N CYS I 158 45.38 44.79 -17.45
CA CYS I 158 46.03 46.02 -17.06
C CYS I 158 46.37 46.06 -15.58
N ALA I 159 46.33 44.91 -14.91
CA ALA I 159 46.77 44.78 -13.53
C ALA I 159 47.80 43.68 -13.35
N PHE I 160 48.12 42.93 -14.40
CA PHE I 160 49.15 41.90 -14.32
C PHE I 160 50.52 42.55 -14.19
N GLY I 161 51.32 42.03 -13.26
CA GLY I 161 52.58 42.64 -12.92
C GLY I 161 52.47 43.87 -12.05
N ILE I 162 51.26 44.39 -11.84
CA ILE I 162 51.02 45.53 -10.97
C ILE I 162 50.46 45.02 -9.65
N PHE I 163 49.29 44.40 -9.71
CA PHE I 163 48.67 43.77 -8.54
C PHE I 163 49.01 42.29 -8.54
N ASP I 164 49.52 41.78 -7.43
CA ASP I 164 49.86 40.36 -7.36
C ASP I 164 48.61 39.49 -7.29
N ARG I 165 47.62 39.88 -6.49
CA ARG I 165 46.34 39.20 -6.45
C ARG I 165 45.25 40.22 -6.70
N ILE I 166 44.27 39.86 -7.51
CA ILE I 166 43.16 40.74 -7.82
C ILE I 166 41.86 40.07 -7.40
N LEU I 167 40.83 40.89 -7.23
CA LEU I 167 39.50 40.39 -6.86
C LEU I 167 38.50 41.42 -7.38
N LEU I 168 37.68 41.02 -8.34
CA LEU I 168 36.79 41.94 -9.05
C LEU I 168 35.39 41.81 -8.48
N ILE I 169 34.90 42.89 -7.89
CA ILE I 169 33.59 42.91 -7.24
C ILE I 169 32.77 44.04 -7.88
N PRO I 170 31.46 43.88 -8.07
CA PRO I 170 30.65 44.96 -8.63
C PRO I 170 30.80 46.26 -7.84
N GLU I 171 30.73 47.37 -8.56
CA GLU I 171 30.97 48.69 -7.99
C GLU I 171 29.87 49.15 -7.03
N PRO I 172 28.58 48.95 -7.34
CA PRO I 172 27.56 49.38 -6.37
C PRO I 172 27.56 48.56 -5.09
N PHE I 173 27.95 47.28 -5.15
CA PHE I 173 28.08 46.51 -3.91
C PHE I 173 29.21 47.04 -3.05
N LEU I 174 30.33 47.42 -3.69
CA LEU I 174 31.41 48.05 -2.94
C LEU I 174 31.01 49.41 -2.41
N ALA I 175 30.17 50.14 -3.13
CA ALA I 175 29.65 51.40 -2.61
C ALA I 175 28.79 51.17 -1.38
N ALA I 176 27.99 50.10 -1.39
CA ALA I 176 27.21 49.74 -0.22
C ALA I 176 28.11 49.33 0.94
N LEU I 177 29.20 48.63 0.64
CA LEU I 177 30.13 48.20 1.68
C LEU I 177 30.93 49.34 2.27
N GLY I 178 31.22 50.37 1.48
CA GLY I 178 32.02 51.48 1.96
C GLY I 178 31.18 52.56 2.62
N TYR I 179 29.95 52.73 2.14
CA TYR I 179 29.02 53.64 2.82
C TYR I 179 28.66 53.11 4.20
N ARG I 180 28.66 51.79 4.36
CA ARG I 180 28.37 51.18 5.65
C ARG I 180 29.40 51.59 6.69
N ASP I 181 28.92 52.05 7.84
CA ASP I 181 29.78 52.47 8.94
C ASP I 181 29.96 51.32 9.90
N ASP I 182 31.15 50.70 9.87
CA ASP I 182 31.42 49.56 10.75
C ASP I 182 31.52 49.99 12.21
N ALA I 183 31.80 51.27 12.47
CA ALA I 183 31.87 51.75 13.84
C ALA I 183 30.50 51.82 14.50
N ARG I 184 29.44 51.97 13.72
CA ARG I 184 28.08 52.08 14.25
C ARG I 184 27.25 50.84 14.01
N LEU I 185 27.87 49.73 13.60
CA LEU I 185 27.13 48.50 13.39
C LEU I 185 26.62 47.95 14.72
N GLY I 186 25.54 47.16 14.64
CA GLY I 186 24.96 46.59 15.83
C GLY I 186 24.01 47.52 16.56
N GLN I 187 24.23 48.83 16.41
CA GLN I 187 23.39 49.80 17.08
C GLN I 187 21.98 49.76 16.51
N SER I 188 21.01 50.20 17.33
CA SER I 188 19.62 50.19 16.90
C SER I 188 19.27 51.43 16.09
N ASN I 189 19.89 52.56 16.43
CA ASN I 189 19.62 53.82 15.74
C ASN I 189 20.41 53.97 14.44
N TYR I 190 21.02 52.90 13.94
CA TYR I 190 21.77 52.93 12.69
C TYR I 190 21.23 51.84 11.77
N ILE I 191 20.70 52.26 10.63
CA ILE I 191 20.21 51.30 9.64
C ILE I 191 21.37 50.90 8.73
N ASP I 192 21.60 49.61 8.62
CA ASP I 192 22.72 49.10 7.82
C ASP I 192 22.39 49.24 6.34
N PRO I 193 23.22 49.94 5.56
CA PRO I 193 22.94 50.04 4.12
C PRO I 193 23.20 48.76 3.35
N VAL I 194 23.70 47.71 4.00
CA VAL I 194 23.98 46.45 3.33
C VAL I 194 22.92 45.39 3.61
N VAL I 195 22.24 45.47 4.76
CA VAL I 195 21.31 44.41 5.14
C VAL I 195 20.17 44.29 4.15
N ASN I 196 19.67 45.43 3.66
CA ASN I 196 18.57 45.45 2.71
C ASN I 196 18.40 46.84 2.14
N SER I 197 18.98 47.09 0.96
CA SER I 197 18.90 48.42 0.37
C SER I 197 19.07 48.29 -1.13
N LEU I 198 18.83 49.41 -1.81
CA LEU I 198 18.95 49.49 -3.26
C LEU I 198 19.88 50.66 -3.59
N PHE I 199 21.02 50.35 -4.18
CA PHE I 199 22.07 51.34 -4.41
C PHE I 199 22.10 51.71 -5.88
N ILE I 200 21.94 53.01 -6.17
CA ILE I 200 21.95 53.52 -7.53
C ILE I 200 23.25 54.30 -7.68
N ASP I 201 24.34 53.58 -7.94
CA ASP I 201 25.64 54.18 -8.14
C ASP I 201 25.69 54.78 -9.54
N ILE I 202 25.30 56.05 -9.63
CA ILE I 202 25.37 56.78 -10.90
C ILE I 202 26.73 57.44 -11.03
N GLY I 203 27.67 56.73 -11.64
CA GLY I 203 29.01 57.25 -11.86
C GLY I 203 29.06 58.23 -13.00
N GLY I 204 30.19 58.23 -13.70
CA GLY I 204 30.37 59.07 -14.87
C GLY I 204 30.40 58.25 -16.14
N GLY I 205 30.51 56.94 -15.99
CA GLY I 205 30.49 56.05 -17.15
C GLY I 205 29.25 55.21 -17.20
N THR I 206 28.98 54.46 -16.13
CA THR I 206 27.78 53.66 -16.01
C THR I 206 26.99 54.11 -14.78
N SER I 207 25.70 53.77 -14.79
CA SER I 207 24.81 53.98 -13.65
C SER I 207 24.32 52.62 -13.21
N ASP I 208 25.05 52.02 -12.26
CA ASP I 208 24.78 50.66 -11.82
C ASP I 208 23.80 50.67 -10.65
N ILE I 209 22.66 50.01 -10.83
CA ILE I 209 21.69 49.80 -9.76
C ILE I 209 21.89 48.40 -9.22
N CYS I 210 21.82 48.25 -7.91
CA CYS I 210 22.13 46.97 -7.28
C CYS I 210 21.20 46.74 -6.10
N LEU I 211 20.75 45.50 -5.97
CA LEU I 211 19.93 45.04 -4.86
C LEU I 211 20.86 44.50 -3.78
N VAL I 212 21.30 45.35 -2.85
CA VAL I 212 22.25 44.95 -1.83
C VAL I 212 21.47 44.38 -0.66
N GLN I 213 21.39 43.05 -0.57
CA GLN I 213 20.54 42.38 0.40
C GLN I 213 21.34 41.58 1.42
N GLY I 214 22.56 42.01 1.72
CA GLY I 214 23.38 41.43 2.76
C GLY I 214 24.53 40.58 2.25
N TYR I 215 24.40 40.02 1.05
CA TYR I 215 25.38 39.10 0.50
C TYR I 215 25.87 39.62 -0.84
N PHE I 216 26.82 38.90 -1.41
CA PHE I 216 27.35 39.21 -2.73
C PHE I 216 26.24 39.14 -3.76
N PRO I 217 25.94 40.23 -4.48
CA PRO I 217 24.77 40.24 -5.34
C PRO I 217 24.96 39.35 -6.57
N GLY I 218 23.90 38.62 -6.91
CA GLY I 218 23.90 37.80 -8.10
C GLY I 218 23.76 38.63 -9.36
N PRO I 219 23.86 37.95 -10.50
CA PRO I 219 23.72 38.67 -11.79
C PRO I 219 22.34 39.26 -12.01
N ASP I 220 21.31 38.78 -11.30
CA ASP I 220 19.96 39.32 -11.43
C ASP I 220 19.66 40.40 -10.42
N ASP I 221 20.50 40.58 -9.41
CA ASP I 221 20.31 41.61 -8.40
C ASP I 221 20.91 42.95 -8.82
N GLN I 222 21.50 43.04 -10.00
CA GLN I 222 22.16 44.26 -10.44
C GLN I 222 21.92 44.50 -11.92
N ILE I 223 21.83 45.76 -12.29
CA ILE I 223 21.63 46.19 -13.67
C ILE I 223 22.61 47.33 -13.96
N SER I 224 23.29 47.26 -15.09
CA SER I 224 24.25 48.29 -15.50
C SER I 224 23.74 48.97 -16.76
N ILE I 225 23.65 50.29 -16.72
CA ILE I 225 23.26 51.12 -17.86
C ILE I 225 24.45 51.99 -18.23
N PRO I 226 24.94 51.93 -19.45
CA PRO I 226 26.06 52.77 -19.88
C PRO I 226 25.67 54.23 -20.13
N PHE I 227 24.84 54.77 -19.24
CA PHE I 227 24.39 56.15 -19.35
C PHE I 227 24.56 56.80 -17.98
N ALA I 228 25.50 57.72 -17.88
CA ALA I 228 25.75 58.39 -16.60
C ALA I 228 26.28 59.80 -16.87
N GLY I 229 27.34 60.19 -16.18
CA GLY I 229 27.86 61.54 -16.33
C GLY I 229 28.41 61.83 -17.70
N ASP I 230 29.16 60.89 -18.29
CA ASP I 230 29.70 61.11 -19.62
C ASP I 230 28.62 61.17 -20.68
N ALA I 231 27.54 60.41 -20.50
CA ALA I 231 26.41 60.48 -21.41
C ALA I 231 25.67 61.81 -21.32
N ILE I 232 25.50 62.37 -20.13
CA ILE I 232 24.90 63.69 -20.02
C ILE I 232 25.84 64.74 -20.59
N ASP I 233 27.15 64.58 -20.41
CA ASP I 233 28.11 65.48 -21.05
C ASP I 233 27.98 65.41 -22.57
N GLN I 234 27.81 64.21 -23.11
CA GLN I 234 27.66 64.07 -24.56
C GLN I 234 26.37 64.70 -25.05
N LEU I 235 25.27 64.50 -24.32
CA LEU I 235 24.00 65.14 -24.67
C LEU I 235 24.08 66.65 -24.61
N LEU I 236 24.77 67.20 -23.61
CA LEU I 236 24.98 68.64 -23.54
C LEU I 236 25.87 69.16 -24.67
N GLN I 237 26.95 68.43 -24.98
CA GLN I 237 27.77 68.81 -26.13
C GLN I 237 26.97 68.80 -27.42
N GLU I 238 26.08 67.84 -27.59
CA GLU I 238 25.25 67.79 -28.78
C GLU I 238 24.26 68.94 -28.81
N GLU I 239 23.61 69.23 -27.68
CA GLU I 239 22.64 70.32 -27.64
C GLU I 239 23.31 71.70 -27.69
N LEU I 240 24.61 71.79 -27.46
CA LEU I 240 25.33 73.04 -27.59
C LEU I 240 25.95 73.23 -28.97
N ASN I 241 26.48 72.17 -29.58
CA ASN I 241 26.92 72.26 -30.97
C ASN I 241 25.76 72.31 -31.94
N ARG I 242 24.52 72.15 -31.46
CA ARG I 242 23.34 72.24 -32.30
C ARG I 242 22.69 73.61 -32.26
N THR I 243 22.76 74.30 -31.12
CA THR I 243 22.23 75.65 -30.98
C THR I 243 23.30 76.72 -31.06
N TYR I 244 24.47 76.47 -30.47
CA TYR I 244 25.61 77.41 -30.52
C TYR I 244 26.75 76.72 -31.24
N PRO I 245 26.68 76.65 -32.57
CA PRO I 245 27.65 75.83 -33.32
C PRO I 245 29.05 76.39 -33.24
N ASN I 246 30.03 75.50 -33.34
CA ASN I 246 31.45 75.85 -33.24
C ASN I 246 31.71 76.68 -31.99
N ASN I 247 31.14 76.24 -30.86
CA ASN I 247 31.35 76.96 -29.61
C ASN I 247 32.74 76.70 -29.05
N GLY I 248 33.37 75.59 -29.42
CA GLY I 248 34.69 75.26 -28.92
C GLY I 248 34.74 74.83 -27.47
N LEU I 249 33.61 74.73 -26.79
CA LEU I 249 33.60 74.28 -25.41
C LEU I 249 34.04 72.82 -25.35
N SER I 250 35.11 72.56 -24.61
CA SER I 250 35.60 71.20 -24.45
C SER I 250 34.66 70.39 -23.57
N LEU I 251 34.85 69.07 -23.58
CA LEU I 251 34.09 68.21 -22.68
C LEU I 251 34.38 68.54 -21.23
N HIS I 252 35.61 68.99 -20.94
CA HIS I 252 35.97 69.36 -19.57
C HIS I 252 35.26 70.62 -19.10
N LYS I 253 34.70 71.41 -20.01
CA LYS I 253 33.91 72.58 -19.64
CA LYS I 253 33.91 72.58 -19.64
C LYS I 253 32.41 72.33 -19.72
N VAL I 254 31.96 71.58 -20.73
CA VAL I 254 30.59 71.12 -20.78
C VAL I 254 30.25 70.24 -19.59
N ARG I 255 31.27 69.63 -18.97
CA ARG I 255 31.10 68.87 -17.74
C ARG I 255 30.98 69.77 -16.53
N GLU I 256 31.80 70.82 -16.42
CA GLU I 256 31.65 71.76 -15.31
C GLU I 256 30.33 72.51 -15.38
N ILE I 257 29.84 72.80 -16.59
CA ILE I 257 28.52 73.40 -16.72
C ILE I 257 27.47 72.50 -16.07
N LYS I 258 27.57 71.19 -16.31
CA LYS I 258 26.60 70.25 -15.76
C LYS I 258 26.77 70.10 -14.26
N GLU I 259 28.00 70.05 -13.77
CA GLU I 259 28.22 69.94 -12.33
C GLU I 259 27.74 71.17 -11.59
N ALA I 260 27.91 72.35 -12.16
CA ALA I 260 27.54 73.59 -11.50
C ALA I 260 26.07 73.95 -11.62
N HIS I 261 25.43 73.62 -12.75
CA HIS I 261 24.06 74.03 -13.00
C HIS I 261 23.13 72.90 -13.41
N GLY I 262 23.64 71.71 -13.70
CA GLY I 262 22.78 70.62 -14.14
C GLY I 262 21.81 70.20 -13.05
N TYR I 263 20.62 69.79 -13.48
CA TYR I 263 19.54 69.48 -12.57
C TYR I 263 18.56 68.55 -13.28
N VAL I 264 17.85 67.76 -12.49
CA VAL I 264 16.78 66.91 -13.01
C VAL I 264 15.45 67.40 -12.48
N GLY I 265 14.41 67.18 -13.26
CA GLY I 265 13.08 67.62 -12.91
C GLY I 265 12.54 68.61 -13.93
N PRO I 266 11.56 69.41 -13.52
CA PRO I 266 11.01 70.43 -14.43
C PRO I 266 12.07 71.46 -14.80
N SER I 267 11.87 72.06 -15.97
CA SER I 267 12.82 73.04 -16.46
C SER I 267 12.88 74.26 -15.55
N ARG I 268 14.09 74.80 -15.39
CA ARG I 268 14.31 76.01 -14.60
C ARG I 268 14.81 77.10 -15.53
N LYS I 269 13.94 78.07 -15.83
CA LYS I 269 14.27 79.18 -16.71
C LYS I 269 13.91 80.48 -16.02
N PRO I 270 14.75 81.52 -16.17
CA PRO I 270 16.00 81.47 -16.92
C PRO I 270 17.18 80.97 -16.09
N LEU I 271 18.10 80.24 -16.72
CA LEU I 271 19.29 79.71 -16.06
C LEU I 271 20.49 80.14 -16.90
N ASP I 272 21.08 81.28 -16.53
CA ASP I 272 22.17 81.85 -17.30
C ASP I 272 23.49 81.19 -16.91
N VAL I 273 24.18 80.66 -17.90
CA VAL I 273 25.49 80.03 -17.72
C VAL I 273 26.52 80.90 -18.41
N LYS I 274 27.47 81.42 -17.65
CA LYS I 274 28.53 82.26 -18.18
C LYS I 274 29.64 81.37 -18.72
N VAL I 275 29.82 81.39 -20.05
CA VAL I 275 30.84 80.58 -20.71
C VAL I 275 31.74 81.52 -21.51
N VAL I 276 32.79 80.94 -22.08
CA VAL I 276 33.75 81.67 -22.90
C VAL I 276 33.80 80.96 -24.27
N ILE I 277 33.18 81.56 -25.27
CA ILE I 277 33.07 80.97 -26.60
C ILE I 277 33.93 81.81 -27.54
N GLY I 278 35.05 81.23 -27.98
CA GLY I 278 35.91 81.92 -28.93
C GLY I 278 36.66 83.09 -28.32
N GLY I 279 37.05 83.00 -27.06
CA GLY I 279 37.77 84.07 -26.41
C GLY I 279 36.86 85.08 -25.75
N LYS I 280 35.64 85.22 -26.26
CA LYS I 280 34.70 86.21 -25.76
C LYS I 280 33.75 85.58 -24.75
N ALA I 281 33.42 86.34 -23.71
CA ALA I 281 32.58 85.85 -22.62
C ALA I 281 31.11 86.03 -22.99
N HIS I 282 30.41 84.92 -23.15
CA HIS I 282 28.99 84.92 -23.45
C HIS I 282 28.21 84.38 -22.26
N THR I 283 26.90 84.65 -22.25
CA THR I 283 26.00 84.21 -21.19
C THR I 283 24.86 83.45 -21.85
N LEU I 284 25.00 82.13 -21.93
CA LEU I 284 24.00 81.30 -22.58
C LEU I 284 22.82 81.05 -21.65
N GLU I 285 21.70 80.65 -22.24
CA GLU I 285 20.51 80.25 -21.51
C GLU I 285 20.35 78.75 -21.70
N LEU I 286 20.72 77.97 -20.69
CA LEU I 286 20.73 76.52 -20.77
C LEU I 286 19.81 75.88 -19.74
N GLY I 287 18.67 76.51 -19.46
CA GLY I 287 17.71 75.90 -18.56
C GLY I 287 17.13 74.64 -19.17
N ASP I 288 16.48 74.80 -20.33
CA ASP I 288 15.93 73.66 -21.03
C ASP I 288 17.01 72.68 -21.46
N THR I 289 18.20 73.18 -21.83
CA THR I 289 19.27 72.29 -22.27
C THR I 289 19.74 71.38 -21.15
N LEU I 290 20.08 71.96 -19.99
CA LEU I 290 20.49 71.16 -18.85
C LEU I 290 19.38 70.25 -18.37
N ALA I 291 18.13 70.74 -18.39
CA ALA I 291 17.02 69.89 -17.98
C ALA I 291 16.89 68.67 -18.89
N ARG I 292 16.89 68.88 -20.21
CA ARG I 292 16.75 67.78 -21.15
C ARG I 292 17.95 66.84 -21.09
N ALA I 293 19.14 67.37 -20.81
CA ALA I 293 20.32 66.51 -20.75
C ALA I 293 20.32 65.65 -19.49
N CYS I 294 19.90 66.22 -18.36
CA CYS I 294 19.99 65.48 -17.10
C CYS I 294 18.78 64.59 -16.86
N ASN I 295 17.61 64.95 -17.41
CA ASN I 295 16.44 64.10 -17.24
C ASN I 295 16.52 62.84 -18.09
N ALA I 296 17.37 62.82 -19.11
CA ALA I 296 17.60 61.58 -19.84
C ALA I 296 18.24 60.52 -18.96
N LEU I 297 19.10 60.92 -18.02
CA LEU I 297 19.64 59.96 -17.06
C LEU I 297 18.53 59.32 -16.24
N ILE I 298 17.56 60.12 -15.80
CA ILE I 298 16.44 59.58 -15.03
C ILE I 298 15.60 58.66 -15.89
N ASP I 299 15.29 59.09 -17.11
CA ASP I 299 14.53 58.27 -18.05
C ASP I 299 15.25 56.96 -18.40
N LYS I 300 16.58 56.92 -18.26
CA LYS I 300 17.33 55.69 -18.50
C LYS I 300 17.38 54.79 -17.27
N ILE I 301 17.62 55.37 -16.10
CA ILE I 301 17.85 54.56 -14.90
C ILE I 301 16.56 54.23 -14.16
N TYR I 302 15.43 54.81 -14.55
CA TYR I 302 14.20 54.50 -13.85
C TYR I 302 13.60 53.16 -14.29
N PRO I 303 13.59 52.83 -15.59
CA PRO I 303 13.16 51.48 -15.98
C PRO I 303 13.99 50.36 -15.36
N ALA I 304 15.25 50.63 -15.03
CA ALA I 304 16.08 49.67 -14.33
C ALA I 304 15.98 49.77 -12.82
N LEU I 305 15.56 50.93 -12.30
CA LEU I 305 15.25 51.03 -10.88
C LEU I 305 14.00 50.22 -10.55
N THR I 306 12.91 50.47 -11.27
CA THR I 306 11.67 49.73 -11.02
C THR I 306 11.82 48.25 -11.31
N THR I 307 12.66 47.87 -12.28
CA THR I 307 12.86 46.45 -12.57
C THR I 307 13.41 45.71 -11.36
N LEU I 308 14.42 46.27 -10.70
CA LEU I 308 14.96 45.62 -9.52
C LEU I 308 14.08 45.81 -8.29
N ILE I 309 13.29 46.88 -8.24
CA ILE I 309 12.33 47.00 -7.15
C ILE I 309 11.28 45.88 -7.25
N GLN I 310 10.87 45.54 -8.46
CA GLN I 310 9.94 44.43 -8.65
C GLN I 310 10.64 43.07 -8.69
N ARG I 311 11.96 43.04 -8.75
CA ARG I 311 12.71 41.79 -8.63
C ARG I 311 12.94 41.39 -7.18
N ALA I 312 12.87 42.34 -6.24
CA ALA I 312 13.13 42.03 -4.85
C ALA I 312 12.02 41.16 -4.27
N SER I 313 12.37 40.42 -3.20
CA SER I 313 11.39 39.58 -2.53
C SER I 313 10.29 40.44 -1.92
N SER I 314 9.05 39.96 -2.02
CA SER I 314 7.91 40.71 -1.48
C SER I 314 8.02 40.91 0.02
N ASP I 315 8.69 40.01 0.73
CA ASP I 315 8.84 40.17 2.17
C ASP I 315 9.75 41.35 2.51
N SER I 316 10.68 41.70 1.61
CA SER I 316 11.70 42.69 1.90
C SER I 316 11.60 43.95 1.06
N VAL I 317 10.64 44.04 0.13
CA VAL I 317 10.59 45.21 -0.74
C VAL I 317 10.05 46.43 -0.03
N VAL I 318 9.22 46.25 1.01
CA VAL I 318 8.69 47.39 1.74
C VAL I 318 9.79 48.12 2.48
N THR I 319 10.82 47.38 2.91
CA THR I 319 11.99 48.00 3.53
C THR I 319 12.99 48.47 2.48
N LEU I 320 13.08 47.75 1.36
CA LEU I 320 13.95 48.16 0.27
C LEU I 320 13.56 49.54 -0.24
N LEU I 321 12.26 49.81 -0.37
CA LEU I 321 11.81 51.13 -0.80
C LEU I 321 12.17 52.20 0.22
N GLN I 322 12.23 51.85 1.50
CA GLN I 322 12.65 52.81 2.51
C GLN I 322 14.15 53.01 2.52
N ASN I 323 14.92 52.07 1.99
CA ASN I 323 16.38 52.20 1.91
C ASN I 323 16.85 52.22 0.47
N ILE I 324 16.48 53.26 -0.27
CA ILE I 324 17.03 53.48 -1.61
C ILE I 324 18.08 54.57 -1.53
N ILE I 325 19.30 54.24 -1.96
CA ILE I 325 20.45 55.13 -1.80
C ILE I 325 21.10 55.36 -3.15
N ILE I 326 21.32 56.62 -3.49
CA ILE I 326 22.06 57.00 -4.70
C ILE I 326 23.48 57.35 -4.29
N THR I 327 24.45 56.71 -4.95
CA THR I 327 25.85 57.05 -4.72
C THR I 327 26.53 57.38 -6.04
N GLY I 328 27.85 57.57 -6.01
CA GLY I 328 28.57 57.96 -7.21
C GLY I 328 28.43 59.45 -7.48
N GLY I 329 29.13 59.95 -8.50
CA GLY I 329 29.05 61.36 -8.82
C GLY I 329 27.65 61.84 -9.13
N GLY I 330 26.87 61.04 -9.85
CA GLY I 330 25.52 61.42 -10.22
C GLY I 330 24.58 61.66 -9.07
N SER I 331 24.96 61.26 -7.85
CA SER I 331 24.16 61.59 -6.68
C SER I 331 24.16 63.09 -6.41
N GLN I 332 25.15 63.82 -6.90
CA GLN I 332 25.26 65.25 -6.66
C GLN I 332 24.41 66.07 -7.61
N ILE I 333 23.69 65.44 -8.53
CA ILE I 333 22.78 66.17 -9.41
C ILE I 333 21.70 66.82 -8.56
N LYS I 334 21.45 68.10 -8.80
CA LYS I 334 20.52 68.87 -7.98
C LYS I 334 19.10 68.31 -8.11
N GLY I 335 18.56 67.80 -7.00
CA GLY I 335 17.20 67.32 -6.98
C GLY I 335 16.99 65.96 -7.60
N ILE I 336 17.96 65.05 -7.47
CA ILE I 336 17.79 63.72 -8.04
C ILE I 336 17.10 62.75 -7.08
N ASP I 337 17.37 62.87 -5.77
CA ASP I 337 16.67 62.02 -4.82
C ASP I 337 15.21 62.41 -4.68
N THR I 338 14.92 63.71 -4.65
CA THR I 338 13.53 64.16 -4.60
C THR I 338 12.77 63.73 -5.84
N LEU I 339 13.38 63.88 -7.02
CA LEU I 339 12.70 63.49 -8.25
C LEU I 339 12.49 61.98 -8.32
N LEU I 340 13.49 61.20 -7.90
CA LEU I 340 13.34 59.76 -7.93
C LEU I 340 12.30 59.28 -6.93
N GLN I 341 12.27 59.87 -5.73
CA GLN I 341 11.25 59.50 -4.76
C GLN I 341 9.86 59.90 -5.24
N LYS I 342 9.75 61.05 -5.92
CA LYS I 342 8.46 61.47 -6.47
C LYS I 342 8.00 60.52 -7.57
N LYS I 343 8.92 60.14 -8.45
CA LYS I 343 8.57 59.21 -9.53
C LYS I 343 8.23 57.83 -9.00
N LEU I 344 8.82 57.43 -7.88
CA LEU I 344 8.51 56.13 -7.30
C LEU I 344 7.21 56.16 -6.52
N THR I 345 6.89 57.29 -5.89
CA THR I 345 5.62 57.42 -5.17
C THR I 345 4.45 57.54 -6.14
N GLU I 346 4.65 58.26 -7.25
CA GLU I 346 3.58 58.43 -8.23
C GLU I 346 3.25 57.10 -8.91
N ASP I 347 4.20 56.17 -8.97
CA ASP I 347 3.94 54.86 -9.57
C ASP I 347 3.28 53.89 -8.61
N GLY I 348 3.09 54.27 -7.36
CA GLY I 348 2.38 53.43 -6.41
C GLY I 348 3.23 52.59 -5.50
N PHE I 349 4.55 52.72 -5.55
CA PHE I 349 5.40 51.95 -4.66
C PHE I 349 5.17 52.39 -3.22
N GLU I 350 5.12 51.42 -2.31
CA GLU I 350 4.72 51.70 -0.94
C GLU I 350 5.73 52.57 -0.21
N SER I 351 5.48 53.89 -0.20
CA SER I 351 6.25 54.87 0.56
C SER I 351 7.75 54.72 0.34
N PRO I 352 8.26 55.03 -0.84
CA PRO I 352 9.71 54.98 -1.06
C PRO I 352 10.39 56.15 -0.37
N LYS I 353 11.65 55.92 0.00
CA LYS I 353 12.46 56.93 0.67
C LYS I 353 13.84 56.91 0.01
N VAL I 354 14.00 57.73 -1.02
CA VAL I 354 15.24 57.78 -1.77
C VAL I 354 16.22 58.72 -1.06
N ARG I 355 17.43 58.21 -0.82
CA ARG I 355 18.43 58.91 -0.04
C ARG I 355 19.72 59.06 -0.85
N LEU I 356 20.44 60.14 -0.57
CA LEU I 356 21.76 60.36 -1.12
C LEU I 356 22.82 59.70 -0.25
N ALA I 357 23.87 59.20 -0.89
CA ALA I 357 24.95 58.53 -0.17
C ALA I 357 25.57 59.46 0.87
N GLY I 358 26.12 60.58 0.41
CA GLY I 358 26.72 61.54 1.29
C GLY I 358 27.84 62.28 0.59
N HIS I 359 28.63 62.99 1.38
CA HIS I 359 29.72 63.78 0.82
C HIS I 359 30.85 62.90 0.29
N ASP I 360 31.08 61.76 0.93
CA ASP I 360 32.20 60.88 0.58
C ASP I 360 31.81 59.91 -0.53
N TYR I 361 31.10 60.39 -1.55
CA TYR I 361 30.67 59.54 -2.65
C TYR I 361 31.82 59.06 -3.53
N LYS I 362 33.01 59.63 -3.38
CA LYS I 362 34.15 59.25 -4.20
CA LYS I 362 34.13 59.22 -4.21
C LYS I 362 34.90 58.05 -3.64
N ARG I 363 34.98 57.94 -2.32
CA ARG I 363 35.73 56.87 -1.67
C ARG I 363 34.86 55.70 -1.26
N TYR I 364 33.54 55.75 -1.51
CA TYR I 364 32.67 54.68 -1.05
C TYR I 364 32.99 53.36 -1.74
N VAL I 365 33.22 53.38 -3.05
CA VAL I 365 33.64 52.16 -3.73
C VAL I 365 35.02 51.71 -3.29
N ALA I 366 35.93 52.65 -3.04
CA ALA I 366 37.26 52.27 -2.57
C ALA I 366 37.24 51.83 -1.11
N LEU I 367 36.45 52.49 -0.27
CA LEU I 367 36.26 52.01 1.10
C LEU I 367 35.68 50.60 1.12
N GLY I 368 34.67 50.34 0.28
CA GLY I 368 34.11 49.00 0.23
C GLY I 368 35.05 47.97 -0.33
N ALA I 369 35.87 48.36 -1.31
CA ALA I 369 36.83 47.42 -1.88
C ALA I 369 37.96 47.12 -0.89
N LEU I 370 38.32 48.10 -0.06
CA LEU I 370 39.30 47.85 0.98
C LEU I 370 38.71 46.99 2.09
N LYS I 371 37.43 47.19 2.42
CA LYS I 371 36.77 46.34 3.39
C LYS I 371 36.59 44.92 2.87
N ALA I 372 36.43 44.76 1.57
CA ALA I 372 36.32 43.44 0.96
C ALA I 372 37.68 42.80 0.74
N ALA I 373 38.75 43.58 0.71
CA ALA I 373 40.09 43.01 0.63
C ALA I 373 40.51 42.44 1.98
N ARG I 374 40.23 43.15 3.06
CA ARG I 374 40.56 42.68 4.39
C ARG I 374 39.68 41.52 4.83
N ALA I 375 38.50 41.37 4.24
CA ALA I 375 37.62 40.26 4.56
C ALA I 375 37.65 39.14 3.52
N ALA I 376 38.48 39.27 2.49
CA ALA I 376 38.56 38.22 1.47
C ALA I 376 39.39 37.05 1.98
N ARG I 377 38.87 35.85 1.77
CA ARG I 377 39.61 34.66 2.15
C ARG I 377 40.82 34.47 1.25
N GLU I 378 41.71 33.56 1.65
CA GLU I 378 42.89 33.28 0.85
C GLU I 378 42.54 32.67 -0.50
N ASN I 379 41.39 32.00 -0.58
CA ASN I 379 40.96 31.37 -1.83
C ASN I 379 40.12 32.30 -2.69
N GLN I 380 39.81 33.50 -2.23
CA GLN I 380 39.07 34.46 -3.03
C GLN I 380 39.95 35.27 -3.96
N TRP I 381 41.23 35.42 -3.62
CA TRP I 381 42.14 36.21 -4.44
C TRP I 381 42.46 35.49 -5.74
N GLN I 382 42.38 36.20 -6.85
CA GLN I 382 42.68 35.63 -8.15
C GLN I 382 44.13 35.93 -8.52
N VAL I 383 44.82 34.89 -8.99
CA VAL I 383 46.22 35.00 -9.37
C VAL I 383 46.31 35.51 -10.80
N LEU I 384 47.16 36.50 -11.02
CA LEU I 384 47.32 37.14 -12.33
C LEU I 384 48.61 36.64 -12.96
N LEU I 385 48.48 35.72 -13.90
CA LEU I 385 49.61 35.17 -14.65
C LEU I 385 49.43 35.47 -16.12
N GLY I 386 50.55 35.57 -16.84
CA GLY I 386 50.52 35.85 -18.26
C GLY I 386 49.94 34.73 -19.09
N THR J 34 25.85 11.95 36.01
CA THR J 34 25.12 12.76 35.04
C THR J 34 23.63 12.80 35.37
N LYS J 35 22.92 13.76 34.78
CA LYS J 35 21.49 13.91 34.99
C LYS J 35 20.73 13.60 33.71
N THR J 36 19.51 13.11 33.85
CA THR J 36 18.66 12.77 32.73
C THR J 36 17.57 13.83 32.55
N VAL J 37 17.36 14.23 31.30
CA VAL J 37 16.39 15.27 30.95
C VAL J 37 15.37 14.66 30.02
N LEU J 38 14.13 14.51 30.48
CA LEU J 38 13.06 14.03 29.63
C LEU J 38 12.50 15.19 28.81
N VAL J 39 12.43 14.99 27.50
CA VAL J 39 12.12 16.04 26.55
C VAL J 39 10.90 15.64 25.76
N GLY J 40 9.80 16.36 25.97
CA GLY J 40 8.65 16.24 25.09
C GLY J 40 8.88 17.08 23.84
N PHE J 41 9.01 16.42 22.70
CA PHE J 41 9.38 17.06 21.46
C PHE J 41 8.23 16.93 20.47
N ASP J 42 7.75 18.07 19.98
CA ASP J 42 6.71 18.12 18.95
C ASP J 42 7.40 18.63 17.70
N PHE J 43 7.85 17.71 16.86
CA PHE J 43 8.51 18.03 15.60
C PHE J 43 7.42 18.31 14.56
N GLY J 44 7.16 19.59 14.33
CA GLY J 44 6.09 19.97 13.43
C GLY J 44 6.57 20.38 12.06
N THR J 45 5.62 20.51 11.14
CA THR J 45 5.95 20.99 9.80
C THR J 45 6.11 22.50 9.77
N ASN J 46 5.33 23.23 10.57
CA ASN J 46 5.40 24.68 10.64
CA ASN J 46 5.41 24.68 10.63
C ASN J 46 6.15 25.17 11.87
N LYS J 47 5.83 24.63 13.04
CA LYS J 47 6.52 24.99 14.28
C LYS J 47 6.74 23.73 15.11
N SER J 48 7.95 23.57 15.62
CA SER J 48 8.28 22.49 16.53
C SER J 48 8.46 23.06 17.93
N CYS J 49 7.90 22.38 18.91
CA CYS J 49 7.91 22.86 20.29
C CYS J 49 8.64 21.85 21.15
N VAL J 50 9.65 22.31 21.88
CA VAL J 50 10.50 21.46 22.72
C VAL J 50 10.23 21.80 24.18
N LEU J 51 10.04 20.77 24.99
CA LEU J 51 9.85 20.91 26.43
C LEU J 51 10.81 19.97 27.14
N ALA J 52 11.44 20.47 28.19
CA ALA J 52 12.46 19.70 28.91
C ALA J 52 12.20 19.78 30.40
N GLY J 53 12.23 18.63 31.06
CA GLY J 53 12.06 18.56 32.50
C GLY J 53 12.75 17.35 33.10
N THR J 54 13.07 17.41 34.38
CA THR J 54 13.72 16.28 35.02
C THR J 54 12.69 15.20 35.37
N ALA J 55 13.19 14.09 35.89
CA ALA J 55 12.31 12.99 36.30
C ALA J 55 11.75 13.23 37.69
N GLY J 56 10.61 12.61 37.96
CA GLY J 56 9.97 12.74 39.27
C GLY J 56 9.19 14.01 39.49
N ALA J 57 9.75 15.15 39.07
CA ALA J 57 9.06 16.41 39.22
C ALA J 57 7.94 16.52 38.19
N THR J 58 7.19 17.62 38.28
CA THR J 58 6.14 17.92 37.31
C THR J 58 6.28 19.28 36.66
N ASP J 59 7.19 20.12 37.12
CA ASP J 59 7.42 21.42 36.50
C ASP J 59 8.15 21.25 35.17
N ILE J 60 8.23 22.33 34.42
CA ILE J 60 8.80 22.33 33.08
C ILE J 60 10.00 23.27 33.07
N ALA J 61 11.19 22.69 32.94
CA ALA J 61 12.41 23.50 32.95
C ALA J 61 12.50 24.37 31.71
N ILE J 62 12.48 23.75 30.52
CA ILE J 62 12.63 24.46 29.26
C ILE J 62 11.33 24.31 28.48
N SER J 63 10.88 25.40 27.85
CA SER J 63 9.69 25.38 27.00
C SER J 63 9.92 26.38 25.88
N LYS J 64 10.31 25.88 24.71
CA LYS J 64 10.61 26.72 23.55
C LYS J 64 9.70 26.32 22.39
N ILE J 65 9.32 27.30 21.58
CA ILE J 65 8.48 27.08 20.40
C ILE J 65 9.23 27.69 19.23
N VAL J 66 9.90 26.85 18.46
CA VAL J 66 10.80 27.28 17.39
C VAL J 66 10.14 26.91 16.06
N PRO J 67 9.90 27.87 15.16
CA PRO J 67 9.36 27.51 13.84
C PRO J 67 10.28 26.53 13.12
N THR J 68 9.71 25.42 12.67
CA THR J 68 10.49 24.39 12.01
C THR J 68 11.03 24.92 10.68
N VAL J 69 12.19 25.58 10.74
CA VAL J 69 12.85 26.08 9.55
C VAL J 69 14.34 26.20 9.86
N VAL J 70 15.17 25.92 8.85
CA VAL J 70 16.61 26.08 8.97
C VAL J 70 17.08 26.99 7.86
N GLY J 71 17.68 28.12 8.22
CA GLY J 71 18.19 29.04 7.24
C GLY J 71 19.68 28.94 7.10
N TYR J 72 20.15 28.47 5.95
CA TYR J 72 21.58 28.38 5.67
C TYR J 72 22.02 29.71 5.09
N VAL J 73 22.88 30.43 5.85
CA VAL J 73 23.30 31.76 5.45
C VAL J 73 23.93 31.71 4.07
N LYS J 74 23.48 32.61 3.19
CA LYS J 74 23.87 32.57 1.79
C LYS J 74 25.36 32.84 1.62
N GLU J 75 25.89 32.38 0.50
CA GLU J 75 27.31 32.54 0.21
C GLU J 75 27.62 33.99 -0.14
N GLY J 76 28.67 34.53 0.47
CA GLY J 76 29.05 35.90 0.26
C GLY J 76 28.48 36.88 1.25
N ILE J 77 27.95 36.40 2.38
CA ILE J 77 27.33 37.28 3.36
C ILE J 77 28.38 38.20 3.98
N VAL J 78 28.08 39.50 3.99
CA VAL J 78 28.95 40.48 4.61
C VAL J 78 28.94 40.28 6.12
N ASP J 79 30.10 40.50 6.75
CA ASP J 79 30.20 40.39 8.19
C ASP J 79 29.31 41.43 8.87
N GLY J 80 28.56 40.99 9.86
CA GLY J 80 27.66 41.86 10.60
C GLY J 80 26.22 41.85 10.15
N ILE J 81 25.91 41.24 9.01
CA ILE J 81 24.53 41.13 8.57
C ILE J 81 23.75 40.22 9.52
N VAL J 82 24.30 39.02 9.77
CA VAL J 82 23.72 38.07 10.71
C VAL J 82 24.43 38.23 12.05
N ALA J 83 23.65 38.42 13.11
CA ALA J 83 24.21 38.62 14.43
C ALA J 83 25.04 37.43 14.85
N GLY J 84 26.31 37.68 15.19
CA GLY J 84 27.23 36.63 15.56
C GLY J 84 27.91 35.93 14.40
N ASN J 85 27.62 36.34 13.17
CA ASN J 85 28.19 35.71 11.97
C ASN J 85 27.90 34.22 11.90
N ARG J 86 26.76 33.82 12.44
CA ARG J 86 26.35 32.42 12.36
C ARG J 86 26.04 32.04 10.92
N SER J 87 26.44 30.83 10.54
CA SER J 87 26.20 30.33 9.19
C SER J 87 24.91 29.52 9.08
N VAL J 88 24.35 29.07 10.18
CA VAL J 88 23.09 28.32 10.19
C VAL J 88 22.19 28.94 11.25
N LEU J 89 20.99 29.35 10.86
CA LEU J 89 20.03 29.98 11.74
C LEU J 89 18.82 29.08 11.90
N PHE J 90 18.19 29.12 13.07
CA PHE J 90 17.08 28.23 13.37
C PHE J 90 15.89 29.03 13.88
N GLY J 91 14.71 28.69 13.37
CA GLY J 91 13.48 29.29 13.84
C GLY J 91 13.30 30.74 13.46
N ASP J 92 12.90 31.56 14.43
CA ASP J 92 12.71 32.97 14.17
C ASP J 92 13.99 33.63 13.69
N ASP J 93 15.14 33.23 14.24
CA ASP J 93 16.42 33.76 13.78
C ASP J 93 16.64 33.50 12.29
N ALA J 94 16.02 32.46 11.75
CA ALA J 94 16.07 32.20 10.32
C ALA J 94 14.92 32.84 9.55
N LEU J 95 13.81 33.14 10.23
CA LEU J 95 12.71 33.83 9.56
C LEU J 95 12.96 35.32 9.47
N GLN J 96 13.52 35.93 10.52
CA GLN J 96 13.91 37.34 10.44
C GLN J 96 15.00 37.56 9.41
N ASN J 97 15.93 36.62 9.27
CA ASN J 97 17.01 36.70 8.30
C ASN J 97 16.74 35.81 7.10
N ARG J 98 15.49 35.74 6.65
CA ARG J 98 15.17 34.93 5.48
C ARG J 98 15.59 35.61 4.19
N LEU J 99 16.00 36.88 4.25
CA LEU J 99 16.52 37.55 3.07
C LEU J 99 17.98 37.20 2.83
N HIS J 100 18.71 36.94 3.92
CA HIS J 100 20.12 36.59 3.83
C HIS J 100 20.38 35.09 3.84
N ALA J 101 19.37 34.29 4.16
CA ALA J 101 19.54 32.86 4.31
C ALA J 101 18.60 32.11 3.38
N ARG J 102 19.08 30.97 2.87
CA ARG J 102 18.24 30.04 2.12
C ARG J 102 17.49 29.19 3.15
N LEU J 103 16.18 29.40 3.22
CA LEU J 103 15.37 28.66 4.17
C LEU J 103 14.98 27.29 3.61
N VAL J 104 15.14 26.27 4.42
CA VAL J 104 14.68 24.93 4.10
C VAL J 104 13.85 24.43 5.28
N ALA J 105 12.63 23.97 5.01
CA ALA J 105 11.77 23.41 6.03
C ALA J 105 12.18 21.96 6.24
N PRO J 106 12.68 21.59 7.43
CA PRO J 106 13.07 20.19 7.65
C PRO J 106 11.94 19.19 7.43
N MET J 107 10.70 19.61 7.66
CA MET J 107 9.57 18.68 7.69
C MET J 107 8.55 19.09 6.65
N GLU J 108 7.98 18.08 5.97
CA GLU J 108 6.90 18.30 5.02
C GLU J 108 5.91 17.15 5.15
N HIS J 109 4.63 17.50 5.27
CA HIS J 109 3.56 16.51 5.48
C HIS J 109 3.77 15.74 6.78
N GLY J 110 4.32 16.44 7.78
CA GLY J 110 4.51 15.86 9.09
C GLY J 110 5.58 14.81 9.16
N VAL J 111 6.32 14.62 8.08
CA VAL J 111 7.42 13.67 8.03
C VAL J 111 8.68 14.42 7.60
N ILE J 112 9.84 13.88 7.99
CA ILE J 112 11.10 14.54 7.68
C ILE J 112 11.37 14.44 6.19
N ALA J 113 11.44 15.60 5.54
CA ALA J 113 11.70 15.66 4.10
C ALA J 113 13.14 15.96 3.76
N HIS J 114 13.84 16.77 4.56
CA HIS J 114 15.26 17.07 4.35
C HIS J 114 16.03 16.53 5.55
N PRO J 115 16.72 15.40 5.40
CA PRO J 115 17.38 14.78 6.56
C PRO J 115 18.47 15.63 7.16
N ASP J 116 19.26 16.34 6.34
CA ASP J 116 20.36 17.13 6.87
C ASP J 116 19.85 18.36 7.63
N ALA J 117 18.93 19.11 7.03
CA ALA J 117 18.33 20.24 7.73
C ALA J 117 17.59 19.79 8.99
N ALA J 118 16.93 18.63 8.93
CA ALA J 118 16.25 18.12 10.11
C ALA J 118 17.25 17.77 11.20
N ARG J 119 18.40 17.19 10.83
CA ARG J 119 19.40 16.89 11.84
C ARG J 119 19.98 18.14 12.47
N ASP J 120 20.29 19.16 11.66
CA ASP J 120 20.72 20.43 12.21
C ASP J 120 19.68 21.03 13.15
N PHE J 121 18.40 20.92 12.77
CA PHE J 121 17.34 21.54 13.56
C PHE J 121 17.13 20.81 14.89
N VAL J 122 17.15 19.48 14.88
CA VAL J 122 17.07 18.72 16.12
C VAL J 122 18.30 18.95 16.98
N GLN J 123 19.46 19.14 16.34
CA GLN J 123 20.66 19.45 17.10
CA GLN J 123 20.67 19.46 17.10
C GLN J 123 20.55 20.80 17.81
N HIS J 124 19.95 21.79 17.14
CA HIS J 124 19.70 23.08 17.77
C HIS J 124 18.70 22.95 18.92
N LEU J 125 17.62 22.21 18.69
CA LEU J 125 16.62 22.05 19.73
C LEU J 125 17.12 21.23 20.91
N ARG J 126 18.14 20.39 20.71
CA ARG J 126 18.75 19.70 21.83
C ARG J 126 19.49 20.68 22.72
N SER J 127 20.27 21.58 22.12
CA SER J 127 20.92 22.64 22.89
C SER J 127 19.90 23.56 23.54
N LEU J 128 18.73 23.73 22.93
CA LEU J 128 17.67 24.51 23.56
C LEU J 128 17.10 23.80 24.78
N ALA J 129 16.80 22.51 24.65
CA ALA J 129 16.30 21.73 25.78
C ALA J 129 17.40 21.36 26.76
N ASP J 130 18.66 21.52 26.37
CA ASP J 130 19.79 21.17 27.23
C ASP J 130 20.89 22.20 27.02
N PRO J 131 20.81 23.34 27.71
CA PRO J 131 21.84 24.38 27.52
C PRO J 131 23.23 23.91 27.92
N SER J 132 23.35 23.04 28.92
CA SER J 132 24.66 22.54 29.30
C SER J 132 25.23 21.59 28.26
N GLY J 133 24.37 20.83 27.58
CA GLY J 133 24.83 19.92 26.56
C GLY J 133 25.50 18.67 27.07
N GLN J 134 25.41 18.39 28.38
CA GLN J 134 26.04 17.22 28.97
C GLN J 134 25.05 16.19 29.49
N ALA J 135 23.78 16.55 29.64
CA ALA J 135 22.80 15.65 30.22
C ALA J 135 22.31 14.64 29.19
N GLU J 136 21.87 13.49 29.70
CA GLU J 136 21.33 12.42 28.86
C GLU J 136 19.88 12.78 28.52
N ILE J 137 19.62 13.07 27.25
CA ILE J 137 18.28 13.46 26.82
C ILE J 137 17.48 12.20 26.50
N ARG J 138 16.24 12.16 26.99
CA ARG J 138 15.29 11.08 26.69
C ARG J 138 14.06 11.75 26.09
N ALA J 139 13.93 11.70 24.77
CA ALA J 139 12.92 12.47 24.08
C ALA J 139 11.77 11.60 23.59
N VAL J 140 10.57 12.08 23.81
CA VAL J 140 9.35 11.54 23.22
C VAL J 140 8.98 12.47 22.07
N VAL J 141 9.20 12.01 20.84
CA VAL J 141 8.94 12.83 19.67
C VAL J 141 7.57 12.47 19.12
N GLY J 142 6.82 13.48 18.69
CA GLY J 142 5.50 13.27 18.13
C GLY J 142 5.56 13.04 16.64
N VAL J 143 5.08 11.88 16.21
CA VAL J 143 4.99 11.54 14.79
C VAL J 143 3.53 11.67 14.40
N PRO J 144 3.24 11.72 13.08
CA PRO J 144 1.84 11.75 12.64
C PRO J 144 1.03 10.55 13.13
N ALA J 145 -0.26 10.53 12.79
CA ALA J 145 -1.14 9.46 13.26
C ALA J 145 -0.62 8.09 12.85
N ASN J 146 -0.70 7.77 11.57
CA ASN J 146 -0.26 6.49 11.04
C ASN J 146 1.06 6.69 10.29
N ALA J 147 2.09 7.11 11.04
CA ALA J 147 3.39 7.35 10.45
C ALA J 147 4.01 6.02 10.01
N THR J 148 4.40 5.94 8.74
CA THR J 148 5.03 4.73 8.23
C THR J 148 6.36 4.49 8.95
N GLU J 149 6.79 3.22 8.95
CA GLU J 149 8.05 2.87 9.61
C GLU J 149 9.23 3.59 8.99
N GLN J 150 9.17 3.92 7.69
CA GLN J 150 10.21 4.76 7.10
C GLN J 150 10.16 6.17 7.67
N ALA J 151 8.97 6.74 7.83
CA ALA J 151 8.83 8.07 8.41
C ALA J 151 9.21 8.11 9.88
N ARG J 152 9.19 6.96 10.56
CA ARG J 152 9.64 6.89 11.94
C ARG J 152 11.13 6.63 12.05
N GLU J 153 11.71 5.86 11.13
CA GLU J 153 13.16 5.70 11.11
C GLU J 153 13.83 6.98 10.65
N ASP J 154 13.12 7.82 9.89
CA ASP J 154 13.65 9.14 9.55
C ASP J 154 13.79 10.01 10.79
N VAL J 155 12.91 9.83 11.77
CA VAL J 155 12.97 10.62 13.00
C VAL J 155 13.96 9.99 13.98
N ARG J 156 14.03 8.67 14.03
CA ARG J 156 15.02 7.99 14.87
C ARG J 156 16.42 8.09 14.29
N ARG J 157 16.55 8.48 13.03
CA ARG J 157 17.85 8.61 12.39
C ARG J 157 18.37 10.04 12.47
N CYS J 158 17.48 11.02 12.42
CA CYS J 158 17.82 12.41 12.64
C CYS J 158 17.89 12.77 14.11
N ALA J 159 17.80 11.77 14.99
CA ALA J 159 17.92 11.96 16.43
C ALA J 159 19.03 11.12 17.03
N PHE J 160 19.69 10.28 16.24
CA PHE J 160 20.80 9.50 16.76
C PHE J 160 21.99 10.41 17.09
N GLY J 161 22.60 10.17 18.25
CA GLY J 161 23.62 11.05 18.75
C GLY J 161 23.09 12.34 19.34
N ILE J 162 21.80 12.63 19.18
CA ILE J 162 21.17 13.80 19.76
C ILE J 162 20.40 13.36 21.00
N PHE J 163 19.34 12.59 20.80
CA PHE J 163 18.58 12.02 21.91
C PHE J 163 19.14 10.63 22.22
N ASP J 164 19.40 10.37 23.50
CA ASP J 164 19.93 9.06 23.88
C ASP J 164 18.86 7.98 23.80
N ARG J 165 17.63 8.29 24.21
CA ARG J 165 16.51 7.37 24.06
C ARG J 165 15.38 8.14 23.40
N ILE J 166 14.69 7.49 22.45
CA ILE J 166 13.59 8.11 21.75
C ILE J 166 12.34 7.28 21.98
N LEU J 167 11.18 7.91 21.76
CA LEU J 167 9.90 7.24 21.88
C LEU J 167 8.92 7.99 20.99
N LEU J 168 8.45 7.33 19.93
CA LEU J 168 7.61 7.97 18.93
C LEU J 168 6.15 7.64 19.21
N ILE J 169 5.35 8.67 19.47
CA ILE J 169 3.93 8.53 19.79
C ILE J 169 3.15 9.39 18.81
N PRO J 170 1.98 8.95 18.35
CA PRO J 170 1.19 9.78 17.42
C PRO J 170 0.93 11.18 17.98
N GLU J 171 0.91 12.16 17.09
CA GLU J 171 0.79 13.56 17.44
C GLU J 171 -0.58 13.91 18.02
N PRO J 172 -1.70 13.43 17.47
CA PRO J 172 -2.99 13.76 18.10
C PRO J 172 -3.19 13.13 19.47
N PHE J 173 -2.64 11.94 19.71
CA PHE J 173 -2.71 11.38 21.05
C PHE J 173 -1.89 12.21 22.04
N LEU J 174 -0.73 12.70 21.61
CA LEU J 174 0.05 13.59 22.46
C LEU J 174 -0.67 14.91 22.68
N ALA J 175 -1.39 15.39 21.68
CA ALA J 175 -2.19 16.61 21.86
C ALA J 175 -3.30 16.38 22.88
N ALA J 176 -3.92 15.19 22.85
CA ALA J 176 -4.93 14.86 23.85
C ALA J 176 -4.30 14.75 25.24
N LEU J 177 -3.09 14.21 25.32
CA LEU J 177 -2.39 14.09 26.60
C LEU J 177 -1.95 15.43 27.15
N GLY J 178 -1.62 16.39 26.30
CA GLY J 178 -1.15 17.69 26.75
C GLY J 178 -2.29 18.65 27.02
N TYR J 179 -3.42 18.44 26.33
CA TYR J 179 -4.61 19.21 26.63
C TYR J 179 -5.19 18.84 27.99
N ARG J 180 -4.97 17.59 28.41
CA ARG J 180 -5.46 17.13 29.71
C ARG J 180 -4.87 17.96 30.83
N ASP J 181 -5.71 18.32 31.79
CA ASP J 181 -5.30 19.10 32.96
C ASP J 181 -5.20 18.15 34.16
N ASP J 182 -4.00 17.65 34.42
CA ASP J 182 -3.81 16.76 35.56
C ASP J 182 -4.04 17.45 36.89
N ALA J 183 -3.90 18.78 36.93
CA ALA J 183 -4.26 19.52 38.13
C ALA J 183 -5.76 19.53 38.36
N ARG J 184 -6.55 19.22 37.33
CA ARG J 184 -8.00 19.25 37.42
C ARG J 184 -8.61 17.86 37.27
N LEU J 185 -7.79 16.82 37.19
CA LEU J 185 -8.33 15.47 37.08
C LEU J 185 -9.05 15.07 38.36
N GLY J 186 -9.93 14.07 38.23
CA GLY J 186 -10.68 13.57 39.36
C GLY J 186 -11.93 14.37 39.66
N GLN J 187 -11.92 15.67 39.34
CA GLN J 187 -13.07 16.52 39.61
C GLN J 187 -14.25 16.10 38.75
N SER J 188 -15.45 16.46 39.20
CA SER J 188 -16.67 16.09 38.48
C SER J 188 -17.01 17.11 37.40
N ASN J 189 -16.64 18.37 37.62
CA ASN J 189 -16.94 19.44 36.67
C ASN J 189 -15.90 19.56 35.56
N TYR J 190 -15.00 18.59 35.44
CA TYR J 190 -13.95 18.60 34.42
C TYR J 190 -14.09 17.34 33.58
N ILE J 191 -14.40 17.50 32.30
CA ILE J 191 -14.48 16.38 31.39
C ILE J 191 -13.09 16.07 30.85
N ASP J 192 -12.68 14.82 30.96
CA ASP J 192 -11.33 14.43 30.60
C ASP J 192 -11.20 14.31 29.08
N PRO J 193 -10.28 15.03 28.44
CA PRO J 193 -10.14 14.91 26.98
C PRO J 193 -9.53 13.60 26.53
N VAL J 194 -9.05 12.76 27.44
CA VAL J 194 -8.43 11.48 27.07
C VAL J 194 -9.33 10.29 27.32
N VAL J 195 -10.33 10.40 28.20
CA VAL J 195 -11.15 9.23 28.55
C VAL J 195 -11.95 8.77 27.35
N ASN J 196 -12.49 9.71 26.57
CA ASN J 196 -13.28 9.38 25.39
C ASN J 196 -13.51 10.63 24.56
N SER J 197 -12.66 10.85 23.57
CA SER J 197 -12.78 12.03 22.73
C SER J 197 -12.21 11.73 21.36
N LEU J 198 -12.42 12.65 20.43
CA LEU J 198 -11.94 12.53 19.06
C LEU J 198 -11.20 13.81 18.71
N PHE J 199 -9.88 13.70 18.52
CA PHE J 199 -9.02 14.86 18.34
C PHE J 199 -8.72 15.04 16.86
N ILE J 200 -9.03 16.23 16.34
CA ILE J 200 -8.73 16.57 14.95
C ILE J 200 -7.57 17.55 14.99
N ASP J 201 -6.36 17.02 15.16
CA ASP J 201 -5.15 17.84 15.17
C ASP J 201 -4.85 18.25 13.74
N ILE J 202 -5.37 19.42 13.35
CA ILE J 202 -5.12 19.97 12.03
C ILE J 202 -3.87 20.82 12.09
N GLY J 203 -2.73 20.22 11.79
CA GLY J 203 -1.47 20.92 11.82
C GLY J 203 -1.22 21.77 10.60
N GLY J 204 0.04 21.86 10.21
CA GLY J 204 0.42 22.59 9.02
C GLY J 204 0.90 21.66 7.93
N GLY J 205 1.22 20.42 8.30
CA GLY J 205 1.62 19.43 7.32
C GLY J 205 0.59 18.35 7.15
N THR J 206 0.19 17.72 8.26
CA THR J 206 -0.86 16.71 8.27
C THR J 206 -2.01 17.17 9.14
N SER J 207 -3.17 16.58 8.91
CA SER J 207 -4.37 16.79 9.72
C SER J 207 -4.79 15.42 10.24
N ASP J 208 -4.33 15.07 11.44
CA ASP J 208 -4.53 13.75 12.00
C ASP J 208 -5.75 13.75 12.91
N ILE J 209 -6.72 12.89 12.61
CA ILE J 209 -7.85 12.64 13.49
C ILE J 209 -7.57 11.35 14.25
N CYS J 210 -7.92 11.33 15.53
CA CYS J 210 -7.57 10.21 16.39
C CYS J 210 -8.70 9.97 17.39
N LEU J 211 -9.06 8.71 17.57
CA LEU J 211 -10.00 8.27 18.59
C LEU J 211 -9.25 8.07 19.89
N VAL J 212 -9.21 9.09 20.73
CA VAL J 212 -8.48 9.01 21.99
C VAL J 212 -9.44 8.48 23.05
N GLN J 213 -9.31 7.19 23.38
CA GLN J 213 -10.27 6.50 24.22
C GLN J 213 -9.64 5.99 25.50
N GLY J 214 -8.63 6.68 26.02
CA GLY J 214 -8.03 6.39 27.29
C GLY J 214 -6.70 5.66 27.20
N TYR J 215 -6.44 4.98 26.10
CA TYR J 215 -5.24 4.18 25.94
C TYR J 215 -4.50 4.60 24.68
N PHE J 216 -3.33 4.02 24.48
CA PHE J 216 -2.54 4.26 23.28
C PHE J 216 -3.34 3.85 22.04
N PRO J 217 -3.61 4.76 21.12
CA PRO J 217 -4.52 4.44 20.01
C PRO J 217 -3.89 3.46 19.03
N GLY J 218 -4.71 2.51 18.58
CA GLY J 218 -4.27 1.57 17.58
C GLY J 218 -4.19 2.19 16.20
N PRO J 219 -3.69 1.40 15.25
CA PRO J 219 -3.60 1.89 13.86
C PRO J 219 -4.94 2.20 13.23
N ASP J 220 -6.03 1.64 13.74
CA ASP J 220 -7.36 1.91 13.20
C ASP J 220 -8.08 3.03 13.94
N ASP J 221 -7.54 3.49 15.07
CA ASP J 221 -8.12 4.58 15.83
C ASP J 221 -7.70 5.95 15.33
N GLN J 222 -6.92 6.02 14.25
CA GLN J 222 -6.39 7.29 13.78
C GLN J 222 -6.24 7.26 12.27
N ILE J 223 -6.50 8.42 11.65
CA ILE J 223 -6.29 8.62 10.22
C ILE J 223 -5.49 9.91 10.03
N SER J 224 -4.46 9.85 9.20
CA SER J 224 -3.63 11.00 8.88
C SER J 224 -3.83 11.38 7.42
N ILE J 225 -4.18 12.63 7.19
CA ILE J 225 -4.35 13.18 5.84
C ILE J 225 -3.26 14.21 5.61
N PRO J 226 -2.43 14.07 4.59
CA PRO J 226 -1.38 15.05 4.30
C PRO J 226 -1.90 16.37 3.71
N PHE J 227 -3.01 16.84 4.27
CA PHE J 227 -3.64 18.08 3.82
C PHE J 227 -3.94 18.92 5.05
N ALA J 228 -3.20 20.02 5.22
CA ALA J 228 -3.41 20.86 6.39
C ALA J 228 -3.06 22.30 6.01
N GLY J 229 -2.28 22.98 6.86
CA GLY J 229 -1.98 24.37 6.62
C GLY J 229 -1.15 24.61 5.38
N ASP J 230 -0.14 23.77 5.14
CA ASP J 230 0.68 23.95 3.94
C ASP J 230 -0.09 23.64 2.67
N ALA J 231 -1.03 22.70 2.73
CA ALA J 231 -1.89 22.44 1.58
C ALA J 231 -2.82 23.60 1.26
N ILE J 232 -3.38 24.27 2.27
CA ILE J 232 -4.17 25.46 2.01
C ILE J 232 -3.29 26.60 1.50
N ASP J 233 -2.07 26.71 2.03
CA ASP J 233 -1.13 27.69 1.50
C ASP J 233 -0.83 27.43 0.03
N GLN J 234 -0.66 26.16 -0.34
CA GLN J 234 -0.40 25.82 -1.74
C GLN J 234 -1.61 26.13 -2.61
N LEU J 235 -2.81 25.81 -2.12
CA LEU J 235 -4.02 26.13 -2.87
C LEU J 235 -4.19 27.63 -3.08
N LEU J 236 -3.91 28.43 -2.05
CA LEU J 236 -3.94 29.88 -2.20
C LEU J 236 -2.85 30.39 -3.15
N GLN J 237 -1.65 29.80 -3.10
CA GLN J 237 -0.61 30.16 -4.05
C GLN J 237 -1.04 29.88 -5.48
N GLU J 238 -1.68 28.73 -5.72
CA GLU J 238 -2.14 28.43 -7.06
C GLU J 238 -3.28 29.37 -7.48
N GLU J 239 -4.23 29.63 -6.59
CA GLU J 239 -5.33 30.52 -6.92
C GLU J 239 -4.90 31.97 -7.06
N LEU J 240 -3.73 32.34 -6.56
CA LEU J 240 -3.19 33.68 -6.74
C LEU J 240 -2.30 33.80 -7.97
N ASN J 241 -1.46 32.79 -8.25
CA ASN J 241 -0.71 32.78 -9.49
C ASN J 241 -1.58 32.47 -10.70
N ARG J 242 -2.85 32.14 -10.49
CA ARG J 242 -3.78 31.90 -11.58
C ARG J 242 -4.61 33.12 -11.92
N THR J 243 -4.93 33.96 -10.93
CA THR J 243 -5.67 35.19 -11.15
C THR J 243 -4.80 36.42 -11.16
N TYR J 244 -3.80 36.49 -10.29
CA TYR J 244 -2.84 37.60 -10.24
C TYR J 244 -1.46 37.04 -10.56
N PRO J 245 -1.17 36.84 -11.84
CA PRO J 245 0.06 36.13 -12.21
C PRO J 245 1.30 36.94 -11.88
N ASN J 246 2.38 36.22 -11.57
CA ASN J 246 3.66 36.83 -11.22
C ASN J 246 3.48 37.85 -10.10
N ASN J 247 2.68 37.48 -9.10
CA ASN J 247 2.46 38.38 -7.98
C ASN J 247 3.68 38.46 -7.07
N GLY J 248 4.52 37.43 -7.07
CA GLY J 248 5.70 37.41 -6.25
C GLY J 248 5.46 37.21 -4.77
N LEU J 249 4.22 37.02 -4.35
CA LEU J 249 3.94 36.76 -2.94
C LEU J 249 4.56 35.44 -2.53
N SER J 250 5.48 35.49 -1.57
CA SER J 250 6.12 34.28 -1.08
C SER J 250 5.12 33.43 -0.31
N LEU J 251 5.51 32.18 -0.06
CA LEU J 251 4.66 31.29 0.73
C LEU J 251 4.48 31.82 2.15
N HIS J 252 5.50 32.50 2.68
CA HIS J 252 5.41 33.09 4.02
C HIS J 252 4.41 34.23 4.10
N LYS J 253 4.05 34.84 2.98
CA LYS J 253 3.02 35.87 2.95
CA LYS J 253 3.02 35.88 2.96
C LYS J 253 1.65 35.34 2.57
N VAL J 254 1.60 34.37 1.64
CA VAL J 254 0.36 33.67 1.36
C VAL J 254 -0.11 32.90 2.59
N ARG J 255 0.79 32.58 3.50
CA ARG J 255 0.44 31.96 4.78
C ARG J 255 -0.13 32.98 5.76
N GLU J 256 0.44 34.18 5.83
CA GLU J 256 -0.12 35.23 6.68
C GLU J 256 -1.49 35.68 6.17
N ILE J 257 -1.69 35.72 4.86
CA ILE J 257 -3.01 36.02 4.31
C ILE J 257 -4.03 35.02 4.84
N LYS J 258 -3.68 33.74 4.84
CA LYS J 258 -4.60 32.70 5.31
C LYS J 258 -4.80 32.78 6.82
N GLU J 259 -3.73 33.06 7.58
CA GLU J 259 -3.85 33.14 9.03
C GLU J 259 -4.68 34.33 9.46
N ALA J 260 -4.62 35.44 8.71
CA ALA J 260 -5.34 36.65 9.07
C ALA J 260 -6.76 36.69 8.53
N HIS J 261 -7.01 36.09 7.36
CA HIS J 261 -8.31 36.19 6.72
C HIS J 261 -8.91 34.85 6.32
N GLY J 262 -8.15 33.76 6.37
CA GLY J 262 -8.68 32.48 5.97
C GLY J 262 -9.83 32.03 6.86
N TYR J 263 -10.83 31.42 6.22
CA TYR J 263 -12.06 31.05 6.90
C TYR J 263 -12.68 29.87 6.16
N VAL J 264 -13.43 29.06 6.90
CA VAL J 264 -14.21 27.98 6.31
C VAL J 264 -15.69 28.30 6.46
N GLY J 265 -16.48 27.80 5.53
CA GLY J 265 -17.90 28.06 5.50
C GLY J 265 -18.31 28.74 4.22
N PRO J 266 -19.47 29.41 4.23
CA PRO J 266 -19.90 30.14 3.04
C PRO J 266 -18.94 31.28 2.72
N SER J 267 -18.92 31.67 1.45
CA SER J 267 -18.02 32.72 1.01
C SER J 267 -18.36 34.04 1.68
N ARG J 268 -17.32 34.80 2.00
CA ARG J 268 -17.46 36.12 2.61
C ARG J 268 -16.91 37.16 1.65
N LYS J 269 -17.81 37.88 0.97
CA LYS J 269 -17.43 38.91 0.02
C LYS J 269 -18.15 40.20 0.37
N PRO J 270 -17.48 41.35 0.26
CA PRO J 270 -16.07 41.45 -0.15
C PRO J 270 -15.11 41.30 1.02
N LEU J 271 -13.96 40.67 0.78
CA LEU J 271 -12.92 40.49 1.79
C LEU J 271 -11.62 41.03 1.19
N ASP J 272 -11.35 42.30 1.46
CA ASP J 272 -10.19 42.96 0.88
C ASP J 272 -8.93 42.62 1.67
N VAL J 273 -7.94 42.08 0.96
CA VAL J 273 -6.65 41.71 1.54
C VAL J 273 -5.61 42.68 0.97
N LYS J 274 -4.94 43.41 1.85
CA LYS J 274 -3.92 44.37 1.45
C LYS J 274 -2.59 43.64 1.31
N VAL J 275 -2.10 43.55 0.08
CA VAL J 275 -0.84 42.86 -0.22
C VAL J 275 0.10 43.85 -0.90
N VAL J 276 1.32 43.39 -1.16
CA VAL J 276 2.35 44.18 -1.82
C VAL J 276 2.85 43.35 -2.99
N ILE J 277 2.45 43.74 -4.20
CA ILE J 277 2.78 43.00 -5.43
C ILE J 277 3.70 43.88 -6.25
N GLY J 278 4.97 43.49 -6.33
CA GLY J 278 5.93 44.23 -7.13
C GLY J 278 6.32 45.56 -6.54
N GLY J 279 6.37 45.66 -5.21
CA GLY J 279 6.72 46.91 -4.57
C GLY J 279 5.52 47.80 -4.32
N LYS J 280 4.49 47.65 -5.14
CA LYS J 280 3.30 48.49 -5.06
C LYS J 280 2.24 47.82 -4.18
N ALA J 281 1.53 48.64 -3.41
CA ALA J 281 0.53 48.16 -2.47
C ALA J 281 -0.80 47.99 -3.19
N HIS J 282 -1.27 46.75 -3.27
CA HIS J 282 -2.54 46.44 -3.92
C HIS J 282 -3.52 45.91 -2.89
N THR J 283 -4.80 45.94 -3.25
CA THR J 283 -5.88 45.46 -2.38
C THR J 283 -6.69 44.44 -3.17
N LEU J 284 -6.38 43.17 -2.96
CA LEU J 284 -7.07 42.11 -3.68
C LEU J 284 -8.38 41.76 -3.00
N GLU J 285 -9.25 41.08 -3.75
CA GLU J 285 -10.51 40.55 -3.23
C GLU J 285 -10.37 39.04 -3.20
N LEU J 286 -10.13 38.50 -2.00
CA LEU J 286 -9.83 37.09 -1.82
C LEU J 286 -10.88 36.36 -0.99
N GLY J 287 -12.11 36.85 -1.02
CA GLY J 287 -13.17 36.16 -0.30
C GLY J 287 -13.39 34.76 -0.82
N ASP J 288 -13.74 34.65 -2.10
CA ASP J 288 -13.90 33.34 -2.72
C ASP J 288 -12.59 32.55 -2.71
N THR J 289 -11.45 33.23 -2.87
CA THR J 289 -10.18 32.53 -2.90
C THR J 289 -9.90 31.84 -1.57
N LEU J 290 -9.96 32.58 -0.47
CA LEU J 290 -9.74 32.00 0.84
C LEU J 290 -10.81 30.97 1.18
N ALA J 291 -12.04 31.21 0.73
CA ALA J 291 -13.11 30.24 0.96
C ALA J 291 -12.80 28.90 0.32
N ARG J 292 -12.48 28.90 -0.98
CA ARG J 292 -12.17 27.66 -1.67
C ARG J 292 -10.88 27.03 -1.15
N ALA J 293 -9.92 27.84 -0.70
CA ALA J 293 -8.69 27.28 -0.17
C ALA J 293 -8.90 26.59 1.16
N CYS J 294 -9.73 27.17 2.03
CA CYS J 294 -9.87 26.62 3.37
C CYS J 294 -10.95 25.55 3.45
N ASN J 295 -11.99 25.62 2.60
CA ASN J 295 -13.01 24.58 2.62
C ASN J 295 -12.51 23.26 2.04
N ALA J 296 -11.42 23.29 1.26
CA ALA J 296 -10.82 22.04 0.84
C ALA J 296 -10.29 21.24 2.01
N LEU J 297 -9.77 21.92 3.04
CA LEU J 297 -9.36 21.21 4.24
C LEU J 297 -10.53 20.48 4.89
N ILE J 298 -11.69 21.14 4.96
CA ILE J 298 -12.87 20.52 5.53
C ILE J 298 -13.31 19.34 4.68
N ASP J 299 -13.35 19.53 3.36
CA ASP J 299 -13.72 18.45 2.45
C ASP J 299 -12.74 17.28 2.49
N LYS J 300 -11.50 17.50 2.92
CA LYS J 300 -10.53 16.43 3.06
C LYS J 300 -10.64 15.72 4.40
N ILE J 301 -10.81 16.48 5.48
CA ILE J 301 -10.78 15.90 6.81
C ILE J 301 -12.15 15.42 7.29
N TYR J 302 -13.20 15.70 6.54
CA TYR J 302 -14.52 15.24 6.95
C TYR J 302 -14.77 13.76 6.65
N PRO J 303 -14.38 13.26 5.46
CA PRO J 303 -14.51 11.81 5.23
C PRO J 303 -13.73 10.97 6.21
N ALA J 304 -12.64 11.49 6.78
CA ALA J 304 -11.90 10.80 7.82
C ALA J 304 -12.42 11.12 9.21
N LEU J 305 -13.11 12.25 9.38
CA LEU J 305 -13.79 12.54 10.62
C LEU J 305 -14.93 11.55 10.85
N THR J 306 -15.85 11.47 9.88
CA THR J 306 -16.98 10.55 9.99
C THR J 306 -16.54 9.10 9.98
N THR J 307 -15.42 8.77 9.31
CA THR J 307 -14.93 7.40 9.33
C THR J 307 -14.59 6.94 10.75
N LEU J 308 -13.89 7.78 11.51
CA LEU J 308 -13.59 7.41 12.89
C LEU J 308 -14.79 7.57 13.80
N ILE J 309 -15.71 8.48 13.49
CA ILE J 309 -16.94 8.56 14.27
C ILE J 309 -17.73 7.26 14.14
N GLN J 310 -17.73 6.67 12.95
CA GLN J 310 -18.41 5.40 12.73
C GLN J 310 -17.56 4.19 13.10
N ARG J 311 -16.26 4.39 13.34
CA ARG J 311 -15.41 3.31 13.82
C ARG J 311 -15.49 3.14 15.33
N ALA J 312 -15.95 4.15 16.06
CA ALA J 312 -16.02 4.07 17.51
C ALA J 312 -17.10 3.08 17.94
N SER J 313 -16.94 2.56 19.15
CA SER J 313 -17.93 1.64 19.71
C SER J 313 -19.26 2.36 19.89
N SER J 314 -20.35 1.65 19.60
CA SER J 314 -21.67 2.24 19.73
C SER J 314 -21.98 2.66 21.17
N ASP J 315 -21.35 1.99 22.15
CA ASP J 315 -21.59 2.36 23.54
C ASP J 315 -21.00 3.72 23.88
N SER J 316 -19.95 4.14 23.17
CA SER J 316 -19.21 5.34 23.51
C SER J 316 -19.28 6.44 22.46
N VAL J 317 -19.96 6.22 21.33
CA VAL J 317 -19.96 7.23 20.27
C VAL J 317 -20.84 8.42 20.63
N VAL J 318 -21.87 8.22 21.46
CA VAL J 318 -22.73 9.32 21.84
C VAL J 318 -21.97 10.32 22.70
N THR J 319 -21.00 9.84 23.46
CA THR J 319 -20.12 10.73 24.23
C THR J 319 -18.98 11.24 23.37
N LEU J 320 -18.50 10.42 22.45
CA LEU J 320 -17.45 10.85 21.52
C LEU J 320 -17.88 12.07 20.73
N LEU J 321 -19.13 12.07 20.25
CA LEU J 321 -19.63 13.23 19.50
C LEU J 321 -19.73 14.46 20.37
N GLN J 322 -19.98 14.29 21.67
CA GLN J 322 -20.00 15.44 22.57
C GLN J 322 -18.60 15.90 22.92
N ASN J 323 -17.59 15.05 22.75
CA ASN J 323 -16.21 15.42 23.04
C ASN J 323 -15.36 15.37 21.77
N ILE J 324 -15.70 16.18 20.78
CA ILE J 324 -14.87 16.33 19.60
C ILE J 324 -14.05 17.60 19.73
N ILE J 325 -12.74 17.48 19.67
CA ILE J 325 -11.82 18.57 19.96
C ILE J 325 -10.90 18.78 18.78
N ILE J 326 -10.75 20.03 18.35
CA ILE J 326 -9.86 20.41 17.27
C ILE J 326 -8.63 21.08 17.84
N THR J 327 -7.46 20.55 17.54
CA THR J 327 -6.21 21.16 17.99
C THR J 327 -5.29 21.44 16.81
N GLY J 328 -4.07 21.87 17.10
CA GLY J 328 -3.15 22.23 16.03
C GLY J 328 -3.41 23.62 15.51
N GLY J 329 -2.53 24.10 14.62
CA GLY J 329 -2.73 25.43 14.04
C GLY J 329 -4.06 25.58 13.33
N GLY J 330 -4.49 24.56 12.60
CA GLY J 330 -5.73 24.61 11.86
C GLY J 330 -6.97 24.80 12.72
N SER J 331 -6.86 24.60 14.03
CA SER J 331 -7.98 24.91 14.91
C SER J 331 -8.27 26.40 14.95
N GLN J 332 -7.28 27.24 14.64
CA GLN J 332 -7.44 28.68 14.66
C GLN J 332 -8.14 29.21 13.41
N ILE J 333 -8.51 28.34 12.47
CA ILE J 333 -9.23 28.80 11.29
C ILE J 333 -10.58 29.35 11.71
N LYS J 334 -10.94 30.51 11.17
CA LYS J 334 -12.16 31.21 11.57
C LYS J 334 -13.39 30.38 11.25
N GLY J 335 -14.07 29.91 12.30
CA GLY J 335 -15.32 29.19 12.13
C GLY J 335 -15.18 27.75 11.69
N ILE J 336 -14.15 27.05 12.15
CA ILE J 336 -13.98 25.65 11.78
C ILE J 336 -14.73 24.72 12.72
N ASP J 337 -14.79 25.02 14.02
CA ASP J 337 -15.58 24.22 14.93
C ASP J 337 -17.06 24.33 14.65
N THR J 338 -17.56 25.53 14.38
CA THR J 338 -18.97 25.69 14.03
C THR J 338 -19.31 24.97 12.73
N LEU J 339 -18.44 25.07 11.72
CA LEU J 339 -18.71 24.40 10.45
C LEU J 339 -18.70 22.89 10.61
N LEU J 340 -17.74 22.36 11.36
CA LEU J 340 -17.69 20.92 11.54
C LEU J 340 -18.86 20.41 12.37
N GLN J 341 -19.26 21.16 13.39
CA GLN J 341 -20.44 20.77 14.17
C GLN J 341 -21.70 20.83 13.32
N LYS J 342 -21.80 21.83 12.45
CA LYS J 342 -22.96 21.92 11.56
C LYS J 342 -22.98 20.76 10.57
N LYS J 343 -21.82 20.41 10.01
CA LYS J 343 -21.77 19.31 9.05
C LYS J 343 -22.03 17.96 9.72
N LEU J 344 -21.66 17.83 10.99
CA LEU J 344 -21.94 16.58 11.70
C LEU J 344 -23.39 16.51 12.15
N THR J 345 -24.01 17.65 12.45
CA THR J 345 -25.42 17.66 12.83
C THR J 345 -26.30 17.40 11.62
N GLU J 346 -25.95 18.00 10.47
CA GLU J 346 -26.75 17.81 9.26
C GLU J 346 -26.70 16.37 8.77
N ASP J 347 -25.62 15.65 9.07
CA ASP J 347 -25.49 14.26 8.66
C ASP J 347 -26.22 13.30 9.58
N GLY J 348 -26.81 13.78 10.67
CA GLY J 348 -27.60 12.94 11.55
C GLY J 348 -26.88 12.40 12.75
N PHE J 349 -25.62 12.78 12.98
CA PHE J 349 -24.91 12.34 14.16
C PHE J 349 -25.57 12.90 15.41
N GLU J 350 -25.70 12.06 16.43
CA GLU J 350 -26.48 12.43 17.61
C GLU J 350 -25.82 13.55 18.41
N SER J 351 -26.29 14.78 18.15
CA SER J 351 -25.89 15.98 18.90
C SER J 351 -24.39 16.09 19.05
N PRO J 352 -23.65 16.32 17.97
CA PRO J 352 -22.21 16.52 18.09
C PRO J 352 -21.90 17.88 18.73
N LYS J 353 -20.71 17.95 19.33
CA LYS J 353 -20.25 19.19 19.96
C LYS J 353 -18.76 19.32 19.66
N VAL J 354 -18.45 20.00 18.56
CA VAL J 354 -17.07 20.21 18.16
C VAL J 354 -16.50 21.39 18.94
N ARG J 355 -15.37 21.16 19.59
CA ARG J 355 -14.72 22.12 20.47
C ARG J 355 -13.32 22.41 19.98
N LEU J 356 -12.87 23.63 20.20
CA LEU J 356 -11.50 24.03 19.91
C LEU J 356 -10.61 23.70 21.11
N ALA J 357 -9.36 23.34 20.83
CA ALA J 357 -8.42 22.99 21.88
C ALA J 357 -8.27 24.13 22.87
N GLY J 358 -7.80 25.27 22.39
CA GLY J 358 -7.62 26.43 23.23
C GLY J 358 -6.52 27.30 22.69
N HIS J 359 -6.08 28.25 23.52
CA HIS J 359 -5.03 29.18 23.11
C HIS J 359 -3.68 28.48 22.99
N ASP J 360 -3.41 27.51 23.85
CA ASP J 360 -2.12 26.84 23.90
C ASP J 360 -2.09 25.63 22.97
N TYR J 361 -2.49 25.82 21.71
CA TYR J 361 -2.51 24.75 20.74
C TYR J 361 -1.13 24.37 20.24
N LYS J 362 -0.10 25.17 20.55
CA LYS J 362 1.25 24.90 20.07
CA LYS J 362 1.24 24.88 20.06
C LYS J 362 2.01 23.97 21.00
N ARG J 363 1.77 24.06 22.31
CA ARG J 363 2.49 23.25 23.28
C ARG J 363 1.74 21.99 23.66
N TYR J 364 0.57 21.73 23.07
CA TYR J 364 -0.22 20.57 23.49
C TYR J 364 0.47 19.27 23.13
N VAL J 365 1.02 19.16 21.93
CA VAL J 365 1.76 17.96 21.57
C VAL J 365 3.04 17.84 22.38
N ALA J 366 3.72 18.94 22.66
CA ALA J 366 4.92 18.88 23.48
C ALA J 366 4.59 18.62 24.95
N LEU J 367 3.49 19.21 25.45
CA LEU J 367 3.04 18.90 26.80
C LEU J 367 2.69 17.43 26.94
N GLY J 368 1.98 16.86 25.96
CA GLY J 368 1.66 15.45 26.01
C GLY J 368 2.87 14.55 25.85
N ALA J 369 3.84 14.96 25.03
CA ALA J 369 5.05 14.17 24.88
C ALA J 369 5.89 14.20 26.14
N LEU J 370 5.88 15.33 26.87
CA LEU J 370 6.57 15.38 28.14
C LEU J 370 5.84 14.58 29.21
N LYS J 371 4.51 14.62 29.20
CA LYS J 371 3.74 13.81 30.14
C LYS J 371 3.91 12.33 29.86
N ALA J 372 4.13 11.95 28.61
CA ALA J 372 4.36 10.56 28.25
C ALA J 372 5.82 10.15 28.43
N ALA J 373 6.74 11.11 28.45
CA ALA J 373 8.13 10.78 28.76
C ALA J 373 8.30 10.50 30.24
N ARG J 374 7.67 11.32 31.10
CA ARG J 374 7.73 11.10 32.54
C ARG J 374 6.97 9.86 32.96
N ALA J 375 6.00 9.40 32.17
CA ALA J 375 5.25 8.19 32.47
C ALA J 375 5.71 6.98 31.66
N ALA J 376 6.75 7.12 30.83
CA ALA J 376 7.24 6.00 30.05
C ALA J 376 8.06 5.07 30.92
N ARG J 377 7.80 3.77 30.82
CA ARG J 377 8.58 2.79 31.54
C ARG J 377 9.99 2.70 30.97
N GLU J 378 10.88 2.07 31.73
CA GLU J 378 12.26 1.93 31.27
C GLU J 378 12.35 1.06 30.02
N ASN J 379 11.42 0.13 29.85
CA ASN J 379 11.41 -0.73 28.67
C ASN J 379 10.68 -0.11 27.49
N GLN J 380 10.07 1.06 27.66
CA GLN J 380 9.41 1.75 26.57
C GLN J 380 10.34 2.61 25.75
N TRP J 381 11.47 3.03 26.34
CA TRP J 381 12.41 3.89 25.64
C TRP J 381 13.17 3.09 24.58
N GLN J 382 13.31 3.68 23.39
CA GLN J 382 14.01 3.03 22.30
C GLN J 382 15.44 3.53 22.22
N VAL J 383 16.38 2.59 22.12
CA VAL J 383 17.80 2.91 22.04
C VAL J 383 18.14 3.24 20.60
N LEU J 384 18.89 4.32 20.41
CA LEU J 384 19.29 4.79 19.08
C LEU J 384 20.75 4.46 18.88
N LEU J 385 21.02 3.41 18.11
CA LEU J 385 22.37 2.98 17.79
C LEU J 385 22.61 3.10 16.29
N GLY J 386 23.86 3.35 15.91
CA GLY J 386 24.21 3.50 14.52
C GLY J 386 25.63 4.02 14.33
N THR K 34 -9.78 -17.30 64.58
CA THR K 34 -10.38 -16.90 63.31
C THR K 34 -11.89 -17.15 63.31
N LYS K 35 -12.60 -16.48 62.42
CA LYS K 35 -14.04 -16.64 62.30
C LYS K 35 -14.40 -17.27 60.96
N THR K 36 -15.51 -17.99 60.95
CA THR K 36 -16.01 -18.63 59.74
C THR K 36 -17.14 -17.82 59.13
N VAL K 37 -17.07 -17.62 57.82
CA VAL K 37 -18.05 -16.82 57.09
C VAL K 37 -18.70 -17.72 56.05
N LEU K 38 -20.00 -18.00 56.23
CA LEU K 38 -20.74 -18.79 55.26
C LEU K 38 -21.22 -17.89 54.14
N VAL K 39 -20.89 -18.26 52.91
CA VAL K 39 -21.11 -17.42 51.74
C VAL K 39 -22.05 -18.15 50.79
N GLY K 40 -23.24 -17.60 50.60
CA GLY K 40 -24.10 -18.03 49.54
C GLY K 40 -23.70 -17.36 48.24
N PHE K 41 -23.15 -18.14 47.32
CA PHE K 41 -22.56 -17.61 46.10
C PHE K 41 -23.40 -18.06 44.91
N ASP K 42 -23.90 -17.10 44.14
CA ASP K 42 -24.64 -17.37 42.91
C ASP K 42 -23.74 -16.89 41.79
N PHE K 43 -22.93 -17.80 41.24
CA PHE K 43 -22.04 -17.51 40.13
C PHE K 43 -22.87 -17.54 38.86
N GLY K 44 -23.26 -16.37 38.39
CA GLY K 44 -24.12 -16.27 37.24
C GLY K 44 -23.37 -16.06 35.94
N THR K 45 -24.08 -16.29 34.82
CA THR K 45 -23.52 -15.98 33.52
C THR K 45 -23.55 -14.49 33.23
N ASN K 46 -24.60 -13.80 33.68
CA ASN K 46 -24.75 -12.37 33.48
CA ASN K 46 -24.74 -12.36 33.48
C ASN K 46 -24.40 -11.57 34.73
N LYS K 47 -24.88 -12.00 35.90
CA LYS K 47 -24.58 -11.35 37.17
C LYS K 47 -24.45 -12.41 38.25
N SER K 48 -23.41 -12.30 39.05
CA SER K 48 -23.24 -13.11 40.24
C SER K 48 -23.72 -12.31 41.44
N CYS K 49 -24.15 -13.01 42.48
CA CYS K 49 -24.60 -12.38 43.71
C CYS K 49 -23.99 -13.14 44.88
N VAL K 50 -23.26 -12.41 45.73
CA VAL K 50 -22.53 -13.01 46.84
C VAL K 50 -23.12 -12.50 48.15
N LEU K 51 -23.44 -13.43 49.04
CA LEU K 51 -23.93 -13.12 50.37
C LEU K 51 -23.02 -13.76 51.40
N ALA K 52 -22.76 -13.02 52.48
CA ALA K 52 -21.87 -13.49 53.54
C ALA K 52 -22.55 -13.30 54.88
N GLY K 53 -22.52 -14.33 55.71
CA GLY K 53 -23.07 -14.26 57.05
C GLY K 53 -22.35 -15.17 58.01
N THR K 54 -22.39 -14.84 59.30
CA THR K 54 -21.75 -15.68 60.29
C THR K 54 -22.58 -16.93 60.57
N ALA K 55 -22.01 -17.84 61.34
CA ALA K 55 -22.72 -19.07 61.69
C ALA K 55 -23.68 -18.82 62.85
N GLY K 56 -24.75 -19.61 62.87
CA GLY K 56 -25.74 -19.49 63.94
C GLY K 56 -26.74 -18.38 63.79
N ALA K 57 -26.30 -17.22 63.33
CA ALA K 57 -27.19 -16.09 63.13
C ALA K 57 -28.07 -16.32 61.90
N THR K 58 -28.96 -15.36 61.63
CA THR K 58 -29.80 -15.39 60.45
C THR K 58 -29.75 -14.12 59.62
N ASP K 59 -29.11 -13.07 60.11
CA ASP K 59 -28.99 -11.84 59.35
C ASP K 59 -27.97 -12.01 58.23
N ILE K 60 -27.98 -11.06 57.30
CA ILE K 60 -27.15 -11.12 56.11
C ILE K 60 -26.13 -9.98 56.21
N ALA K 61 -24.88 -10.34 56.48
CA ALA K 61 -23.85 -9.32 56.69
C ALA K 61 -23.51 -8.62 55.38
N ILE K 62 -23.08 -9.37 54.37
CA ILE K 62 -22.69 -8.82 53.08
C ILE K 62 -23.68 -9.32 52.04
N SER K 63 -24.09 -8.43 51.13
CA SER K 63 -24.99 -8.79 50.03
C SER K 63 -24.64 -7.92 48.84
N LYS K 64 -23.89 -8.47 47.89
CA LYS K 64 -23.42 -7.74 46.73
C LYS K 64 -23.93 -8.42 45.46
N ILE K 65 -24.25 -7.62 44.45
CA ILE K 65 -24.69 -8.11 43.16
C ILE K 65 -23.73 -7.53 42.12
N VAL K 66 -22.81 -8.34 41.65
CA VAL K 66 -21.73 -7.92 40.75
C VAL K 66 -21.96 -8.57 39.40
N PRO K 67 -22.09 -7.79 38.32
CA PRO K 67 -22.22 -8.40 36.99
C PRO K 67 -21.01 -9.27 36.69
N THR K 68 -21.27 -10.53 36.31
CA THR K 68 -20.19 -11.46 36.06
C THR K 68 -19.42 -11.03 34.81
N VAL K 69 -18.44 -10.14 35.01
CA VAL K 69 -17.58 -9.68 33.93
C VAL K 69 -16.27 -9.23 34.55
N VAL K 70 -15.18 -9.43 33.81
CA VAL K 70 -13.85 -9.00 34.23
C VAL K 70 -13.26 -8.14 33.12
N GLY K 71 -12.91 -6.91 33.46
CA GLY K 71 -12.31 -6.03 32.47
C GLY K 71 -10.82 -5.88 32.69
N TYR K 72 -10.03 -6.43 31.79
CA TYR K 72 -8.58 -6.28 31.85
C TYR K 72 -8.21 -4.97 31.16
N VAL K 73 -7.72 -4.01 31.93
CA VAL K 73 -7.44 -2.69 31.40
C VAL K 73 -6.47 -2.79 30.24
N LYS K 74 -6.81 -2.15 29.12
CA LYS K 74 -6.07 -2.29 27.88
C LYS K 74 -4.64 -1.79 28.04
N GLU K 75 -3.77 -2.29 27.19
CA GLU K 75 -2.36 -1.92 27.22
C GLU K 75 -2.19 -0.50 26.69
N GLY K 76 -1.37 0.29 27.37
CA GLY K 76 -1.17 1.67 27.03
C GLY K 76 -2.14 2.64 27.66
N ILE K 77 -2.88 2.21 28.69
CA ILE K 77 -3.87 3.07 29.33
C ILE K 77 -3.16 4.24 29.99
N VAL K 78 -3.75 5.43 29.87
CA VAL K 78 -3.20 6.62 30.48
C VAL K 78 -3.53 6.62 31.97
N ASP K 79 -2.62 7.15 32.77
CA ASP K 79 -2.85 7.25 34.21
C ASP K 79 -4.02 8.19 34.49
N GLY K 80 -4.90 7.77 35.40
CA GLY K 80 -6.04 8.57 35.76
C GLY K 80 -7.32 8.27 35.00
N ILE K 81 -7.24 7.51 33.91
CA ILE K 81 -8.45 7.14 33.19
C ILE K 81 -9.29 6.19 34.03
N VAL K 82 -8.68 5.14 34.57
CA VAL K 82 -9.32 4.21 35.49
C VAL K 82 -9.01 4.67 36.91
N ALA K 83 -10.05 4.80 37.72
CA ALA K 83 -9.87 5.29 39.09
C ALA K 83 -8.97 4.35 39.88
N GLY K 84 -7.88 4.88 40.41
CA GLY K 84 -6.92 4.10 41.15
C GLY K 84 -5.88 3.39 40.32
N ASN K 85 -5.90 3.58 38.99
CA ASN K 85 -4.98 2.92 38.07
C ASN K 85 -5.02 1.41 38.21
N ARG K 86 -6.20 0.87 38.54
CA ARG K 86 -6.35 -0.58 38.62
C ARG K 86 -6.21 -1.19 37.23
N SER K 87 -5.58 -2.37 37.19
CA SER K 87 -5.38 -3.08 35.94
C SER K 87 -6.46 -4.13 35.67
N VAL K 88 -7.22 -4.53 36.69
CA VAL K 88 -8.29 -5.49 36.52
C VAL K 88 -9.52 -4.93 37.24
N LEU K 89 -10.62 -4.78 36.51
CA LEU K 89 -11.86 -4.23 37.03
C LEU K 89 -12.91 -5.33 37.06
N PHE K 90 -13.84 -5.24 38.01
CA PHE K 90 -14.82 -6.29 38.21
C PHE K 90 -16.23 -5.71 38.26
N GLY K 91 -17.13 -6.33 37.52
CA GLY K 91 -18.53 -5.96 37.57
C GLY K 91 -18.84 -4.62 36.96
N ASP K 92 -19.60 -3.79 37.69
CA ASP K 92 -19.95 -2.47 37.19
C ASP K 92 -18.70 -1.63 36.92
N ASP K 93 -17.69 -1.72 37.78
CA ASP K 93 -16.45 -1.00 37.55
C ASP K 93 -15.78 -1.39 36.23
N ALA K 94 -16.08 -2.59 35.72
CA ALA K 94 -15.60 -3.01 34.41
C ALA K 94 -16.60 -2.70 33.31
N LEU K 95 -17.88 -2.53 33.65
CA LEU K 95 -18.88 -2.19 32.64
C LEU K 95 -18.84 -0.70 32.31
N GLN K 96 -18.64 0.15 33.30
CA GLN K 96 -18.48 1.57 33.04
C GLN K 96 -17.20 1.87 32.27
N ASN K 97 -16.10 1.23 32.64
CA ASN K 97 -14.84 1.38 31.93
C ASN K 97 -14.65 0.28 30.89
N ARG K 98 -15.71 -0.07 30.17
CA ARG K 98 -15.60 -1.08 29.11
C ARG K 98 -14.95 -0.52 27.86
N LEU K 99 -14.77 0.80 27.78
CA LEU K 99 -14.07 1.38 26.65
C LEU K 99 -12.56 1.28 26.81
N HIS K 100 -12.08 1.32 28.06
CA HIS K 100 -10.66 1.23 28.34
C HIS K 100 -10.21 -0.18 28.71
N ALA K 101 -11.14 -1.11 28.85
CA ALA K 101 -10.82 -2.47 29.28
C ALA K 101 -11.37 -3.48 28.29
N ARG K 102 -10.63 -4.57 28.14
CA ARG K 102 -11.09 -5.74 27.39
C ARG K 102 -11.97 -6.55 28.33
N LEU K 103 -13.26 -6.63 28.01
CA LEU K 103 -14.19 -7.35 28.86
C LEU K 103 -14.20 -8.83 28.50
N VAL K 104 -14.12 -9.67 29.51
CA VAL K 104 -14.24 -11.11 29.36
C VAL K 104 -15.26 -11.62 30.35
N ALA K 105 -16.24 -12.38 29.87
CA ALA K 105 -17.26 -12.96 30.72
C ALA K 105 -16.73 -14.27 31.28
N PRO K 106 -16.53 -14.38 32.60
CA PRO K 106 -16.03 -15.65 33.16
C PRO K 106 -16.92 -16.84 32.87
N MET K 107 -18.23 -16.64 32.74
CA MET K 107 -19.19 -17.72 32.64
C MET K 107 -19.93 -17.67 31.31
N GLU K 108 -20.14 -18.83 30.72
CA GLU K 108 -20.93 -18.97 29.51
C GLU K 108 -21.75 -20.25 29.62
N HIS K 109 -23.06 -20.13 29.43
CA HIS K 109 -23.99 -21.24 29.59
C HIS K 109 -23.97 -21.79 31.03
N GLY K 110 -23.80 -20.88 31.97
CA GLY K 110 -23.86 -21.23 33.38
C GLY K 110 -22.67 -22.02 33.87
N VAL K 111 -21.68 -22.25 33.02
CA VAL K 111 -20.47 -22.97 33.38
C VAL K 111 -19.27 -22.08 33.10
N ILE K 112 -18.20 -22.31 33.86
CA ILE K 112 -17.00 -21.51 33.72
C ILE K 112 -16.36 -21.77 32.37
N ALA K 113 -16.33 -20.75 31.52
CA ALA K 113 -15.71 -20.84 30.20
C ALA K 113 -14.31 -20.28 30.14
N HIS K 114 -13.97 -19.30 30.98
CA HIS K 114 -12.65 -18.69 31.02
C HIS K 114 -12.10 -18.88 32.43
N PRO K 115 -11.22 -19.85 32.64
CA PRO K 115 -10.78 -20.17 34.02
C PRO K 115 -10.02 -19.05 34.69
N ASP K 116 -9.16 -18.34 33.97
CA ASP K 116 -8.37 -17.28 34.60
C ASP K 116 -9.24 -16.09 35.00
N ALA K 117 -10.08 -15.60 34.09
CA ALA K 117 -11.01 -14.53 34.44
C ALA K 117 -11.96 -14.96 35.54
N ALA K 118 -12.40 -16.21 35.54
CA ALA K 118 -13.29 -16.69 36.59
C ALA K 118 -12.57 -16.72 37.93
N ARG K 119 -11.29 -17.10 37.94
CA ARG K 119 -10.55 -17.10 39.20
C ARG K 119 -10.35 -15.69 39.71
N ASP K 120 -9.98 -14.75 38.84
CA ASP K 120 -9.87 -13.35 39.26
C ASP K 120 -11.21 -12.84 39.82
N PHE K 121 -12.31 -13.21 39.18
CA PHE K 121 -13.61 -12.69 39.58
C PHE K 121 -14.07 -13.29 40.91
N VAL K 122 -13.83 -14.60 41.11
CA VAL K 122 -14.16 -15.21 42.40
C VAL K 122 -13.24 -14.66 43.48
N GLN K 123 -11.99 -14.35 43.15
CA GLN K 123 -11.10 -13.73 44.12
CA GLN K 123 -11.10 -13.72 44.11
C GLN K 123 -11.60 -12.35 44.53
N HIS K 124 -12.14 -11.59 43.58
CA HIS K 124 -12.74 -10.30 43.90
C HIS K 124 -13.97 -10.46 44.78
N LEU K 125 -14.85 -11.40 44.42
CA LEU K 125 -16.06 -11.62 45.20
C LEU K 125 -15.77 -12.17 46.59
N ARG K 126 -14.62 -12.83 46.78
CA ARG K 126 -14.22 -13.24 48.11
C ARG K 126 -13.88 -12.03 48.98
N SER K 127 -13.10 -11.10 48.44
CA SER K 127 -12.81 -9.85 49.14
C SER K 127 -14.09 -9.06 49.39
N LEU K 128 -15.07 -9.16 48.51
CA LEU K 128 -16.36 -8.51 48.75
C LEU K 128 -17.09 -9.17 49.91
N ALA K 129 -17.13 -10.50 49.93
CA ALA K 129 -17.79 -11.22 51.02
C ALA K 129 -16.95 -11.22 52.30
N ASP K 130 -15.66 -10.89 52.20
CA ASP K 130 -14.77 -10.90 53.36
C ASP K 130 -13.79 -9.74 53.22
N PRO K 131 -14.21 -8.54 53.63
CA PRO K 131 -13.31 -7.38 53.50
C PRO K 131 -12.02 -7.53 54.28
N SER K 132 -12.05 -8.20 55.43
CA SER K 132 -10.82 -8.39 56.20
C SER K 132 -9.87 -9.36 55.50
N GLY K 133 -10.40 -10.34 54.78
CA GLY K 133 -9.56 -11.29 54.09
C GLY K 133 -8.91 -12.33 54.97
N GLN K 134 -9.32 -12.41 56.23
CA GLN K 134 -8.75 -13.38 57.17
C GLN K 134 -9.71 -14.49 57.57
N ALA K 135 -11.00 -14.32 57.32
CA ALA K 135 -11.97 -15.30 57.76
C ALA K 135 -11.97 -16.52 56.85
N GLU K 136 -12.33 -17.67 57.41
CA GLU K 136 -12.45 -18.91 56.67
C GLU K 136 -13.78 -18.92 55.94
N ILE K 137 -13.75 -18.82 54.62
CA ILE K 137 -14.97 -18.76 53.83
C ILE K 137 -15.45 -20.18 53.55
N ARG K 138 -16.75 -20.41 53.73
CA ARG K 138 -17.39 -21.67 53.37
C ARG K 138 -18.54 -21.33 52.44
N ALA K 139 -18.36 -21.57 51.14
CA ALA K 139 -19.28 -21.07 50.14
C ALA K 139 -20.10 -22.19 49.52
N VAL K 140 -21.40 -21.94 49.43
CA VAL K 140 -22.31 -22.77 48.64
C VAL K 140 -22.50 -22.06 47.31
N VAL K 141 -21.88 -22.61 46.27
CA VAL K 141 -21.95 -22.02 44.94
C VAL K 141 -23.07 -22.69 44.15
N GLY K 142 -23.82 -21.89 43.39
CA GLY K 142 -24.90 -22.41 42.58
C GLY K 142 -24.40 -22.82 41.21
N VAL K 143 -24.62 -24.09 40.87
CA VAL K 143 -24.27 -24.63 39.56
C VAL K 143 -25.56 -24.82 38.79
N PRO K 144 -25.48 -25.01 37.47
CA PRO K 144 -26.70 -25.32 36.70
C PRO K 144 -27.40 -26.57 37.21
N ALA K 145 -28.56 -26.85 36.61
CA ALA K 145 -29.41 -27.94 37.08
C ALA K 145 -28.68 -29.27 37.04
N ASN K 146 -28.13 -29.62 35.89
CA ASN K 146 -27.40 -30.87 35.70
C ASN K 146 -25.99 -30.56 35.25
N ALA K 147 -25.25 -29.85 36.09
CA ALA K 147 -23.87 -29.49 35.78
C ALA K 147 -23.01 -30.74 35.75
N THR K 148 -22.32 -30.96 34.64
CA THR K 148 -21.43 -32.10 34.53
C THR K 148 -20.32 -32.02 35.56
N GLU K 149 -19.73 -33.17 35.88
CA GLU K 149 -18.65 -33.21 36.86
C GLU K 149 -17.45 -32.37 36.43
N GLN K 150 -17.23 -32.21 35.13
CA GLN K 150 -16.20 -31.28 34.69
C GLN K 150 -16.61 -29.84 34.94
N ALA K 151 -17.87 -29.50 34.69
CA ALA K 151 -18.36 -28.17 34.96
C ALA K 151 -18.41 -27.85 36.44
N ARG K 152 -18.41 -28.87 37.31
CA ARG K 152 -18.34 -28.67 38.74
C ARG K 152 -16.90 -28.61 39.24
N GLU K 153 -16.00 -29.38 38.64
CA GLU K 153 -14.60 -29.26 38.99
C GLU K 153 -14.02 -27.95 38.49
N ASP K 154 -14.63 -27.37 37.45
CA ASP K 154 -14.23 -26.03 37.02
C ASP K 154 -14.56 -24.99 38.09
N VAL K 155 -15.64 -25.22 38.84
CA VAL K 155 -16.01 -24.27 39.90
C VAL K 155 -15.22 -24.55 41.17
N ARG K 156 -14.96 -25.83 41.48
CA ARG K 156 -14.13 -26.16 42.61
C ARG K 156 -12.66 -25.87 42.37
N ARG K 157 -12.28 -25.62 41.11
CA ARG K 157 -10.89 -25.33 40.79
C ARG K 157 -10.63 -23.83 40.74
N CYS K 158 -11.62 -23.05 40.32
CA CYS K 158 -11.56 -21.60 40.38
C CYS K 158 -11.96 -21.06 41.75
N ALA K 159 -12.13 -21.94 42.73
CA ALA K 159 -12.40 -21.56 44.10
C ALA K 159 -11.39 -22.10 45.09
N PHE K 160 -10.38 -22.85 44.62
CA PHE K 160 -9.35 -23.36 45.51
C PHE K 160 -8.44 -22.22 45.95
N GLY K 161 -8.12 -22.19 47.24
CA GLY K 161 -7.39 -21.09 47.82
C GLY K 161 -8.22 -19.85 48.05
N ILE K 162 -9.47 -19.84 47.58
CA ILE K 162 -10.39 -18.73 47.78
C ILE K 162 -11.41 -19.14 48.84
N PHE K 163 -12.25 -20.11 48.50
CA PHE K 163 -13.20 -20.68 49.46
C PHE K 163 -12.56 -21.89 50.11
N ASP K 164 -12.58 -21.94 51.45
CA ASP K 164 -11.97 -23.05 52.16
C ASP K 164 -12.81 -24.32 52.02
N ARG K 165 -14.13 -24.20 52.06
CA ARG K 165 -15.03 -25.32 51.85
C ARG K 165 -16.08 -24.90 50.85
N ILE K 166 -16.35 -25.76 49.86
CA ILE K 166 -17.32 -25.46 48.83
C ILE K 166 -18.46 -26.48 48.91
N LEU K 167 -19.59 -26.12 48.33
CA LEU K 167 -20.75 -27.00 48.27
C LEU K 167 -21.56 -26.59 47.05
N LEU K 168 -21.59 -27.44 46.05
CA LEU K 168 -22.22 -27.12 44.76
C LEU K 168 -23.64 -27.66 44.75
N ILE K 169 -24.61 -26.75 44.65
CA ILE K 169 -26.03 -27.10 44.65
C ILE K 169 -26.65 -26.54 43.37
N PRO K 170 -27.60 -27.25 42.76
CA PRO K 170 -28.25 -26.71 41.56
C PRO K 170 -28.85 -25.32 41.80
N GLU K 171 -28.78 -24.49 40.76
CA GLU K 171 -29.21 -23.10 40.83
C GLU K 171 -30.73 -22.96 41.01
N PRO K 172 -31.57 -23.72 40.30
CA PRO K 172 -33.02 -23.57 40.53
C PRO K 172 -33.47 -24.05 41.90
N PHE K 173 -32.83 -25.07 42.46
CA PHE K 173 -33.16 -25.47 43.83
C PHE K 173 -32.78 -24.37 44.82
N LEU K 174 -31.63 -23.72 44.61
CA LEU K 174 -31.25 -22.60 45.46
C LEU K 174 -32.18 -21.41 45.28
N ALA K 175 -32.70 -21.22 44.06
CA ALA K 175 -33.69 -20.17 43.85
C ALA K 175 -34.98 -20.47 44.59
N ALA K 176 -35.39 -21.74 44.59
CA ALA K 176 -36.56 -22.15 45.38
C ALA K 176 -36.31 -21.97 46.87
N LEU K 177 -35.07 -22.21 47.30
CA LEU K 177 -34.73 -22.12 48.72
C LEU K 177 -34.59 -20.68 49.19
N GLY K 178 -34.23 -19.76 48.30
CA GLY K 178 -34.08 -18.37 48.67
C GLY K 178 -35.37 -17.59 48.48
N TYR K 179 -36.21 -18.05 47.55
CA TYR K 179 -37.53 -17.46 47.40
C TYR K 179 -38.41 -17.78 48.61
N ARG K 180 -38.16 -18.90 49.27
CA ARG K 180 -38.89 -19.27 50.47
C ARG K 180 -38.71 -18.22 51.54
N ASP K 181 -39.82 -17.76 52.11
CA ASP K 181 -39.81 -16.80 53.19
C ASP K 181 -39.88 -17.55 54.52
N ASP K 182 -38.73 -17.72 55.16
CA ASP K 182 -38.69 -18.47 56.42
C ASP K 182 -39.45 -17.77 57.53
N ALA K 183 -39.66 -16.45 57.41
CA ALA K 183 -40.43 -15.73 58.41
C ALA K 183 -41.92 -16.09 58.35
N ARG K 184 -42.41 -16.59 57.22
CA ARG K 184 -43.81 -16.92 57.04
C ARG K 184 -44.06 -18.41 56.96
N LEU K 185 -43.08 -19.24 57.31
CA LEU K 185 -43.29 -20.68 57.31
C LEU K 185 -44.27 -21.07 58.41
N GLY K 186 -44.96 -22.18 58.19
CA GLY K 186 -45.92 -22.67 59.16
C GLY K 186 -47.29 -22.04 59.02
N GLN K 187 -47.34 -20.82 58.50
CA GLN K 187 -48.61 -20.13 58.33
C GLN K 187 -49.46 -20.84 57.28
N SER K 188 -50.77 -20.63 57.38
CA SER K 188 -51.70 -21.28 56.45
C SER K 188 -51.86 -20.47 55.18
N ASN K 189 -51.76 -19.15 55.27
CA ASN K 189 -51.93 -18.26 54.11
C ASN K 189 -50.66 -18.12 53.29
N TYR K 190 -49.62 -18.90 53.58
CA TYR K 190 -48.36 -18.85 52.83
C TYR K 190 -48.11 -20.22 52.24
N ILE K 191 -48.12 -20.30 50.91
CA ILE K 191 -47.81 -21.54 50.22
C ILE K 191 -46.29 -21.66 50.08
N ASP K 192 -45.76 -22.81 50.46
CA ASP K 192 -44.31 -22.99 50.49
C ASP K 192 -43.79 -23.27 49.08
N PRO K 193 -42.87 -22.46 48.56
CA PRO K 193 -42.35 -22.72 47.20
C PRO K 193 -41.45 -23.94 47.13
N VAL K 194 -41.07 -24.53 48.25
CA VAL K 194 -40.22 -25.71 48.23
C VAL K 194 -40.99 -27.01 48.51
N VAL K 195 -42.16 -26.93 49.13
CA VAL K 195 -42.87 -28.14 49.53
C VAL K 195 -43.31 -28.94 48.30
N ASN K 196 -43.67 -28.24 47.22
CA ASN K 196 -44.09 -28.88 45.97
C ASN K 196 -44.28 -27.81 44.91
N SER K 197 -43.28 -27.60 44.08
CA SER K 197 -43.37 -26.55 43.08
C SER K 197 -42.43 -26.86 41.93
N LEU K 198 -42.55 -26.08 40.87
CA LEU K 198 -41.75 -26.23 39.66
C LEU K 198 -41.12 -24.89 39.35
N PHE K 199 -39.78 -24.83 39.39
CA PHE K 199 -39.05 -23.58 39.26
C PHE K 199 -38.38 -23.52 37.90
N ILE K 200 -38.68 -22.46 37.15
CA ILE K 200 -38.11 -22.26 35.81
C ILE K 200 -37.14 -21.09 35.93
N ASP K 201 -35.94 -21.38 36.45
CA ASP K 201 -34.90 -20.37 36.60
C ASP K 201 -34.31 -20.09 35.23
N ILE K 202 -34.90 -19.10 34.54
CA ILE K 202 -34.42 -18.68 33.24
C ILE K 202 -33.37 -17.61 33.42
N GLY K 203 -32.11 -18.02 33.54
CA GLY K 203 -31.01 -17.09 33.72
C GLY K 203 -30.62 -16.39 32.44
N GLY K 204 -29.34 -16.07 32.33
CA GLY K 204 -28.81 -15.43 31.15
C GLY K 204 -27.84 -16.34 30.42
N GLY K 205 -27.60 -17.52 30.97
CA GLY K 205 -26.76 -18.50 30.32
C GLY K 205 -27.48 -19.80 30.10
N THR K 206 -28.05 -20.35 31.17
CA THR K 206 -28.89 -21.53 31.10
C THR K 206 -30.29 -21.20 31.59
N SER K 207 -31.24 -22.05 31.21
CA SER K 207 -32.62 -21.96 31.66
C SER K 207 -32.94 -23.28 32.35
N ASP K 208 -32.69 -23.34 33.66
CA ASP K 208 -32.82 -24.57 34.42
C ASP K 208 -34.22 -24.71 34.98
N ILE K 209 -34.91 -25.77 34.60
CA ILE K 209 -36.20 -26.12 35.17
C ILE K 209 -35.98 -27.22 36.19
N CYS K 210 -36.69 -27.13 37.31
CA CYS K 210 -36.44 -28.04 38.43
C CYS K 210 -37.74 -28.37 39.13
N LEU K 211 -37.89 -29.65 39.50
CA LEU K 211 -39.02 -30.15 40.27
C LEU K 211 -38.66 -30.07 41.75
N VAL K 212 -38.96 -28.94 42.39
CA VAL K 212 -38.57 -28.73 43.79
C VAL K 212 -39.68 -29.30 44.66
N GLN K 213 -39.46 -30.50 45.18
CA GLN K 213 -40.49 -31.25 45.89
C GLN K 213 -40.13 -31.49 47.35
N GLY K 214 -39.44 -30.53 47.98
CA GLY K 214 -39.17 -30.56 49.41
C GLY K 214 -37.76 -30.99 49.75
N TYR K 215 -37.10 -31.73 48.88
CA TYR K 215 -35.79 -32.30 49.15
C TYR K 215 -34.82 -31.92 48.03
N PHE K 216 -33.56 -32.29 48.22
CA PHE K 216 -32.54 -32.05 47.22
C PHE K 216 -32.91 -32.76 45.92
N PRO K 217 -33.05 -32.04 44.81
CA PRO K 217 -33.59 -32.66 43.60
C PRO K 217 -32.59 -33.64 42.98
N GLY K 218 -33.11 -34.76 42.51
CA GLY K 218 -32.29 -35.74 41.84
C GLY K 218 -31.94 -35.30 40.43
N PRO K 219 -31.14 -36.12 39.75
CA PRO K 219 -30.75 -35.79 38.37
C PRO K 219 -31.91 -35.80 37.39
N ASP K 220 -33.01 -36.48 37.71
CA ASP K 220 -34.17 -36.52 36.84
C ASP K 220 -35.22 -35.46 37.17
N ASP K 221 -35.08 -34.78 38.30
CA ASP K 221 -36.00 -33.72 38.69
C ASP K 221 -35.65 -32.38 38.07
N GLN K 222 -34.60 -32.30 37.26
CA GLN K 222 -34.14 -31.04 36.72
C GLN K 222 -33.65 -31.23 35.29
N ILE K 223 -33.89 -30.21 34.46
CA ILE K 223 -33.40 -30.16 33.08
C ILE K 223 -32.78 -28.79 32.85
N SER K 224 -31.56 -28.78 32.33
CA SER K 224 -30.84 -27.54 32.03
C SER K 224 -30.69 -27.40 30.53
N ILE K 225 -31.18 -26.31 29.98
CA ILE K 225 -31.06 -25.98 28.56
C ILE K 225 -30.11 -24.80 28.44
N PRO K 226 -29.04 -24.89 27.65
CA PRO K 226 -28.12 -23.76 27.46
C PRO K 226 -28.68 -22.67 26.56
N PHE K 227 -29.96 -22.33 26.77
CA PHE K 227 -30.63 -21.30 25.98
C PHE K 227 -31.35 -20.38 26.96
N ALA K 228 -30.86 -19.16 27.10
CA ALA K 228 -31.48 -18.22 28.03
C ALA K 228 -31.26 -16.80 27.50
N GLY K 229 -30.83 -15.89 28.39
CA GLY K 229 -30.65 -14.51 27.99
C GLY K 229 -29.59 -14.31 26.93
N ASP K 230 -28.45 -14.99 27.08
CA ASP K 230 -27.38 -14.84 26.11
C ASP K 230 -27.75 -15.41 24.75
N ALA K 231 -28.55 -16.49 24.72
CA ALA K 231 -29.03 -17.04 23.47
C ALA K 231 -30.01 -16.10 22.76
N ILE K 232 -30.88 -15.42 23.50
CA ILE K 232 -31.75 -14.44 22.88
C ILE K 232 -30.95 -13.23 22.40
N ASP K 233 -29.93 -12.83 23.17
CA ASP K 233 -29.03 -11.78 22.71
C ASP K 233 -28.36 -12.17 21.40
N GLN K 234 -27.90 -13.42 21.30
CA GLN K 234 -27.25 -13.87 20.07
C GLN K 234 -28.24 -13.92 18.91
N LEU K 235 -29.47 -14.38 19.16
CA LEU K 235 -30.49 -14.39 18.12
C LEU K 235 -30.80 -12.99 17.62
N LEU K 236 -30.94 -12.02 18.53
CA LEU K 236 -31.13 -10.63 18.15
C LEU K 236 -29.93 -10.07 17.39
N GLN K 237 -28.71 -10.40 17.82
CA GLN K 237 -27.53 -9.95 17.08
C GLN K 237 -27.53 -10.49 15.66
N GLU K 238 -27.92 -11.75 15.48
CA GLU K 238 -28.00 -12.31 14.12
C GLU K 238 -29.09 -11.63 13.30
N GLU K 239 -30.29 -11.49 13.87
CA GLU K 239 -31.38 -10.87 13.13
C GLU K 239 -31.17 -9.37 12.92
N LEU K 240 -30.20 -8.76 13.59
CA LEU K 240 -29.82 -7.38 13.33
C LEU K 240 -28.69 -7.25 12.33
N ASN K 241 -27.72 -8.16 12.36
CA ASN K 241 -26.68 -8.19 11.33
C ASN K 241 -27.16 -8.80 10.03
N ARG K 242 -28.37 -9.34 9.99
CA ARG K 242 -28.96 -9.85 8.75
C ARG K 242 -29.86 -8.83 8.08
N THR K 243 -30.47 -7.93 8.85
CA THR K 243 -31.33 -6.88 8.29
C THR K 243 -30.66 -5.51 8.28
N TYR K 244 -29.94 -5.16 9.32
CA TYR K 244 -29.21 -3.90 9.41
C TYR K 244 -27.72 -4.21 9.51
N PRO K 245 -27.09 -4.53 8.38
CA PRO K 245 -25.70 -5.04 8.43
C PRO K 245 -24.73 -3.97 8.90
N ASN K 246 -23.66 -4.43 9.55
CA ASN K 246 -22.62 -3.56 10.09
C ASN K 246 -23.23 -2.44 10.93
N ASN K 247 -24.17 -2.81 11.79
CA ASN K 247 -24.80 -1.82 12.66
C ASN K 247 -23.89 -1.43 13.80
N GLY K 248 -22.94 -2.28 14.16
CA GLY K 248 -22.03 -1.99 15.24
C GLY K 248 -22.63 -2.05 16.63
N LEU K 249 -23.89 -2.44 16.75
CA LEU K 249 -24.52 -2.57 18.06
C LEU K 249 -23.83 -3.67 18.85
N SER K 250 -23.22 -3.29 19.97
CA SER K 250 -22.53 -4.26 20.81
C SER K 250 -23.54 -5.19 21.49
N LEU K 251 -23.04 -6.29 22.03
CA LEU K 251 -23.91 -7.22 22.74
C LEU K 251 -24.50 -6.58 23.98
N HIS K 252 -23.78 -5.64 24.59
CA HIS K 252 -24.28 -4.92 25.76
C HIS K 252 -25.41 -3.97 25.41
N LYS K 253 -25.60 -3.64 24.13
CA LYS K 253 -26.73 -2.83 23.69
CA LYS K 253 -26.73 -2.83 23.69
C LYS K 253 -27.85 -3.66 23.11
N VAL K 254 -27.53 -4.74 22.39
CA VAL K 254 -28.53 -5.71 21.97
C VAL K 254 -29.18 -6.37 23.19
N ARG K 255 -28.49 -6.41 24.32
CA ARG K 255 -29.07 -6.87 25.58
C ARG K 255 -30.01 -5.85 26.19
N GLU K 256 -29.67 -4.56 26.15
CA GLU K 256 -30.59 -3.55 26.65
C GLU K 256 -31.84 -3.44 25.78
N ILE K 257 -31.69 -3.60 24.46
CA ILE K 257 -32.85 -3.62 23.58
C ILE K 257 -33.81 -4.73 24.01
N LYS K 258 -33.28 -5.92 24.30
CA LYS K 258 -34.12 -7.04 24.71
C LYS K 258 -34.72 -6.82 26.10
N GLU K 259 -33.94 -6.27 27.02
CA GLU K 259 -34.44 -6.05 28.37
C GLU K 259 -35.52 -4.98 28.40
N ALA K 260 -35.44 -3.98 27.53
CA ALA K 260 -36.40 -2.89 27.52
C ALA K 260 -37.62 -3.16 26.66
N HIS K 261 -37.47 -3.94 25.57
CA HIS K 261 -38.55 -4.15 24.64
C HIS K 261 -38.84 -5.62 24.32
N GLY K 262 -37.99 -6.54 24.75
CA GLY K 262 -38.20 -7.93 24.43
C GLY K 262 -39.46 -8.48 25.07
N TYR K 263 -40.12 -9.38 24.36
CA TYR K 263 -41.41 -9.92 24.78
C TYR K 263 -41.62 -11.26 24.12
N VAL K 264 -42.35 -12.13 24.80
CA VAL K 264 -42.76 -13.42 24.23
C VAL K 264 -44.25 -13.37 23.95
N GLY K 265 -44.67 -14.15 22.96
CA GLY K 265 -46.06 -14.20 22.56
C GLY K 265 -46.25 -13.72 21.14
N PRO K 266 -47.47 -13.30 20.81
CA PRO K 266 -47.73 -12.79 19.46
C PRO K 266 -46.93 -11.52 19.18
N SER K 267 -46.59 -11.34 17.92
CA SER K 267 -45.78 -10.19 17.52
C SER K 267 -46.53 -8.89 17.78
N ARG K 268 -45.78 -7.87 18.20
CA ARG K 268 -46.33 -6.54 18.47
C ARG K 268 -45.73 -5.55 17.48
N LYS K 269 -46.56 -5.02 16.61
CA LYS K 269 -46.12 -4.04 15.62
C LYS K 269 -47.05 -2.83 15.65
N PRO K 270 -46.50 -1.62 15.51
CA PRO K 270 -45.05 -1.38 15.38
C PRO K 270 -44.39 -1.17 16.74
N LEU K 271 -43.14 -1.63 16.86
CA LEU K 271 -42.36 -1.50 18.09
C LEU K 271 -41.04 -0.80 17.72
N ASP K 272 -41.04 0.52 17.83
CA ASP K 272 -39.88 1.30 17.42
C ASP K 272 -38.83 1.31 18.52
N VAL K 273 -37.62 0.89 18.17
CA VAL K 273 -36.47 0.86 19.08
C VAL K 273 -35.50 1.93 18.62
N LYS K 274 -35.20 2.89 19.49
CA LYS K 274 -34.28 3.97 19.17
C LYS K 274 -32.85 3.49 19.46
N VAL K 275 -32.06 3.32 18.42
CA VAL K 275 -30.69 2.85 18.53
C VAL K 275 -29.75 3.89 17.94
N VAL K 276 -28.46 3.64 18.06
CA VAL K 276 -27.41 4.53 17.55
C VAL K 276 -26.52 3.66 16.67
N ILE K 277 -26.67 3.78 15.36
CA ILE K 277 -25.95 2.94 14.39
C ILE K 277 -24.98 3.86 13.64
N GLY K 278 -23.70 3.71 13.92
CA GLY K 278 -22.68 4.51 13.23
C GLY K 278 -22.66 5.96 13.68
N GLY K 279 -22.94 6.21 14.95
CA GLY K 279 -22.95 7.57 15.45
C GLY K 279 -24.28 8.26 15.27
N LYS K 280 -25.02 7.85 14.25
CA LYS K 280 -26.29 8.47 13.91
C LYS K 280 -27.44 7.73 14.61
N ALA K 281 -28.43 8.49 15.06
CA ALA K 281 -29.55 7.96 15.82
C ALA K 281 -30.62 7.47 14.85
N HIS K 282 -30.85 6.16 14.83
CA HIS K 282 -31.85 5.54 13.98
C HIS K 282 -32.99 4.98 14.84
N THR K 283 -34.12 4.73 14.20
CA THR K 283 -35.30 4.18 14.87
C THR K 283 -35.71 2.93 14.11
N LEU K 284 -35.26 1.77 14.59
CA LEU K 284 -35.57 0.52 13.93
C LEU K 284 -36.95 0.02 14.32
N GLU K 285 -37.49 -0.87 13.50
CA GLU K 285 -38.75 -1.55 13.78
C GLU K 285 -38.41 -3.00 14.09
N LEU K 286 -38.45 -3.34 15.38
CA LEU K 286 -38.02 -4.65 15.85
C LEU K 286 -39.15 -5.42 16.55
N GLY K 287 -40.38 -5.27 16.08
CA GLY K 287 -41.47 -6.02 16.64
C GLY K 287 -41.29 -7.51 16.43
N ASP K 288 -41.27 -7.91 15.15
CA ASP K 288 -41.05 -9.31 14.82
C ASP K 288 -39.67 -9.78 15.25
N THR K 289 -38.66 -8.90 15.21
CA THR K 289 -37.32 -9.32 15.59
C THR K 289 -37.27 -9.77 17.05
N LEU K 290 -37.75 -8.92 17.96
CA LEU K 290 -37.79 -9.31 19.37
C LEU K 290 -38.77 -10.46 19.60
N ALA K 291 -39.85 -10.51 18.82
CA ALA K 291 -40.80 -11.60 18.97
C ALA K 291 -40.15 -12.95 18.70
N ARG K 292 -39.48 -13.09 17.55
CA ARG K 292 -38.83 -14.35 17.23
C ARG K 292 -37.61 -14.60 18.11
N ALA K 293 -36.94 -13.54 18.58
CA ALA K 293 -35.79 -13.76 19.46
C ALA K 293 -36.22 -14.30 20.81
N CYS K 294 -37.33 -13.81 21.35
CA CYS K 294 -37.73 -14.19 22.70
C CYS K 294 -38.63 -15.42 22.71
N ASN K 295 -39.37 -15.67 21.62
CA ASN K 295 -40.23 -16.84 21.57
C ASN K 295 -39.43 -18.13 21.36
N ALA K 296 -38.21 -18.02 20.86
CA ALA K 296 -37.35 -19.20 20.80
C ALA K 296 -37.01 -19.72 22.18
N LEU K 297 -36.88 -18.83 23.17
CA LEU K 297 -36.69 -19.29 24.54
C LEU K 297 -37.87 -20.12 25.01
N ILE K 298 -39.09 -19.70 24.69
CA ILE K 298 -40.27 -20.46 25.07
C ILE K 298 -40.28 -21.80 24.34
N ASP K 299 -40.02 -21.78 23.03
CA ASP K 299 -39.95 -23.01 22.26
C ASP K 299 -38.87 -23.96 22.74
N LYS K 300 -37.85 -23.46 23.42
CA LYS K 300 -36.79 -24.31 23.96
C LYS K 300 -37.15 -24.85 25.34
N ILE K 301 -37.69 -24.00 26.22
CA ILE K 301 -37.93 -24.40 27.60
C ILE K 301 -39.28 -25.07 27.80
N TYR K 302 -40.16 -25.07 26.80
CA TYR K 302 -41.45 -25.69 26.98
C TYR K 302 -41.38 -27.22 26.88
N PRO K 303 -40.63 -27.79 25.92
CA PRO K 303 -40.47 -29.25 25.91
C PRO K 303 -39.83 -29.79 27.19
N ALA K 304 -39.05 -28.99 27.91
CA ALA K 304 -38.50 -29.39 29.18
C ALA K 304 -39.40 -29.03 30.36
N LEU K 305 -40.26 -28.03 30.21
CA LEU K 305 -41.28 -27.77 31.22
C LEU K 305 -42.27 -28.92 31.28
N THR K 306 -42.86 -29.28 30.13
CA THR K 306 -43.82 -30.37 30.09
C THR K 306 -43.17 -31.71 30.43
N THR K 307 -41.89 -31.89 30.12
CA THR K 307 -41.21 -33.15 30.47
C THR K 307 -41.22 -33.38 31.97
N LEU K 308 -40.88 -32.36 32.75
CA LEU K 308 -40.91 -32.52 34.21
C LEU K 308 -42.32 -32.46 34.76
N ILE K 309 -43.25 -31.76 34.09
CA ILE K 309 -44.64 -31.82 34.53
C ILE K 309 -45.17 -33.24 34.43
N GLN K 310 -44.79 -33.96 33.37
CA GLN K 310 -45.19 -35.36 33.22
C GLN K 310 -44.24 -36.31 33.94
N ARG K 311 -43.12 -35.83 34.47
CA ARG K 311 -42.26 -36.64 35.32
C ARG K 311 -42.68 -36.63 36.78
N ALA K 312 -43.44 -35.63 37.21
CA ALA K 312 -43.86 -35.53 38.59
C ALA K 312 -44.84 -36.63 38.95
N SER K 313 -44.92 -36.94 40.23
CA SER K 313 -45.87 -37.93 40.71
C SER K 313 -47.30 -37.46 40.46
N SER K 314 -48.15 -38.37 39.99
CA SER K 314 -49.54 -38.03 39.71
C SER K 314 -50.27 -37.56 40.97
N ASP K 315 -49.82 -37.98 42.15
CA ASP K 315 -50.45 -37.53 43.38
C ASP K 315 -50.20 -36.04 43.63
N SER K 316 -49.10 -35.50 43.10
CA SER K 316 -48.68 -34.15 43.42
C SER K 316 -48.63 -33.21 42.22
N VAL K 317 -48.91 -33.67 41.01
CA VAL K 317 -48.81 -32.82 39.84
C VAL K 317 -49.93 -31.79 39.79
N VAL K 318 -51.07 -32.08 40.43
CA VAL K 318 -52.19 -31.15 40.38
C VAL K 318 -51.87 -29.87 41.15
N THR K 319 -51.10 -29.98 42.24
CA THR K 319 -50.64 -28.79 42.94
C THR K 319 -49.36 -28.25 42.34
N LEU K 320 -48.56 -29.11 41.70
CA LEU K 320 -47.36 -28.66 41.00
C LEU K 320 -47.72 -27.67 39.89
N LEU K 321 -48.79 -27.97 39.15
CA LEU K 321 -49.24 -27.05 38.11
C LEU K 321 -49.74 -25.74 38.70
N GLN K 322 -50.31 -25.78 39.91
CA GLN K 322 -50.70 -24.54 40.58
C GLN K 322 -49.50 -23.80 41.15
N ASN K 323 -48.37 -24.46 41.29
CA ASN K 323 -47.17 -23.87 41.88
C ASN K 323 -46.01 -23.85 40.90
N ILE K 324 -46.24 -23.31 39.71
CA ILE K 324 -45.15 -23.11 38.75
C ILE K 324 -44.62 -21.69 38.90
N ILE K 325 -43.32 -21.57 39.18
CA ILE K 325 -42.70 -20.29 39.49
C ILE K 325 -41.54 -20.06 38.54
N ILE K 326 -41.47 -18.87 37.95
CA ILE K 326 -40.41 -18.49 37.03
C ILE K 326 -39.48 -17.52 37.74
N THR K 327 -38.20 -17.86 37.81
CA THR K 327 -37.22 -16.97 38.43
C THR K 327 -36.08 -16.69 37.46
N GLY K 328 -35.04 -16.01 37.94
CA GLY K 328 -33.94 -15.63 37.09
C GLY K 328 -34.25 -14.38 36.29
N GLY K 329 -33.26 -13.86 35.56
CA GLY K 329 -33.49 -12.68 34.74
C GLY K 329 -34.61 -12.85 33.73
N GLY K 330 -34.68 -14.02 33.10
CA GLY K 330 -35.70 -14.28 32.09
C GLY K 330 -37.11 -14.22 32.60
N SER K 331 -37.32 -14.21 33.92
CA SER K 331 -38.66 -14.01 34.46
C SER K 331 -39.18 -12.61 34.17
N GLN K 332 -38.27 -11.65 33.96
CA GLN K 332 -38.66 -10.28 33.68
C GLN K 332 -39.07 -10.05 32.23
N ILE K 333 -39.07 -11.10 31.40
CA ILE K 333 -39.52 -10.96 30.03
C ILE K 333 -41.00 -10.61 30.02
N LYS K 334 -41.37 -9.60 29.23
CA LYS K 334 -42.73 -9.10 29.21
C LYS K 334 -43.71 -10.18 28.74
N GLY K 335 -44.55 -10.65 29.66
CA GLY K 335 -45.58 -11.61 29.31
C GLY K 335 -45.11 -13.04 29.18
N ILE K 336 -44.15 -13.47 30.01
CA ILE K 336 -43.69 -14.85 29.94
C ILE K 336 -44.52 -15.78 30.82
N ASP K 337 -44.96 -15.33 31.99
CA ASP K 337 -45.81 -16.16 32.83
C ASP K 337 -47.19 -16.36 32.20
N THR K 338 -47.77 -15.30 31.64
CA THR K 338 -49.06 -15.45 30.97
C THR K 338 -48.95 -16.36 29.75
N LEU K 339 -47.88 -16.23 28.97
CA LEU K 339 -47.73 -17.07 27.79
C LEU K 339 -47.52 -18.53 28.19
N LEU K 340 -46.70 -18.78 29.21
CA LEU K 340 -46.48 -20.16 29.63
C LEU K 340 -47.74 -20.77 30.23
N GLN K 341 -48.52 -19.99 30.99
CA GLN K 341 -49.77 -20.50 31.53
C GLN K 341 -50.77 -20.78 30.41
N LYS K 342 -50.79 -19.93 29.38
CA LYS K 342 -51.68 -20.15 28.25
C LYS K 342 -51.28 -21.41 27.48
N LYS K 343 -49.97 -21.61 27.29
CA LYS K 343 -49.50 -22.79 26.58
C LYS K 343 -49.73 -24.07 27.38
N LEU K 344 -49.67 -23.99 28.71
CA LEU K 344 -49.92 -25.18 29.52
C LEU K 344 -51.41 -25.46 29.64
N THR K 345 -52.25 -24.42 29.60
CA THR K 345 -53.69 -24.64 29.63
C THR K 345 -54.18 -25.19 28.29
N GLU K 346 -53.65 -24.67 27.19
CA GLU K 346 -54.06 -25.14 25.88
C GLU K 346 -53.66 -26.60 25.65
N ASP K 347 -52.61 -27.07 26.32
CA ASP K 347 -52.19 -28.45 26.17
C ASP K 347 -53.00 -29.41 27.03
N GLY K 348 -53.84 -28.90 27.92
CA GLY K 348 -54.71 -29.75 28.71
C GLY K 348 -54.25 -30.03 30.12
N PHE K 349 -53.16 -29.42 30.56
CA PHE K 349 -52.73 -29.60 31.94
C PHE K 349 -53.77 -29.01 32.89
N GLU K 350 -54.03 -29.74 33.98
CA GLU K 350 -55.14 -29.38 34.86
C GLU K 350 -54.89 -28.07 35.59
N SER K 351 -55.40 -26.97 35.02
CA SER K 351 -55.40 -25.65 35.62
C SER K 351 -54.01 -25.24 36.10
N PRO K 352 -53.07 -24.99 35.19
CA PRO K 352 -51.76 -24.50 35.61
C PRO K 352 -51.82 -23.05 36.05
N LYS K 353 -50.85 -22.67 36.88
CA LYS K 353 -50.76 -21.31 37.38
C LYS K 353 -49.29 -20.93 37.44
N VAL K 354 -48.80 -20.34 36.36
CA VAL K 354 -47.41 -19.90 36.27
C VAL K 354 -47.27 -18.56 36.98
N ARG K 355 -46.33 -18.47 37.90
CA ARG K 355 -46.10 -17.30 38.72
C ARG K 355 -44.67 -16.81 38.52
N LEU K 356 -44.49 -15.50 38.63
CA LEU K 356 -43.17 -14.90 38.61
C LEU K 356 -42.58 -14.88 40.01
N ALA K 357 -41.26 -15.07 40.08
CA ALA K 357 -40.59 -15.10 41.37
C ALA K 357 -40.84 -13.82 42.16
N GLY K 358 -40.42 -12.69 41.60
CA GLY K 358 -40.62 -11.41 42.24
C GLY K 358 -39.53 -10.44 41.81
N HIS K 359 -39.47 -9.33 42.54
CA HIS K 359 -38.48 -8.30 42.22
C HIS K 359 -37.06 -8.76 42.57
N ASP K 360 -36.92 -9.57 43.61
CA ASP K 360 -35.61 -9.99 44.10
C ASP K 360 -35.13 -11.25 43.40
N TYR K 361 -35.30 -11.31 42.08
CA TYR K 361 -34.88 -12.47 41.31
C TYR K 361 -33.38 -12.62 41.21
N LYS K 362 -32.61 -11.59 41.59
CA LYS K 362 -31.16 -11.66 41.51
CA LYS K 362 -31.17 -11.68 41.51
C LYS K 362 -30.54 -12.30 42.75
N ARG K 363 -31.14 -12.11 43.91
CA ARG K 363 -30.61 -12.64 45.15
C ARG K 363 -31.27 -13.94 45.58
N TYR K 364 -32.18 -14.48 44.78
CA TYR K 364 -32.88 -15.70 45.19
C TYR K 364 -31.93 -16.90 45.24
N VAL K 365 -31.10 -17.08 44.22
CA VAL K 365 -30.13 -18.16 44.25
C VAL K 365 -29.09 -17.94 45.35
N ALA K 366 -28.69 -16.70 45.59
CA ALA K 366 -27.72 -16.43 46.65
C ALA K 366 -28.36 -16.54 48.03
N LEU K 367 -29.61 -16.07 48.19
CA LEU K 367 -30.33 -16.32 49.43
C LEU K 367 -30.46 -17.81 49.72
N GLY K 368 -30.79 -18.61 48.70
CA GLY K 368 -30.89 -20.04 48.90
C GLY K 368 -29.58 -20.70 49.20
N ALA K 369 -28.50 -20.24 48.55
CA ALA K 369 -27.18 -20.80 48.83
C ALA K 369 -26.72 -20.44 50.23
N LEU K 370 -27.12 -19.27 50.74
CA LEU K 370 -26.77 -18.90 52.10
C LEU K 370 -27.61 -19.70 53.11
N LYS K 371 -28.88 -19.92 52.80
CA LYS K 371 -29.71 -20.77 53.67
C LYS K 371 -29.23 -22.21 53.65
N ALA K 372 -28.63 -22.65 52.54
CA ALA K 372 -28.08 -23.99 52.46
C ALA K 372 -26.70 -24.08 53.07
N ALA K 373 -25.98 -22.96 53.18
CA ALA K 373 -24.71 -22.97 53.90
C ALA K 373 -24.94 -23.05 55.40
N ARG K 374 -25.88 -22.27 55.91
CA ARG K 374 -26.19 -22.29 57.34
C ARG K 374 -26.82 -23.60 57.78
N ALA K 375 -27.44 -24.34 56.85
CA ALA K 375 -28.03 -25.64 57.17
C ALA K 375 -27.20 -26.81 56.70
N ALA K 376 -26.01 -26.57 56.12
CA ALA K 376 -25.17 -27.67 55.67
C ALA K 376 -24.48 -28.32 56.86
N ARG K 377 -24.52 -29.65 56.91
CA ARG K 377 -23.83 -30.37 57.95
C ARG K 377 -22.31 -30.27 57.77
N GLU K 378 -21.59 -30.60 58.84
CA GLU K 378 -20.13 -30.53 58.77
C GLU K 378 -19.57 -31.51 57.75
N ASN K 379 -20.25 -32.64 57.55
CA ASN K 379 -19.81 -33.63 56.57
C ASN K 379 -20.29 -33.32 55.16
N GLN K 380 -21.05 -32.25 54.97
CA GLN K 380 -21.53 -31.87 53.64
C GLN K 380 -20.56 -30.95 52.90
N TRP K 381 -19.70 -30.24 53.62
CA TRP K 381 -18.76 -29.32 52.99
C TRP K 381 -17.67 -30.09 52.27
N GLN K 382 -17.33 -29.64 51.07
CA GLN K 382 -16.28 -30.27 50.29
C GLN K 382 -14.96 -29.54 50.48
N VAL K 383 -13.90 -30.30 50.72
CA VAL K 383 -12.57 -29.74 50.94
C VAL K 383 -11.89 -29.53 49.61
N LEU K 384 -11.33 -28.33 49.41
CA LEU K 384 -10.69 -27.96 48.17
C LEU K 384 -9.17 -28.03 48.37
N LEU K 385 -8.57 -29.10 47.87
CA LEU K 385 -7.13 -29.29 47.93
C LEU K 385 -6.56 -29.39 46.52
N GLY K 386 -5.31 -29.01 46.35
CA GLY K 386 -4.66 -29.06 45.06
C GLY K 386 -3.61 -27.97 44.87
N THR L 34 -46.44 -50.08 88.49
CA THR L 34 -47.03 -49.35 87.39
C THR L 34 -48.41 -49.89 87.04
N LYS L 35 -49.03 -49.34 86.00
CA LYS L 35 -50.36 -49.75 85.57
C LYS L 35 -50.27 -50.54 84.29
N THR L 36 -51.21 -51.47 84.11
CA THR L 36 -51.28 -52.32 82.93
C THR L 36 -52.34 -51.79 81.96
N VAL L 37 -52.00 -51.77 80.69
CA VAL L 37 -52.87 -51.26 79.63
C VAL L 37 -53.10 -52.39 78.64
N LEU L 38 -54.34 -52.87 78.54
CA LEU L 38 -54.67 -53.89 77.56
C LEU L 38 -54.97 -53.22 76.22
N VAL L 39 -54.27 -53.66 75.18
CA VAL L 39 -54.30 -53.04 73.87
C VAL L 39 -54.83 -54.05 72.88
N GLY L 40 -56.01 -53.77 72.32
CA GLY L 40 -56.49 -54.48 71.17
C GLY L 40 -55.85 -53.93 69.92
N PHE L 41 -55.02 -54.71 69.26
CA PHE L 41 -54.22 -54.26 68.14
C PHE L 41 -54.65 -55.01 66.89
N ASP L 42 -55.05 -54.26 65.86
CA ASP L 42 -55.41 -54.82 64.56
C ASP L 42 -54.34 -54.31 63.61
N PHE L 43 -53.28 -55.10 63.45
CA PHE L 43 -52.19 -54.78 62.53
C PHE L 43 -52.66 -55.13 61.13
N GLY L 44 -53.10 -54.11 60.41
CA GLY L 44 -53.64 -54.33 59.08
C GLY L 44 -52.62 -54.13 57.97
N THR L 45 -52.96 -54.65 56.80
CA THR L 45 -52.14 -54.41 55.62
C THR L 45 -52.34 -53.00 55.08
N ASN L 46 -53.55 -52.46 55.21
CA ASN L 46 -53.88 -51.11 54.75
CA ASN L 46 -53.85 -51.11 54.75
C ASN L 46 -53.99 -50.12 55.90
N LYS L 47 -54.72 -50.47 56.95
CA LYS L 47 -54.87 -49.63 58.13
C LYS L 47 -54.82 -50.50 59.37
N SER L 48 -54.10 -50.04 60.38
CA SER L 48 -54.03 -50.71 61.67
C SER L 48 -54.78 -49.88 62.70
N CYS L 49 -55.57 -50.56 63.52
CA CYS L 49 -56.38 -49.88 64.53
C CYS L 49 -55.90 -50.32 65.91
N VAL L 50 -55.53 -49.35 66.74
CA VAL L 50 -55.02 -49.60 68.07
C VAL L 50 -56.04 -49.08 69.09
N LEU L 51 -56.38 -49.92 70.05
CA LEU L 51 -57.29 -49.57 71.13
C LEU L 51 -56.62 -49.89 72.45
N ALA L 52 -56.77 -49.01 73.43
CA ALA L 52 -56.12 -49.15 74.72
C ALA L 52 -57.13 -48.90 75.83
N GLY L 53 -57.17 -49.81 76.80
CA GLY L 53 -58.04 -49.65 77.95
C GLY L 53 -57.45 -50.27 79.20
N THR L 54 -57.84 -49.78 80.36
CA THR L 54 -57.35 -50.34 81.61
C THR L 54 -58.01 -51.69 81.89
N ALA L 55 -57.51 -52.36 82.91
CA ALA L 55 -58.07 -53.65 83.29
C ALA L 55 -59.34 -53.46 84.11
N GLY L 56 -60.23 -54.44 84.00
CA GLY L 56 -61.48 -54.40 84.76
C GLY L 56 -62.57 -53.53 84.18
N ALA L 57 -62.22 -52.33 83.70
CA ALA L 57 -63.20 -51.43 83.13
C ALA L 57 -63.67 -51.96 81.78
N THR L 58 -64.62 -51.25 81.18
CA THR L 58 -65.13 -51.59 79.85
C THR L 58 -65.05 -50.44 78.86
N ASP L 59 -64.74 -49.23 79.30
CA ASP L 59 -64.59 -48.12 78.37
C ASP L 59 -63.29 -48.23 77.61
N ILE L 60 -63.16 -47.42 76.57
CA ILE L 60 -62.02 -47.47 75.66
C ILE L 60 -61.26 -46.16 75.78
N ALA L 61 -60.08 -46.21 76.39
CA ALA L 61 -59.31 -44.99 76.61
C ALA L 61 -58.78 -44.43 75.31
N ILE L 62 -58.02 -45.23 74.55
CA ILE L 62 -57.41 -44.79 73.31
C ILE L 62 -58.02 -45.59 72.17
N SER L 63 -58.33 -44.92 71.06
CA SER L 63 -58.87 -45.57 69.87
C SER L 63 -58.37 -44.80 68.65
N LYS L 64 -57.36 -45.35 67.97
CA LYS L 64 -56.74 -44.70 66.82
C LYS L 64 -56.78 -45.64 65.64
N ILE L 65 -57.01 -45.07 64.45
CA ILE L 65 -56.98 -45.80 63.19
C ILE L 65 -55.90 -45.17 62.34
N VAL L 66 -54.73 -45.81 62.28
CA VAL L 66 -53.55 -45.27 61.62
C VAL L 66 -53.29 -46.12 60.37
N PRO L 67 -53.26 -45.52 59.18
CA PRO L 67 -52.94 -46.30 57.98
C PRO L 67 -51.58 -46.95 58.09
N THR L 68 -51.54 -48.28 57.90
CA THR L 68 -50.30 -49.02 58.04
C THR L 68 -49.32 -48.60 56.96
N VAL L 69 -48.54 -47.56 57.25
CA VAL L 69 -47.51 -47.07 56.34
C VAL L 69 -46.47 -46.34 57.16
N VAL L 70 -45.22 -46.43 56.72
CA VAL L 70 -44.11 -45.73 57.36
C VAL L 70 -43.39 -44.91 56.29
N GLY L 71 -43.36 -43.60 56.47
CA GLY L 71 -42.67 -42.75 55.53
C GLY L 71 -41.31 -42.31 56.04
N TYR L 72 -40.26 -42.86 55.47
CA TYR L 72 -38.89 -42.46 55.83
C TYR L 72 -38.57 -41.22 55.03
N VAL L 73 -38.45 -40.08 55.71
CA VAL L 73 -38.25 -38.81 55.05
C VAL L 73 -37.03 -38.87 54.16
N LYS L 74 -37.17 -38.40 52.91
CA LYS L 74 -36.12 -38.53 51.92
C LYS L 74 -34.87 -37.77 52.33
N GLU L 75 -33.74 -38.20 51.78
CA GLU L 75 -32.45 -37.59 52.08
C GLU L 75 -32.35 -36.23 51.41
N GLY L 76 -31.84 -35.25 52.15
CA GLY L 76 -31.68 -33.91 51.63
C GLY L 76 -32.90 -33.02 51.79
N ILE L 77 -33.85 -33.38 52.65
CA ILE L 77 -35.07 -32.62 52.78
C ILE L 77 -34.76 -31.26 53.40
N VAL L 78 -35.45 -30.23 52.94
CA VAL L 78 -35.34 -28.90 53.49
C VAL L 78 -36.01 -28.85 54.85
N ASP L 79 -35.45 -28.06 55.76
CA ASP L 79 -36.08 -27.85 57.06
C ASP L 79 -37.40 -27.12 56.91
N GLY L 80 -38.39 -27.53 57.68
CA GLY L 80 -39.70 -26.92 57.62
C GLY L 80 -40.68 -27.56 56.67
N ILE L 81 -40.21 -28.45 55.79
CA ILE L 81 -41.12 -29.14 54.88
C ILE L 81 -42.02 -30.09 55.67
N VAL L 82 -41.43 -30.87 56.56
CA VAL L 82 -42.16 -31.74 57.48
C VAL L 82 -42.29 -31.02 58.81
N ALA L 83 -43.51 -30.99 59.35
CA ALA L 83 -43.74 -30.33 60.64
C ALA L 83 -42.94 -31.01 61.73
N GLY L 84 -42.11 -30.23 62.42
CA GLY L 84 -41.26 -30.76 63.47
C GLY L 84 -39.96 -31.36 63.00
N ASN L 85 -39.69 -31.36 61.69
CA ASN L 85 -38.47 -31.92 61.13
C ASN L 85 -38.30 -33.40 61.47
N ARG L 86 -39.43 -34.10 61.63
CA ARG L 86 -39.37 -35.52 61.91
C ARG L 86 -38.82 -36.28 60.71
N SER L 87 -38.03 -37.32 60.99
CA SER L 87 -37.42 -38.12 59.94
C SER L 87 -38.20 -39.38 59.61
N VAL L 88 -39.11 -39.80 60.47
CA VAL L 88 -39.95 -40.97 60.22
C VAL L 88 -41.39 -40.57 60.50
N LEU L 89 -42.27 -40.76 59.52
CA LEU L 89 -43.68 -40.39 59.62
C LEU L 89 -44.52 -41.65 59.65
N PHE L 90 -45.67 -41.58 60.31
CA PHE L 90 -46.51 -42.74 60.51
C PHE L 90 -47.95 -42.43 60.15
N GLY L 91 -48.56 -43.33 59.38
CA GLY L 91 -49.97 -43.22 59.05
C GLY L 91 -50.30 -42.06 58.13
N ASP L 92 -51.34 -41.31 58.48
CA ASP L 92 -51.75 -40.17 57.66
C ASP L 92 -50.62 -39.16 57.52
N ASP L 93 -49.84 -38.94 58.58
CA ASP L 93 -48.70 -38.03 58.50
C ASP L 93 -47.71 -38.45 57.44
N ALA L 94 -47.65 -39.73 57.10
CA ALA L 94 -46.81 -40.22 56.02
C ALA L 94 -47.51 -40.22 54.67
N LEU L 95 -48.84 -40.25 54.66
CA LEU L 95 -49.57 -40.17 53.41
C LEU L 95 -49.67 -38.75 52.89
N GLN L 96 -49.88 -37.78 53.78
CA GLN L 96 -49.88 -36.38 53.37
C GLN L 96 -48.49 -35.94 52.91
N ASN L 97 -47.44 -36.45 53.55
CA ASN L 97 -46.06 -36.13 53.17
C ASN L 97 -45.43 -37.27 52.37
N ARG L 98 -46.23 -37.91 51.50
CA ARG L 98 -45.68 -38.98 50.69
C ARG L 98 -44.84 -38.48 49.52
N LEU L 99 -44.86 -37.17 49.26
CA LEU L 99 -44.00 -36.61 48.23
C LEU L 99 -42.58 -36.40 48.75
N HIS L 100 -42.45 -36.11 50.05
CA HIS L 100 -41.14 -35.87 50.64
C HIS L 100 -40.57 -37.10 51.33
N ALA L 101 -41.36 -38.17 51.45
CA ALA L 101 -40.94 -39.37 52.15
C ALA L 101 -41.05 -40.59 51.26
N ARG L 102 -40.17 -41.56 51.51
CA ARG L 102 -40.25 -42.88 50.87
C ARG L 102 -41.20 -43.72 51.72
N LEU L 103 -42.34 -44.06 51.14
CA LEU L 103 -43.33 -44.84 51.85
C LEU L 103 -43.02 -46.33 51.75
N VAL L 104 -43.06 -47.01 52.89
CA VAL L 104 -42.92 -48.46 52.95
C VAL L 104 -44.09 -49.01 53.76
N ALA L 105 -44.78 -50.00 53.19
CA ALA L 105 -45.88 -50.65 53.88
C ALA L 105 -45.33 -51.74 54.78
N PRO L 106 -45.46 -51.61 56.10
CA PRO L 106 -44.93 -52.67 56.99
C PRO L 106 -45.53 -54.03 56.73
N MET L 107 -46.77 -54.09 56.24
CA MET L 107 -47.51 -55.34 56.13
C MET L 107 -47.89 -55.59 54.68
N GLU L 108 -47.76 -56.86 54.26
CA GLU L 108 -48.17 -57.30 52.94
C GLU L 108 -48.76 -58.69 53.06
N HIS L 109 -49.97 -58.87 52.52
CA HIS L 109 -50.71 -60.13 52.62
C HIS L 109 -50.97 -60.49 54.09
N GLY L 110 -51.24 -59.47 54.90
CA GLY L 110 -51.62 -59.68 56.28
C GLY L 110 -50.49 -60.15 57.17
N VAL L 111 -49.29 -60.27 56.62
CA VAL L 111 -48.11 -60.68 57.38
C VAL L 111 -47.05 -59.60 57.25
N ILE L 112 -46.18 -59.54 58.25
CA ILE L 112 -45.14 -58.51 58.28
C ILE L 112 -44.13 -58.80 57.18
N ALA L 113 -44.02 -57.88 56.22
CA ALA L 113 -43.09 -58.02 55.11
C ALA L 113 -41.81 -57.23 55.28
N HIS L 114 -41.85 -56.11 55.99
CA HIS L 114 -40.67 -55.27 56.24
C HIS L 114 -40.48 -55.18 57.75
N PRO L 115 -39.55 -55.95 58.31
CA PRO L 115 -39.44 -56.01 59.78
C PRO L 115 -39.05 -54.69 60.42
N ASP L 116 -38.15 -53.93 59.80
CA ASP L 116 -37.72 -52.67 60.42
C ASP L 116 -38.83 -51.63 60.40
N ALA L 117 -39.49 -51.44 59.26
CA ALA L 117 -40.64 -50.55 59.20
C ALA L 117 -41.77 -51.02 60.09
N ALA L 118 -41.98 -52.34 60.18
CA ALA L 118 -43.03 -52.86 61.05
C ALA L 118 -42.72 -52.57 62.51
N ARG L 119 -41.46 -52.69 62.91
CA ARG L 119 -41.11 -52.38 64.30
C ARG L 119 -41.23 -50.89 64.58
N ASP L 120 -40.78 -50.04 63.66
CA ASP L 120 -40.98 -48.61 63.81
C ASP L 120 -42.45 -48.27 63.98
N PHE L 121 -43.31 -48.92 63.18
CA PHE L 121 -44.72 -48.60 63.17
C PHE L 121 -45.43 -49.11 64.42
N VAL L 122 -45.06 -50.31 64.88
CA VAL L 122 -45.60 -50.82 66.14
C VAL L 122 -45.13 -49.96 67.31
N GLN L 123 -43.89 -49.46 67.23
CA GLN L 123 -43.40 -48.55 68.27
CA GLN L 123 -43.39 -48.54 68.26
C GLN L 123 -44.20 -47.26 68.29
N HIS L 124 -44.57 -46.74 67.11
CA HIS L 124 -45.41 -45.55 67.05
C HIS L 124 -46.78 -45.82 67.65
N LEU L 125 -47.40 -46.94 67.28
CA LEU L 125 -48.72 -47.24 67.80
C LEU L 125 -48.69 -47.56 69.29
N ARG L 126 -47.55 -48.00 69.82
CA ARG L 126 -47.42 -48.16 71.26
C ARG L 126 -47.48 -46.80 71.96
N SER L 127 -46.75 -45.83 71.44
CA SER L 127 -46.82 -44.47 71.98
C SER L 127 -48.22 -43.88 71.83
N LEU L 128 -48.94 -44.26 70.77
CA LEU L 128 -50.32 -43.81 70.64
C LEU L 128 -51.22 -44.46 71.69
N ALA L 129 -51.09 -45.77 71.89
CA ALA L 129 -51.88 -46.45 72.91
C ALA L 129 -51.38 -46.17 74.32
N ASP L 130 -50.20 -45.59 74.45
CA ASP L 130 -49.60 -45.29 75.76
C ASP L 130 -48.83 -43.98 75.66
N PRO L 131 -49.53 -42.85 75.77
CA PRO L 131 -48.84 -41.56 75.65
C PRO L 131 -47.78 -41.35 76.71
N SER L 132 -47.99 -41.87 77.92
CA SER L 132 -46.98 -41.74 78.97
C SER L 132 -45.75 -42.60 78.66
N GLY L 133 -45.94 -43.75 78.03
CA GLY L 133 -44.83 -44.61 77.70
C GLY L 133 -44.25 -45.38 78.87
N GLN L 134 -44.96 -45.42 80.00
CA GLN L 134 -44.47 -46.11 81.19
C GLN L 134 -45.31 -47.32 81.57
N ALA L 135 -46.53 -47.44 81.05
CA ALA L 135 -47.41 -48.53 81.44
C ALA L 135 -47.00 -49.84 80.76
N GLU L 136 -47.35 -50.95 81.40
CA GLU L 136 -47.09 -52.28 80.86
C GLU L 136 -48.18 -52.62 79.86
N ILE L 137 -47.82 -52.67 78.58
CA ILE L 137 -48.80 -52.94 77.53
C ILE L 137 -48.96 -54.44 77.38
N ARG L 138 -50.22 -54.89 77.30
CA ARG L 138 -50.55 -56.28 77.02
C ARG L 138 -51.44 -56.28 75.78
N ALA L 139 -50.89 -56.64 74.63
CA ALA L 139 -51.58 -56.46 73.37
C ALA L 139 -52.03 -57.79 72.78
N VAL L 140 -53.29 -57.81 72.34
CA VAL L 140 -53.83 -58.88 71.51
C VAL L 140 -53.75 -58.39 70.07
N VAL L 141 -52.79 -58.91 69.32
CA VAL L 141 -52.61 -58.53 67.93
C VAL L 141 -53.39 -59.50 67.04
N GLY L 142 -54.03 -58.96 66.00
CA GLY L 142 -54.78 -59.78 65.08
C GLY L 142 -53.90 -60.27 63.95
N VAL L 143 -53.84 -61.58 63.79
CA VAL L 143 -53.09 -62.22 62.72
C VAL L 143 -54.10 -62.76 61.71
N PRO L 144 -53.66 -63.09 60.49
CA PRO L 144 -54.58 -63.71 59.52
C PRO L 144 -55.21 -64.99 60.04
N ALA L 145 -56.15 -65.54 59.28
CA ALA L 145 -56.92 -66.70 59.74
C ALA L 145 -56.01 -67.88 60.07
N ASN L 146 -55.13 -68.23 59.15
CA ASN L 146 -54.24 -69.37 59.31
C ASN L 146 -52.80 -68.90 59.16
N ALA L 147 -52.40 -67.94 60.00
CA ALA L 147 -51.06 -67.39 59.96
C ALA L 147 -50.05 -68.46 60.34
N THR L 148 -49.04 -68.64 59.50
CA THR L 148 -47.99 -69.62 59.79
C THR L 148 -47.21 -69.19 61.03
N GLU L 149 -46.54 -70.17 61.64
CA GLU L 149 -45.77 -69.89 62.85
C GLU L 149 -44.65 -68.88 62.59
N GLN L 150 -44.12 -68.83 61.37
CA GLN L 150 -43.16 -67.79 61.03
C GLN L 150 -43.83 -66.43 60.93
N ALA L 151 -45.02 -66.36 60.32
CA ALA L 151 -45.77 -65.12 60.24
C ALA L 151 -46.24 -64.64 61.60
N ARG L 152 -46.32 -65.53 62.59
CA ARG L 152 -46.65 -65.14 63.95
C ARG L 152 -45.43 -64.75 64.76
N GLU L 153 -44.30 -65.42 64.54
CA GLU L 153 -43.05 -65.01 65.17
C GLU L 153 -42.58 -63.67 64.62
N ASP L 154 -43.00 -63.34 63.40
CA ASP L 154 -42.70 -62.01 62.87
C ASP L 154 -43.42 -60.92 63.65
N VAL L 155 -44.65 -61.20 64.09
CA VAL L 155 -45.39 -60.22 64.88
C VAL L 155 -44.91 -60.22 66.33
N ARG L 156 -44.53 -61.39 66.85
CA ARG L 156 -43.98 -61.46 68.20
C ARG L 156 -42.55 -60.95 68.26
N ARG L 157 -41.92 -60.72 67.10
CA ARG L 157 -40.54 -60.23 67.07
C ARG L 157 -40.49 -58.73 66.87
N CYS L 158 -41.41 -58.17 66.10
CA CYS L 158 -41.56 -56.73 65.98
C CYS L 158 -42.42 -56.14 67.09
N ALA L 159 -42.68 -56.91 68.14
CA ALA L 159 -43.38 -56.42 69.32
C ALA L 159 -42.58 -56.63 70.59
N PHE L 160 -41.41 -57.27 70.51
CA PHE L 160 -40.56 -57.45 71.68
C PHE L 160 -39.97 -56.11 72.10
N GLY L 161 -39.99 -55.85 73.41
CA GLY L 161 -39.60 -54.56 73.93
C GLY L 161 -40.63 -53.47 73.73
N ILE L 162 -41.71 -53.77 73.02
CA ILE L 162 -42.79 -52.83 72.78
C ILE L 162 -43.98 -53.24 73.63
N PHE L 163 -44.61 -54.36 73.27
CA PHE L 163 -45.67 -54.96 74.06
C PHE L 163 -45.05 -55.96 75.04
N ASP L 164 -45.46 -55.90 76.30
CA ASP L 164 -44.89 -56.80 77.30
C ASP L 164 -45.47 -58.21 77.19
N ARG L 165 -46.77 -58.34 77.02
CA ARG L 165 -47.42 -59.63 76.85
C ARG L 165 -48.26 -59.57 75.58
N ILE L 166 -48.10 -60.56 74.72
CA ILE L 166 -48.80 -60.58 73.44
C ILE L 166 -49.75 -61.76 73.42
N LEU L 167 -50.70 -61.70 72.48
CA LEU L 167 -51.66 -62.77 72.28
C LEU L 167 -52.15 -62.67 70.84
N LEU L 168 -51.84 -63.66 70.02
CA LEU L 168 -52.13 -63.61 68.59
C LEU L 168 -53.40 -64.41 68.31
N ILE L 169 -54.43 -63.73 67.84
CA ILE L 169 -55.72 -64.34 67.55
C ILE L 169 -56.07 -64.05 66.10
N PRO L 170 -56.71 -64.98 65.38
CA PRO L 170 -57.10 -64.71 63.99
C PRO L 170 -57.94 -63.45 63.87
N GLU L 171 -57.74 -62.73 62.77
CA GLU L 171 -58.41 -61.45 62.52
C GLU L 171 -59.91 -61.60 62.32
N PRO L 172 -60.41 -62.59 61.56
CA PRO L 172 -61.86 -62.70 61.43
C PRO L 172 -62.58 -63.07 62.72
N PHE L 173 -61.94 -63.85 63.60
CA PHE L 173 -62.55 -64.14 64.89
C PHE L 173 -62.62 -62.88 65.75
N LEU L 174 -61.57 -62.06 65.71
CA LEU L 174 -61.61 -60.79 66.43
C LEU L 174 -62.64 -59.84 65.83
N ALA L 175 -62.83 -59.88 64.51
CA ALA L 175 -63.87 -59.08 63.89
C ALA L 175 -65.25 -59.54 64.35
N ALA L 176 -65.45 -60.85 64.48
CA ALA L 176 -66.70 -61.37 65.00
C ALA L 176 -66.91 -60.96 66.45
N LEU L 177 -65.84 -60.97 67.24
CA LEU L 177 -65.94 -60.66 68.66
C LEU L 177 -66.08 -59.16 68.91
N GLY L 178 -65.65 -58.31 67.98
CA GLY L 178 -65.78 -56.88 68.14
C GLY L 178 -67.06 -56.35 67.53
N TYR L 179 -67.55 -57.02 66.47
CA TYR L 179 -68.86 -56.70 65.93
C TYR L 179 -69.95 -57.05 66.93
N ARG L 180 -69.70 -58.03 67.79
CA ARG L 180 -70.64 -58.41 68.83
C ARG L 180 -70.92 -57.25 69.77
N ASP L 181 -72.21 -57.03 70.06
CA ASP L 181 -72.63 -55.96 70.94
C ASP L 181 -73.00 -56.55 72.30
N ASP L 182 -72.10 -56.40 73.27
CA ASP L 182 -72.37 -56.91 74.61
C ASP L 182 -73.43 -56.10 75.33
N ALA L 183 -73.69 -54.87 74.88
CA ALA L 183 -74.79 -54.09 75.44
C ALA L 183 -76.14 -54.68 75.08
N ARG L 184 -76.20 -55.50 74.04
CA ARG L 184 -77.44 -56.12 73.59
C ARG L 184 -77.43 -57.64 73.72
N LEU L 185 -76.46 -58.21 74.43
CA LEU L 185 -76.41 -59.65 74.61
C LEU L 185 -77.53 -60.11 75.54
N GLY L 186 -77.95 -61.35 75.33
CA GLY L 186 -79.04 -61.92 76.11
C GLY L 186 -80.40 -61.62 75.54
N GLN L 187 -80.53 -60.47 74.86
CA GLN L 187 -81.80 -60.09 74.26
C GLN L 187 -82.17 -61.05 73.13
N SER L 188 -83.48 -61.26 72.95
CA SER L 188 -83.94 -62.17 71.93
C SER L 188 -83.93 -61.52 70.55
N ASN L 189 -84.17 -60.21 70.49
CA ASN L 189 -84.21 -59.49 69.21
C ASN L 189 -82.82 -59.13 68.68
N TYR L 190 -81.76 -59.68 69.28
CA TYR L 190 -80.39 -59.45 68.83
C TYR L 190 -79.73 -60.79 68.58
N ILE L 191 -79.37 -61.04 67.33
CA ILE L 191 -78.68 -62.28 66.97
C ILE L 191 -77.18 -62.10 67.23
N ASP L 192 -76.60 -63.05 67.94
CA ASP L 192 -75.20 -62.96 68.31
C ASP L 192 -74.31 -63.33 67.13
N PRO L 193 -73.45 -62.44 66.64
CA PRO L 193 -72.58 -62.80 65.51
C PRO L 193 -71.48 -63.79 65.87
N VAL L 194 -71.33 -64.15 67.15
CA VAL L 194 -70.30 -65.09 67.56
C VAL L 194 -70.84 -66.49 67.82
N VAL L 195 -72.11 -66.63 68.19
CA VAL L 195 -72.63 -67.94 68.59
C VAL L 195 -72.63 -68.91 67.43
N ASN L 196 -72.92 -68.42 66.22
CA ASN L 196 -72.95 -69.25 65.02
C ASN L 196 -73.05 -68.36 63.79
N SER L 197 -71.91 -68.10 63.14
CA SER L 197 -71.90 -67.22 61.98
C SER L 197 -70.68 -67.51 61.15
N LEU L 198 -70.65 -66.92 59.96
CA LEU L 198 -69.55 -67.07 59.02
C LEU L 198 -69.06 -65.68 58.63
N PHE L 199 -67.83 -65.37 58.98
CA PHE L 199 -67.28 -64.04 58.82
C PHE L 199 -66.29 -64.02 57.67
N ILE L 200 -66.53 -63.15 56.69
CA ILE L 200 -65.67 -63.02 55.52
C ILE L 200 -64.98 -61.66 55.65
N ASP L 201 -63.91 -61.64 56.44
CA ASP L 201 -63.13 -60.42 56.66
C ASP L 201 -62.23 -60.21 55.44
N ILE L 202 -62.74 -59.45 54.48
CA ILE L 202 -61.98 -59.10 53.28
C ILE L 202 -61.20 -57.83 53.55
N GLY L 203 -59.97 -57.97 54.01
CA GLY L 203 -59.11 -56.82 54.28
C GLY L 203 -58.52 -56.25 53.02
N GLY L 204 -57.32 -55.70 53.15
CA GLY L 204 -56.61 -55.17 52.01
C GLY L 204 -55.41 -56.04 51.65
N GLY L 205 -55.08 -56.96 52.53
CA GLY L 205 -53.99 -57.90 52.26
C GLY L 205 -54.48 -59.31 52.07
N THR L 206 -55.21 -59.82 53.06
CA THR L 206 -55.83 -61.13 52.99
C THR L 206 -57.34 -61.01 53.12
N SER L 207 -58.03 -62.03 52.64
CA SER L 207 -59.48 -62.16 52.76
C SER L 207 -59.74 -63.43 53.55
N ASP L 208 -59.84 -63.29 54.87
CA ASP L 208 -59.96 -64.43 55.76
C ASP L 208 -61.43 -64.77 55.99
N ILE L 209 -61.83 -65.98 55.63
CA ILE L 209 -63.15 -66.50 55.94
C ILE L 209 -63.02 -67.40 57.16
N CYS L 210 -63.98 -67.31 58.07
CA CYS L 210 -63.87 -68.02 59.35
C CYS L 210 -65.25 -68.46 59.81
N LEU L 211 -65.30 -69.66 60.39
CA LEU L 211 -66.52 -70.21 60.98
C LEU L 211 -66.53 -69.86 62.46
N VAL L 212 -67.19 -68.77 62.83
CA VAL L 212 -67.22 -68.32 64.21
C VAL L 212 -68.41 -68.98 64.89
N GLN L 213 -68.16 -70.05 65.65
CA GLN L 213 -69.22 -70.87 66.22
C GLN L 213 -69.22 -70.82 67.74
N GLY L 214 -68.83 -69.68 68.32
CA GLY L 214 -68.89 -69.46 69.75
C GLY L 214 -67.55 -69.56 70.45
N TYR L 215 -66.63 -70.36 69.92
CA TYR L 215 -65.35 -70.63 70.57
C TYR L 215 -64.22 -70.20 69.65
N PHE L 216 -62.99 -70.32 70.15
CA PHE L 216 -61.80 -70.02 69.38
C PHE L 216 -61.74 -70.93 68.16
N PRO L 217 -61.70 -70.39 66.94
CA PRO L 217 -61.81 -71.24 65.75
C PRO L 217 -60.55 -72.07 65.55
N GLY L 218 -60.77 -73.34 65.20
CA GLY L 218 -59.67 -74.23 64.90
C GLY L 218 -59.05 -73.93 63.56
N PRO L 219 -57.96 -74.64 63.26
CA PRO L 219 -57.27 -74.43 61.98
C PRO L 219 -58.11 -74.82 60.77
N ASP L 220 -59.15 -75.63 60.95
CA ASP L 220 -60.01 -76.03 59.84
C ASP L 220 -61.27 -75.17 59.72
N ASP L 221 -61.54 -74.32 60.71
CA ASP L 221 -62.69 -73.42 60.66
C ASP L 221 -62.39 -72.11 59.94
N GLN L 222 -61.21 -71.96 59.35
CA GLN L 222 -60.81 -70.70 58.74
C GLN L 222 -59.92 -70.96 57.54
N ILE L 223 -60.12 -70.17 56.49
CA ILE L 223 -59.27 -70.18 55.30
C ILE L 223 -58.86 -68.74 55.01
N SER L 224 -57.56 -68.53 54.82
CA SER L 224 -57.02 -67.22 54.48
C SER L 224 -56.49 -67.25 53.05
N ILE L 225 -56.98 -66.34 52.22
CA ILE L 225 -56.54 -66.17 50.84
C ILE L 225 -55.80 -64.85 50.73
N PRO L 226 -54.56 -64.83 50.23
CA PRO L 226 -53.81 -63.58 50.08
C PRO L 226 -54.29 -62.72 48.90
N PHE L 227 -55.60 -62.68 48.69
CA PHE L 227 -56.20 -61.90 47.63
C PHE L 227 -57.28 -61.01 48.24
N ALA L 228 -57.02 -59.71 48.29
CA ALA L 228 -57.98 -58.79 48.89
C ALA L 228 -57.85 -57.44 48.20
N GLY L 229 -57.80 -56.36 48.99
CA GLY L 229 -57.75 -55.03 48.42
C GLY L 229 -56.49 -54.75 47.64
N ASP L 230 -55.33 -55.17 48.17
CA ASP L 230 -54.07 -54.93 47.46
C ASP L 230 -53.99 -55.74 46.17
N ALA L 231 -54.56 -56.94 46.15
CA ALA L 231 -54.62 -57.73 44.94
C ALA L 231 -55.50 -57.11 43.88
N ILE L 232 -56.64 -56.52 44.25
CA ILE L 232 -57.46 -55.82 43.28
C ILE L 232 -56.76 -54.55 42.80
N ASP L 233 -56.04 -53.86 43.70
CA ASP L 233 -55.25 -52.71 43.29
C ASP L 233 -54.20 -53.12 42.27
N GLN L 234 -53.54 -54.27 42.49
CA GLN L 234 -52.54 -54.74 41.54
C GLN L 234 -53.17 -55.13 40.21
N LEU L 235 -54.33 -55.79 40.26
CA LEU L 235 -55.04 -56.14 39.03
C LEU L 235 -55.44 -54.91 38.23
N LEU L 236 -55.93 -53.87 38.90
CA LEU L 236 -56.24 -52.61 38.25
C LEU L 236 -55.00 -51.92 37.70
N GLN L 237 -53.89 -51.94 38.44
CA GLN L 237 -52.65 -51.39 37.93
C GLN L 237 -52.19 -52.10 36.67
N GLU L 238 -52.34 -53.43 36.62
CA GLU L 238 -51.96 -54.16 35.42
C GLU L 238 -52.92 -53.85 34.26
N GLU L 239 -54.23 -53.83 34.54
CA GLU L 239 -55.18 -53.53 33.48
C GLU L 239 -55.13 -52.09 33.02
N LEU L 240 -54.49 -51.20 33.78
CA LEU L 240 -54.31 -49.81 33.38
C LEU L 240 -52.97 -49.58 32.68
N ASN L 241 -51.90 -50.24 33.13
CA ASN L 241 -50.63 -50.18 32.42
C ASN L 241 -50.64 -51.02 31.15
N ARG L 242 -51.68 -51.81 30.92
CA ARG L 242 -51.82 -52.59 29.71
C ARG L 242 -52.63 -51.87 28.64
N THR L 243 -53.62 -51.07 29.04
CA THR L 243 -54.43 -50.29 28.11
C THR L 243 -54.00 -48.83 28.02
N TYR L 244 -53.64 -48.21 29.13
CA TYR L 244 -53.18 -46.83 29.17
C TYR L 244 -51.74 -46.83 29.66
N PRO L 245 -50.79 -47.14 28.78
CA PRO L 245 -49.41 -47.37 29.23
C PRO L 245 -48.76 -46.10 29.73
N ASN L 246 -47.83 -46.27 30.67
CA ASN L 246 -47.10 -45.16 31.29
C ASN L 246 -48.07 -44.08 31.77
N ASN L 247 -49.13 -44.52 32.46
CA ASN L 247 -50.10 -43.57 32.99
C ASN L 247 -49.57 -42.86 34.22
N GLY L 248 -48.61 -43.48 34.92
CA GLY L 248 -48.06 -42.89 36.11
C GLY L 248 -48.97 -42.88 37.31
N LEU L 249 -50.15 -43.48 37.21
CA LEU L 249 -51.07 -43.53 38.35
C LEU L 249 -50.48 -44.40 39.45
N SER L 250 -50.24 -43.79 40.61
CA SER L 250 -49.66 -44.53 41.73
C SER L 250 -50.68 -45.49 42.31
N LEU L 251 -50.18 -46.45 43.09
CA LEU L 251 -51.07 -47.38 43.77
C LEU L 251 -52.05 -46.67 44.69
N HIS L 252 -51.64 -45.55 45.27
CA HIS L 252 -52.52 -44.77 46.13
C HIS L 252 -53.66 -44.11 45.36
N LYS L 253 -53.56 -44.00 44.04
CA LYS L 253 -54.64 -43.48 43.22
CA LYS L 253 -54.64 -43.48 43.22
C LYS L 253 -55.43 -44.57 42.51
N VAL L 254 -54.76 -45.62 42.04
CA VAL L 254 -55.44 -46.79 41.53
C VAL L 254 -56.26 -47.47 42.63
N ARG L 255 -55.93 -47.20 43.89
CA ARG L 255 -56.72 -47.66 45.02
C ARG L 255 -57.95 -46.79 45.25
N GLU L 256 -57.81 -45.46 45.18
CA GLU L 256 -58.97 -44.60 45.29
C GLU L 256 -59.95 -44.80 44.15
N ILE L 257 -59.45 -45.10 42.95
CA ILE L 257 -60.34 -45.44 41.84
C ILE L 257 -61.21 -46.63 42.22
N LYS L 258 -60.61 -47.64 42.86
CA LYS L 258 -61.36 -48.82 43.24
C LYS L 258 -62.32 -48.54 44.39
N GLU L 259 -61.90 -47.74 45.37
CA GLU L 259 -62.80 -47.42 46.48
C GLU L 259 -63.99 -46.59 46.00
N ALA L 260 -63.79 -45.72 45.02
CA ALA L 260 -64.86 -44.84 44.57
C ALA L 260 -65.75 -45.47 43.52
N HIS L 261 -65.22 -46.34 42.65
CA HIS L 261 -65.99 -46.88 41.56
C HIS L 261 -65.94 -48.41 41.47
N GLY L 262 -65.10 -49.07 42.25
CA GLY L 262 -65.01 -50.52 42.16
C GLY L 262 -66.30 -51.20 42.57
N TYR L 263 -66.62 -52.28 41.88
CA TYR L 263 -67.88 -52.99 42.07
C TYR L 263 -67.71 -54.42 41.62
N VAL L 264 -68.48 -55.31 42.22
CA VAL L 264 -68.50 -56.71 41.83
C VAL L 264 -69.86 -57.02 41.19
N GLY L 265 -69.84 -57.98 40.27
CA GLY L 265 -71.03 -58.35 39.56
C GLY L 265 -70.91 -58.07 38.07
N PRO L 266 -72.05 -57.92 37.39
CA PRO L 266 -72.02 -57.64 35.96
C PRO L 266 -71.38 -56.29 35.68
N SER L 267 -70.83 -56.16 34.47
CA SER L 267 -70.15 -54.93 34.09
C SER L 267 -71.13 -53.76 34.04
N ARG L 268 -70.65 -52.58 34.41
CA ARG L 268 -71.42 -51.35 34.37
C ARG L 268 -70.76 -50.38 33.41
N LYS L 269 -71.36 -50.21 32.23
CA LYS L 269 -70.82 -49.32 31.22
C LYS L 269 -71.91 -48.36 30.76
N PRO L 270 -71.58 -47.09 30.52
CA PRO L 270 -70.24 -46.54 30.72
C PRO L 270 -70.01 -46.04 32.15
N LEU L 271 -68.80 -46.23 32.67
CA LEU L 271 -68.43 -45.79 34.01
C LEU L 271 -67.15 -44.96 33.85
N ASP L 272 -67.32 -43.64 33.82
CA ASP L 272 -66.20 -42.74 33.55
C ASP L 272 -65.46 -42.41 34.84
N VAL L 273 -64.14 -42.59 34.81
CA VAL L 273 -63.28 -42.29 35.95
C VAL L 273 -62.38 -41.13 35.55
N LYS L 274 -62.49 -40.02 36.27
CA LYS L 274 -61.69 -38.83 36.00
C LYS L 274 -60.34 -38.99 36.68
N VAL L 275 -59.27 -39.12 35.90
CA VAL L 275 -57.93 -39.29 36.41
C VAL L 275 -57.03 -38.20 35.85
N VAL L 276 -55.79 -38.16 36.35
CA VAL L 276 -54.79 -37.19 35.92
C VAL L 276 -53.59 -38.00 35.46
N ILE L 277 -53.40 -38.10 34.14
CA ILE L 277 -52.36 -38.90 33.54
C ILE L 277 -51.36 -37.96 32.90
N GLY L 278 -50.20 -37.80 33.53
CA GLY L 278 -49.16 -36.94 32.99
C GLY L 278 -49.47 -35.46 33.13
N GLY L 279 -50.13 -35.07 34.21
CA GLY L 279 -50.47 -33.68 34.43
C GLY L 279 -51.78 -33.28 33.80
N LYS L 280 -52.18 -34.00 32.76
CA LYS L 280 -53.40 -33.68 32.02
C LYS L 280 -54.57 -34.52 32.53
N ALA L 281 -55.74 -33.90 32.59
CA ALA L 281 -56.94 -34.52 33.15
C ALA L 281 -57.63 -35.32 32.05
N HIS L 282 -57.64 -36.65 32.20
CA HIS L 282 -58.32 -37.54 31.27
C HIS L 282 -59.53 -38.18 31.96
N THR L 283 -60.42 -38.74 31.14
CA THR L 283 -61.63 -39.40 31.62
C THR L 283 -61.65 -40.80 31.01
N LEU L 284 -61.14 -41.77 31.77
CA LEU L 284 -61.07 -43.13 31.28
C LEU L 284 -62.41 -43.84 31.43
N GLU L 285 -62.58 -44.91 30.67
CA GLU L 285 -63.73 -45.80 30.78
C GLU L 285 -63.25 -47.10 31.43
N LEU L 286 -63.58 -47.27 32.71
CA LEU L 286 -63.08 -48.39 33.50
C LEU L 286 -64.20 -49.28 34.02
N GLY L 287 -65.30 -49.36 33.27
CA GLY L 287 -66.39 -50.23 33.67
C GLY L 287 -65.97 -51.69 33.67
N ASP L 288 -65.57 -52.19 32.50
CA ASP L 288 -65.07 -53.56 32.42
C ASP L 288 -63.80 -53.75 33.24
N THR L 289 -62.95 -52.72 33.32
CA THR L 289 -61.71 -52.86 34.07
C THR L 289 -61.97 -53.08 35.55
N LEU L 290 -62.77 -52.21 36.18
CA LEU L 290 -63.08 -52.37 37.59
C LEU L 290 -63.91 -53.63 37.82
N ALA L 291 -64.80 -53.96 36.88
CA ALA L 291 -65.57 -55.19 37.02
C ALA L 291 -64.66 -56.41 37.08
N ARG L 292 -63.73 -56.52 36.13
CA ARG L 292 -62.82 -57.67 36.10
C ARG L 292 -61.88 -57.66 37.29
N ALA L 293 -61.46 -56.48 37.75
CA ALA L 293 -60.56 -56.43 38.90
C ALA L 293 -61.25 -56.86 40.18
N CYS L 294 -62.50 -56.45 40.37
CA CYS L 294 -63.17 -56.73 41.64
C CYS L 294 -63.86 -58.10 41.64
N ASN L 295 -64.22 -58.63 40.46
CA ASN L 295 -64.85 -59.93 40.42
C ASN L 295 -63.85 -61.06 40.63
N ALA L 296 -62.56 -60.80 40.43
CA ALA L 296 -61.55 -61.78 40.78
C ALA L 296 -61.52 -62.04 42.27
N LEU L 297 -61.81 -61.02 43.08
CA LEU L 297 -61.92 -61.25 44.52
C LEU L 297 -63.02 -62.23 44.84
N ILE L 298 -64.17 -62.11 44.17
CA ILE L 298 -65.26 -63.06 44.39
C ILE L 298 -64.86 -64.44 43.91
N ASP L 299 -64.26 -64.53 42.72
CA ASP L 299 -63.79 -65.80 42.20
C ASP L 299 -62.74 -66.46 43.10
N LYS L 300 -62.04 -65.68 43.92
CA LYS L 300 -61.07 -66.22 44.85
C LYS L 300 -61.71 -66.63 46.18
N ILE L 301 -62.59 -65.79 46.73
CA ILE L 301 -63.12 -66.03 48.07
C ILE L 301 -64.35 -66.94 48.06
N TYR L 302 -64.91 -67.23 46.89
CA TYR L 302 -66.10 -68.07 46.87
C TYR L 302 -65.77 -69.55 47.02
N PRO L 303 -64.73 -70.07 46.36
CA PRO L 303 -64.34 -71.47 46.63
C PRO L 303 -63.97 -71.74 48.08
N ALA L 304 -63.50 -70.73 48.81
CA ALA L 304 -63.21 -70.87 50.23
C ALA L 304 -64.40 -70.54 51.12
N LEU L 305 -65.34 -69.73 50.62
CA LEU L 305 -66.59 -69.53 51.34
C LEU L 305 -67.41 -70.82 51.35
N THR L 306 -67.64 -71.40 50.17
CA THR L 306 -68.38 -72.65 50.09
C THR L 306 -67.68 -73.80 50.81
N THR L 307 -66.34 -73.77 50.86
CA THR L 307 -65.61 -74.84 51.55
C THR L 307 -65.98 -74.87 53.03
N LEU L 308 -66.00 -73.72 53.69
CA LEU L 308 -66.40 -73.69 55.09
C LEU L 308 -67.90 -73.82 55.27
N ILE L 309 -68.69 -73.41 54.29
CA ILE L 309 -70.14 -73.66 54.38
C ILE L 309 -70.40 -75.16 54.40
N GLN L 310 -69.63 -75.93 53.62
CA GLN L 310 -69.77 -77.38 53.63
C GLN L 310 -68.96 -78.05 54.73
N ARG L 311 -68.05 -77.32 55.38
CA ARG L 311 -67.35 -77.86 56.54
C ARG L 311 -68.14 -77.76 57.83
N ALA L 312 -69.10 -76.85 57.91
CA ALA L 312 -69.87 -76.67 59.12
C ALA L 312 -70.77 -77.88 59.39
N SER L 313 -71.15 -78.03 60.67
CA SER L 313 -72.04 -79.12 61.05
C SER L 313 -73.40 -78.94 60.39
N SER L 314 -73.99 -80.06 59.94
CA SER L 314 -75.29 -80.00 59.28
C SER L 314 -76.39 -79.48 60.20
N ASP L 315 -76.23 -79.64 61.52
CA ASP L 315 -77.25 -79.16 62.44
C ASP L 315 -77.19 -77.64 62.62
N SER L 316 -76.04 -77.04 62.30
CA SER L 316 -75.85 -75.61 62.50
C SER L 316 -75.65 -74.83 61.20
N VAL L 317 -75.63 -75.49 60.05
CA VAL L 317 -75.36 -74.80 58.79
C VAL L 317 -76.56 -73.99 58.31
N VAL L 318 -77.78 -74.39 58.71
CA VAL L 318 -78.97 -73.69 58.24
C VAL L 318 -79.01 -72.28 58.80
N THR L 319 -78.53 -72.09 60.03
CA THR L 319 -78.41 -70.75 60.59
C THR L 319 -77.11 -70.09 60.15
N LEU L 320 -76.09 -70.89 59.82
CA LEU L 320 -74.86 -70.34 59.28
C LEU L 320 -75.13 -69.55 58.01
N LEU L 321 -75.90 -70.13 57.08
CA LEU L 321 -76.22 -69.43 55.85
C LEU L 321 -77.02 -68.16 56.12
N GLN L 322 -77.80 -68.14 57.21
CA GLN L 322 -78.55 -66.94 57.56
C GLN L 322 -77.66 -65.90 58.24
N ASN L 323 -76.53 -66.31 58.79
CA ASN L 323 -75.62 -65.39 59.47
C ASN L 323 -74.26 -65.36 58.79
N ILE L 324 -74.24 -65.04 57.49
CA ILE L 324 -72.98 -64.77 56.80
C ILE L 324 -72.71 -63.28 56.83
N ILE L 325 -71.57 -62.88 57.37
CA ILE L 325 -71.25 -61.48 57.61
C ILE L 325 -69.94 -61.14 56.92
N ILE L 326 -69.94 -60.06 56.16
CA ILE L 326 -68.74 -59.58 55.47
C ILE L 326 -68.20 -58.37 56.22
N THR L 327 -66.95 -58.46 56.66
CA THR L 327 -66.31 -57.33 57.33
C THR L 327 -65.01 -56.98 56.64
N GLY L 328 -64.25 -56.06 57.23
CA GLY L 328 -63.03 -55.58 56.61
C GLY L 328 -63.32 -54.55 55.54
N GLY L 329 -62.26 -53.94 54.98
CA GLY L 329 -62.46 -52.95 53.94
C GLY L 329 -63.22 -53.47 52.74
N GLY L 330 -62.93 -54.69 52.31
CA GLY L 330 -63.59 -55.28 51.16
C GLY L 330 -65.08 -55.47 51.31
N SER L 331 -65.62 -55.29 52.52
CA SER L 331 -67.07 -55.32 52.69
C SER L 331 -67.74 -54.11 52.03
N GLN L 332 -66.98 -53.04 51.81
CA GLN L 332 -67.52 -51.81 51.25
C GLN L 332 -67.57 -51.81 49.73
N ILE L 333 -67.13 -52.90 49.08
CA ILE L 333 -67.26 -52.99 47.63
C ILE L 333 -68.72 -52.97 47.25
N LYS L 334 -69.05 -52.15 46.25
CA LYS L 334 -70.44 -51.94 45.85
C LYS L 334 -71.09 -53.22 45.37
N GLY L 335 -72.04 -53.74 46.14
CA GLY L 335 -72.78 -54.92 45.74
C GLY L 335 -72.10 -56.23 46.00
N ILE L 336 -71.29 -56.33 47.06
CA ILE L 336 -70.62 -57.59 47.37
C ILE L 336 -71.51 -58.53 48.18
N ASP L 337 -72.33 -58.02 49.10
CA ASP L 337 -73.23 -58.88 49.83
C ASP L 337 -74.34 -59.42 48.94
N THR L 338 -74.92 -58.57 48.09
CA THR L 338 -75.94 -59.03 47.15
C THR L 338 -75.39 -60.05 46.18
N LEU L 339 -74.18 -59.83 45.66
CA LEU L 339 -73.61 -60.78 44.72
C LEU L 339 -73.26 -62.10 45.39
N LEU L 340 -72.72 -62.05 46.61
CA LEU L 340 -72.40 -63.29 47.30
C LEU L 340 -73.66 -64.06 47.68
N GLN L 341 -74.71 -63.35 48.09
CA GLN L 341 -75.97 -64.02 48.38
C GLN L 341 -76.58 -64.62 47.12
N LYS L 342 -76.47 -63.92 45.99
CA LYS L 342 -76.97 -64.47 44.73
C LYS L 342 -76.19 -65.71 44.32
N LYS L 343 -74.86 -65.69 44.50
CA LYS L 343 -74.05 -66.84 44.12
C LYS L 343 -74.29 -68.02 45.06
N LEU L 344 -74.62 -67.75 46.33
CA LEU L 344 -74.90 -68.85 47.24
C LEU L 344 -76.31 -69.39 47.06
N THR L 345 -77.24 -68.55 46.61
CA THR L 345 -78.60 -69.01 46.34
C THR L 345 -78.64 -69.81 45.05
N GLU L 346 -77.93 -69.35 44.02
CA GLU L 346 -77.91 -70.07 42.75
C GLU L 346 -77.25 -71.44 42.88
N ASP L 347 -76.36 -71.60 43.86
CA ASP L 347 -75.72 -72.89 44.09
C ASP L 347 -76.58 -73.83 44.93
N GLY L 348 -77.75 -73.39 45.37
CA GLY L 348 -78.66 -74.26 46.09
C GLY L 348 -78.49 -74.29 47.59
N PHE L 349 -77.69 -73.39 48.16
CA PHE L 349 -77.52 -73.37 49.60
C PHE L 349 -78.82 -72.97 50.29
N GLU L 350 -79.02 -73.51 51.50
CA GLU L 350 -80.29 -73.37 52.20
C GLU L 350 -80.57 -71.94 52.62
N SER L 351 -81.11 -71.14 51.69
CA SER L 351 -81.55 -69.77 51.93
C SER L 351 -80.45 -68.94 52.59
N PRO L 352 -79.38 -68.61 51.88
CA PRO L 352 -78.33 -67.79 52.46
C PRO L 352 -78.78 -66.35 52.65
N LYS L 353 -78.12 -65.69 53.60
CA LYS L 353 -78.38 -64.27 53.88
C LYS L 353 -77.04 -63.62 54.21
N VAL L 354 -76.40 -63.07 53.20
CA VAL L 354 -75.11 -62.41 53.36
C VAL L 354 -75.34 -60.98 53.82
N ARG L 355 -74.65 -60.59 54.88
CA ARG L 355 -74.82 -59.29 55.53
C ARG L 355 -73.48 -58.58 55.61
N LEU L 356 -73.52 -57.26 55.52
CA LEU L 356 -72.34 -56.44 55.72
C LEU L 356 -72.15 -56.15 57.20
N ALA L 357 -70.89 -56.04 57.61
CA ALA L 357 -70.57 -55.79 59.02
C ALA L 357 -71.22 -54.50 59.51
N GLY L 358 -70.86 -53.39 58.89
CA GLY L 358 -71.41 -52.11 59.25
C GLY L 358 -70.42 -51.01 58.94
N HIS L 359 -70.73 -49.82 59.45
CA HIS L 359 -69.87 -48.66 59.20
C HIS L 359 -68.53 -48.79 59.91
N ASP L 360 -68.52 -49.37 61.11
CA ASP L 360 -67.31 -49.46 61.93
C ASP L 360 -66.49 -50.68 61.57
N TYR L 361 -66.29 -50.93 60.28
CA TYR L 361 -65.54 -52.09 59.84
C TYR L 361 -64.05 -51.98 60.11
N LYS L 362 -63.56 -50.82 60.53
CA LYS L 362 -62.14 -50.63 60.79
CA LYS L 362 -62.14 -50.65 60.78
C LYS L 362 -61.75 -51.01 62.22
N ARG L 363 -62.63 -50.77 63.18
CA ARG L 363 -62.33 -51.04 64.57
C ARG L 363 -62.82 -52.39 65.04
N TYR L 364 -63.51 -53.16 64.19
CA TYR L 364 -64.08 -54.43 64.63
C TYR L 364 -63.00 -55.41 65.08
N VAL L 365 -61.92 -55.54 64.32
CA VAL L 365 -60.84 -56.40 64.77
C VAL L 365 -60.16 -55.82 66.01
N ALA L 366 -60.04 -54.50 66.11
CA ALA L 366 -59.44 -53.90 67.30
C ALA L 366 -60.38 -53.98 68.50
N LEU L 367 -61.68 -53.75 68.30
CA LEU L 367 -62.63 -53.98 69.38
C LEU L 367 -62.59 -55.42 69.86
N GLY L 368 -62.55 -56.38 68.94
CA GLY L 368 -62.50 -57.77 69.34
C GLY L 368 -61.21 -58.13 70.05
N ALA L 369 -60.09 -57.55 69.62
CA ALA L 369 -58.82 -57.83 70.28
C ALA L 369 -58.77 -57.20 71.66
N LEU L 370 -59.41 -56.04 71.85
CA LEU L 370 -59.47 -55.44 73.17
C LEU L 370 -60.40 -56.24 74.08
N LYS L 371 -61.50 -56.76 73.53
CA LYS L 371 -62.40 -57.60 74.31
C LYS L 371 -61.74 -58.93 74.66
N ALA L 372 -60.86 -59.42 73.80
CA ALA L 372 -60.11 -60.65 74.09
C ALA L 372 -58.93 -60.39 75.03
N ALA L 373 -58.45 -59.14 75.11
CA ALA L 373 -57.43 -58.81 76.09
C ALA L 373 -58.02 -58.74 77.49
N ARG L 374 -59.20 -58.14 77.63
CA ARG L 374 -59.87 -58.05 78.91
C ARG L 374 -60.41 -59.38 79.38
N ALA L 375 -60.60 -60.34 78.48
CA ALA L 375 -61.07 -61.67 78.84
C ALA L 375 -59.97 -62.72 78.81
N ALA L 376 -58.74 -62.34 78.49
CA ALA L 376 -57.64 -63.31 78.46
C ALA L 376 -57.19 -63.63 79.87
N ARG L 377 -57.02 -64.93 80.15
CA ARG L 377 -56.51 -65.34 81.44
C ARG L 377 -55.03 -64.99 81.57
N GLU L 378 -54.52 -65.07 82.80
CA GLU L 378 -53.11 -64.77 83.03
C GLU L 378 -52.20 -65.76 82.33
N ASN L 379 -52.67 -66.99 82.12
CA ASN L 379 -51.88 -68.01 81.45
C ASN L 379 -51.98 -67.95 79.93
N GLN L 380 -52.85 -67.09 79.39
CA GLN L 380 -52.98 -66.95 77.95
C GLN L 380 -51.98 -65.97 77.35
N TRP L 381 -51.49 -65.02 78.13
CA TRP L 381 -50.56 -64.03 77.61
C TRP L 381 -49.21 -64.66 77.33
N GLN L 382 -48.66 -64.38 76.16
CA GLN L 382 -47.34 -64.88 75.79
C GLN L 382 -46.27 -63.86 76.13
N VAL L 383 -45.20 -64.32 76.75
CA VAL L 383 -44.08 -63.46 77.12
C VAL L 383 -43.09 -63.45 75.96
N LEU L 384 -42.68 -62.24 75.57
CA LEU L 384 -41.69 -62.07 74.51
C LEU L 384 -40.34 -61.80 75.16
N LEU L 385 -39.45 -62.78 75.10
CA LEU L 385 -38.10 -62.67 75.63
C LEU L 385 -37.10 -62.69 74.48
N GLY L 386 -36.01 -61.94 74.64
CA GLY L 386 -34.98 -61.87 73.62
C GLY L 386 -33.89 -60.88 73.96
PG ATP M . 25.03 76.32 -56.62
O1G ATP M . 24.90 77.18 -55.38
O2G ATP M . 25.09 74.84 -56.33
O3G ATP M . 26.08 76.79 -57.59
PB ATP M . 23.26 77.74 -58.36
O1B ATP M . 24.42 78.05 -59.27
O2B ATP M . 22.67 78.84 -57.53
O3B ATP M . 23.64 76.51 -57.40
PA ATP M . 21.66 77.45 -60.73
O1A ATP M . 20.73 76.38 -61.25
O2A ATP M . 21.24 78.90 -60.78
O3A ATP M . 22.08 77.07 -59.22
O5' ATP M . 23.01 77.30 -61.58
C5' ATP M . 23.57 78.43 -62.24
C4' ATP M . 24.51 77.93 -63.32
O4' ATP M . 23.78 77.20 -64.30
C3' ATP M . 25.21 79.07 -64.02
O3' ATP M . 26.60 79.08 -63.69
C2' ATP M . 25.05 78.79 -65.50
O2' ATP M . 26.34 78.67 -66.10
C1' ATP M . 24.30 77.48 -65.60
N9 ATP M . 23.17 77.60 -66.57
C8 ATP M . 22.07 78.35 -66.41
N7 ATP M . 21.25 78.23 -67.49
C5 ATP M . 21.84 77.39 -68.36
C6 ATP M . 21.51 76.83 -69.69
N6 ATP M . 20.37 77.15 -70.33
N1 ATP M . 22.40 75.99 -70.25
C2 ATP M . 23.55 75.65 -69.63
N3 ATP M . 23.90 76.11 -68.42
C4 ATP M . 23.11 76.97 -67.75
CA CA N . 21.75 75.84 -56.10
PG ATP O . 3.75 33.22 -35.26
O1G ATP O . 3.71 34.63 -34.76
O2G ATP O . 3.54 32.18 -34.17
O3G ATP O . 4.90 32.92 -36.17
PB ATP O . 2.18 33.98 -37.49
O1B ATP O . 3.51 34.27 -38.14
O2B ATP O . 1.28 35.12 -37.11
O3B ATP O . 2.44 33.08 -36.19
PA ATP O . 1.20 33.02 -40.01
O1A ATP O . 0.61 31.72 -40.51
O2A ATP O . 0.56 34.33 -40.39
O3A ATP O . 1.35 32.94 -38.40
O5' ATP O . 2.72 33.04 -40.53
C5' ATP O . 3.22 34.17 -41.25
C4' ATP O . 4.47 33.73 -41.97
O4' ATP O . 4.15 32.74 -42.95
C3' ATP O . 5.14 34.88 -42.69
O3' ATP O . 6.37 35.21 -42.04
C2' ATP O . 5.43 34.37 -44.08
O2' ATP O . 6.84 34.42 -44.31
C1' ATP O . 4.93 32.93 -44.12
N9 ATP O . 4.11 32.72 -45.34
C8 ATP O . 2.90 33.24 -45.58
N7 ATP O . 2.43 32.84 -46.80
C5 ATP O . 3.36 32.04 -47.33
C6 ATP O . 3.50 31.27 -48.59
N6 ATP O . 2.52 31.28 -49.53
N1 ATP O . 4.63 30.55 -48.77
C2 ATP O . 5.61 30.53 -47.85
N3 ATP O . 5.54 31.20 -46.68
C4 ATP O . 4.47 31.96 -46.38
CA CA P . 0.17 32.41 -35.33
PG ATP Q . -16.11 -10.20 -12.38
O1G ATP Q . -17.40 -10.98 -12.22
O2G ATP Q . -14.92 -10.85 -11.73
O3G ATP Q . -16.21 -8.72 -12.07
PB ATP Q . -16.83 -9.99 -15.14
O1B ATP Q . -16.51 -8.65 -15.74
O2B ATP Q . -18.22 -10.28 -14.65
O3B ATP Q . -15.77 -10.25 -13.95
PA ATP Q . -16.96 -11.32 -17.67
O1A ATP Q . -17.09 -12.79 -17.97
O2A ATP Q . -18.14 -10.40 -17.81
O3A ATP Q . -16.40 -11.16 -16.17
O5' ATP Q . -15.74 -10.76 -18.54
C5' ATP Q . -14.70 -10.04 -17.91
C4' ATP Q . -13.35 -10.37 -18.54
O4' ATP Q . -13.45 -11.44 -19.48
C3' ATP Q . -12.79 -9.19 -19.30
O3' ATP Q . -11.78 -8.53 -18.53
C2' ATP Q . -12.18 -9.78 -20.55
O2' ATP Q . -10.78 -9.52 -20.57
C1' ATP Q . -12.45 -11.27 -20.47
N9 ATP Q . -12.89 -11.79 -21.79
C8 ATP Q . -14.07 -11.55 -22.40
N7 ATP Q . -14.14 -12.18 -23.59
C5 ATP Q . -12.99 -12.85 -23.77
C6 ATP Q . -12.40 -13.72 -24.81
N6 ATP Q . -13.09 -14.02 -25.94
N1 ATP Q . -11.17 -14.21 -24.60
C2 ATP Q . -10.47 -13.94 -23.49
N3 ATP Q . -10.94 -13.15 -22.49
C4 ATP Q . -12.17 -12.59 -22.58
CA CA R . -19.32 -11.65 -13.14
PG ATP S . -33.86 -53.12 12.44
O1G ATP S . -34.41 -51.75 12.21
O2G ATP S . -34.44 -53.84 13.63
O3G ATP S . -32.36 -53.20 12.35
PB ATP S . -34.11 -53.51 9.65
O1B ATP S . -32.75 -52.88 9.59
O2B ATP S . -35.30 -52.75 9.14
O3B ATP S . -34.40 -53.96 11.17
PA ATP S . -33.38 -55.25 7.49
O1A ATP S . -33.30 -56.76 7.32
O2A ATP S . -34.01 -54.40 6.43
O3A ATP S . -34.08 -54.96 8.92
O5' ATP S . -31.86 -54.75 7.68
C5' ATP S . -31.38 -53.66 6.92
C4' ATP S . -29.86 -53.67 6.99
O4' ATP S . -29.36 -54.87 6.39
C3' ATP S . -29.25 -52.51 6.24
O3' ATP S . -28.65 -51.60 7.15
C2' ATP S . -28.20 -53.10 5.32
O2' ATP S . -26.94 -52.52 5.64
C1' ATP S . -28.20 -54.59 5.62
N9 ATP S . -28.21 -55.37 4.36
C8 ATP S . -29.22 -55.40 3.46
N7 ATP S . -28.93 -56.21 2.42
C5 ATP S . -27.70 -56.72 2.64
C6 ATP S . -26.78 -57.64 1.94
N6 ATP S . -27.13 -58.20 0.76
N1 ATP S . -25.59 -57.91 2.52
C2 ATP S . -25.24 -57.37 3.69
N3 ATP S . -26.03 -56.52 4.39
C4 ATP S . -27.24 -56.16 3.92
CA CA T . -36.68 -55.11 11.29
PG ATP U . 49.67 42.53 -49.53
O1G ATP U . 48.68 41.69 -50.28
O2G ATP U . 49.37 42.70 -48.07
O3G ATP U . 50.08 43.80 -50.23
PB ATP U . 52.14 41.77 -50.69
O1B ATP U . 52.70 43.17 -50.66
O2B ATP U . 51.59 41.24 -51.99
O3B ATP U . 51.01 41.64 -49.56
PA ATP U . 54.83 40.84 -50.35
O1A ATP U . 55.48 39.79 -49.48
O2A ATP U . 55.12 40.87 -51.83
O3A ATP U . 53.24 40.73 -50.12
O5' ATP U . 55.23 42.26 -49.73
C5' ATP U . 55.78 43.27 -50.56
C4' ATP U . 56.45 44.30 -49.67
O4' ATP U . 57.52 43.68 -48.93
C3' ATP U . 57.07 45.43 -50.48
O3' ATP U . 56.36 46.64 -50.24
C2' ATP U . 58.50 45.56 -50.00
O2' ATP U . 58.69 46.88 -49.50
C1' ATP U . 58.65 44.54 -48.88
N9 ATP U . 59.89 43.75 -49.07
C8 ATP U . 60.13 42.89 -50.08
N7 ATP U . 61.36 42.33 -49.95
C5 ATP U . 61.93 42.83 -48.84
C6 ATP U . 63.22 42.67 -48.14
N6 ATP U . 64.17 41.83 -48.59
N1 ATP U . 63.40 43.39 -47.00
C2 ATP U . 62.46 44.23 -46.53
N3 ATP U . 61.27 44.42 -47.13
C4 ATP U . 60.95 43.77 -48.26
CA CA V . 50.01 39.30 -49.64
PG ATP W . 30.26 5.67 -17.04
O1G ATP W . 29.84 4.39 -17.71
O2G ATP W . 29.45 6.05 -15.83
O3G ATP W . 30.54 6.81 -17.98
PB ATP W . 33.04 5.32 -17.37
O1B ATP W . 33.44 6.74 -17.65
O2B ATP W . 32.79 4.39 -18.52
O3B ATP W . 31.71 5.33 -16.46
PA ATP W . 35.63 4.98 -16.25
O1A ATP W . 36.20 4.20 -15.09
O2A ATP W . 36.27 4.87 -17.61
O3A ATP W . 34.07 4.63 -16.35
O5' ATP W . 35.67 6.52 -15.81
C5' ATP W . 36.28 7.50 -16.64
C4' ATP W . 36.58 8.73 -15.79
O4' ATP W . 37.48 8.38 -14.75
C3' ATP W . 37.22 9.82 -16.61
O3' ATP W . 36.29 10.91 -16.76
C2' ATP W . 38.41 10.27 -15.82
O2' ATP W . 38.27 11.66 -15.51
C1' ATP W . 38.41 9.43 -14.55
N9 ATP W . 39.77 8.88 -14.29
C8 ATP W . 40.40 7.97 -15.04
N7 ATP W . 41.63 7.69 -14.52
C5 ATP W . 41.79 8.43 -13.43
C6 ATP W . 42.85 8.64 -12.42
N6 ATP W . 44.01 7.95 -12.47
N1 ATP W . 42.61 9.52 -11.43
C2 ATP W . 41.46 10.21 -11.35
N3 ATP W . 40.46 10.08 -12.23
C4 ATP W . 40.56 9.23 -13.27
CA CA X . 31.49 2.65 -16.76
PG ATP Y . 8.76 -29.03 16.22
O1G ATP Y . 8.81 -29.08 14.71
O2G ATP Y . 7.63 -29.82 16.83
O3G ATP Y . 8.90 -27.63 16.78
PB ATP Y . 11.58 -29.33 16.31
O1B ATP Y . 11.62 -27.83 16.26
O2B ATP Y . 12.03 -30.13 15.12
O3B ATP Y . 10.09 -29.80 16.70
PA ATP Y . 13.81 -29.26 18.11
O1A ATP Y . 14.08 -29.79 19.50
O2A ATP Y . 14.85 -29.45 17.03
O3A ATP Y . 12.39 -29.85 17.61
O5' ATP Y . 13.56 -27.68 18.27
C5' ATP Y . 14.28 -26.76 17.46
C4' ATP Y . 14.16 -25.40 18.13
O4' ATP Y . 14.82 -25.42 19.40
C3' ATP Y . 14.82 -24.32 17.30
O3' ATP Y . 13.82 -23.46 16.74
C2' ATP Y . 15.69 -23.54 18.26
O2' ATP Y . 15.24 -22.18 18.28
C1' ATP Y . 15.49 -24.18 19.62
N9 ATP Y . 16.81 -24.43 20.26
C8 ATP Y . 17.73 -25.32 19.86
N7 ATP Y . 18.82 -25.29 20.67
C5 ATP Y . 18.60 -24.35 21.61
C6 ATP Y . 19.34 -23.81 22.77
N6 ATP Y . 20.58 -24.27 23.09
N1 ATP Y . 18.76 -22.84 23.49
C2 ATP Y . 17.53 -22.37 23.19
N3 ATP Y . 16.80 -22.82 22.16
C4 ATP Y . 17.28 -23.80 21.33
CA CA Z . 10.23 -32.24 17.25
PG ATP AA . -14.88 -63.27 48.73
O1G ATP AA . -14.44 -63.47 47.31
O2G ATP AA . -15.98 -64.19 49.18
O3G ATP AA . -15.12 -61.82 49.10
PB ATP AA . -12.17 -62.98 49.52
O1B ATP AA . -12.38 -61.52 49.23
O2B ATP AA . -11.29 -63.80 48.61
O3B ATP AA . -13.61 -63.70 49.61
PA ATP AA . -10.51 -62.27 51.75
O1A ATP AA . -10.54 -62.56 53.24
O2A ATP AA . -9.22 -62.38 50.98
O3A ATP AA . -11.64 -63.16 51.04
O5' ATP AA . -11.04 -60.77 51.59
C5' ATP AA . -10.31 -59.83 50.81
C4' ATP AA . -10.81 -58.44 51.19
O4' ATP AA . -10.49 -58.18 52.56
C3' ATP AA . -10.13 -57.37 50.36
O3' ATP AA . -11.09 -56.78 49.47
C2' ATP AA . -9.64 -56.34 51.34
O2' ATP AA . -10.25 -55.08 51.03
C1' ATP AA . -10.08 -56.82 52.71
N9 ATP AA . -8.94 -56.73 53.66
C8 ATP AA . -7.82 -57.50 53.63
N7 ATP AA . -6.98 -57.16 54.64
C5 ATP AA . -7.56 -56.18 55.34
C6 ATP AA . -7.21 -55.37 56.54
N6 ATP AA . -6.04 -55.56 57.19
N1 ATP AA . -8.09 -54.43 56.94
C2 ATP AA . -9.26 -54.23 56.30
N3 ATP AA . -9.64 -54.94 55.21
C4 ATP AA . -8.85 -55.90 54.70
CA CA BA . -13.18 -66.10 50.41
PG ATP CA . 32.00 55.20 -13.02
O1G ATP CA . 33.44 55.08 -13.42
O2G ATP CA . 31.33 53.88 -12.78
O3G ATP CA . 31.21 56.13 -13.89
PB ATP CA . 32.66 57.37 -11.32
O1B ATP CA . 32.41 58.22 -12.53
O2B ATP CA . 34.06 57.20 -10.80
O3B ATP CA . 32.04 55.90 -11.58
PA ATP CA . 31.47 59.40 -9.69
O1A ATP CA . 30.31 59.45 -8.70
O2A ATP CA . 32.77 60.06 -9.34
O3A ATP CA . 31.73 57.86 -10.09
O5' ATP CA . 30.93 60.09 -11.04
C5' ATP CA . 31.67 61.12 -11.67
C4' ATP CA . 30.73 61.84 -12.63
O4' ATP CA . 29.71 62.48 -11.90
C3' ATP CA . 31.46 62.91 -13.41
O3' ATP CA . 31.57 62.50 -14.78
C2' ATP CA . 30.61 64.15 -13.31
O2' ATP CA . 30.21 64.55 -14.62
C1' ATP CA . 29.40 63.74 -12.48
N9 ATP CA . 29.15 64.76 -11.42
C8 ATP CA . 29.92 65.00 -10.35
N7 ATP CA . 29.40 65.99 -9.58
C5 ATP CA . 28.26 66.40 -10.17
C6 ATP CA . 27.23 67.41 -9.89
N6 ATP CA . 27.30 68.21 -8.80
N1 ATP CA . 26.20 67.53 -10.77
C2 ATP CA . 26.11 66.75 -11.86
N3 ATP CA . 27.03 65.81 -12.17
C4 ATP CA . 28.10 65.59 -11.38
CA CA DA . 32.00 54.62 -9.40
PG ATP EA . 2.37 19.29 12.35
O1G ATP EA . 2.77 18.74 13.70
O2G ATP EA . 1.49 18.38 11.54
O3G ATP EA . 3.48 19.93 11.57
PB ATP EA . 1.96 21.89 13.41
O1B ATP EA . 2.38 22.84 12.32
O2B ATP EA . 2.93 21.52 14.49
O3B ATP EA . 1.42 20.54 12.73
PA ATP EA . 0.10 23.93 14.13
O1A ATP EA . -1.26 23.96 14.80
O2A ATP EA . 1.20 24.82 14.63
O3A ATP EA . 0.60 22.40 14.09
O5' ATP EA . -0.17 24.29 12.58
C5' ATP EA . 0.56 25.34 11.95
C4' ATP EA . -0.17 25.74 10.69
O4' ATP EA . -1.45 26.25 11.04
C3' ATP EA . 0.57 26.82 9.94
O3' ATP EA . 1.08 26.30 8.71
C2' ATP EA . -0.45 27.90 9.66
O2' ATP EA . -0.55 28.07 8.23
C1' ATP EA . -1.76 27.38 10.21
N9 ATP EA . -2.45 28.43 11.01
C8 ATP EA . -2.00 28.95 12.17
N7 ATP EA . -2.85 29.90 12.63
C5 ATP EA . -3.87 30.01 11.76
C6 ATP EA . -5.10 30.81 11.64
N6 ATP EA . -5.44 31.72 12.58
N1 ATP EA . -5.88 30.59 10.56
C2 ATP EA . -5.57 29.68 9.62
N3 ATP EA . -4.46 28.92 9.67
C4 ATP EA . -3.59 29.03 10.69
CA CA FA . 1.41 19.48 15.43
PG ATP GA . -27.40 -17.91 34.75
O1G ATP GA . -25.99 -17.53 35.07
O2G ATP GA . -27.76 -19.31 35.15
O3G ATP GA . -27.84 -17.55 33.35
PB ATP GA . -28.28 -15.37 35.65
O1B ATP GA . -28.04 -14.93 34.24
O2B ATP GA . -27.38 -14.88 36.75
O3B ATP GA . -28.30 -16.98 35.71
PA ATP GA . -30.59 -13.69 35.75
O1A ATP GA . -32.06 -13.88 36.06
O2A ATP GA . -29.85 -12.51 36.36
O3A ATP GA . -29.81 -15.05 36.07
O5' ATP GA . -30.49 -13.54 34.16
C5' ATP GA . -29.81 -12.43 33.56
C4' ATP GA . -30.28 -12.32 32.12
O4' ATP GA . -31.66 -12.01 32.08
C3' ATP GA . -29.54 -11.22 31.39
O3' ATP GA . -28.65 -11.79 30.42
C2' ATP GA . -30.60 -10.41 30.69
O2' ATP GA . -30.37 -10.43 29.29
C1' ATP GA . -31.92 -11.09 31.02
N9 ATP GA . -32.94 -10.09 31.43
C8 ATP GA . -32.91 -9.35 32.56
N7 ATP GA . -33.98 -8.53 32.63
C5 ATP GA . -34.72 -8.73 31.53
C6 ATP GA . -35.98 -8.19 30.97
N6 ATP GA . -36.69 -7.24 31.63
N1 ATP GA . -36.41 -8.68 29.78
C2 ATP GA . -35.71 -9.61 29.12
N3 ATP GA . -34.57 -10.15 29.56
C4 ATP GA . -34.02 -9.76 30.74
CA CA HA . -28.60 -17.72 37.97
PG ATP IA . -55.85 -56.87 56.22
O1G ATP IA . -54.63 -56.21 56.81
O2G ATP IA . -56.11 -58.26 56.74
O3G ATP IA . -55.94 -56.76 54.72
PB ATP IA . -57.30 -54.45 56.46
O1B ATP IA . -56.80 -54.16 55.08
O2B ATP IA . -56.76 -53.66 57.63
O3B ATP IA . -57.09 -56.02 56.78
PA ATP IA . -59.81 -53.23 55.76
O1A ATP IA . -61.25 -53.68 55.75
O2A ATP IA . -59.44 -51.87 56.31
O3A ATP IA . -58.92 -54.37 56.50
O5' ATP IA . -59.32 -53.29 54.23
C5' ATP IA . -58.70 -52.16 53.63
C4' ATP IA . -58.78 -52.34 52.12
O4' ATP IA . -60.14 -52.31 51.70
C3' ATP IA . -58.05 -51.24 51.39
O3' ATP IA . -56.87 -51.76 50.78
C2' ATP IA . -59.00 -50.76 50.32
O2' ATP IA . -58.40 -50.97 49.04
C1' ATP IA . -60.25 -51.62 50.46
N9 ATP IA . -61.46 -50.77 50.47
C8 ATP IA . -61.83 -49.91 51.42
N7 ATP IA . -62.99 -49.28 51.11
C5 ATP IA . -63.38 -49.74 49.91
C6 ATP IA . -64.52 -49.51 49.00
N6 ATP IA . -65.50 -48.61 49.31
N1 ATP IA . -64.56 -50.19 47.84
C2 ATP IA . -63.59 -51.07 47.51
N3 ATP IA . -62.53 -51.34 48.29
C4 ATP IA . -62.38 -50.72 49.48
CA CA JA . -58.25 -56.56 58.86
#